data_9QFK
#
_entry.id   9QFK
#
_cell.length_a   1.00
_cell.length_b   1.00
_cell.length_c   1.00
_cell.angle_alpha   90.00
_cell.angle_beta   90.00
_cell.angle_gamma   90.00
#
_symmetry.space_group_name_H-M   'P 1'
#
loop_
_entity.id
_entity.type
_entity.pdbx_description
1 polymer 'Actin, cytoplasmic 1, N-terminally processed'
2 polymer 'Coronin-1B,Methylated-DNA--protein-cysteine methyltransferase'
3 polymer Cofilin-1
4 non-polymer "ADENOSINE-5'-DIPHOSPHATE"
5 non-polymer 'MAGNESIUM ION'
#
loop_
_entity_poly.entity_id
_entity_poly.type
_entity_poly.pdbx_seq_one_letter_code
_entity_poly.pdbx_strand_id
1 'polypeptide(L)'
;DDDIAALVVDNGSGMCKAGFAGDDAPRAVFPSIVGRPRHQGVMVGMGQKDSYVGDEAQSKRGILTLKYPIE(HIC)GIVT
NWDDMEKIWHHTFYNELRVAPEEHPVLLTEAPLNPKANREKMTQIMFETFNTPAMYVAIQAVLSLYASGRTTGIVMDSGD
GVTHTVPIYEGYALPHAILRLDLAGRDLTDYLMKILTERGYSFTTTAEREIVRDIKEKLCYVALDFEQEMATAASSSSLE
KSYELPDGQVITIGNERFRCPEALFQPSFLGMESAGIHETTFNSIMKCDVDIRKDLYANTVLSGGTTMYPGIADRMQKEI
TALAPSTMKIKIIAPPERKYSVWIGGSILASLSTFQQMWISKQEYDESGPSIVHRKCF
;
A,B,C,D,E,F,G
2 'polypeptide(L)'
;GAMGSMSFRKVVRQSKFRHVFGQPVKNDQCYEDIRVSRVTWDSTFCAVNPKFLAVIVEASGGGAFLVLPLSKTGRIDKAY
PTVCGHTGPVLDIDWCPHNDEVIASGSEDCTVMVWQIPENGLTSPLTEPVVVLEGHTKRVGIIAWHPTARNVLLSAGCDN
VVLIWNVGTAEELYRLDSLHPDLIYNVSWNHNGSLFCSACKDKSVRIIDPRRGTLVAEREKAHEGARPMRAIFLADGKVF
TTGFSRMSERQLALWDPENLEEPMALQELDSSNGALLPFYDPDTSVVYVCGKGDSSIRYFEITEEPPYIHFLNTFTSKEP
QRGMGSMPKRGLEVSKCEIARFYKLHERKCEPIVMTVPRKSDLFQDDLYPDTAGPEAALEAEEWVSGRDADPILISLREA
YVPSKQRDLKISRRNVLSDSRPAMAPGSSHLGAPASTTTAADATPSGSLARAGEAGKLEEVMQELRALRALVKEQGDRIC
RLEEQLGRMENGDAGTGGGGSGGGGSMDKDCEMKRTTLDSPLGKLELSGCEQGLHEIKLLGKGTSAADAVEVPAPAAVLG
GPEPLMQATAWLNAYFHQPEAIEEFPVPALHHPVFQQESFTRQVLWKLLKVVKFGEVISYQQLAALAGNPAATAAVKTAL
SGNPVPILIPCHRVVSSSGAVGGYEGGLAVKEWLLAHEGHRLGKPGLG
;
H,I,K,L,M,N
3 'polypeptide(L)'
;MASGVAVSDGVIKVFNDMKVRKSSTPEEVKKRKKAVLFCLSEDKKNIILEEGKEILVGDVGQTVDDPYATFVKMLPDKDC
RYALYDATYETKESKKEDLVFIFWAPESAPLKSKMIYASSKDAIKKKLTGIKHELQANCYEEVKDRCTLAEKLGGSAVIS
LEGKPL
;
J
#
loop_
_chem_comp.id
_chem_comp.type
_chem_comp.name
_chem_comp.formula
ADP non-polymer ADENOSINE-5'-DIPHOSPHATE 'C10 H15 N5 O10 P2'
MG non-polymer 'MAGNESIUM ION' 'Mg 2'
#
# COMPACT_ATOMS: atom_id res chain seq x y z
N ALA A 5 46.68 30.11 62.98
CA ALA A 5 46.30 29.23 64.07
C ALA A 5 44.79 29.22 64.26
N ALA A 6 44.22 28.04 64.46
CA ALA A 6 42.79 27.87 64.63
C ALA A 6 42.52 26.90 65.76
N LEU A 7 41.26 26.87 66.20
CA LEU A 7 40.84 26.02 67.31
C LEU A 7 39.65 25.16 66.89
N VAL A 8 39.65 23.92 67.37
CA VAL A 8 38.58 22.96 67.11
C VAL A 8 37.99 22.53 68.44
N VAL A 9 36.67 22.65 68.57
CA VAL A 9 35.97 22.32 69.80
C VAL A 9 34.80 21.40 69.47
N ASP A 10 34.68 20.31 70.23
CA ASP A 10 33.54 19.40 70.10
C ASP A 10 32.76 19.45 71.40
N ASN A 11 31.54 19.99 71.33
CA ASN A 11 30.68 20.16 72.51
C ASN A 11 29.84 18.91 72.78
N GLY A 12 30.53 17.77 72.80
CA GLY A 12 29.86 16.50 73.01
C GLY A 12 29.04 16.49 74.28
N SER A 13 28.03 15.61 74.30
CA SER A 13 26.99 15.67 75.33
C SER A 13 27.56 15.52 76.73
N GLY A 14 28.45 14.55 76.92
CA GLY A 14 29.01 14.32 78.25
C GLY A 14 30.49 14.62 78.33
N MET A 15 31.14 14.69 77.18
CA MET A 15 32.58 14.91 77.11
C MET A 15 32.86 16.07 76.17
N CYS A 16 33.61 17.04 76.64
CA CYS A 16 33.99 18.18 75.81
C CYS A 16 35.46 18.10 75.42
N LYS A 17 35.73 18.27 74.12
CA LYS A 17 37.07 18.15 73.59
C LYS A 17 37.43 19.43 72.84
N ALA A 18 38.67 19.89 73.03
CA ALA A 18 39.12 21.12 72.40
C ALA A 18 40.64 21.07 72.22
N GLY A 19 41.12 21.93 71.34
CA GLY A 19 42.54 22.01 71.08
C GLY A 19 42.81 22.80 69.81
N PHE A 20 44.09 22.98 69.54
CA PHE A 20 44.54 23.73 68.37
C PHE A 20 44.62 22.83 67.15
N ALA A 21 44.45 23.45 65.97
CA ALA A 21 44.59 22.72 64.72
C ALA A 21 46.02 22.20 64.59
N GLY A 22 46.15 20.97 64.11
CA GLY A 22 47.43 20.29 64.04
C GLY A 22 47.72 19.37 65.20
N ASP A 23 47.01 19.54 66.31
CA ASP A 23 47.16 18.61 67.44
C ASP A 23 46.37 17.35 67.14
N ASP A 24 47.08 16.22 67.03
CA ASP A 24 46.45 14.94 66.74
C ASP A 24 45.59 14.43 67.90
N ALA A 25 45.70 15.03 69.07
CA ALA A 25 44.88 14.71 70.22
C ALA A 25 44.33 16.00 70.80
N PRO A 26 43.13 15.97 71.39
CA PRO A 26 42.58 17.19 71.98
C PRO A 26 43.44 17.70 73.12
N ARG A 27 43.69 19.00 73.11
CA ARG A 27 44.53 19.60 74.16
C ARG A 27 43.80 19.63 75.49
N ALA A 28 42.50 19.85 75.50
CA ALA A 28 41.72 19.90 76.72
C ALA A 28 40.55 18.92 76.61
N VAL A 29 40.47 18.01 77.58
CA VAL A 29 39.40 17.03 77.65
C VAL A 29 38.84 17.04 79.06
N PHE A 30 37.67 17.65 79.22
CA PHE A 30 37.01 17.74 80.51
C PHE A 30 35.53 17.48 80.32
N PRO A 31 34.86 16.88 81.30
CA PRO A 31 33.43 16.59 81.16
C PRO A 31 32.62 17.88 81.00
N SER A 32 31.57 17.79 80.17
CA SER A 32 30.68 18.92 79.96
C SER A 32 29.69 19.02 81.12
N ILE A 33 30.16 19.48 82.28
CA ILE A 33 29.35 19.56 83.48
C ILE A 33 29.51 20.94 84.12
N VAL A 34 28.50 21.33 84.89
CA VAL A 34 28.52 22.54 85.70
C VAL A 34 28.12 22.16 87.11
N GLY A 35 28.92 22.58 88.09
CA GLY A 35 28.68 22.27 89.48
C GLY A 35 28.40 23.50 90.30
N ARG A 36 27.44 23.39 91.22
CA ARG A 36 27.08 24.47 92.10
C ARG A 36 26.98 23.96 93.54
N PRO A 37 27.39 24.76 94.51
CA PRO A 37 27.34 24.31 95.91
C PRO A 37 25.90 24.04 96.35
N ARG A 38 25.74 23.03 97.21
CA ARG A 38 24.46 22.68 97.76
C ARG A 38 24.39 22.88 99.27
N HIS A 39 25.50 23.27 99.89
CA HIS A 39 25.57 23.54 101.32
C HIS A 39 25.87 25.01 101.55
N GLN A 40 26.05 25.36 102.81
CA GLN A 40 26.36 26.74 103.20
C GLN A 40 27.84 26.87 103.55
N GLY A 41 28.37 28.06 103.34
CA GLY A 41 29.77 28.33 103.63
C GLY A 41 29.93 28.92 105.02
N VAL A 42 30.76 28.27 105.84
CA VAL A 42 30.99 28.69 107.20
C VAL A 42 32.36 29.35 107.40
N MET A 43 33.28 29.18 106.47
CA MET A 43 34.61 29.76 106.58
C MET A 43 34.75 30.94 105.63
N VAL A 44 35.27 32.05 106.16
CA VAL A 44 35.45 33.26 105.38
C VAL A 44 36.54 33.06 104.33
N LYS A 49 33.47 31.81 94.82
CA LYS A 49 33.24 31.33 93.47
C LYS A 49 31.85 30.73 93.35
N ASP A 50 31.06 31.24 92.41
CA ASP A 50 29.65 30.88 92.33
C ASP A 50 29.45 29.44 91.86
N SER A 51 30.16 29.02 90.81
CA SER A 51 29.98 27.69 90.25
C SER A 51 31.29 27.20 89.66
N TYR A 52 31.39 25.88 89.50
CA TYR A 52 32.59 25.24 89.00
C TYR A 52 32.28 24.53 87.70
N VAL A 53 33.27 24.45 86.81
CA VAL A 53 33.09 23.92 85.47
C VAL A 53 34.10 22.80 85.22
N GLY A 54 33.61 21.62 84.87
CA GLY A 54 34.49 20.57 84.40
C GLY A 54 35.33 19.95 85.50
N ASP A 55 36.65 19.89 85.26
CA ASP A 55 37.53 19.14 86.13
C ASP A 55 37.56 19.71 87.55
N GLU A 56 37.58 21.04 87.68
CA GLU A 56 37.57 21.64 89.00
C GLU A 56 36.28 21.30 89.74
N ALA A 57 35.17 21.23 89.01
CA ALA A 57 33.93 20.73 89.61
C ALA A 57 34.05 19.26 89.97
N GLN A 58 34.74 18.48 89.12
CA GLN A 58 34.87 17.05 89.36
C GLN A 58 35.62 16.77 90.67
N SER A 59 36.69 17.53 90.93
CA SER A 59 37.46 17.35 92.15
C SER A 59 36.68 17.79 93.39
N LYS A 60 35.72 18.69 93.24
CA LYS A 60 34.93 19.19 94.36
C LYS A 60 33.49 18.70 94.36
N ARG A 61 33.23 17.56 93.69
CA ARG A 61 31.86 17.07 93.55
C ARG A 61 31.23 16.70 94.88
N GLY A 62 32.03 16.55 95.93
CA GLY A 62 31.49 16.13 97.22
C GLY A 62 30.49 17.11 97.80
N ILE A 63 30.66 18.40 97.51
CA ILE A 63 29.80 19.45 98.05
C ILE A 63 29.11 20.25 96.94
N LEU A 64 29.16 19.77 95.70
CA LEU A 64 28.57 20.46 94.57
C LEU A 64 27.48 19.62 93.93
N THR A 65 26.44 20.29 93.44
CA THR A 65 25.43 19.62 92.65
C THR A 65 25.80 19.69 91.17
N LEU A 66 25.88 18.52 90.54
CA LEU A 66 26.41 18.39 89.19
C LEU A 66 25.28 18.30 88.18
N LYS A 67 25.42 19.05 87.09
CA LYS A 67 24.42 19.06 86.03
C LYS A 67 25.12 19.14 84.67
N TYR A 68 24.49 18.54 83.66
CA TYR A 68 24.97 18.62 82.30
C TYR A 68 24.19 19.68 81.55
N PRO A 69 24.83 20.67 80.93
CA PRO A 69 24.08 21.65 80.12
C PRO A 69 23.38 21.03 78.92
N ILE A 70 23.82 19.86 78.45
CA ILE A 70 23.25 19.22 77.27
C ILE A 70 22.70 17.85 77.67
N GLU A 71 21.37 17.73 77.69
CA GLU A 71 20.73 16.43 77.85
C GLU A 71 20.14 15.95 76.53
N HIC A 72 20.19 14.64 76.31
CA HIC A 72 19.62 14.02 75.12
C HIC A 72 20.12 14.65 73.83
O HIC A 72 19.41 14.68 72.82
CB HIC A 72 18.09 14.08 75.17
CG HIC A 72 17.50 13.40 76.36
ND1 HIC A 72 17.90 12.14 76.73
CD2 HIC A 72 16.54 13.86 77.21
CE1 HIC A 72 17.19 11.86 77.80
NE2 HIC A 72 16.36 12.87 78.13
CZ HIC A 72 15.44 12.89 79.24
N GLY A 73 21.35 15.15 73.86
CA GLY A 73 21.93 15.82 72.70
C GLY A 73 21.28 17.16 72.41
N ILE A 74 20.61 17.73 73.42
CA ILE A 74 19.92 19.00 73.30
C ILE A 74 20.41 19.94 74.40
N VAL A 75 20.78 21.15 74.00
CA VAL A 75 21.21 22.15 74.97
C VAL A 75 20.00 22.62 75.77
N THR A 76 20.12 22.61 77.09
CA THR A 76 19.03 23.04 77.96
C THR A 76 19.25 24.42 78.56
N ASN A 77 20.49 24.90 78.60
CA ASN A 77 20.76 26.25 79.07
C ASN A 77 22.04 26.76 78.40
N TRP A 78 21.91 27.86 77.65
CA TRP A 78 23.09 28.42 76.99
C TRP A 78 23.98 29.18 77.96
N ASP A 79 23.39 29.71 79.04
CA ASP A 79 24.18 30.48 80.01
C ASP A 79 25.25 29.61 80.67
N ASP A 80 24.88 28.42 81.11
CA ASP A 80 25.88 27.49 81.63
C ASP A 80 26.83 27.06 80.53
N MET A 81 26.31 26.87 79.32
CA MET A 81 27.16 26.50 78.20
C MET A 81 28.17 27.62 77.91
N GLU A 82 27.73 28.87 78.02
CA GLU A 82 28.64 30.00 77.85
C GLU A 82 29.81 29.92 78.82
N LYS A 83 29.56 29.42 80.03
CA LYS A 83 30.65 29.18 80.96
C LYS A 83 31.61 28.13 80.46
N ILE A 84 31.10 27.11 79.76
CA ILE A 84 31.95 26.03 79.27
C ILE A 84 32.97 26.58 78.28
N TRP A 85 32.52 27.39 77.32
CA TRP A 85 33.44 27.99 76.36
C TRP A 85 34.41 28.94 77.05
N HIS A 86 33.90 29.75 77.99
CA HIS A 86 34.77 30.67 78.72
C HIS A 86 35.83 29.92 79.50
N HIS A 87 35.44 28.82 80.15
CA HIS A 87 36.43 27.96 80.79
C HIS A 87 37.37 27.34 79.78
N THR A 88 36.85 27.00 78.60
CA THR A 88 37.69 26.40 77.56
C THR A 88 38.73 27.39 77.04
N PHE A 89 38.28 28.60 76.69
CA PHE A 89 39.18 29.58 76.08
C PHE A 89 40.20 30.09 77.07
N TYR A 90 39.76 30.48 78.26
CA TYR A 90 40.61 31.23 79.18
C TYR A 90 41.32 30.36 80.21
N ASN A 91 40.73 29.20 80.57
CA ASN A 91 41.35 28.32 81.54
C ASN A 91 42.02 27.11 80.90
N GLU A 92 41.29 26.38 80.06
CA GLU A 92 41.87 25.21 79.41
C GLU A 92 42.93 25.62 78.38
N LEU A 93 42.67 26.67 77.62
CA LEU A 93 43.57 27.09 76.55
C LEU A 93 44.30 28.39 76.84
N ARG A 94 43.74 29.25 77.69
CA ARG A 94 44.37 30.53 78.06
C ARG A 94 44.63 31.40 76.85
N VAL A 95 43.74 31.33 75.86
CA VAL A 95 43.84 32.14 74.66
C VAL A 95 42.49 32.78 74.38
N ALA A 96 42.52 33.99 73.87
CA ALA A 96 41.29 34.73 73.59
C ALA A 96 40.58 34.16 72.36
N PRO A 97 39.25 34.13 72.36
CA PRO A 97 38.53 33.61 71.19
C PRO A 97 38.79 34.40 69.92
N GLU A 98 38.98 35.71 70.02
CA GLU A 98 39.21 36.52 68.82
C GLU A 98 40.58 36.24 68.19
N GLU A 99 41.47 35.53 68.90
CA GLU A 99 42.79 35.24 68.35
C GLU A 99 42.71 34.27 67.18
N HIS A 100 41.80 33.29 67.24
CA HIS A 100 41.80 32.21 66.27
C HIS A 100 40.40 31.94 65.74
N PRO A 101 40.28 31.50 64.50
CA PRO A 101 38.98 31.00 64.02
C PRO A 101 38.65 29.68 64.70
N VAL A 102 37.36 29.40 64.80
CA VAL A 102 36.85 28.27 65.56
C VAL A 102 36.08 27.34 64.63
N LEU A 103 36.38 26.04 64.71
CA LEU A 103 35.63 25.02 64.01
C LEU A 103 34.80 24.26 65.05
N LEU A 104 33.49 24.21 64.84
CA LEU A 104 32.58 23.59 65.79
C LEU A 104 31.93 22.36 65.17
N THR A 105 31.89 21.29 65.95
CA THR A 105 31.16 20.09 65.55
C THR A 105 29.70 20.21 65.98
N GLU A 106 28.84 19.45 65.31
CA GLU A 106 27.42 19.45 65.63
C GLU A 106 26.84 18.07 65.36
N ALA A 107 25.77 17.77 66.08
CA ALA A 107 25.09 16.49 65.92
C ALA A 107 24.40 16.43 64.56
N PRO A 108 24.28 15.23 63.98
CA PRO A 108 23.58 15.11 62.70
C PRO A 108 22.12 15.54 62.84
N LEU A 109 21.62 16.19 61.78
CA LEU A 109 20.27 16.73 61.74
C LEU A 109 19.99 17.70 62.88
N ASN A 110 21.01 18.43 63.32
CA ASN A 110 20.85 19.43 64.36
C ASN A 110 19.91 20.53 63.87
N PRO A 111 18.92 20.93 64.66
CA PRO A 111 18.02 22.00 64.22
C PRO A 111 18.80 23.28 63.94
N LYS A 112 18.38 23.98 62.87
CA LYS A 112 19.07 25.20 62.48
C LYS A 112 18.99 26.27 63.56
N ALA A 113 17.90 26.27 64.33
CA ALA A 113 17.75 27.23 65.42
C ALA A 113 18.86 27.06 66.44
N ASN A 114 19.23 25.81 66.74
CA ASN A 114 20.35 25.57 67.65
C ASN A 114 21.65 26.11 67.06
N ARG A 115 21.86 25.93 65.76
CA ARG A 115 23.05 26.47 65.12
C ARG A 115 23.04 28.00 65.15
N GLU A 116 21.88 28.61 64.95
CA GLU A 116 21.79 30.07 64.98
C GLU A 116 22.22 30.61 66.34
N LYS A 117 21.77 29.97 67.42
CA LYS A 117 22.18 30.39 68.75
C LYS A 117 23.68 30.19 68.94
N MET A 118 24.20 29.07 68.48
CA MET A 118 25.64 28.81 68.61
C MET A 118 26.46 29.78 67.76
N THR A 119 26.04 30.01 66.52
CA THR A 119 26.79 30.89 65.63
C THR A 119 26.80 32.32 66.16
N GLN A 120 25.65 32.79 66.65
CA GLN A 120 25.56 34.16 67.14
C GLN A 120 26.46 34.38 68.34
N ILE A 121 26.54 33.40 69.24
CA ILE A 121 27.36 33.54 70.44
C ILE A 121 28.82 33.71 70.07
N MET A 122 29.30 32.91 69.11
CA MET A 122 30.70 32.96 68.72
C MET A 122 31.09 34.34 68.20
N PHE A 123 30.24 34.93 67.36
CA PHE A 123 30.55 36.20 66.73
C PHE A 123 30.26 37.41 67.60
N GLU A 124 29.44 37.26 68.64
CA GLU A 124 29.07 38.39 69.48
C GLU A 124 29.55 38.25 70.92
N THR A 125 29.21 37.15 71.59
CA THR A 125 29.65 36.96 72.97
C THR A 125 31.16 36.82 73.05
N PHE A 126 31.75 36.08 72.11
CA PHE A 126 33.19 35.85 72.10
C PHE A 126 33.91 36.58 70.98
N ASN A 127 33.19 37.04 69.96
CA ASN A 127 33.74 37.86 68.89
C ASN A 127 34.90 37.15 68.19
N THR A 128 34.66 35.91 67.78
CA THR A 128 35.67 35.16 67.05
C THR A 128 35.84 35.76 65.66
N PRO A 129 37.06 35.69 65.10
CA PRO A 129 37.29 36.30 63.79
C PRO A 129 36.62 35.53 62.66
N ALA A 130 36.67 34.20 62.72
CA ALA A 130 36.07 33.36 61.70
C ALA A 130 35.54 32.10 62.36
N MET A 131 34.66 31.41 61.65
CA MET A 131 33.98 30.25 62.23
C MET A 131 33.56 29.31 61.11
N TYR A 132 33.55 28.02 61.43
CA TYR A 132 32.99 27.00 60.54
C TYR A 132 32.38 25.90 61.38
N VAL A 133 31.33 25.28 60.83
CA VAL A 133 30.62 24.20 61.50
C VAL A 133 30.54 23.01 60.55
N ALA A 134 30.67 21.80 61.09
CA ALA A 134 30.59 20.59 60.31
C ALA A 134 29.88 19.51 61.12
N ILE A 135 29.32 18.54 60.41
CA ILE A 135 28.58 17.45 61.04
C ILE A 135 29.56 16.42 61.57
N GLN A 136 29.32 15.95 62.80
CA GLN A 136 30.28 15.08 63.48
C GLN A 136 30.56 13.81 62.70
N ALA A 137 29.52 13.18 62.15
CA ALA A 137 29.71 11.93 61.42
C ALA A 137 30.61 12.14 60.20
N VAL A 138 30.57 13.33 59.61
CA VAL A 138 31.39 13.61 58.44
C VAL A 138 32.87 13.53 58.80
N LEU A 139 33.26 14.16 59.90
CA LEU A 139 34.66 14.12 60.32
C LEU A 139 35.10 12.70 60.66
N SER A 140 34.22 11.93 61.28
CA SER A 140 34.56 10.55 61.63
C SER A 140 34.91 9.74 60.38
N LEU A 141 34.13 9.91 59.31
CA LEU A 141 34.48 9.25 58.06
C LEU A 141 35.78 9.79 57.49
N TYR A 142 36.04 11.10 57.65
CA TYR A 142 37.32 11.64 57.25
C TYR A 142 38.45 10.98 58.03
N ALA A 143 38.29 10.90 59.36
CA ALA A 143 39.31 10.29 60.20
C ALA A 143 39.48 8.81 59.86
N SER A 144 38.40 8.15 59.47
CA SER A 144 38.48 6.75 59.04
C SER A 144 39.24 6.58 57.74
N GLY A 145 39.54 7.68 57.03
CA GLY A 145 40.17 7.57 55.73
C GLY A 145 39.28 6.96 54.69
N ARG A 146 37.98 7.25 54.73
CA ARG A 146 37.01 6.70 53.79
C ARG A 146 36.10 7.80 53.32
N THR A 147 35.52 7.60 52.13
CA THR A 147 34.56 8.54 51.57
C THR A 147 33.17 7.93 51.37
N THR A 148 33.01 6.62 51.51
CA THR A 148 31.72 5.97 51.39
C THR A 148 31.55 5.01 52.56
N GLY A 149 30.41 5.11 53.22
CA GLY A 149 30.11 4.25 54.36
C GLY A 149 29.20 4.95 55.34
N ILE A 150 28.66 4.15 56.26
CA ILE A 150 27.77 4.65 57.30
C ILE A 150 28.54 4.71 58.61
N VAL A 151 28.48 5.86 59.26
CA VAL A 151 29.10 6.05 60.57
C VAL A 151 28.01 5.97 61.62
N MET A 152 28.11 4.98 62.50
CA MET A 152 27.22 4.89 63.65
C MET A 152 27.95 5.60 64.78
N ASP A 153 27.34 6.68 65.28
CA ASP A 153 27.95 7.50 66.32
C ASP A 153 27.08 7.41 67.56
N SER A 154 27.71 7.09 68.69
CA SER A 154 27.00 6.96 69.96
C SER A 154 27.68 7.88 70.97
N GLY A 155 27.15 9.09 71.12
CA GLY A 155 27.62 10.02 72.12
C GLY A 155 27.06 9.68 73.50
N ASP A 156 27.32 10.59 74.44
CA ASP A 156 26.81 10.39 75.79
C ASP A 156 25.30 10.63 75.86
N GLY A 157 24.78 11.51 75.02
CA GLY A 157 23.40 11.91 75.12
C GLY A 157 22.49 11.41 74.01
N VAL A 158 23.06 10.97 72.89
CA VAL A 158 22.27 10.54 71.75
C VAL A 158 23.12 9.63 70.88
N THR A 159 22.46 8.78 70.10
CA THR A 159 23.12 7.87 69.17
C THR A 159 22.52 8.05 67.78
N HIS A 160 23.38 8.07 66.77
CA HIS A 160 22.95 8.29 65.40
C HIS A 160 23.58 7.27 64.47
N THR A 161 22.86 6.99 63.38
CA THR A 161 23.36 6.17 62.29
C THR A 161 23.31 7.00 61.01
N VAL A 162 24.48 7.39 60.50
CA VAL A 162 24.54 8.32 59.38
C VAL A 162 25.23 7.68 58.20
N PRO A 163 24.50 7.33 57.13
CA PRO A 163 25.14 6.81 55.93
C PRO A 163 25.67 7.94 55.06
N ILE A 164 26.89 7.76 54.55
CA ILE A 164 27.53 8.72 53.65
C ILE A 164 28.05 7.97 52.44
N TYR A 165 27.72 8.48 51.25
CA TYR A 165 28.14 7.87 49.99
C TYR A 165 28.81 8.91 49.13
N GLU A 166 30.11 8.72 48.87
CA GLU A 166 30.87 9.55 47.94
C GLU A 166 30.75 11.03 48.28
N GLY A 167 30.77 11.35 49.57
CA GLY A 167 30.64 12.74 49.99
C GLY A 167 29.24 13.26 50.06
N TYR A 168 28.24 12.37 50.03
CA TYR A 168 26.84 12.77 50.10
C TYR A 168 26.21 12.16 51.34
N ALA A 169 25.60 12.99 52.17
CA ALA A 169 24.80 12.52 53.29
C ALA A 169 23.36 12.33 52.85
N LEU A 170 22.69 11.37 53.47
CA LEU A 170 21.32 11.01 53.11
C LEU A 170 20.43 11.28 54.32
N PRO A 171 19.83 12.48 54.40
CA PRO A 171 18.97 12.80 55.56
C PRO A 171 17.82 11.84 55.73
N HIS A 172 17.24 11.34 54.64
CA HIS A 172 16.10 10.44 54.75
C HIS A 172 16.48 9.10 55.37
N ALA A 173 17.73 8.68 55.24
CA ALA A 173 18.17 7.41 55.80
C ALA A 173 18.77 7.53 57.20
N ILE A 174 18.98 8.75 57.69
CA ILE A 174 19.57 8.92 59.02
C ILE A 174 18.53 8.58 60.08
N LEU A 175 18.92 7.74 61.03
CA LEU A 175 18.05 7.34 62.13
C LEU A 175 18.67 7.78 63.45
N ARG A 176 17.92 8.54 64.23
CA ARG A 176 18.36 8.94 65.55
C ARG A 176 17.84 7.98 66.61
N LEU A 177 18.71 7.62 67.55
CA LEU A 177 18.34 6.78 68.69
C LEU A 177 18.70 7.52 69.96
N ASP A 178 17.70 7.71 70.83
CA ASP A 178 17.92 8.48 72.05
C ASP A 178 18.77 7.72 73.06
N LEU A 179 18.82 6.40 72.96
CA LEU A 179 19.66 5.61 73.85
C LEU A 179 21.12 5.96 73.65
N ALA A 180 21.84 6.16 74.75
CA ALA A 180 23.23 6.57 74.68
C ALA A 180 23.93 6.19 75.97
N GLY A 181 25.16 6.69 76.13
CA GLY A 181 25.98 6.30 77.27
C GLY A 181 25.40 6.71 78.61
N ARG A 182 24.80 7.90 78.68
CA ARG A 182 24.26 8.37 79.96
C ARG A 182 23.17 7.45 80.47
N ASP A 183 22.31 6.95 79.58
CA ASP A 183 21.28 6.00 79.99
C ASP A 183 21.92 4.73 80.53
N LEU A 184 23.01 4.28 79.93
CA LEU A 184 23.72 3.11 80.43
C LEU A 184 24.22 3.33 81.85
N THR A 185 24.76 4.52 82.12
CA THR A 185 25.20 4.85 83.47
C THR A 185 24.04 4.81 84.45
N ASP A 186 22.89 5.36 84.06
CA ASP A 186 21.71 5.31 84.92
C ASP A 186 21.24 3.88 85.13
N TYR A 187 21.26 3.06 84.07
CA TYR A 187 20.88 1.67 84.21
C TYR A 187 21.84 0.93 85.14
N LEU A 188 23.13 1.22 85.04
CA LEU A 188 24.10 0.60 85.93
C LEU A 188 23.81 0.96 87.38
N MET A 189 23.39 2.20 87.63
CA MET A 189 22.99 2.59 88.98
C MET A 189 21.80 1.77 89.45
N LYS A 190 20.82 1.55 88.57
CA LYS A 190 19.63 0.80 88.95
C LYS A 190 19.96 -0.63 89.32
N ILE A 191 20.81 -1.29 88.52
CA ILE A 191 21.16 -2.69 88.79
C ILE A 191 22.17 -2.84 89.90
N LEU A 192 22.95 -1.79 90.19
CA LEU A 192 23.90 -1.87 91.30
C LEU A 192 23.19 -1.95 92.64
N THR A 193 21.98 -1.40 92.73
CA THR A 193 21.22 -1.50 93.97
C THR A 193 20.84 -2.94 94.30
N GLU A 194 20.66 -3.77 93.27
CA GLU A 194 20.36 -5.18 93.51
C GLU A 194 21.48 -5.90 94.23
N ARG A 195 22.71 -5.42 94.08
CA ARG A 195 23.85 -6.00 94.77
C ARG A 195 24.10 -5.38 96.15
N GLY A 196 23.26 -4.43 96.56
CA GLY A 196 23.38 -3.81 97.86
C GLY A 196 24.11 -2.48 97.88
N TYR A 197 24.56 -1.98 96.72
CA TYR A 197 25.28 -0.72 96.64
C TYR A 197 24.31 0.37 96.18
N SER A 198 24.23 1.44 96.96
CA SER A 198 23.30 2.54 96.70
C SER A 198 24.08 3.75 96.24
N PHE A 199 23.77 4.22 95.03
CA PHE A 199 24.33 5.46 94.49
C PHE A 199 23.17 6.33 94.02
N THR A 200 23.00 7.48 94.63
CA THR A 200 21.88 8.35 94.31
C THR A 200 22.28 9.77 93.96
N THR A 201 23.33 10.30 94.59
CA THR A 201 23.72 11.68 94.36
C THR A 201 24.30 11.84 92.95
N THR A 202 24.31 13.09 92.49
CA THR A 202 24.89 13.38 91.18
C THR A 202 26.38 13.05 91.16
N ALA A 203 27.08 13.34 92.26
CA ALA A 203 28.49 12.97 92.35
C ALA A 203 28.66 11.45 92.29
N GLU A 204 27.75 10.71 92.94
CA GLU A 204 27.81 9.26 92.87
C GLU A 204 27.64 8.73 91.46
N ARG A 205 26.90 9.44 90.61
CA ARG A 205 26.73 8.99 89.24
C ARG A 205 28.05 8.97 88.48
N GLU A 206 28.91 9.96 88.72
CA GLU A 206 30.22 9.98 88.09
C GLU A 206 31.06 8.79 88.54
N ILE A 207 30.93 8.40 89.81
CA ILE A 207 31.61 7.19 90.29
C ILE A 207 31.14 5.98 89.53
N VAL A 208 29.82 5.86 89.34
CA VAL A 208 29.28 4.76 88.55
C VAL A 208 29.76 4.83 87.11
N ARG A 209 29.88 6.05 86.57
CA ARG A 209 30.40 6.20 85.21
C ARG A 209 31.81 5.68 85.10
N ASP A 210 32.65 5.95 86.10
CA ASP A 210 34.02 5.45 86.08
C ASP A 210 34.04 3.93 86.08
N ILE A 211 33.18 3.31 86.89
CA ILE A 211 33.09 1.84 86.90
C ILE A 211 32.62 1.35 85.53
N LYS A 212 31.68 2.07 84.92
CA LYS A 212 31.19 1.69 83.60
C LYS A 212 32.31 1.72 82.57
N GLU A 213 33.19 2.73 82.65
CA GLU A 213 34.27 2.87 81.68
C GLU A 213 35.44 1.94 81.94
N LYS A 214 35.45 1.22 83.06
CA LYS A 214 36.60 0.41 83.44
C LYS A 214 36.32 -1.09 83.51
N LEU A 215 35.11 -1.50 83.89
CA LEU A 215 34.83 -2.92 84.11
C LEU A 215 33.78 -3.49 83.17
N CYS A 216 33.13 -2.66 82.35
CA CYS A 216 32.10 -3.17 81.46
C CYS A 216 32.72 -3.71 80.18
N TYR A 217 32.02 -4.67 79.57
CA TYR A 217 32.42 -5.23 78.30
C TYR A 217 31.19 -5.80 77.62
N VAL A 218 31.28 -5.94 76.30
CA VAL A 218 30.16 -6.46 75.51
C VAL A 218 30.30 -7.96 75.39
N ALA A 219 29.33 -8.70 75.93
CA ALA A 219 29.33 -10.14 75.80
C ALA A 219 28.88 -10.55 74.41
N LEU A 220 29.65 -11.41 73.76
CA LEU A 220 29.30 -11.89 72.43
C LEU A 220 28.05 -12.75 72.44
N ASP A 221 27.82 -13.50 73.52
CA ASP A 221 26.60 -14.30 73.69
C ASP A 221 26.08 -14.00 75.09
N PHE A 222 25.01 -13.21 75.17
CA PHE A 222 24.52 -12.75 76.47
C PHE A 222 24.02 -13.92 77.32
N GLU A 223 23.23 -14.82 76.72
CA GLU A 223 22.67 -15.93 77.49
C GLU A 223 23.77 -16.86 78.01
N GLN A 224 24.76 -17.16 77.16
CA GLN A 224 25.88 -17.99 77.60
C GLN A 224 26.68 -17.29 78.69
N GLU A 225 26.88 -15.97 78.55
CA GLU A 225 27.59 -15.22 79.57
C GLU A 225 26.82 -15.22 80.89
N MET A 226 25.49 -15.10 80.81
CA MET A 226 24.67 -15.19 82.02
C MET A 226 24.85 -16.55 82.68
N ALA A 227 24.85 -17.61 81.89
CA ALA A 227 25.08 -18.95 82.44
C ALA A 227 26.48 -19.06 83.04
N THR A 228 27.47 -18.49 82.37
CA THR A 228 28.83 -18.51 82.91
C THR A 228 28.92 -17.74 84.22
N ALA A 229 28.32 -16.56 84.28
CA ALA A 229 28.37 -15.75 85.49
C ALA A 229 27.58 -16.35 86.63
N ALA A 230 26.58 -17.17 86.34
CA ALA A 230 25.75 -17.79 87.37
C ALA A 230 26.35 -19.08 87.92
N SER A 231 27.48 -19.54 87.37
CA SER A 231 28.09 -20.78 87.82
C SER A 231 29.58 -20.65 88.09
N SER A 232 30.13 -19.44 88.01
CA SER A 232 31.55 -19.24 88.26
C SER A 232 31.79 -17.81 88.72
N SER A 233 32.94 -17.60 89.36
CA SER A 233 33.34 -16.28 89.83
C SER A 233 34.41 -15.65 88.97
N SER A 234 34.74 -16.27 87.82
CA SER A 234 35.79 -15.73 86.96
C SER A 234 35.42 -14.40 86.34
N LEU A 235 34.12 -14.10 86.23
CA LEU A 235 33.66 -12.85 85.64
C LEU A 235 33.47 -11.75 86.68
N GLU A 236 33.79 -12.03 87.95
CA GLU A 236 33.64 -11.05 89.01
C GLU A 236 34.86 -10.14 89.07
N LYS A 237 34.62 -8.84 89.19
CA LYS A 237 35.67 -7.85 89.28
C LYS A 237 35.42 -6.93 90.48
N SER A 238 36.51 -6.37 91.00
CA SER A 238 36.46 -5.51 92.17
C SER A 238 36.86 -4.09 91.81
N TYR A 239 36.15 -3.12 92.39
CA TYR A 239 36.43 -1.70 92.18
C TYR A 239 36.56 -1.02 93.53
N GLU A 240 37.45 -0.03 93.60
CA GLU A 240 37.71 0.68 94.84
C GLU A 240 37.04 2.05 94.80
N LEU A 241 36.20 2.32 95.79
CA LEU A 241 35.55 3.61 95.90
C LEU A 241 36.57 4.68 96.29
N PRO A 242 36.31 5.95 95.95
CA PRO A 242 37.24 7.01 96.33
C PRO A 242 37.45 7.12 97.83
N ASP A 243 36.48 6.71 98.64
CA ASP A 243 36.60 6.73 100.08
C ASP A 243 37.37 5.54 100.63
N GLY A 244 37.79 4.61 99.76
CA GLY A 244 38.54 3.45 100.16
C GLY A 244 37.75 2.16 100.20
N GLN A 245 36.42 2.22 100.16
CA GLN A 245 35.62 1.00 100.13
C GLN A 245 35.79 0.29 98.79
N VAL A 246 35.67 -1.03 98.82
CA VAL A 246 35.83 -1.87 97.64
C VAL A 246 34.53 -2.61 97.38
N ILE A 247 34.03 -2.52 96.16
CA ILE A 247 32.83 -3.20 95.73
C ILE A 247 33.18 -4.21 94.65
N THR A 248 32.38 -5.27 94.56
CA THR A 248 32.59 -6.34 93.59
C THR A 248 31.33 -6.52 92.76
N ILE A 249 31.49 -6.56 91.44
CA ILE A 249 30.37 -6.71 90.52
C ILE A 249 30.60 -7.96 89.68
N GLY A 250 29.52 -8.66 89.36
CA GLY A 250 29.60 -9.87 88.57
C GLY A 250 29.00 -9.71 87.19
N ASN A 251 27.77 -10.20 87.02
CA ASN A 251 27.09 -10.15 85.73
C ASN A 251 26.80 -8.73 85.27
N GLU A 252 26.82 -7.75 86.17
CA GLU A 252 26.52 -6.37 85.80
C GLU A 252 27.53 -5.79 84.83
N ARG A 253 28.70 -6.41 84.68
CA ARG A 253 29.71 -5.88 83.77
C ARG A 253 29.22 -5.86 82.34
N PHE A 254 28.53 -6.92 81.92
CA PHE A 254 28.02 -7.02 80.55
C PHE A 254 26.52 -6.81 80.45
N ARG A 255 25.80 -6.83 81.57
CA ARG A 255 24.36 -6.59 81.52
C ARG A 255 24.06 -5.16 81.07
N CYS A 256 24.81 -4.19 81.59
CA CYS A 256 24.58 -2.80 81.19
C CYS A 256 24.83 -2.56 79.70
N PRO A 257 25.95 -3.02 79.12
CA PRO A 257 26.10 -2.86 77.66
C PRO A 257 25.04 -3.60 76.86
N GLU A 258 24.46 -4.66 77.42
CA GLU A 258 23.45 -5.43 76.70
C GLU A 258 22.23 -4.59 76.37
N ALA A 259 21.98 -3.53 77.14
CA ALA A 259 20.84 -2.66 76.88
C ALA A 259 20.93 -2.03 75.49
N LEU A 260 22.14 -1.82 74.98
CA LEU A 260 22.29 -1.28 73.64
C LEU A 260 21.71 -2.22 72.58
N PHE A 261 21.77 -3.53 72.83
CA PHE A 261 21.18 -4.49 71.92
C PHE A 261 19.79 -4.96 72.36
N GLN A 262 19.43 -4.73 73.63
CA GLN A 262 18.09 -5.05 74.14
C GLN A 262 17.56 -3.81 74.84
N PRO A 263 17.05 -2.84 74.07
CA PRO A 263 16.51 -1.61 74.70
C PRO A 263 15.33 -1.87 75.61
N SER A 264 14.67 -3.02 75.49
CA SER A 264 13.56 -3.35 76.38
C SER A 264 14.00 -3.41 77.84
N PHE A 265 15.29 -3.58 78.10
CA PHE A 265 15.78 -3.55 79.48
C PHE A 265 15.49 -2.21 80.15
N LEU A 266 15.53 -1.13 79.38
CA LEU A 266 15.16 0.19 79.89
C LEU A 266 13.70 0.53 79.63
N GLY A 267 12.94 -0.38 79.01
CA GLY A 267 11.57 -0.10 78.66
C GLY A 267 11.37 0.64 77.35
N MET A 268 12.42 0.79 76.56
CA MET A 268 12.31 1.48 75.28
C MET A 268 11.73 0.56 74.22
N GLU A 269 10.73 1.06 73.49
CA GLU A 269 10.17 0.31 72.38
C GLU A 269 11.14 0.26 71.20
N SER A 270 12.04 1.21 71.10
CA SER A 270 12.95 1.29 69.96
C SER A 270 13.85 0.06 69.88
N ALA A 271 14.24 -0.29 68.67
CA ALA A 271 15.06 -1.46 68.44
C ALA A 271 16.49 -1.22 68.88
N GLY A 272 17.29 -2.28 68.83
CA GLY A 272 18.68 -2.19 69.21
C GLY A 272 19.50 -1.39 68.22
N ILE A 273 20.73 -1.06 68.64
CA ILE A 273 21.63 -0.29 67.79
C ILE A 273 21.93 -1.05 66.50
N HIS A 274 22.10 -2.37 66.61
CA HIS A 274 22.34 -3.17 65.41
C HIS A 274 21.13 -3.13 64.48
N GLU A 275 19.93 -3.28 65.04
CA GLU A 275 18.72 -3.22 64.22
C GLU A 275 18.50 -1.83 63.65
N THR A 276 18.75 -0.80 64.46
CA THR A 276 18.61 0.57 63.98
C THR A 276 19.57 0.85 62.84
N THR A 277 20.82 0.42 62.97
CA THR A 277 21.78 0.58 61.89
C THR A 277 21.36 -0.20 60.65
N PHE A 278 20.87 -1.42 60.85
CA PHE A 278 20.41 -2.23 59.73
C PHE A 278 19.23 -1.56 59.03
N ASN A 279 18.31 -0.99 59.82
CA ASN A 279 17.18 -0.29 59.23
C ASN A 279 17.64 0.94 58.45
N SER A 280 18.69 1.62 58.94
CA SER A 280 19.21 2.77 58.22
C SER A 280 19.73 2.37 56.84
N ILE A 281 20.44 1.25 56.77
CA ILE A 281 20.90 0.75 55.47
C ILE A 281 19.71 0.41 54.59
N MET A 282 18.69 -0.23 55.16
CA MET A 282 17.52 -0.61 54.38
C MET A 282 16.83 0.62 53.79
N LYS A 283 16.87 1.75 54.49
CA LYS A 283 16.27 2.97 53.97
C LYS A 283 17.07 3.58 52.83
N CYS A 284 18.34 3.21 52.69
CA CYS A 284 19.16 3.74 51.62
C CYS A 284 18.81 3.10 50.29
N ASP A 285 19.47 3.57 49.23
CA ASP A 285 19.29 2.98 47.92
C ASP A 285 19.82 1.55 47.89
N VAL A 286 19.21 0.72 47.05
CA VAL A 286 19.53 -0.70 47.02
C VAL A 286 20.97 -0.94 46.60
N ASP A 287 21.46 -0.15 45.63
CA ASP A 287 22.79 -0.37 45.09
C ASP A 287 23.87 -0.15 46.14
N ILE A 288 23.74 0.91 46.94
CA ILE A 288 24.82 1.31 47.85
C ILE A 288 24.86 0.50 49.14
N ARG A 289 23.91 -0.41 49.34
CA ARG A 289 23.84 -1.12 50.62
C ARG A 289 25.06 -2.01 50.85
N LYS A 290 25.55 -2.66 49.80
CA LYS A 290 26.72 -3.53 49.96
C LYS A 290 27.94 -2.74 50.40
N ASP A 291 28.14 -1.55 49.84
CA ASP A 291 29.26 -0.72 50.25
C ASP A 291 29.16 -0.32 51.71
N LEU A 292 27.95 0.02 52.16
CA LEU A 292 27.76 0.40 53.56
C LEU A 292 28.03 -0.78 54.48
N TYR A 293 27.71 -2.00 54.03
CA TYR A 293 28.01 -3.18 54.84
C TYR A 293 29.51 -3.34 55.05
N ALA A 294 30.31 -3.08 54.01
CA ALA A 294 31.76 -3.20 54.11
C ALA A 294 32.41 -1.96 54.72
N ASN A 295 31.64 -0.91 54.99
CA ASN A 295 32.19 0.33 55.53
C ASN A 295 31.36 0.80 56.72
N THR A 296 31.05 -0.12 57.63
CA THR A 296 30.35 0.22 58.87
C THR A 296 31.41 0.66 59.88
N VAL A 297 31.36 1.94 60.27
CA VAL A 297 32.38 2.55 61.10
C VAL A 297 31.77 2.89 62.45
N LEU A 298 32.42 2.44 63.52
CA LEU A 298 31.99 2.79 64.87
C LEU A 298 32.64 4.09 65.30
N SER A 299 31.91 4.87 66.11
CA SER A 299 32.42 6.15 66.56
C SER A 299 31.73 6.54 67.86
N GLY A 300 32.48 7.24 68.71
CA GLY A 300 31.96 7.67 70.00
C GLY A 300 32.56 6.90 71.15
N GLY A 301 32.63 7.56 72.31
CA GLY A 301 33.18 6.92 73.49
C GLY A 301 32.33 5.77 74.00
N THR A 302 31.04 5.75 73.62
CA THR A 302 30.17 4.64 73.97
C THR A 302 30.55 3.36 73.23
N THR A 303 31.43 3.44 72.25
CA THR A 303 31.86 2.28 71.48
C THR A 303 33.17 1.69 71.98
N MET A 304 33.63 2.10 73.16
CA MET A 304 34.89 1.61 73.69
C MET A 304 34.78 0.28 74.42
N TYR A 305 33.57 -0.25 74.56
CA TYR A 305 33.40 -1.51 75.27
C TYR A 305 34.06 -2.64 74.49
N PRO A 306 34.88 -3.47 75.12
CA PRO A 306 35.46 -4.62 74.41
C PRO A 306 34.38 -5.58 73.93
N GLY A 307 34.60 -6.14 72.74
CA GLY A 307 33.68 -7.10 72.17
C GLY A 307 32.48 -6.52 71.44
N ILE A 308 32.33 -5.19 71.42
CA ILE A 308 31.19 -4.60 70.74
C ILE A 308 31.28 -4.81 69.24
N ALA A 309 32.49 -4.73 68.68
CA ALA A 309 32.66 -4.90 67.24
C ALA A 309 32.30 -6.32 66.81
N ASP A 310 32.74 -7.32 67.59
CA ASP A 310 32.38 -8.70 67.27
C ASP A 310 30.87 -8.90 67.37
N ARG A 311 30.25 -8.34 68.40
CA ARG A 311 28.80 -8.39 68.50
C ARG A 311 28.15 -7.65 67.35
N MET A 312 28.72 -6.49 66.98
CA MET A 312 28.24 -5.76 65.82
C MET A 312 28.34 -6.61 64.56
N GLN A 313 29.48 -7.27 64.36
CA GLN A 313 29.65 -8.13 63.19
C GLN A 313 28.70 -9.31 63.24
N LYS A 314 28.53 -9.91 64.43
CA LYS A 314 27.69 -11.09 64.55
C LYS A 314 26.22 -10.77 64.30
N GLU A 315 25.71 -9.73 64.93
CA GLU A 315 24.28 -9.43 64.82
C GLU A 315 23.92 -8.96 63.42
N ILE A 316 24.73 -8.07 62.83
CA ILE A 316 24.44 -7.58 61.49
C ILE A 316 24.49 -8.72 60.48
N THR A 317 25.42 -9.65 60.64
CA THR A 317 25.50 -10.78 59.72
C THR A 317 24.22 -11.60 59.75
N ALA A 318 23.64 -11.78 60.94
CA ALA A 318 22.38 -12.52 61.04
C ALA A 318 21.26 -11.80 60.30
N LEU A 319 21.19 -10.48 60.43
CA LEU A 319 20.12 -9.73 59.77
C LEU A 319 20.34 -9.65 58.27
N ALA A 320 21.57 -9.36 57.85
CA ALA A 320 21.87 -9.16 56.45
C ALA A 320 21.86 -10.48 55.68
N PRO A 321 21.68 -10.42 54.36
CA PRO A 321 21.78 -11.65 53.56
C PRO A 321 23.18 -12.25 53.63
N SER A 322 23.25 -13.57 53.43
CA SER A 322 24.50 -14.28 53.63
C SER A 322 25.61 -13.79 52.69
N THR A 323 25.24 -13.37 51.48
CA THR A 323 26.24 -12.99 50.48
C THR A 323 26.94 -11.67 50.80
N MET A 324 26.47 -10.92 51.79
CA MET A 324 27.02 -9.60 52.06
C MET A 324 28.33 -9.70 52.81
N LYS A 325 29.30 -8.87 52.43
CA LYS A 325 30.60 -8.80 53.08
C LYS A 325 30.50 -7.83 54.27
N ILE A 326 29.89 -8.33 55.35
CA ILE A 326 29.76 -7.53 56.56
C ILE A 326 31.14 -7.28 57.15
N LYS A 327 31.45 -6.02 57.42
CA LYS A 327 32.77 -5.65 57.90
C LYS A 327 32.62 -4.47 58.85
N ILE A 328 32.83 -4.73 60.14
CA ILE A 328 32.78 -3.66 61.14
C ILE A 328 34.16 -3.02 61.24
N ILE A 329 34.18 -1.68 61.28
CA ILE A 329 35.40 -0.91 61.39
C ILE A 329 35.35 -0.10 62.67
N ALA A 330 36.38 -0.22 63.49
CA ALA A 330 36.44 0.49 64.77
C ALA A 330 37.90 0.75 65.12
N PRO A 331 38.42 1.90 64.71
CA PRO A 331 39.79 2.27 65.09
C PRO A 331 39.91 2.46 66.59
N PRO A 332 41.09 2.22 67.16
CA PRO A 332 41.22 2.27 68.62
C PRO A 332 40.99 3.65 69.23
N GLU A 333 41.10 4.72 68.44
CA GLU A 333 40.97 6.08 68.95
C GLU A 333 39.61 6.70 68.62
N ARG A 334 38.60 5.87 68.32
CA ARG A 334 37.29 6.38 67.95
C ARG A 334 36.62 7.19 69.06
N LYS A 335 37.17 7.19 70.27
CA LYS A 335 36.67 8.08 71.31
C LYS A 335 36.90 9.54 70.94
N TYR A 336 37.99 9.82 70.22
CA TYR A 336 38.34 11.19 69.86
C TYR A 336 38.42 11.45 68.37
N SER A 337 38.22 10.45 67.52
CA SER A 337 38.38 10.63 66.08
C SER A 337 37.43 11.69 65.55
N VAL A 338 36.31 11.90 66.23
CA VAL A 338 35.39 12.98 65.84
C VAL A 338 36.09 14.33 65.95
N TRP A 339 36.79 14.55 67.06
CA TRP A 339 37.54 15.78 67.21
C TRP A 339 38.81 15.77 66.36
N ILE A 340 39.43 14.60 66.22
CA ILE A 340 40.71 14.50 65.52
C ILE A 340 40.56 14.94 64.07
N GLY A 341 39.48 14.51 63.41
CA GLY A 341 39.27 14.90 62.03
C GLY A 341 39.19 16.40 61.84
N GLY A 342 38.53 17.08 62.78
CA GLY A 342 38.42 18.53 62.67
C GLY A 342 39.74 19.23 62.83
N SER A 343 40.62 18.70 63.69
CA SER A 343 41.90 19.35 63.93
C SER A 343 42.75 19.41 62.67
N ILE A 344 42.82 18.31 61.93
CA ILE A 344 43.61 18.29 60.70
C ILE A 344 42.93 19.14 59.62
N LEU A 345 41.60 19.12 59.59
CA LEU A 345 40.87 19.85 58.55
C LEU A 345 41.19 21.34 58.58
N ALA A 346 41.18 21.93 59.78
CA ALA A 346 41.58 23.34 59.89
C ALA A 346 43.04 23.54 59.53
N SER A 347 43.89 22.53 59.81
CA SER A 347 45.29 22.63 59.47
C SER A 347 45.56 22.54 57.98
N LEU A 348 44.58 22.07 57.20
CA LEU A 348 44.77 21.96 55.75
C LEU A 348 44.99 23.33 55.14
N SER A 349 45.92 23.40 54.18
CA SER A 349 46.20 24.65 53.48
C SER A 349 45.06 25.08 52.57
N THR A 350 44.11 24.20 52.26
CA THR A 350 42.97 24.55 51.43
C THR A 350 41.76 25.00 52.24
N PHE A 351 41.83 24.94 53.57
CA PHE A 351 40.67 25.26 54.39
C PHE A 351 40.60 26.72 54.80
N GLN A 352 41.67 27.49 54.57
CA GLN A 352 41.68 28.89 55.01
C GLN A 352 40.66 29.74 54.28
N GLN A 353 40.12 29.26 53.15
CA GLN A 353 39.13 30.03 52.41
C GLN A 353 37.69 29.60 52.71
N MET A 354 37.49 28.55 53.51
CA MET A 354 36.14 28.14 53.88
C MET A 354 35.64 28.83 55.13
N TRP A 355 36.51 29.45 55.90
CA TRP A 355 36.09 30.13 57.12
C TRP A 355 35.13 31.26 56.82
N ILE A 356 34.06 31.37 57.61
CA ILE A 356 33.10 32.44 57.46
C ILE A 356 33.56 33.63 58.30
N SER A 357 33.81 34.75 57.63
CA SER A 357 34.33 35.93 58.31
C SER A 357 33.25 36.57 59.18
N LYS A 358 33.69 37.20 60.28
CA LYS A 358 32.77 37.90 61.15
C LYS A 358 32.11 39.07 60.43
N GLN A 359 32.89 39.80 59.62
CA GLN A 359 32.35 40.93 58.88
C GLN A 359 31.18 40.52 57.99
N GLU A 360 31.27 39.34 57.37
CA GLU A 360 30.14 38.84 56.60
C GLU A 360 28.92 38.60 57.48
N TYR A 361 29.13 38.01 58.66
CA TYR A 361 28.02 37.73 59.56
C TYR A 361 27.41 39.02 60.11
N ASP A 362 28.22 40.08 60.20
CA ASP A 362 27.73 41.34 60.74
C ASP A 362 26.59 41.90 59.90
N GLU A 363 26.63 41.68 58.59
CA GLU A 363 25.59 42.17 57.70
C GLU A 363 24.63 41.08 57.25
N SER A 364 25.05 39.82 57.26
CA SER A 364 24.24 38.74 56.73
C SER A 364 23.51 37.95 57.80
N GLY A 365 24.03 37.89 59.03
CA GLY A 365 23.41 37.14 60.08
C GLY A 365 23.56 35.65 59.88
N PRO A 366 22.66 34.87 60.49
CA PRO A 366 22.76 33.40 60.41
C PRO A 366 22.38 32.81 59.06
N SER A 367 22.23 33.63 58.02
CA SER A 367 21.93 33.08 56.70
C SER A 367 23.17 32.44 56.08
N ILE A 368 24.36 32.89 56.48
CA ILE A 368 25.60 32.42 55.88
C ILE A 368 26.23 31.33 56.73
N VAL A 369 25.49 30.80 57.70
CA VAL A 369 25.85 29.56 58.38
C VAL A 369 24.98 28.41 57.93
N HIS A 370 23.75 28.67 57.49
CA HIS A 370 22.95 27.70 56.75
C HIS A 370 23.42 27.57 55.32
N ARG A 371 23.64 28.69 54.63
CA ARG A 371 24.42 28.67 53.40
C ARG A 371 25.91 28.73 53.74
N LYS A 372 26.74 28.43 52.73
CA LYS A 372 28.18 28.28 52.89
C LYS A 372 28.47 27.04 53.74
N CYS A 373 27.41 26.39 54.22
CA CYS A 373 27.49 25.09 54.86
C CYS A 373 26.47 24.16 54.23
N PHE A 374 26.76 22.86 54.29
CA PHE A 374 25.95 21.89 53.58
C PHE A 374 24.63 21.65 54.28
N ALA B 5 -30.02 -7.70 53.93
CA ALA B 5 -29.15 -6.62 54.35
C ALA B 5 -27.68 -6.96 54.10
N ALA B 6 -27.12 -6.40 53.05
CA ALA B 6 -25.73 -6.65 52.68
C ALA B 6 -24.79 -5.79 53.52
N LEU B 7 -23.54 -6.23 53.62
CA LEU B 7 -22.52 -5.54 54.37
C LEU B 7 -21.50 -4.91 53.44
N VAL B 8 -21.21 -3.64 53.66
CA VAL B 8 -20.21 -2.89 52.89
C VAL B 8 -18.98 -2.73 53.76
N VAL B 9 -17.89 -3.38 53.37
CA VAL B 9 -16.64 -3.37 54.12
C VAL B 9 -15.57 -2.72 53.25
N ASP B 10 -14.97 -1.65 53.77
CA ASP B 10 -13.86 -0.96 53.11
C ASP B 10 -12.66 -1.02 54.06
N ASN B 11 -11.68 -1.84 53.70
CA ASN B 11 -10.46 -1.98 54.50
C ASN B 11 -9.34 -1.18 53.85
N GLY B 12 -8.77 -0.25 54.60
CA GLY B 12 -7.65 0.55 54.16
C GLY B 12 -6.37 0.19 54.90
N SER B 13 -5.30 0.90 54.53
CA SER B 13 -4.01 0.65 55.16
C SER B 13 -4.05 0.99 56.64
N GLY B 14 -4.75 2.05 57.02
CA GLY B 14 -4.82 2.45 58.41
C GLY B 14 -6.22 2.50 58.97
N MET B 15 -7.20 2.80 58.13
CA MET B 15 -8.59 2.92 58.56
C MET B 15 -9.42 1.80 57.98
N CYS B 16 -10.40 1.35 58.74
CA CYS B 16 -11.35 0.33 58.30
C CYS B 16 -12.75 0.85 58.51
N LYS B 17 -13.57 0.78 57.46
CA LYS B 17 -14.95 1.28 57.49
C LYS B 17 -15.89 0.13 57.18
N ALA B 18 -17.03 0.09 57.89
CA ALA B 18 -18.01 -0.95 57.71
C ALA B 18 -19.40 -0.37 57.93
N GLY B 19 -20.41 -1.10 57.45
CA GLY B 19 -21.78 -0.66 57.60
C GLY B 19 -22.71 -1.54 56.78
N PHE B 20 -23.89 -1.00 56.52
CA PHE B 20 -24.94 -1.71 55.81
C PHE B 20 -25.31 -0.98 54.53
N ALA B 21 -25.69 -1.75 53.51
CA ALA B 21 -26.07 -1.17 52.23
C ALA B 21 -27.29 -0.28 52.39
N GLY B 22 -27.29 0.85 51.69
CA GLY B 22 -28.35 1.82 51.76
C GLY B 22 -28.11 2.94 52.76
N ASP B 23 -27.21 2.74 53.70
CA ASP B 23 -26.88 3.79 54.67
C ASP B 23 -26.05 4.88 54.01
N ASP B 24 -26.15 6.08 54.58
CA ASP B 24 -25.40 7.23 54.05
C ASP B 24 -23.98 7.32 54.59
N ALA B 25 -23.72 6.74 55.75
CA ALA B 25 -22.40 6.78 56.35
C ALA B 25 -22.06 5.39 56.91
N PRO B 26 -20.78 5.04 56.94
CA PRO B 26 -20.40 3.76 57.55
C PRO B 26 -20.78 3.72 59.03
N ARG B 27 -21.25 2.56 59.47
CA ARG B 27 -21.65 2.41 60.87
C ARG B 27 -20.44 2.35 61.80
N ALA B 28 -19.41 1.61 61.41
CA ALA B 28 -18.23 1.41 62.24
C ALA B 28 -16.99 1.86 61.48
N VAL B 29 -16.25 2.79 62.06
CA VAL B 29 -14.98 3.25 61.52
C VAL B 29 -13.96 3.16 62.66
N PHE B 30 -13.07 2.19 62.58
CA PHE B 30 -12.10 1.95 63.63
C PHE B 30 -10.71 1.79 63.03
N PRO B 31 -9.66 2.10 63.79
CA PRO B 31 -8.30 1.98 63.25
C PRO B 31 -7.96 0.55 62.88
N SER B 32 -7.17 0.41 61.81
CA SER B 32 -6.73 -0.90 61.35
C SER B 32 -5.38 -1.23 61.99
N ILE B 33 -5.43 -1.44 63.30
CA ILE B 33 -4.23 -1.71 64.10
C ILE B 33 -4.48 -2.92 64.98
N VAL B 34 -3.39 -3.61 65.33
CA VAL B 34 -3.41 -4.71 66.29
C VAL B 34 -2.33 -4.42 67.32
N GLY B 35 -2.72 -4.28 68.58
CA GLY B 35 -1.81 -3.97 69.66
C GLY B 35 -1.62 -5.16 70.58
N ARG B 36 -0.38 -5.37 71.01
CA ARG B 36 -0.05 -6.46 71.91
C ARG B 36 0.76 -5.92 73.08
N PRO B 37 0.56 -6.44 74.28
CA PRO B 37 1.28 -5.93 75.45
C PRO B 37 2.78 -6.13 75.31
N ARG B 38 3.54 -5.13 75.73
CA ARG B 38 4.99 -5.18 75.72
C ARG B 38 5.59 -5.23 77.11
N HIS B 39 4.76 -5.36 78.14
CA HIS B 39 5.22 -5.46 79.52
C HIS B 39 4.77 -6.82 80.09
N GLN B 40 4.98 -7.00 81.39
CA GLN B 40 4.56 -8.21 82.08
C GLN B 40 3.46 -7.87 83.08
N GLY B 41 2.34 -8.58 82.98
CA GLY B 41 1.26 -8.37 83.91
C GLY B 41 1.62 -8.87 85.30
N VAL B 42 1.26 -8.09 86.31
CA VAL B 42 1.56 -8.41 87.70
C VAL B 42 0.32 -8.59 88.56
N MET B 43 -0.87 -8.31 88.03
CA MET B 43 -2.11 -8.46 88.78
C MET B 43 -2.89 -9.64 88.23
N VAL B 44 -3.49 -10.42 89.12
CA VAL B 44 -4.26 -11.59 88.72
C VAL B 44 -5.61 -11.17 88.17
N LYS B 49 -6.54 -12.10 77.20
CA LYS B 49 -6.47 -11.27 76.00
C LYS B 49 -5.04 -10.83 75.72
N ASP B 50 -4.41 -11.47 74.74
CA ASP B 50 -3.03 -11.17 74.37
C ASP B 50 -2.92 -10.14 73.25
N SER B 51 -4.04 -9.67 72.70
CA SER B 51 -4.01 -8.70 71.63
C SER B 51 -5.29 -7.87 71.65
N TYR B 52 -5.22 -6.68 71.06
CA TYR B 52 -6.36 -5.78 70.96
C TYR B 52 -6.42 -5.22 69.56
N VAL B 53 -7.64 -5.08 69.04
CA VAL B 53 -7.88 -4.65 67.67
C VAL B 53 -8.83 -3.47 67.68
N GLY B 54 -8.42 -2.38 67.03
CA GLY B 54 -9.31 -1.24 66.83
C GLY B 54 -9.20 -0.24 67.96
N ASP B 55 -10.35 0.30 68.38
CA ASP B 55 -10.37 1.37 69.37
C ASP B 55 -9.87 0.90 70.73
N GLU B 56 -10.16 -0.35 71.10
CA GLU B 56 -9.66 -0.85 72.37
C GLU B 56 -8.13 -0.85 72.42
N ALA B 57 -7.48 -1.22 71.30
CA ALA B 57 -6.04 -1.06 71.22
C ALA B 57 -5.64 0.40 71.30
N GLN B 58 -6.41 1.29 70.66
CA GLN B 58 -6.14 2.72 70.76
C GLN B 58 -6.29 3.22 72.19
N SER B 59 -7.31 2.76 72.91
CA SER B 59 -7.50 3.18 74.29
C SER B 59 -6.43 2.65 75.22
N LYS B 60 -5.85 1.50 74.92
CA LYS B 60 -4.85 0.87 75.77
C LYS B 60 -3.44 0.97 75.18
N ARG B 61 -3.23 1.92 74.26
CA ARG B 61 -1.96 2.03 73.54
C ARG B 61 -0.78 2.32 74.46
N GLY B 62 -1.02 2.78 75.68
CA GLY B 62 0.08 3.09 76.58
C GLY B 62 0.96 1.89 76.90
N ILE B 63 0.36 0.70 76.97
CA ILE B 63 1.10 -0.51 77.30
C ILE B 63 1.04 -1.54 76.17
N LEU B 64 0.75 -1.10 74.96
CA LEU B 64 0.65 -1.98 73.81
C LEU B 64 1.64 -1.57 72.73
N THR B 65 2.02 -2.54 71.90
CA THR B 65 2.83 -2.32 70.72
C THR B 65 1.90 -2.40 69.51
N LEU B 66 1.63 -1.25 68.90
CA LEU B 66 0.66 -1.18 67.82
C LEU B 66 1.34 -1.51 66.49
N LYS B 67 0.72 -2.40 65.72
CA LYS B 67 1.23 -2.82 64.43
C LYS B 67 0.12 -2.78 63.39
N TYR B 68 0.47 -2.34 62.18
CA TYR B 68 -0.49 -2.28 61.09
C TYR B 68 -0.40 -3.57 60.27
N PRO B 69 -1.46 -4.38 60.22
CA PRO B 69 -1.41 -5.58 59.38
C PRO B 69 -1.20 -5.29 57.90
N ILE B 70 -1.67 -4.14 57.42
CA ILE B 70 -1.54 -3.76 56.02
C ILE B 70 -0.52 -2.64 55.91
N GLU B 71 0.46 -2.80 55.02
CA GLU B 71 1.49 -1.80 54.82
C GLU B 71 1.66 -1.52 53.32
N HIC B 72 1.49 -0.26 52.94
CA HIC B 72 1.60 0.16 51.54
C HIC B 72 0.64 -0.62 50.65
O HIC B 72 0.98 -0.96 49.51
CB HIC B 72 3.03 0.01 51.04
CG HIC B 72 3.98 0.93 51.73
ND1 HIC B 72 3.76 2.28 51.79
CD2 HIC B 72 5.16 0.64 52.35
CE1 HIC B 72 4.77 2.78 52.44
NE2 HIC B 72 5.66 1.83 52.80
CZ HIC B 72 6.89 2.02 53.54
N GLY B 73 -0.55 -0.91 51.17
CA GLY B 73 -1.54 -1.65 50.42
C GLY B 73 -1.22 -3.13 50.30
N ILE B 74 -0.34 -3.61 51.17
CA ILE B 74 0.09 -5.00 51.18
C ILE B 74 -0.19 -5.58 52.56
N VAL B 75 -0.86 -6.72 52.58
CA VAL B 75 -1.17 -7.40 53.84
C VAL B 75 0.09 -8.08 54.35
N THR B 76 0.71 -7.49 55.37
CA THR B 76 1.95 -8.03 55.93
C THR B 76 1.71 -9.19 56.88
N ASN B 77 0.48 -9.38 57.36
CA ASN B 77 0.18 -10.47 58.27
C ASN B 77 -1.29 -10.81 58.14
N TRP B 78 -1.60 -11.96 57.56
CA TRP B 78 -2.99 -12.35 57.34
C TRP B 78 -3.69 -12.74 58.64
N ASP B 79 -2.95 -13.28 59.61
CA ASP B 79 -3.56 -13.62 60.90
C ASP B 79 -4.09 -12.38 61.60
N ASP B 80 -3.29 -11.31 61.62
CA ASP B 80 -3.77 -10.04 62.17
C ASP B 80 -4.90 -9.47 61.33
N MET B 81 -4.84 -9.66 60.01
CA MET B 81 -5.89 -9.14 59.14
C MET B 81 -7.21 -9.82 59.45
N GLU B 82 -7.18 -11.14 59.66
CA GLU B 82 -8.41 -11.85 60.06
C GLU B 82 -8.94 -11.34 61.39
N LYS B 83 -8.07 -10.89 62.29
CA LYS B 83 -8.53 -10.28 63.53
C LYS B 83 -9.33 -9.02 63.25
N ILE B 84 -8.89 -8.23 62.27
CA ILE B 84 -9.63 -7.03 61.90
C ILE B 84 -11.03 -7.40 61.40
N TRP B 85 -11.11 -8.40 60.52
CA TRP B 85 -12.42 -8.83 60.01
C TRP B 85 -13.29 -9.38 61.13
N HIS B 86 -12.72 -10.22 61.99
CA HIS B 86 -13.50 -10.81 63.08
C HIS B 86 -13.99 -9.73 64.04
N HIS B 87 -13.12 -8.77 64.37
CA HIS B 87 -13.54 -7.64 65.19
C HIS B 87 -14.60 -6.81 64.49
N THR B 88 -14.55 -6.75 63.16
CA THR B 88 -15.52 -5.96 62.41
C THR B 88 -16.92 -6.54 62.51
N PHE B 89 -17.05 -7.84 62.25
CA PHE B 89 -18.38 -8.45 62.17
C PHE B 89 -19.01 -8.61 63.55
N TYR B 90 -18.25 -9.09 64.53
CA TYR B 90 -18.82 -9.48 65.81
C TYR B 90 -18.78 -8.34 66.83
N ASN B 91 -17.71 -7.56 66.86
CA ASN B 91 -17.55 -6.50 67.84
C ASN B 91 -18.04 -5.15 67.34
N GLU B 92 -17.72 -4.78 66.09
CA GLU B 92 -18.12 -3.48 65.58
C GLU B 92 -19.57 -3.50 65.08
N LEU B 93 -19.85 -4.31 64.07
CA LEU B 93 -21.20 -4.37 63.52
C LEU B 93 -22.12 -5.26 64.34
N ARG B 94 -21.56 -6.14 65.17
CA ARG B 94 -22.32 -7.03 66.04
C ARG B 94 -23.32 -7.87 65.24
N VAL B 95 -22.88 -8.38 64.10
CA VAL B 95 -23.72 -9.19 63.23
C VAL B 95 -22.99 -10.48 62.89
N ALA B 96 -23.76 -11.48 62.49
CA ALA B 96 -23.19 -12.76 62.08
C ALA B 96 -22.83 -12.70 60.60
N PRO B 97 -21.57 -12.90 60.23
CA PRO B 97 -21.20 -12.79 58.80
C PRO B 97 -21.86 -13.81 57.90
N GLU B 98 -22.36 -14.94 58.44
CA GLU B 98 -22.96 -15.96 57.58
C GLU B 98 -24.38 -15.61 57.15
N GLU B 99 -24.97 -14.55 57.69
CA GLU B 99 -26.34 -14.17 57.37
C GLU B 99 -26.44 -12.97 56.44
N HIS B 100 -25.32 -12.39 56.01
CA HIS B 100 -25.34 -11.21 55.18
C HIS B 100 -24.27 -11.31 54.09
N PRO B 101 -24.61 -11.07 52.83
CA PRO B 101 -23.58 -10.91 51.80
C PRO B 101 -22.74 -9.68 52.08
N VAL B 102 -21.46 -9.76 51.72
CA VAL B 102 -20.48 -8.72 52.05
C VAL B 102 -19.88 -8.19 50.77
N LEU B 103 -19.93 -6.86 50.60
CA LEU B 103 -19.29 -6.19 49.48
C LEU B 103 -17.93 -5.69 49.94
N LEU B 104 -16.89 -6.07 49.19
CA LEU B 104 -15.52 -5.76 49.56
C LEU B 104 -14.89 -4.83 48.53
N THR B 105 -13.90 -4.07 48.99
CA THR B 105 -13.19 -3.10 48.16
C THR B 105 -11.74 -3.54 48.00
N GLU B 106 -11.19 -3.32 46.81
CA GLU B 106 -9.81 -3.68 46.51
C GLU B 106 -9.10 -2.50 45.87
N ALA B 107 -7.79 -2.43 46.10
CA ALA B 107 -6.98 -1.37 45.53
C ALA B 107 -6.86 -1.55 44.02
N PRO B 108 -6.62 -0.46 43.29
CA PRO B 108 -6.43 -0.59 41.83
C PRO B 108 -5.24 -1.48 41.51
N LEU B 109 -5.38 -2.25 40.42
CA LEU B 109 -4.36 -3.22 40.00
C LEU B 109 -4.02 -4.19 41.13
N ASN B 110 -5.04 -4.65 41.83
CA ASN B 110 -4.84 -5.56 42.94
C ASN B 110 -4.34 -6.91 42.42
N PRO B 111 -3.32 -7.50 43.04
CA PRO B 111 -2.87 -8.83 42.62
C PRO B 111 -3.98 -9.86 42.77
N LYS B 112 -4.03 -10.80 41.83
CA LYS B 112 -5.05 -11.84 41.89
C LYS B 112 -4.86 -12.73 43.11
N ALA B 113 -3.62 -12.98 43.52
CA ALA B 113 -3.38 -13.75 44.73
C ALA B 113 -3.92 -13.02 45.95
N ASN B 114 -3.71 -11.69 46.02
CA ASN B 114 -4.26 -10.92 47.13
C ASN B 114 -5.79 -10.97 47.13
N ARG B 115 -6.40 -10.87 45.95
CA ARG B 115 -7.85 -10.99 45.86
C ARG B 115 -8.32 -12.38 46.29
N GLU B 116 -7.61 -13.43 45.86
CA GLU B 116 -8.02 -14.79 46.20
C GLU B 116 -7.94 -15.03 47.70
N LYS B 117 -6.86 -14.55 48.34
CA LYS B 117 -6.72 -14.73 49.79
C LYS B 117 -7.88 -14.09 50.54
N MET B 118 -8.29 -12.90 50.11
CA MET B 118 -9.47 -12.27 50.70
C MET B 118 -10.72 -13.08 50.42
N THR B 119 -10.81 -13.65 49.22
CA THR B 119 -12.02 -14.38 48.83
C THR B 119 -12.22 -15.63 49.68
N GLN B 120 -11.17 -16.45 49.84
CA GLN B 120 -11.32 -17.72 50.53
C GLN B 120 -11.71 -17.52 51.98
N ILE B 121 -11.13 -16.51 52.65
CA ILE B 121 -11.40 -16.30 54.06
C ILE B 121 -12.86 -15.96 54.29
N MET B 122 -13.45 -15.17 53.39
CA MET B 122 -14.87 -14.85 53.51
C MET B 122 -15.74 -16.11 53.46
N PHE B 123 -15.44 -17.02 52.55
CA PHE B 123 -16.28 -18.20 52.37
C PHE B 123 -15.91 -19.34 53.30
N GLU B 124 -14.63 -19.52 53.59
CA GLU B 124 -14.19 -20.67 54.37
C GLU B 124 -14.11 -20.39 55.86
N THR B 125 -13.74 -19.17 56.25
CA THR B 125 -13.66 -18.84 57.67
C THR B 125 -14.97 -18.25 58.20
N PHE B 126 -15.43 -17.16 57.60
CA PHE B 126 -16.66 -16.50 58.04
C PHE B 126 -17.91 -17.07 57.40
N ASN B 127 -17.77 -17.90 56.36
CA ASN B 127 -18.89 -18.58 55.73
C ASN B 127 -19.96 -17.58 55.26
N THR B 128 -19.52 -16.54 54.60
CA THR B 128 -20.46 -15.54 54.06
C THR B 128 -21.33 -16.18 52.99
N PRO B 129 -22.63 -15.88 52.97
CA PRO B 129 -23.48 -16.43 51.89
C PRO B 129 -23.05 -16.00 50.50
N ALA B 130 -22.58 -14.77 50.35
CA ALA B 130 -22.16 -14.26 49.05
C ALA B 130 -21.23 -13.07 49.28
N MET B 131 -20.51 -12.69 48.23
CA MET B 131 -19.64 -11.53 48.32
C MET B 131 -19.48 -10.90 46.93
N TYR B 132 -18.86 -9.74 46.91
CA TYR B 132 -18.41 -9.13 45.67
C TYR B 132 -17.25 -8.20 45.97
N VAL B 133 -16.33 -8.09 45.02
CA VAL B 133 -15.15 -7.25 45.15
C VAL B 133 -15.23 -6.16 44.10
N ALA B 134 -15.08 -4.91 44.53
CA ALA B 134 -15.16 -3.76 43.63
C ALA B 134 -13.93 -2.88 43.80
N ILE B 135 -13.55 -2.20 42.71
CA ILE B 135 -12.41 -1.30 42.73
C ILE B 135 -12.77 -0.07 43.54
N GLN B 136 -11.87 0.34 44.43
CA GLN B 136 -12.13 1.50 45.28
C GLN B 136 -12.34 2.76 44.45
N ALA B 137 -11.53 2.95 43.41
CA ALA B 137 -11.66 4.14 42.57
C ALA B 137 -13.02 4.18 41.87
N VAL B 138 -13.48 3.03 41.37
CA VAL B 138 -14.79 2.99 40.71
C VAL B 138 -15.89 3.34 41.68
N LEU B 139 -15.83 2.82 42.90
CA LEU B 139 -16.83 3.16 43.91
C LEU B 139 -16.80 4.65 44.23
N SER B 140 -15.61 5.24 44.26
CA SER B 140 -15.50 6.67 44.52
C SER B 140 -16.22 7.49 43.44
N LEU B 141 -16.15 7.04 42.18
CA LEU B 141 -16.88 7.71 41.13
C LEU B 141 -18.38 7.58 41.30
N TYR B 142 -18.86 6.43 41.79
CA TYR B 142 -20.28 6.26 42.03
C TYR B 142 -20.80 7.26 43.05
N ALA B 143 -20.05 7.48 44.13
CA ALA B 143 -20.47 8.45 45.13
C ALA B 143 -20.52 9.85 44.56
N SER B 144 -19.66 10.16 43.60
CA SER B 144 -19.68 11.45 42.92
C SER B 144 -20.78 11.54 41.86
N GLY B 145 -21.45 10.44 41.55
CA GLY B 145 -22.46 10.45 40.51
C GLY B 145 -21.89 10.76 39.15
N ARG B 146 -20.70 10.23 38.84
CA ARG B 146 -20.02 10.48 37.59
C ARG B 146 -19.68 9.17 36.91
N THR B 147 -19.65 9.20 35.57
CA THR B 147 -19.23 8.04 34.80
C THR B 147 -17.90 8.25 34.10
N THR B 148 -17.40 9.48 34.03
CA THR B 148 -16.14 9.78 33.36
C THR B 148 -15.32 10.69 34.26
N GLY B 149 -14.05 10.34 34.44
CA GLY B 149 -13.15 11.15 35.24
C GLY B 149 -11.99 10.34 35.73
N ILE B 150 -11.03 11.04 36.31
CA ILE B 150 -9.84 10.43 36.91
C ILE B 150 -9.94 10.62 38.42
N VAL B 151 -9.88 9.52 39.15
CA VAL B 151 -9.97 9.52 40.60
C VAL B 151 -8.57 9.34 41.16
N MET B 152 -8.16 10.24 42.05
CA MET B 152 -6.89 10.08 42.76
C MET B 152 -7.27 9.62 44.16
N ASP B 153 -6.84 8.42 44.51
CA ASP B 153 -7.15 7.82 45.80
C ASP B 153 -5.87 7.81 46.64
N SER B 154 -5.84 8.64 47.69
CA SER B 154 -4.69 8.75 48.57
C SER B 154 -5.12 8.31 49.96
N GLY B 155 -4.80 7.07 50.32
CA GLY B 155 -5.15 6.55 51.63
C GLY B 155 -4.00 6.70 52.61
N ASP B 156 -3.79 5.68 53.44
CA ASP B 156 -2.69 5.69 54.39
C ASP B 156 -1.46 4.95 53.90
N GLY B 157 -1.60 4.06 52.93
CA GLY B 157 -0.46 3.27 52.48
C GLY B 157 0.04 3.61 51.10
N VAL B 158 -0.85 4.01 50.20
CA VAL B 158 -0.52 4.20 48.79
C VAL B 158 -1.49 5.20 48.19
N THR B 159 -1.00 5.96 47.20
CA THR B 159 -1.82 6.88 46.43
C THR B 159 -1.92 6.37 44.99
N HIS B 160 -3.15 6.35 44.46
CA HIS B 160 -3.42 5.83 43.13
C HIS B 160 -4.17 6.87 42.32
N THR B 161 -3.92 6.88 41.01
CA THR B 161 -4.62 7.75 40.07
C THR B 161 -5.25 6.86 39.00
N VAL B 162 -6.58 6.79 39.00
CA VAL B 162 -7.29 5.90 38.09
C VAL B 162 -8.20 6.70 37.16
N PRO B 163 -7.86 6.80 35.87
CA PRO B 163 -8.76 7.48 34.92
C PRO B 163 -9.82 6.52 34.41
N ILE B 164 -11.07 6.99 34.39
CA ILE B 164 -12.20 6.22 33.88
C ILE B 164 -12.97 7.09 32.91
N TYR B 165 -13.28 6.55 31.73
CA TYR B 165 -13.99 7.28 30.69
C TYR B 165 -15.23 6.49 30.29
N GLU B 166 -16.40 7.10 30.44
CA GLU B 166 -17.68 6.49 30.05
C GLU B 166 -17.86 5.11 30.68
N GLY B 167 -17.41 4.98 31.93
CA GLY B 167 -17.50 3.71 32.62
C GLY B 167 -16.43 2.70 32.26
N TYR B 168 -15.48 3.07 31.41
CA TYR B 168 -14.40 2.18 31.00
C TYR B 168 -13.11 2.60 31.69
N ALA B 169 -12.44 1.65 32.33
CA ALA B 169 -11.17 1.91 32.98
C ALA B 169 -10.02 1.74 31.98
N LEU B 170 -8.88 2.34 32.32
CA LEU B 170 -7.67 2.29 31.50
C LEU B 170 -6.54 1.82 32.40
N PRO B 171 -6.40 0.50 32.57
CA PRO B 171 -5.37 -0.02 33.48
C PRO B 171 -3.96 0.40 33.10
N HIS B 172 -3.66 0.54 31.80
CA HIS B 172 -2.33 0.97 31.39
C HIS B 172 -2.02 2.39 31.84
N ALA B 173 -3.04 3.23 32.03
CA ALA B 173 -2.84 4.61 32.45
C ALA B 173 -2.93 4.80 33.95
N ILE B 174 -3.11 3.72 34.71
CA ILE B 174 -3.20 3.82 36.17
C ILE B 174 -1.80 3.97 36.73
N LEU B 175 -1.60 5.00 37.55
CA LEU B 175 -0.31 5.29 38.16
C LEU B 175 -0.39 5.11 39.66
N ARG B 176 0.68 4.55 40.23
CA ARG B 176 0.76 4.27 41.66
C ARG B 176 1.90 5.07 42.27
N LEU B 177 1.63 5.73 43.40
CA LEU B 177 2.63 6.48 44.13
C LEU B 177 2.75 5.88 45.53
N ASP B 178 3.97 5.50 45.90
CA ASP B 178 4.23 4.92 47.22
C ASP B 178 4.45 6.03 48.26
N LEU B 179 3.40 6.81 48.45
CA LEU B 179 3.44 7.95 49.37
C LEU B 179 2.02 8.25 49.81
N ALA B 180 1.76 8.20 51.10
CA ALA B 180 0.40 8.37 51.61
C ALA B 180 0.47 8.96 53.01
N GLY B 181 -0.64 8.85 53.75
CA GLY B 181 -0.73 9.50 55.05
C GLY B 181 0.29 8.99 56.04
N ARG B 182 0.52 7.68 56.06
CA ARG B 182 1.52 7.13 56.98
C ARG B 182 2.90 7.68 56.67
N ASP B 183 3.24 7.83 55.39
CA ASP B 183 4.50 8.43 55.03
C ASP B 183 4.58 9.88 55.50
N LEU B 184 3.50 10.63 55.34
CA LEU B 184 3.46 11.99 55.85
C LEU B 184 3.58 12.01 57.37
N THR B 185 2.90 11.07 58.04
CA THR B 185 3.00 10.99 59.49
C THR B 185 4.43 10.72 59.91
N ASP B 186 5.10 9.75 59.29
CA ASP B 186 6.48 9.45 59.63
C ASP B 186 7.39 10.65 59.38
N TYR B 187 7.10 11.42 58.34
CA TYR B 187 7.84 12.66 58.12
C TYR B 187 7.59 13.66 59.24
N LEU B 188 6.40 13.61 59.85
CA LEU B 188 6.02 14.65 60.80
C LEU B 188 6.90 14.62 62.06
N MET B 189 7.00 13.46 62.71
CA MET B 189 7.79 13.41 63.95
C MET B 189 9.27 13.68 63.66
N LYS B 190 9.70 13.48 62.41
CA LYS B 190 11.06 13.84 62.05
C LYS B 190 11.27 15.35 62.17
N ILE B 191 10.29 16.15 61.76
CA ILE B 191 10.45 17.60 61.81
C ILE B 191 10.01 18.19 63.14
N LEU B 192 9.18 17.49 63.91
CA LEU B 192 8.91 17.94 65.28
C LEU B 192 10.14 17.81 66.16
N THR B 193 10.99 16.82 65.87
CA THR B 193 12.24 16.70 66.62
C THR B 193 13.10 17.94 66.48
N GLU B 194 13.04 18.60 65.32
CA GLU B 194 13.75 19.87 65.16
C GLU B 194 13.22 20.95 66.10
N ARG B 195 11.96 20.82 66.54
CA ARG B 195 11.37 21.76 67.48
C ARG B 195 11.55 21.34 68.93
N GLY B 196 12.23 20.22 69.18
CA GLY B 196 12.50 19.77 70.53
C GLY B 196 11.53 18.76 71.08
N TYR B 197 10.59 18.28 70.27
CA TYR B 197 9.60 17.30 70.70
C TYR B 197 9.98 15.92 70.14
N SER B 198 10.06 14.94 71.03
CA SER B 198 10.52 13.59 70.68
C SER B 198 9.34 12.63 70.73
N PHE B 199 9.09 11.95 69.62
CA PHE B 199 8.06 10.91 69.54
C PHE B 199 8.67 9.71 68.84
N THR B 200 8.81 8.61 69.55
CA THR B 200 9.48 7.44 68.98
C THR B 200 8.63 6.18 69.00
N THR B 201 7.88 5.95 70.07
CA THR B 201 7.11 4.71 70.18
C THR B 201 5.91 4.75 69.24
N THR B 202 5.37 3.56 68.97
CA THR B 202 4.20 3.45 68.11
C THR B 202 2.99 4.16 68.73
N ALA B 203 2.92 4.20 70.06
CA ALA B 203 1.83 4.93 70.72
C ALA B 203 1.89 6.42 70.39
N GLU B 204 3.09 7.00 70.39
CA GLU B 204 3.22 8.41 70.03
C GLU B 204 2.91 8.66 68.56
N ARG B 205 3.07 7.64 67.70
CA ARG B 205 2.78 7.83 66.29
C ARG B 205 1.30 8.18 66.07
N GLU B 206 0.41 7.53 66.80
CA GLU B 206 -1.00 7.90 66.74
C GLU B 206 -1.22 9.33 67.22
N ILE B 207 -0.51 9.73 68.28
CA ILE B 207 -0.61 11.11 68.75
C ILE B 207 -0.14 12.07 67.65
N VAL B 208 0.96 11.73 66.99
CA VAL B 208 1.43 12.55 65.87
C VAL B 208 0.39 12.58 64.76
N ARG B 209 -0.25 11.45 64.50
CA ARG B 209 -1.27 11.40 63.45
C ARG B 209 -2.44 12.31 63.79
N ASP B 210 -2.83 12.37 65.06
CA ASP B 210 -3.93 13.24 65.46
C ASP B 210 -3.60 14.71 65.20
N ILE B 211 -2.37 15.12 65.49
CA ILE B 211 -1.96 16.48 65.21
C ILE B 211 -2.01 16.76 63.72
N LYS B 212 -1.56 15.80 62.91
CA LYS B 212 -1.59 15.98 61.46
C LYS B 212 -3.01 16.16 60.95
N GLU B 213 -3.96 15.36 61.48
CA GLU B 213 -5.34 15.47 61.04
C GLU B 213 -6.03 16.73 61.54
N LYS B 214 -5.42 17.45 62.47
CA LYS B 214 -6.06 18.61 63.10
C LYS B 214 -5.42 19.94 62.78
N LEU B 215 -4.11 19.98 62.57
CA LEU B 215 -3.40 21.24 62.40
C LEU B 215 -2.69 21.38 61.07
N CYS B 216 -2.63 20.34 60.24
CA CYS B 216 -1.92 20.41 58.98
C CYS B 216 -2.83 20.94 57.87
N TYR B 217 -2.24 21.68 56.94
CA TYR B 217 -2.96 22.23 55.81
C TYR B 217 -1.97 22.45 54.67
N VAL B 218 -2.51 22.63 53.47
CA VAL B 218 -1.72 22.80 52.26
C VAL B 218 -1.69 24.28 51.90
N ALA B 219 -0.50 24.84 51.78
CA ALA B 219 -0.33 26.22 51.37
C ALA B 219 -0.46 26.35 49.86
N LEU B 220 -1.09 27.43 49.42
CA LEU B 220 -1.24 27.67 47.98
C LEU B 220 0.12 27.83 47.30
N ASP B 221 1.02 28.57 47.93
CA ASP B 221 2.40 28.68 47.47
C ASP B 221 3.31 28.43 48.67
N PHE B 222 4.23 27.46 48.52
CA PHE B 222 5.02 27.01 49.65
C PHE B 222 6.04 28.07 50.09
N GLU B 223 6.60 28.81 49.12
CA GLU B 223 7.68 29.73 49.45
C GLU B 223 7.20 30.91 50.29
N GLN B 224 6.11 31.56 49.90
CA GLN B 224 5.62 32.71 50.67
C GLN B 224 5.20 32.28 52.07
N GLU B 225 4.67 31.07 52.20
CA GLU B 225 4.28 30.56 53.52
C GLU B 225 5.51 30.41 54.41
N MET B 226 6.64 29.99 53.84
CA MET B 226 7.89 29.99 54.59
C MET B 226 8.25 31.39 55.07
N ALA B 227 8.16 32.37 54.18
CA ALA B 227 8.47 33.74 54.56
C ALA B 227 7.48 34.26 55.60
N THR B 228 6.20 33.95 55.44
CA THR B 228 5.20 34.37 56.40
C THR B 228 5.44 33.73 57.77
N ALA B 229 5.74 32.43 57.77
CA ALA B 229 5.96 31.73 59.03
C ALA B 229 7.28 32.13 59.69
N ALA B 230 8.23 32.65 58.93
CA ALA B 230 9.51 33.06 59.48
C ALA B 230 9.52 34.51 59.97
N SER B 231 8.42 35.25 59.80
CA SER B 231 8.36 36.64 60.20
C SER B 231 7.12 36.97 61.04
N SER B 232 6.25 36.01 61.27
CA SER B 232 5.05 36.26 62.06
C SER B 232 4.64 34.99 62.78
N SER B 233 3.91 35.16 63.88
CA SER B 233 3.42 34.05 64.68
C SER B 233 1.95 33.76 64.44
N SER B 234 1.38 34.30 63.37
CA SER B 234 -0.04 34.11 63.09
C SER B 234 -0.36 32.65 62.77
N LEU B 235 0.59 31.93 62.16
CA LEU B 235 0.36 30.54 61.78
C LEU B 235 0.57 29.57 62.92
N GLU B 236 1.01 30.04 64.08
CA GLU B 236 1.30 29.15 65.21
C GLU B 236 0.01 28.56 65.77
N LYS B 237 0.06 27.27 66.09
CA LYS B 237 -1.05 26.57 66.72
C LYS B 237 -0.51 25.69 67.83
N SER B 238 -1.31 25.53 68.89
CA SER B 238 -0.93 24.76 70.06
C SER B 238 -1.78 23.50 70.16
N TYR B 239 -1.14 22.39 70.46
CA TYR B 239 -1.80 21.10 70.60
C TYR B 239 -1.54 20.55 72.00
N GLU B 240 -2.56 19.92 72.57
CA GLU B 240 -2.47 19.41 73.94
C GLU B 240 -2.28 17.89 73.90
N LEU B 241 -1.26 17.42 74.60
CA LEU B 241 -1.00 15.98 74.68
C LEU B 241 -2.03 15.31 75.58
N PRO B 242 -2.23 14.00 75.41
CA PRO B 242 -3.12 13.28 76.34
C PRO B 242 -2.67 13.35 77.79
N ASP B 243 -1.37 13.49 78.03
CA ASP B 243 -0.85 13.59 79.39
C ASP B 243 -0.94 15.01 79.95
N GLY B 244 -1.46 15.96 79.18
CA GLY B 244 -1.67 17.31 79.64
C GLY B 244 -0.67 18.33 79.13
N GLN B 245 0.46 17.89 78.60
CA GLN B 245 1.45 18.81 78.07
C GLN B 245 0.93 19.48 76.79
N VAL B 246 1.46 20.66 76.50
CA VAL B 246 1.06 21.43 75.33
C VAL B 246 2.31 21.80 74.54
N ILE B 247 2.28 21.54 73.23
CA ILE B 247 3.33 21.94 72.32
C ILE B 247 2.74 22.88 71.27
N THR B 248 3.62 23.67 70.66
CA THR B 248 3.23 24.64 69.66
C THR B 248 4.03 24.43 68.39
N ILE B 249 3.35 24.38 67.26
CA ILE B 249 3.98 24.13 65.96
C ILE B 249 3.72 25.29 65.03
N GLY B 250 4.72 25.62 64.21
CA GLY B 250 4.61 26.72 63.28
C GLY B 250 4.57 26.28 61.83
N ASN B 251 5.70 26.40 61.13
CA ASN B 251 5.78 26.05 59.73
C ASN B 251 5.55 24.56 59.47
N GLU B 252 5.67 23.72 60.50
CA GLU B 252 5.46 22.29 60.34
C GLU B 252 4.03 21.94 59.96
N ARG B 253 3.08 22.85 60.17
CA ARG B 253 1.70 22.56 59.81
C ARG B 253 1.56 22.32 58.31
N PHE B 254 2.22 23.14 57.49
CA PHE B 254 2.13 23.02 56.04
C PHE B 254 3.38 22.42 55.42
N ARG B 255 4.47 22.26 56.17
CA ARG B 255 5.64 21.60 55.63
C ARG B 255 5.38 20.11 55.41
N CYS B 256 4.68 19.47 56.34
CA CYS B 256 4.40 18.04 56.20
C CYS B 256 3.55 17.73 54.98
N PRO B 257 2.42 18.40 54.72
CA PRO B 257 1.66 18.09 53.51
C PRO B 257 2.39 18.44 52.23
N GLU B 258 3.42 19.29 52.29
CA GLU B 258 4.16 19.66 51.09
C GLU B 258 4.85 18.47 50.43
N ALA B 259 5.15 17.42 51.20
CA ALA B 259 5.78 16.24 50.63
C ALA B 259 4.94 15.59 49.56
N LEU B 260 3.61 15.77 49.59
CA LEU B 260 2.76 15.25 48.53
C LEU B 260 3.10 15.89 47.19
N PHE B 261 3.37 17.18 47.19
CA PHE B 261 3.75 17.87 45.97
C PHE B 261 5.25 17.88 45.74
N GLN B 262 6.04 17.68 46.79
CA GLN B 262 7.50 17.62 46.68
C GLN B 262 7.98 16.38 47.42
N PRO B 263 7.91 15.21 46.78
CA PRO B 263 8.40 13.98 47.41
C PRO B 263 9.89 14.00 47.70
N SER B 264 10.65 14.91 47.08
CA SER B 264 12.08 15.01 47.38
C SER B 264 12.34 15.38 48.83
N PHE B 265 11.35 15.94 49.53
CA PHE B 265 11.48 16.18 50.96
C PHE B 265 11.76 14.88 51.70
N LEU B 266 11.15 13.79 51.27
CA LEU B 266 11.38 12.48 51.85
C LEU B 266 12.51 11.73 51.16
N GLY B 267 13.11 12.32 50.13
CA GLY B 267 14.17 11.68 49.38
C GLY B 267 13.71 10.76 48.26
N MET B 268 12.41 10.67 48.01
CA MET B 268 11.91 9.85 46.91
C MET B 268 12.16 10.52 45.57
N GLU B 269 12.56 9.72 44.59
CA GLU B 269 12.78 10.19 43.23
C GLU B 269 11.49 10.43 42.47
N SER B 270 10.38 9.89 42.95
CA SER B 270 9.11 9.99 42.24
C SER B 270 8.61 11.42 42.25
N ALA B 271 7.70 11.71 41.32
CA ALA B 271 7.12 13.04 41.18
C ALA B 271 5.98 13.24 42.18
N GLY B 272 5.52 14.48 42.27
CA GLY B 272 4.44 14.81 43.17
C GLY B 272 3.10 14.27 42.67
N ILE B 273 2.10 14.39 43.55
CA ILE B 273 0.77 13.91 43.20
C ILE B 273 0.21 14.67 42.00
N HIS B 274 0.51 15.96 41.89
CA HIS B 274 0.03 16.74 40.75
C HIS B 274 0.63 16.23 39.45
N GLU B 275 1.93 15.96 39.44
CA GLU B 275 2.56 15.43 38.23
C GLU B 275 2.07 14.00 37.94
N THR B 276 1.89 13.19 38.98
CA THR B 276 1.37 11.84 38.78
C THR B 276 -0.03 11.89 38.17
N THR B 277 -0.88 12.80 38.65
CA THR B 277 -2.20 12.96 38.05
C THR B 277 -2.08 13.43 36.61
N PHE B 278 -1.21 14.40 36.34
CA PHE B 278 -1.02 14.88 34.98
C PHE B 278 -0.45 13.78 34.09
N ASN B 279 0.54 13.03 34.60
CA ASN B 279 1.12 11.95 33.80
C ASN B 279 0.09 10.86 33.53
N SER B 280 -0.76 10.56 34.52
CA SER B 280 -1.80 9.56 34.30
C SER B 280 -2.75 9.99 33.20
N ILE B 281 -3.12 11.29 33.18
CA ILE B 281 -3.95 11.80 32.10
C ILE B 281 -3.21 11.73 30.77
N MET B 282 -1.92 12.08 30.77
CA MET B 282 -1.13 12.06 29.54
C MET B 282 -1.00 10.65 28.97
N LYS B 283 -1.18 9.62 29.79
CA LYS B 283 -1.10 8.24 29.32
C LYS B 283 -2.38 7.79 28.62
N CYS B 284 -3.47 8.55 28.72
CA CYS B 284 -4.73 8.18 28.12
C CYS B 284 -4.78 8.66 26.66
N ASP B 285 -5.88 8.31 25.98
CA ASP B 285 -6.06 8.75 24.61
C ASP B 285 -6.32 10.25 24.55
N VAL B 286 -5.91 10.86 23.45
CA VAL B 286 -5.96 12.31 23.31
C VAL B 286 -7.39 12.83 23.30
N ASP B 287 -8.34 12.01 22.85
CA ASP B 287 -9.72 12.46 22.73
C ASP B 287 -10.47 12.49 24.06
N ILE B 288 -9.93 11.87 25.10
CA ILE B 288 -10.61 11.81 26.39
C ILE B 288 -9.93 12.65 27.46
N ARG B 289 -8.77 13.23 27.16
CA ARG B 289 -8.04 14.00 28.17
C ARG B 289 -8.81 15.25 28.59
N LYS B 290 -9.56 15.85 27.67
CA LYS B 290 -10.31 17.06 28.01
C LYS B 290 -11.33 16.79 29.11
N ASP B 291 -12.07 15.69 29.00
CA ASP B 291 -13.04 15.35 30.03
C ASP B 291 -12.37 15.04 31.35
N LEU B 292 -11.22 14.35 31.33
CA LEU B 292 -10.52 14.01 32.55
C LEU B 292 -10.05 15.26 33.29
N TYR B 293 -9.66 16.30 32.55
CA TYR B 293 -9.20 17.53 33.19
C TYR B 293 -10.30 18.18 34.01
N ALA B 294 -11.53 18.17 33.50
CA ALA B 294 -12.66 18.80 34.16
C ALA B 294 -13.38 17.86 35.12
N ASN B 295 -12.90 16.64 35.31
CA ASN B 295 -13.54 15.65 36.17
C ASN B 295 -12.52 15.00 37.09
N THR B 296 -11.68 15.82 37.72
CA THR B 296 -10.71 15.31 38.69
C THR B 296 -11.40 15.19 40.04
N VAL B 297 -11.49 13.97 40.55
CA VAL B 297 -12.21 13.66 41.79
C VAL B 297 -11.19 13.25 42.84
N LEU B 298 -11.29 13.86 44.02
CA LEU B 298 -10.37 13.59 45.13
C LEU B 298 -11.02 12.62 46.11
N SER B 299 -10.23 11.68 46.60
CA SER B 299 -10.71 10.69 47.55
C SER B 299 -9.59 10.30 48.50
N GLY B 300 -9.97 9.86 49.70
CA GLY B 300 -9.03 9.42 50.70
C GLY B 300 -8.78 10.49 51.75
N GLY B 301 -8.51 10.02 52.98
CA GLY B 301 -8.28 10.92 54.10
C GLY B 301 -7.02 11.76 53.98
N THR B 302 -6.12 11.39 53.07
CA THR B 302 -4.94 12.22 52.82
C THR B 302 -5.31 13.51 52.11
N THR B 303 -6.55 13.66 51.67
CA THR B 303 -7.00 14.83 50.93
C THR B 303 -7.84 15.80 51.77
N MET B 304 -7.89 15.62 53.08
CA MET B 304 -8.64 16.49 53.96
C MET B 304 -7.88 17.74 54.40
N TYR B 305 -6.64 17.91 53.96
CA TYR B 305 -5.91 19.11 54.32
C TYR B 305 -6.56 20.33 53.69
N PRO B 306 -6.80 21.38 54.46
CA PRO B 306 -7.40 22.59 53.87
C PRO B 306 -6.51 23.16 52.77
N GLY B 307 -7.16 23.63 51.70
CA GLY B 307 -6.45 24.24 50.60
C GLY B 307 -5.80 23.29 49.62
N ILE B 308 -5.99 21.98 49.78
CA ILE B 308 -5.34 21.04 48.88
C ILE B 308 -5.89 21.17 47.46
N ALA B 309 -7.21 21.31 47.31
CA ALA B 309 -7.80 21.39 45.98
C ALA B 309 -7.32 22.62 45.22
N ASP B 310 -7.24 23.77 45.90
CA ASP B 310 -6.75 24.98 45.25
C ASP B 310 -5.29 24.80 44.80
N ARG B 311 -4.46 24.22 45.66
CA ARG B 311 -3.11 23.88 45.23
C ARG B 311 -3.13 22.80 44.15
N MET B 312 -4.04 21.83 44.29
CA MET B 312 -4.22 20.82 43.25
C MET B 312 -4.57 21.48 41.92
N GLN B 313 -5.54 22.39 41.91
CA GLN B 313 -5.94 23.06 40.68
C GLN B 313 -4.80 23.90 40.12
N LYS B 314 -4.09 24.62 40.99
CA LYS B 314 -3.03 25.51 40.52
C LYS B 314 -1.91 24.72 39.85
N GLU B 315 -1.50 23.60 40.45
CA GLU B 315 -0.40 22.82 39.88
C GLU B 315 -0.77 22.22 38.53
N ILE B 316 -1.98 21.66 38.42
CA ILE B 316 -2.39 21.06 37.15
C ILE B 316 -2.51 22.11 36.07
N THR B 317 -3.01 23.30 36.41
CA THR B 317 -3.17 24.36 35.42
C THR B 317 -1.82 24.76 34.82
N ALA B 318 -0.79 24.84 35.65
CA ALA B 318 0.55 25.15 35.15
C ALA B 318 1.09 24.05 34.25
N LEU B 319 0.62 22.81 34.40
CA LEU B 319 1.09 21.70 33.58
C LEU B 319 0.24 21.50 32.34
N ALA B 320 -1.09 21.61 32.48
CA ALA B 320 -1.98 21.42 31.36
C ALA B 320 -1.91 22.61 30.40
N PRO B 321 -2.28 22.41 29.14
CA PRO B 321 -2.35 23.55 28.21
C PRO B 321 -3.38 24.57 28.68
N SER B 322 -3.14 25.83 28.30
CA SER B 322 -3.97 26.93 28.77
C SER B 322 -5.43 26.77 28.33
N THR B 323 -5.66 26.25 27.12
CA THR B 323 -7.01 26.17 26.58
C THR B 323 -7.92 25.24 27.37
N MET B 324 -7.37 24.28 28.11
CA MET B 324 -8.20 23.37 28.87
C MET B 324 -8.69 23.99 30.17
N LYS B 325 -9.90 23.63 30.57
CA LYS B 325 -10.53 24.07 31.79
C LYS B 325 -10.37 22.96 32.83
N ILE B 326 -9.69 23.27 33.92
CA ILE B 326 -9.35 22.29 34.95
C ILE B 326 -10.34 22.43 36.10
N LYS B 327 -10.94 21.31 36.49
CA LYS B 327 -11.86 21.28 37.62
C LYS B 327 -11.42 20.21 38.59
N ILE B 328 -11.33 20.57 39.87
CA ILE B 328 -10.97 19.64 40.93
C ILE B 328 -12.21 19.43 41.80
N ILE B 329 -12.71 18.20 41.83
CA ILE B 329 -13.91 17.87 42.59
C ILE B 329 -13.45 17.28 43.91
N ALA B 330 -13.78 17.97 45.01
CA ALA B 330 -13.41 17.54 46.35
C ALA B 330 -14.67 17.59 47.22
N PRO B 331 -15.51 16.57 47.15
CA PRO B 331 -16.69 16.54 48.01
C PRO B 331 -16.29 16.53 49.47
N PRO B 332 -17.06 17.20 50.33
CA PRO B 332 -16.69 17.22 51.76
C PRO B 332 -16.71 15.86 52.42
N GLU B 333 -17.39 14.88 51.82
CA GLU B 333 -17.51 13.54 52.37
C GLU B 333 -16.61 12.54 51.66
N ARG B 334 -15.57 13.01 50.96
CA ARG B 334 -14.71 12.13 50.19
C ARG B 334 -13.89 11.19 51.05
N LYS B 335 -13.84 11.41 52.37
CA LYS B 335 -13.16 10.46 53.24
C LYS B 335 -13.84 9.10 53.23
N TYR B 336 -15.16 9.07 53.04
CA TYR B 336 -15.92 7.83 52.98
C TYR B 336 -16.53 7.62 51.60
N SER B 337 -15.94 8.22 50.58
CA SER B 337 -16.48 8.08 49.22
C SER B 337 -16.45 6.63 48.76
N VAL B 338 -15.39 5.90 49.08
CA VAL B 338 -15.30 4.50 48.68
C VAL B 338 -16.41 3.68 49.32
N TRP B 339 -16.64 3.88 50.63
CA TRP B 339 -17.70 3.15 51.29
C TRP B 339 -19.07 3.60 50.80
N ILE B 340 -19.27 4.91 50.64
CA ILE B 340 -20.57 5.42 50.23
C ILE B 340 -20.93 4.91 48.84
N GLY B 341 -19.97 4.96 47.92
CA GLY B 341 -20.21 4.41 46.59
C GLY B 341 -20.53 2.93 46.63
N GLY B 342 -19.84 2.18 47.50
CA GLY B 342 -20.19 0.79 47.69
C GLY B 342 -21.58 0.60 48.25
N SER B 343 -21.95 1.44 49.22
CA SER B 343 -23.30 1.37 49.76
C SER B 343 -24.35 1.68 48.70
N ILE B 344 -24.07 2.68 47.85
CA ILE B 344 -25.00 3.02 46.77
C ILE B 344 -25.09 1.87 45.77
N LEU B 345 -23.93 1.35 45.33
CA LEU B 345 -23.93 0.32 44.30
C LEU B 345 -24.58 -0.96 44.82
N ALA B 346 -24.28 -1.33 46.07
CA ALA B 346 -24.88 -2.53 46.64
C ALA B 346 -26.38 -2.42 46.79
N SER B 347 -26.92 -1.21 46.85
CA SER B 347 -28.36 -0.99 46.95
C SER B 347 -29.05 -1.03 45.61
N LEU B 348 -28.31 -1.06 44.51
CA LEU B 348 -28.92 -1.06 43.19
C LEU B 348 -29.54 -2.42 42.88
N SER B 349 -30.70 -2.39 42.23
CA SER B 349 -31.33 -3.62 41.77
C SER B 349 -30.50 -4.31 40.69
N THR B 350 -29.75 -3.55 39.90
CA THR B 350 -28.88 -4.10 38.87
C THR B 350 -27.56 -4.60 39.43
N PHE B 351 -27.46 -4.77 40.75
CA PHE B 351 -26.26 -5.29 41.39
C PHE B 351 -26.39 -6.74 41.82
N GLN B 352 -27.62 -7.24 41.94
CA GLN B 352 -27.83 -8.56 42.53
C GLN B 352 -27.31 -9.69 41.66
N GLN B 353 -27.14 -9.47 40.36
CA GLN B 353 -26.74 -10.55 39.47
C GLN B 353 -25.23 -10.80 39.45
N MET B 354 -24.41 -9.89 39.98
CA MET B 354 -22.99 -10.19 40.13
C MET B 354 -22.62 -10.58 41.57
N TRP B 355 -23.60 -10.91 42.41
CA TRP B 355 -23.28 -11.62 43.64
C TRP B 355 -22.74 -13.00 43.32
N ILE B 356 -21.81 -13.47 44.16
CA ILE B 356 -21.18 -14.77 43.99
C ILE B 356 -21.54 -15.63 45.19
N SER B 357 -22.31 -16.69 44.95
CA SER B 357 -22.79 -17.53 46.04
C SER B 357 -21.67 -18.38 46.62
N LYS B 358 -21.85 -18.78 47.88
CA LYS B 358 -20.88 -19.66 48.52
C LYS B 358 -20.84 -21.02 47.85
N GLN B 359 -22.00 -21.54 47.46
CA GLN B 359 -22.04 -22.85 46.80
C GLN B 359 -21.29 -22.82 45.48
N GLU B 360 -21.41 -21.72 44.73
CA GLU B 360 -20.72 -21.61 43.45
C GLU B 360 -19.21 -21.66 43.63
N TYR B 361 -18.69 -20.92 44.62
CA TYR B 361 -17.24 -20.92 44.85
C TYR B 361 -16.76 -22.28 45.33
N ASP B 362 -17.58 -22.98 46.11
CA ASP B 362 -17.19 -24.31 46.58
C ASP B 362 -17.01 -25.28 45.42
N GLU B 363 -17.86 -25.19 44.40
CA GLU B 363 -17.77 -26.09 43.26
C GLU B 363 -16.92 -25.54 42.14
N SER B 364 -16.64 -24.25 42.11
CA SER B 364 -15.87 -23.63 41.04
C SER B 364 -14.52 -23.10 41.48
N GLY B 365 -14.47 -22.32 42.56
CA GLY B 365 -13.21 -21.84 43.09
C GLY B 365 -12.86 -20.44 42.64
N PRO B 366 -11.56 -20.13 42.63
CA PRO B 366 -11.11 -18.77 42.33
C PRO B 366 -11.41 -18.30 40.91
N SER B 367 -11.69 -19.21 39.99
CA SER B 367 -11.87 -18.81 38.58
C SER B 367 -13.03 -17.83 38.43
N ILE B 368 -14.14 -18.09 39.13
CA ILE B 368 -15.30 -17.21 39.04
C ILE B 368 -15.09 -15.88 39.73
N VAL B 369 -14.06 -15.76 40.57
CA VAL B 369 -13.80 -14.52 41.29
C VAL B 369 -13.04 -13.52 40.41
N HIS B 370 -12.01 -13.98 39.71
CA HIS B 370 -11.27 -13.10 38.82
C HIS B 370 -12.16 -12.58 37.70
N ARG B 371 -12.99 -13.44 37.12
CA ARG B 371 -14.03 -12.98 36.22
C ARG B 371 -15.14 -12.31 37.02
N LYS B 372 -15.97 -11.53 36.31
CA LYS B 372 -17.06 -10.76 36.91
C LYS B 372 -16.49 -9.63 37.77
N CYS B 373 -15.17 -9.58 37.88
CA CYS B 373 -14.47 -8.54 38.62
C CYS B 373 -13.40 -7.92 37.74
N PHE B 374 -13.02 -6.70 38.06
CA PHE B 374 -12.04 -5.96 37.26
C PHE B 374 -10.83 -5.58 38.08
N ALA C 5 42.76 4.29 9.94
CA ALA C 5 41.75 3.48 10.60
C ALA C 5 40.53 4.32 10.94
N ALA C 6 39.37 3.88 10.47
CA ALA C 6 38.13 4.62 10.70
C ALA C 6 37.45 4.15 11.98
N LEU C 7 36.45 4.91 12.41
CA LEU C 7 35.68 4.61 13.61
C LEU C 7 34.23 4.34 13.24
N VAL C 8 33.71 3.23 13.74
CA VAL C 8 32.30 2.84 13.56
C VAL C 8 31.58 3.08 14.88
N VAL C 9 30.64 4.02 14.88
CA VAL C 9 29.93 4.43 16.08
C VAL C 9 28.44 4.24 15.82
N ASP C 10 27.78 3.46 16.67
CA ASP C 10 26.33 3.27 16.59
C ASP C 10 25.72 3.72 17.91
N ASN C 11 25.16 4.94 17.91
CA ASN C 11 24.57 5.54 19.11
C ASN C 11 23.08 5.20 19.23
N GLY C 12 22.81 3.90 19.40
CA GLY C 12 21.44 3.45 19.53
C GLY C 12 20.72 4.09 20.70
N SER C 13 19.39 3.92 20.71
CA SER C 13 18.54 4.66 21.63
C SER C 13 18.92 4.42 23.09
N GLY C 14 19.30 3.19 23.44
CA GLY C 14 19.68 2.90 24.81
C GLY C 14 21.08 2.35 24.95
N MET C 15 21.57 1.67 23.91
CA MET C 15 22.90 1.10 23.90
C MET C 15 23.74 1.82 22.86
N CYS C 16 24.92 2.28 23.26
CA CYS C 16 25.85 2.92 22.34
C CYS C 16 27.03 1.99 22.12
N LYS C 17 27.29 1.64 20.86
CA LYS C 17 28.36 0.73 20.51
C LYS C 17 29.31 1.44 19.56
N ALA C 18 30.62 1.27 19.79
CA ALA C 18 31.62 1.92 18.98
C ALA C 18 32.89 1.09 18.96
N GLY C 19 33.71 1.31 17.95
CA GLY C 19 34.97 0.61 17.83
C GLY C 19 35.62 0.95 16.50
N PHE C 20 36.88 0.54 16.39
CA PHE C 20 37.65 0.81 15.18
C PHE C 20 37.13 -0.01 14.01
N ALA C 21 37.17 0.57 12.82
CA ALA C 21 36.72 -0.13 11.63
C ALA C 21 37.60 -1.35 11.35
N GLY C 22 36.96 -2.43 10.90
CA GLY C 22 37.66 -3.67 10.62
C GLY C 22 37.69 -4.66 11.76
N ASP C 23 37.34 -4.23 12.97
CA ASP C 23 37.30 -5.17 14.09
C ASP C 23 36.03 -6.00 14.04
N ASP C 24 36.13 -7.23 14.55
CA ASP C 24 34.99 -8.14 14.56
C ASP C 24 33.93 -7.79 15.60
N ALA C 25 34.30 -7.09 16.67
CA ALA C 25 33.36 -6.72 17.72
C ALA C 25 33.62 -5.28 18.12
N PRO C 26 32.60 -4.56 18.57
CA PRO C 26 32.81 -3.17 18.99
C PRO C 26 33.76 -3.10 20.17
N ARG C 27 34.62 -2.08 20.15
CA ARG C 27 35.60 -1.92 21.23
C ARG C 27 34.93 -1.59 22.55
N ALA C 28 33.95 -0.68 22.53
CA ALA C 28 33.30 -0.23 23.74
C ALA C 28 31.79 -0.27 23.57
N VAL C 29 31.10 -0.85 24.55
CA VAL C 29 29.65 -0.86 24.60
C VAL C 29 29.23 -0.35 25.97
N PHE C 30 28.50 0.75 26.00
CA PHE C 30 28.08 1.37 27.25
C PHE C 30 26.66 1.86 27.09
N PRO C 31 25.89 1.90 28.16
CA PRO C 31 24.50 2.38 28.06
C PRO C 31 24.45 3.83 27.62
N SER C 32 23.47 4.15 26.78
CA SER C 32 23.25 5.53 26.37
C SER C 32 22.55 6.28 27.50
N ILE C 33 23.29 6.58 28.56
CA ILE C 33 22.70 7.10 29.78
C ILE C 33 23.52 8.28 30.28
N VAL C 34 22.82 9.29 30.81
CA VAL C 34 23.39 10.48 31.43
C VAL C 34 22.75 10.64 32.80
N GLY C 35 23.58 10.62 33.85
CA GLY C 35 23.11 10.75 35.22
C GLY C 35 23.57 12.04 35.86
N ARG C 36 22.76 12.57 36.77
CA ARG C 36 23.08 13.78 37.51
C ARG C 36 22.75 13.56 38.98
N PRO C 37 23.47 14.20 39.89
CA PRO C 37 23.21 13.97 41.32
C PRO C 37 21.81 14.40 41.73
N ARG C 38 21.25 13.66 42.68
CA ARG C 38 19.94 13.98 43.24
C ARG C 38 20.02 14.23 44.75
N HIS C 39 21.23 14.25 45.31
CA HIS C 39 21.43 14.52 46.73
C HIS C 39 22.48 15.61 46.87
N GLN C 40 22.51 16.24 48.04
CA GLN C 40 23.47 17.30 48.30
C GLN C 40 24.79 16.72 48.75
N GLY C 41 25.89 17.30 48.26
CA GLY C 41 27.20 16.93 48.75
C GLY C 41 27.46 17.53 50.12
N VAL C 42 28.21 16.80 50.94
CA VAL C 42 28.46 17.22 52.31
C VAL C 42 29.95 17.15 52.65
N MET C 43 30.77 16.73 51.69
CA MET C 43 32.20 16.58 51.93
C MET C 43 32.98 17.49 50.98
N VAL C 44 34.12 17.97 51.48
CA VAL C 44 34.99 18.85 50.71
C VAL C 44 35.58 18.11 49.51
N LYS C 49 31.05 16.92 40.40
CA LYS C 49 30.76 16.74 38.97
C LYS C 49 29.26 16.75 38.73
N ASP C 50 28.83 17.63 37.82
CA ASP C 50 27.39 17.83 37.62
C ASP C 50 26.74 16.71 36.82
N SER C 51 27.52 15.93 36.08
CA SER C 51 26.92 14.90 35.23
C SER C 51 27.90 13.75 35.07
N TYR C 52 27.35 12.59 34.72
CA TYR C 52 28.13 11.39 34.48
C TYR C 52 27.52 10.65 33.29
N VAL C 53 28.36 9.90 32.57
CA VAL C 53 27.98 9.27 31.32
C VAL C 53 28.29 7.79 31.38
N GLY C 54 27.29 6.97 31.07
CA GLY C 54 27.52 5.54 30.89
C GLY C 54 27.99 4.85 32.15
N ASP C 55 29.14 4.18 32.05
CA ASP C 55 29.63 3.36 33.15
C ASP C 55 29.89 4.19 34.40
N GLU C 56 30.50 5.36 34.23
CA GLU C 56 30.74 6.22 35.38
C GLU C 56 29.44 6.77 35.96
N ALA C 57 28.35 6.73 35.20
CA ALA C 57 27.04 7.02 35.76
C ALA C 57 26.39 5.76 36.29
N GLN C 58 26.66 4.62 35.66
CA GLN C 58 26.10 3.35 36.12
C GLN C 58 26.65 2.97 37.49
N SER C 59 27.96 3.08 37.67
CA SER C 59 28.58 2.67 38.92
C SER C 59 28.22 3.61 40.07
N LYS C 60 27.69 4.78 39.79
CA LYS C 60 27.30 5.75 40.82
C LYS C 60 25.79 6.00 40.86
N ARG C 61 25.00 5.15 40.21
CA ARG C 61 23.56 5.42 40.05
C ARG C 61 22.83 5.51 41.37
N GLY C 62 23.40 4.98 42.46
CA GLY C 62 22.73 5.04 43.75
C GLY C 62 22.45 6.45 44.23
N ILE C 63 23.22 7.43 43.76
CA ILE C 63 23.03 8.82 44.16
C ILE C 63 22.70 9.72 42.97
N LEU C 64 22.29 9.14 41.85
CA LEU C 64 22.08 9.89 40.63
C LEU C 64 20.68 9.61 40.06
N THR C 65 20.17 10.59 39.33
CA THR C 65 18.96 10.40 38.53
C THR C 65 19.34 10.18 37.08
N LEU C 66 18.84 9.09 36.51
CA LEU C 66 19.24 8.65 35.17
C LEU C 66 18.24 9.11 34.12
N LYS C 67 18.76 9.67 33.04
CA LYS C 67 17.94 10.17 31.95
C LYS C 67 18.49 9.64 30.63
N TYR C 68 17.62 9.06 29.81
CA TYR C 68 18.03 8.72 28.46
C TYR C 68 17.92 9.94 27.56
N PRO C 69 19.00 10.30 26.86
CA PRO C 69 18.94 11.45 25.95
C PRO C 69 18.09 11.21 24.71
N ILE C 70 17.69 9.97 24.44
CA ILE C 70 16.91 9.64 23.25
C ILE C 70 15.69 8.84 23.67
N GLU C 71 14.53 9.23 23.16
CA GLU C 71 13.30 8.49 23.40
C GLU C 71 12.61 8.16 22.08
N HIC C 72 12.27 6.89 21.89
CA HIC C 72 11.63 6.39 20.68
C HIC C 72 12.44 6.73 19.43
O HIC C 72 11.89 6.92 18.35
CB HIC C 72 10.21 6.96 20.54
CG HIC C 72 9.53 7.17 21.84
ND1 HIC C 72 9.07 6.13 22.60
CD2 HIC C 72 9.24 8.35 22.46
CE1 HIC C 72 8.52 6.68 23.65
NE2 HIC C 72 8.60 8.02 23.63
CZ HIC C 72 8.10 8.93 24.63
N GLY C 73 13.76 6.82 19.58
CA GLY C 73 14.63 7.15 18.48
C GLY C 73 14.64 8.62 18.14
N ILE C 74 14.20 9.44 19.10
CA ILE C 74 14.14 10.89 18.93
C ILE C 74 15.09 11.53 19.94
N VAL C 75 15.97 12.39 19.46
CA VAL C 75 16.92 13.07 20.33
C VAL C 75 16.17 14.05 21.22
N THR C 76 16.38 13.95 22.53
CA THR C 76 15.70 14.82 23.48
C THR C 76 16.59 15.93 24.02
N ASN C 77 17.91 15.71 24.07
CA ASN C 77 18.82 16.71 24.61
C ASN C 77 20.12 16.56 23.82
N TRP C 78 20.43 17.57 23.01
CA TRP C 78 21.65 17.53 22.20
C TRP C 78 22.89 17.69 23.06
N ASP C 79 22.82 18.52 24.11
CA ASP C 79 23.99 18.77 24.94
C ASP C 79 24.45 17.49 25.63
N ASP C 80 23.51 16.74 26.22
CA ASP C 80 23.87 15.44 26.77
C ASP C 80 24.32 14.49 25.68
N MET C 81 23.67 14.56 24.51
CA MET C 81 24.07 13.73 23.38
C MET C 81 25.50 14.07 22.96
N GLU C 82 25.84 15.35 22.92
CA GLU C 82 27.22 15.75 22.68
C GLU C 82 28.14 15.25 23.79
N LYS C 83 27.68 15.32 25.04
CA LYS C 83 28.46 14.76 26.15
C LYS C 83 28.66 13.26 25.97
N ILE C 84 27.64 12.57 25.46
CA ILE C 84 27.78 11.14 25.18
C ILE C 84 28.91 10.90 24.18
N TRP C 85 28.90 11.65 23.08
CA TRP C 85 29.96 11.50 22.08
C TRP C 85 31.30 11.91 22.65
N HIS C 86 31.34 13.01 23.41
CA HIS C 86 32.59 13.45 24.02
C HIS C 86 33.15 12.39 24.95
N HIS C 87 32.27 11.79 25.77
CA HIS C 87 32.69 10.66 26.58
C HIS C 87 33.08 9.47 25.71
N THR C 88 32.40 9.29 24.57
CA THR C 88 32.68 8.15 23.72
C THR C 88 34.09 8.22 23.15
N PHE C 89 34.45 9.35 22.53
CA PHE C 89 35.74 9.47 21.87
C PHE C 89 36.89 9.42 22.87
N TYR C 90 36.80 10.23 23.92
CA TYR C 90 37.94 10.42 24.80
C TYR C 90 38.03 9.39 25.91
N ASN C 91 36.90 8.85 26.36
CA ASN C 91 36.90 7.95 27.50
C ASN C 91 36.63 6.50 27.14
N GLU C 92 35.89 6.23 26.06
CA GLU C 92 35.61 4.86 25.64
C GLU C 92 36.60 4.36 24.60
N LEU C 93 36.68 5.03 23.45
CA LEU C 93 37.71 4.70 22.47
C LEU C 93 39.05 5.33 22.81
N ARG C 94 39.05 6.41 23.60
CA ARG C 94 40.27 7.05 24.09
C ARG C 94 41.17 7.49 22.92
N VAL C 95 40.55 8.07 21.90
CA VAL C 95 41.28 8.56 20.73
C VAL C 95 40.77 9.95 20.38
N ALA C 96 41.61 10.68 19.64
CA ALA C 96 41.26 12.04 19.22
C ALA C 96 40.32 11.98 18.02
N PRO C 97 39.16 12.66 18.09
CA PRO C 97 38.20 12.58 16.97
C PRO C 97 38.75 13.11 15.65
N GLU C 98 39.62 14.12 15.67
CA GLU C 98 40.12 14.69 14.43
C GLU C 98 41.09 13.77 13.71
N GLU C 99 41.54 12.70 14.36
CA GLU C 99 42.53 11.80 13.77
C GLU C 99 41.92 10.68 12.96
N HIS C 100 40.60 10.52 12.98
CA HIS C 100 39.99 9.36 12.33
C HIS C 100 38.71 9.75 11.61
N PRO C 101 38.47 9.22 10.42
CA PRO C 101 37.13 9.30 9.83
C PRO C 101 36.17 8.43 10.61
N VAL C 102 34.91 8.88 10.66
CA VAL C 102 33.90 8.24 11.49
C VAL C 102 32.71 7.86 10.63
N LEU C 103 32.27 6.61 10.76
CA LEU C 103 31.04 6.13 10.12
C LEU C 103 29.94 6.14 11.18
N LEU C 104 28.82 6.77 10.87
CA LEU C 104 27.72 6.93 11.81
C LEU C 104 26.45 6.31 11.26
N THR C 105 25.54 6.00 12.18
CA THR C 105 24.32 5.27 11.86
C THR C 105 23.10 6.11 12.24
N GLU C 106 22.02 5.91 11.49
CA GLU C 106 20.76 6.59 11.76
C GLU C 106 19.62 5.60 11.58
N ALA C 107 18.50 5.92 12.24
CA ALA C 107 17.31 5.10 12.13
C ALA C 107 16.70 5.24 10.73
N PRO C 108 15.95 4.25 10.28
CA PRO C 108 15.29 4.36 8.97
C PRO C 108 14.33 5.54 8.94
N LEU C 109 14.31 6.25 7.80
CA LEU C 109 13.48 7.43 7.62
C LEU C 109 13.73 8.48 8.70
N ASN C 110 14.97 8.62 9.12
CA ASN C 110 15.32 9.62 10.10
C ASN C 110 15.10 11.01 9.51
N PRO C 111 14.51 11.95 10.26
CA PRO C 111 14.32 13.30 9.73
C PRO C 111 15.64 13.93 9.32
N LYS C 112 15.62 14.63 8.18
CA LYS C 112 16.84 15.23 7.65
C LYS C 112 17.39 16.30 8.59
N ALA C 113 16.52 17.03 9.27
CA ALA C 113 16.97 18.02 10.25
C ALA C 113 17.76 17.35 11.36
N ASN C 114 17.30 16.20 11.83
CA ASN C 114 18.07 15.43 12.82
C ASN C 114 19.39 14.97 12.23
N ARG C 115 19.38 14.55 10.96
CA ARG C 115 20.62 14.15 10.31
C ARG C 115 21.56 15.33 10.14
N GLU C 116 21.01 16.54 9.96
CA GLU C 116 21.87 17.71 9.84
C GLU C 116 22.50 18.08 11.17
N LYS C 117 21.77 17.89 12.26
CA LYS C 117 22.25 18.33 13.56
C LYS C 117 23.54 17.63 13.95
N MET C 118 23.60 16.30 13.78
CA MET C 118 24.80 15.57 14.16
C MET C 118 25.93 15.82 13.16
N THR C 119 25.57 16.11 11.91
CA THR C 119 26.58 16.49 10.93
C THR C 119 27.28 17.79 11.34
N GLN C 120 26.50 18.77 11.80
CA GLN C 120 27.08 20.01 12.29
C GLN C 120 27.94 19.73 13.54
N ILE C 121 27.46 18.85 14.41
CA ILE C 121 28.18 18.56 15.65
C ILE C 121 29.54 17.92 15.35
N MET C 122 29.55 16.93 14.45
CA MET C 122 30.79 16.22 14.15
C MET C 122 31.86 17.16 13.59
N PHE C 123 31.51 17.94 12.57
CA PHE C 123 32.52 18.73 11.89
C PHE C 123 32.92 19.97 12.69
N GLU C 124 31.99 20.59 13.40
CA GLU C 124 32.32 21.78 14.16
C GLU C 124 32.90 21.44 15.54
N THR C 125 32.09 20.78 16.37
CA THR C 125 32.49 20.57 17.76
C THR C 125 33.56 19.51 17.93
N PHE C 126 33.67 18.58 16.98
CA PHE C 126 34.65 17.51 17.07
C PHE C 126 35.71 17.59 15.99
N ASN C 127 35.52 18.43 14.97
CA ASN C 127 36.52 18.66 13.92
C ASN C 127 36.93 17.36 13.24
N THR C 128 35.96 16.50 12.95
CA THR C 128 36.25 15.26 12.27
C THR C 128 36.73 15.52 10.85
N PRO C 129 37.74 14.80 10.38
CA PRO C 129 38.24 15.02 9.02
C PRO C 129 37.28 14.50 7.95
N ALA C 130 36.74 13.30 8.16
CA ALA C 130 35.83 12.69 7.21
C ALA C 130 34.70 12.02 7.99
N MET C 131 33.56 11.87 7.31
CA MET C 131 32.37 11.39 8.00
C MET C 131 31.40 10.85 6.96
N TYR C 132 30.64 9.83 7.38
CA TYR C 132 29.58 9.26 6.55
C TYR C 132 28.48 8.71 7.44
N VAL C 133 27.26 8.70 6.93
CA VAL C 133 26.10 8.19 7.64
C VAL C 133 25.47 7.08 6.82
N ALA C 134 25.12 5.99 7.48
CA ALA C 134 24.47 4.85 6.84
C ALA C 134 23.26 4.43 7.64
N ILE C 135 22.30 3.82 6.95
CA ILE C 135 21.07 3.36 7.60
C ILE C 135 21.35 2.08 8.37
N GLN C 136 20.88 2.03 9.62
CA GLN C 136 21.13 0.86 10.45
C GLN C 136 20.55 -0.42 9.85
N ALA C 137 19.44 -0.30 9.11
CA ALA C 137 18.83 -1.47 8.50
C ALA C 137 19.76 -2.11 7.47
N VAL C 138 20.42 -1.28 6.65
CA VAL C 138 21.31 -1.80 5.63
C VAL C 138 22.50 -2.51 6.25
N LEU C 139 23.05 -1.93 7.33
CA LEU C 139 24.22 -2.51 7.98
C LEU C 139 23.93 -3.92 8.49
N SER C 140 22.72 -4.15 8.99
CA SER C 140 22.35 -5.49 9.45
C SER C 140 22.41 -6.50 8.31
N LEU C 141 21.91 -6.13 7.14
CA LEU C 141 21.98 -7.04 5.99
C LEU C 141 23.42 -7.28 5.57
N TYR C 142 24.30 -6.30 5.76
CA TYR C 142 25.71 -6.50 5.47
C TYR C 142 26.30 -7.59 6.37
N ALA C 143 25.93 -7.60 7.65
CA ALA C 143 26.43 -8.62 8.56
C ALA C 143 25.95 -10.00 8.15
N SER C 144 24.70 -10.12 7.71
CA SER C 144 24.15 -11.40 7.29
C SER C 144 24.66 -11.86 5.93
N GLY C 145 25.42 -11.03 5.23
CA GLY C 145 25.89 -11.38 3.90
C GLY C 145 24.77 -11.56 2.90
N ARG C 146 23.77 -10.68 2.91
CA ARG C 146 22.63 -10.77 2.03
C ARG C 146 22.38 -9.42 1.38
N THR C 147 21.80 -9.47 0.17
CA THR C 147 21.38 -8.27 -0.52
C THR C 147 19.86 -8.15 -0.65
N THR C 148 19.13 -9.21 -0.36
CA THR C 148 17.67 -9.22 -0.44
C THR C 148 17.10 -9.75 0.86
N GLY C 149 16.14 -9.04 1.42
CA GLY C 149 15.47 -9.49 2.62
C GLY C 149 14.87 -8.33 3.37
N ILE C 150 14.03 -8.68 4.35
CA ILE C 150 13.41 -7.71 5.24
C ILE C 150 14.06 -7.86 6.61
N VAL C 151 14.59 -6.76 7.13
CA VAL C 151 15.35 -6.77 8.38
C VAL C 151 14.48 -6.17 9.48
N MET C 152 14.50 -6.80 10.64
CA MET C 152 13.66 -6.38 11.77
C MET C 152 14.60 -5.93 12.90
N ASP C 153 14.81 -4.62 12.99
CA ASP C 153 15.64 -4.06 14.03
C ASP C 153 14.76 -3.61 15.19
N SER C 154 14.90 -4.28 16.32
CA SER C 154 14.16 -3.93 17.54
C SER C 154 15.18 -3.48 18.56
N GLY C 155 15.28 -2.16 18.75
CA GLY C 155 16.25 -1.61 19.66
C GLY C 155 15.68 -1.32 21.03
N ASP C 156 16.19 -0.26 21.68
CA ASP C 156 15.69 0.11 23.00
C ASP C 156 14.58 1.15 22.93
N GLY C 157 14.54 1.94 21.86
CA GLY C 157 13.57 3.02 21.78
C GLY C 157 12.40 2.77 20.85
N VAL C 158 12.64 2.10 19.73
CA VAL C 158 11.63 1.94 18.70
C VAL C 158 11.98 0.73 17.84
N THR C 159 10.99 0.20 17.13
CA THR C 159 11.16 -0.96 16.28
C THR C 159 10.79 -0.60 14.85
N HIS C 160 11.59 -1.05 13.90
CA HIS C 160 11.36 -0.80 12.48
C HIS C 160 11.34 -2.12 11.72
N THR C 161 10.66 -2.11 10.57
CA THR C 161 10.65 -3.22 9.63
C THR C 161 10.97 -2.67 8.25
N VAL C 162 12.17 -2.96 7.75
CA VAL C 162 12.68 -2.40 6.51
C VAL C 162 12.85 -3.54 5.50
N PRO C 163 12.10 -3.56 4.41
CA PRO C 163 12.33 -4.56 3.36
C PRO C 163 13.34 -4.08 2.32
N ILE C 164 14.27 -4.96 1.93
CA ILE C 164 15.27 -4.65 0.93
C ILE C 164 15.31 -5.79 -0.08
N TYR C 165 15.23 -5.45 -1.36
CA TYR C 165 15.25 -6.44 -2.44
C TYR C 165 16.38 -6.07 -3.41
N GLU C 166 17.34 -6.98 -3.56
CA GLU C 166 18.44 -6.80 -4.51
C GLU C 166 19.19 -5.50 -4.25
N GLY C 167 19.31 -5.12 -2.98
CA GLY C 167 19.97 -3.88 -2.63
C GLY C 167 19.13 -2.64 -2.78
N TYR C 168 17.85 -2.78 -3.08
CA TYR C 168 16.95 -1.64 -3.24
C TYR C 168 15.94 -1.63 -2.10
N ALA C 169 15.82 -0.49 -1.43
CA ALA C 169 14.85 -0.34 -0.35
C ALA C 169 13.52 0.15 -0.91
N LEU C 170 12.47 -0.06 -0.11
CA LEU C 170 11.11 0.36 -0.44
C LEU C 170 10.61 1.21 0.72
N PRO C 171 10.90 2.52 0.70
CA PRO C 171 10.51 3.38 1.83
C PRO C 171 9.02 3.36 2.12
N HIS C 172 8.18 3.26 1.09
CA HIS C 172 6.75 3.23 1.31
C HIS C 172 6.31 2.04 2.14
N ALA C 173 7.05 0.93 2.09
CA ALA C 173 6.72 -0.27 2.85
C ALA C 173 7.39 -0.30 4.22
N ILE C 174 8.13 0.74 4.59
CA ILE C 174 8.78 0.78 5.90
C ILE C 174 7.74 1.07 6.96
N LEU C 175 7.65 0.20 7.96
CA LEU C 175 6.71 0.34 9.05
C LEU C 175 7.46 0.53 10.37
N ARG C 176 6.90 1.37 11.23
CA ARG C 176 7.49 1.67 12.53
C ARG C 176 6.51 1.28 13.64
N LEU C 177 7.04 0.60 14.66
CA LEU C 177 6.28 0.22 15.83
C LEU C 177 6.87 0.96 17.03
N ASP C 178 6.03 1.72 17.73
CA ASP C 178 6.50 2.50 18.87
C ASP C 178 6.59 1.62 20.12
N LEU C 179 7.36 0.54 20.03
CA LEU C 179 7.49 -0.40 21.13
C LEU C 179 8.87 -1.03 21.06
N ALA C 180 9.58 -1.04 22.18
CA ALA C 180 10.94 -1.57 22.23
C ALA C 180 11.25 -1.96 23.68
N GLY C 181 12.50 -2.35 23.91
CA GLY C 181 12.86 -2.97 25.18
C GLY C 181 12.61 -2.06 26.38
N ARG C 182 12.77 -0.76 26.18
CA ARG C 182 12.50 0.18 27.28
C ARG C 182 11.06 0.09 27.75
N ASP C 183 10.13 -0.04 26.80
CA ASP C 183 8.73 -0.25 27.17
C ASP C 183 8.55 -1.57 27.89
N LEU C 184 9.24 -2.62 27.44
CA LEU C 184 9.22 -3.89 28.17
C LEU C 184 9.79 -3.74 29.57
N THR C 185 10.86 -2.96 29.73
CA THR C 185 11.42 -2.74 31.06
C THR C 185 10.40 -2.09 31.98
N ASP C 186 9.65 -1.11 31.47
CA ASP C 186 8.56 -0.53 32.25
C ASP C 186 7.48 -1.57 32.53
N TYR C 187 7.15 -2.40 31.54
CA TYR C 187 6.13 -3.42 31.75
C TYR C 187 6.57 -4.43 32.79
N LEU C 188 7.83 -4.87 32.74
CA LEU C 188 8.34 -5.78 33.76
C LEU C 188 8.27 -5.16 35.14
N MET C 189 8.61 -3.87 35.24
CA MET C 189 8.45 -3.17 36.50
C MET C 189 7.00 -3.15 36.93
N LYS C 190 6.08 -2.95 35.98
CA LYS C 190 4.66 -2.93 36.32
C LYS C 190 4.17 -4.30 36.77
N ILE C 191 4.58 -5.37 36.09
CA ILE C 191 4.07 -6.70 36.42
C ILE C 191 4.83 -7.38 37.55
N LEU C 192 5.86 -6.73 38.10
CA LEU C 192 6.54 -7.30 39.25
C LEU C 192 5.92 -6.81 40.57
N THR C 193 5.06 -5.79 40.52
CA THR C 193 4.47 -5.27 41.75
C THR C 193 3.49 -6.26 42.35
N GLU C 194 2.66 -6.91 41.52
CA GLU C 194 1.70 -7.87 42.03
C GLU C 194 2.36 -9.04 42.73
N ARG C 195 3.61 -9.34 42.40
CA ARG C 195 4.35 -10.36 43.13
C ARG C 195 4.88 -9.85 44.46
N GLY C 196 4.70 -8.56 44.75
CA GLY C 196 5.09 -7.99 46.02
C GLY C 196 6.39 -7.21 46.01
N TYR C 197 6.97 -6.94 44.85
CA TYR C 197 8.24 -6.24 44.75
C TYR C 197 8.02 -4.88 44.11
N SER C 198 8.51 -3.83 44.77
CA SER C 198 8.31 -2.45 44.34
C SER C 198 9.62 -1.89 43.82
N PHE C 199 9.60 -1.37 42.59
CA PHE C 199 10.73 -0.68 42.00
C PHE C 199 10.21 0.61 41.36
N THR C 200 10.77 1.73 41.77
CA THR C 200 10.28 3.01 41.25
C THR C 200 11.37 3.90 40.66
N THR C 201 12.56 3.91 41.26
CA THR C 201 13.60 4.84 40.81
C THR C 201 14.19 4.39 39.49
N THR C 202 14.82 5.35 38.79
CA THR C 202 15.51 5.02 37.55
C THR C 202 16.64 4.02 37.80
N ALA C 203 17.33 4.13 38.92
CA ALA C 203 18.34 3.14 39.28
C ALA C 203 17.70 1.77 39.43
N GLU C 204 16.52 1.70 40.05
CA GLU C 204 15.80 0.44 40.14
C GLU C 204 15.39 -0.06 38.76
N ARG C 205 15.07 0.84 37.84
CA ARG C 205 14.67 0.44 36.50
C ARG C 205 15.79 -0.32 35.80
N GLU C 206 17.03 0.14 35.94
CA GLU C 206 18.16 -0.57 35.34
C GLU C 206 18.30 -1.98 35.90
N ILE C 207 18.01 -2.16 37.19
CA ILE C 207 18.03 -3.49 37.77
C ILE C 207 17.00 -4.38 37.09
N VAL C 208 15.82 -3.84 36.84
CA VAL C 208 14.78 -4.59 36.16
C VAL C 208 15.25 -4.99 34.77
N ARG C 209 16.00 -4.12 34.09
CA ARG C 209 16.51 -4.43 32.77
C ARG C 209 17.44 -5.64 32.82
N ASP C 210 18.29 -5.71 33.85
CA ASP C 210 19.19 -6.86 33.97
C ASP C 210 18.41 -8.15 34.16
N ILE C 211 17.36 -8.12 34.99
CA ILE C 211 16.51 -9.29 35.15
C ILE C 211 15.85 -9.65 33.83
N LYS C 212 15.41 -8.63 33.09
CA LYS C 212 14.78 -8.87 31.79
C LYS C 212 15.73 -9.55 30.83
N GLU C 213 16.99 -9.11 30.80
CA GLU C 213 17.95 -9.67 29.86
C GLU C 213 18.41 -11.07 30.24
N LYS C 214 18.12 -11.52 31.47
CA LYS C 214 18.69 -12.76 31.98
C LYS C 214 17.68 -13.88 32.16
N LEU C 215 16.44 -13.57 32.58
CA LEU C 215 15.47 -14.60 32.89
C LEU C 215 14.25 -14.60 31.98
N CYS C 216 14.06 -13.57 31.16
CA CYS C 216 12.91 -13.53 30.27
C CYS C 216 13.15 -14.39 29.04
N TYR C 217 12.05 -14.92 28.49
CA TYR C 217 12.11 -15.70 27.27
C TYR C 217 10.74 -15.64 26.60
N VAL C 218 10.72 -15.96 25.32
CA VAL C 218 9.49 -15.98 24.54
C VAL C 218 8.96 -17.39 24.53
N ALA C 219 7.73 -17.56 25.03
CA ALA C 219 7.09 -18.87 25.03
C ALA C 219 6.51 -19.17 23.65
N LEU C 220 6.72 -20.41 23.19
CA LEU C 220 6.16 -20.81 21.91
C LEU C 220 4.63 -20.77 21.95
N ASP C 221 4.04 -21.22 23.05
CA ASP C 221 2.59 -21.18 23.24
C ASP C 221 2.31 -20.49 24.56
N PHE C 222 1.80 -19.26 24.48
CA PHE C 222 1.65 -18.43 25.67
C PHE C 222 0.66 -19.02 26.67
N GLU C 223 -0.53 -19.39 26.20
CA GLU C 223 -1.57 -19.87 27.10
C GLU C 223 -1.18 -21.19 27.75
N GLN C 224 -0.57 -22.10 26.99
CA GLN C 224 -0.07 -23.34 27.59
C GLN C 224 1.02 -23.06 28.61
N GLU C 225 1.89 -22.09 28.30
CA GLU C 225 2.90 -21.67 29.27
C GLU C 225 2.24 -21.08 30.51
N MET C 226 1.15 -20.32 30.32
CA MET C 226 0.37 -19.86 31.47
C MET C 226 -0.16 -21.05 32.27
N ALA C 227 -0.71 -22.05 31.58
CA ALA C 227 -1.24 -23.22 32.27
C ALA C 227 -0.13 -24.00 32.97
N THR C 228 1.02 -24.14 32.32
CA THR C 228 2.13 -24.86 32.93
C THR C 228 2.66 -24.12 34.16
N ALA C 229 2.79 -22.80 34.07
CA ALA C 229 3.33 -22.02 35.17
C ALA C 229 2.38 -21.97 36.37
N ALA C 230 1.08 -22.04 36.13
CA ALA C 230 0.10 -22.01 37.21
C ALA C 230 -0.09 -23.36 37.88
N SER C 231 0.54 -24.42 37.37
CA SER C 231 0.39 -25.76 37.93
C SER C 231 1.72 -26.41 38.27
N SER C 232 2.84 -25.73 38.02
CA SER C 232 4.14 -26.29 38.34
C SER C 232 5.12 -25.16 38.65
N SER C 233 6.18 -25.50 39.37
CA SER C 233 7.23 -24.56 39.74
C SER C 233 8.46 -24.71 38.85
N SER C 234 8.34 -25.45 37.75
CA SER C 234 9.50 -25.68 36.88
C SER C 234 10.01 -24.38 36.27
N LEU C 235 9.12 -23.48 35.85
CA LEU C 235 9.52 -22.23 35.23
C LEU C 235 10.03 -21.19 36.21
N GLU C 236 9.96 -21.47 37.51
CA GLU C 236 10.37 -20.52 38.52
C GLU C 236 11.87 -20.28 38.46
N LYS C 237 12.28 -19.02 38.64
CA LYS C 237 13.67 -18.64 38.66
C LYS C 237 13.90 -17.63 39.76
N SER C 238 15.15 -17.55 40.22
CA SER C 238 15.53 -16.66 41.31
C SER C 238 16.61 -15.71 40.84
N TYR C 239 16.44 -14.43 41.18
CA TYR C 239 17.40 -13.39 40.87
C TYR C 239 17.87 -12.75 42.16
N GLU C 240 19.16 -12.46 42.24
CA GLU C 240 19.77 -11.86 43.43
C GLU C 240 19.96 -10.37 43.19
N LEU C 241 19.38 -9.56 44.07
CA LEU C 241 19.59 -8.12 44.02
C LEU C 241 21.00 -7.78 44.47
N PRO C 242 21.50 -6.59 44.12
CA PRO C 242 22.85 -6.19 44.56
C PRO C 242 23.02 -6.22 46.06
N ASP C 243 21.97 -5.92 46.83
CA ASP C 243 22.04 -6.03 48.28
C ASP C 243 21.94 -7.46 48.77
N GLY C 244 21.99 -8.43 47.87
CA GLY C 244 21.93 -9.83 48.24
C GLY C 244 20.55 -10.41 48.40
N GLN C 245 19.51 -9.58 48.34
CA GLN C 245 18.15 -10.10 48.39
C GLN C 245 17.85 -10.91 47.15
N VAL C 246 17.27 -12.10 47.35
CA VAL C 246 16.98 -13.02 46.26
C VAL C 246 15.53 -12.80 45.84
N ILE C 247 15.33 -12.56 44.55
CA ILE C 247 14.02 -12.24 44.01
C ILE C 247 13.57 -13.41 43.13
N THR C 248 12.35 -13.87 43.38
CA THR C 248 11.80 -15.03 42.69
C THR C 248 10.67 -14.60 41.77
N ILE C 249 10.76 -14.97 40.50
CA ILE C 249 9.75 -14.65 39.51
C ILE C 249 9.30 -15.92 38.81
N GLY C 250 8.03 -15.94 38.43
CA GLY C 250 7.47 -17.09 37.75
C GLY C 250 7.04 -16.82 36.31
N ASN C 251 5.74 -16.66 36.11
CA ASN C 251 5.18 -16.44 34.78
C ASN C 251 5.66 -15.16 34.13
N GLU C 252 6.15 -14.19 34.91
CA GLU C 252 6.62 -12.93 34.35
C GLU C 252 7.80 -13.10 33.42
N ARG C 253 8.48 -14.25 33.47
CA ARG C 253 9.59 -14.49 32.56
C ARG C 253 9.14 -14.45 31.10
N PHE C 254 8.01 -15.09 30.80
CA PHE C 254 7.48 -15.09 29.44
C PHE C 254 6.28 -14.17 29.25
N ARG C 255 5.70 -13.67 30.33
CA ARG C 255 4.60 -12.72 30.18
C ARG C 255 5.08 -11.40 29.58
N CYS C 256 6.23 -10.91 30.04
CA CYS C 256 6.75 -9.65 29.50
C CYS C 256 7.07 -9.73 28.02
N PRO C 257 7.84 -10.70 27.51
CA PRO C 257 8.10 -10.74 26.07
C PRO C 257 6.86 -10.98 25.24
N GLU C 258 5.78 -11.49 25.82
CA GLU C 258 4.52 -11.64 25.10
C GLU C 258 3.98 -10.29 24.63
N ALA C 259 4.38 -9.19 25.26
CA ALA C 259 3.90 -7.88 24.88
C ALA C 259 4.25 -7.53 23.44
N LEU C 260 5.37 -8.05 22.93
CA LEU C 260 5.71 -7.79 21.53
C LEU C 260 4.64 -8.34 20.59
N PHE C 261 4.16 -9.55 20.85
CA PHE C 261 3.14 -10.16 20.01
C PHE C 261 1.73 -9.73 20.38
N GLN C 262 1.54 -9.18 21.57
CA GLN C 262 0.24 -8.68 22.02
C GLN C 262 0.43 -7.28 22.61
N PRO C 263 0.53 -6.26 21.75
CA PRO C 263 0.69 -4.89 22.25
C PRO C 263 -0.48 -4.40 23.09
N SER C 264 -1.63 -5.08 23.03
CA SER C 264 -2.76 -4.69 23.87
C SER C 264 -2.45 -4.78 25.35
N PHE C 265 -1.41 -5.54 25.73
CA PHE C 265 -1.02 -5.61 27.13
C PHE C 265 -0.63 -4.23 27.66
N LEU C 266 -0.08 -3.37 26.81
CA LEU C 266 0.24 -2.00 27.16
C LEU C 266 -0.87 -1.04 26.81
N GLY C 267 -2.03 -1.54 26.36
CA GLY C 267 -3.10 -0.69 25.91
C GLY C 267 -2.93 -0.14 24.52
N MET C 268 -1.93 -0.62 23.79
CA MET C 268 -1.70 -0.18 22.42
C MET C 268 -2.49 -1.05 21.45
N GLU C 269 -3.30 -0.42 20.61
CA GLU C 269 -4.10 -1.16 19.64
C GLU C 269 -3.31 -1.55 18.41
N SER C 270 -2.06 -1.10 18.29
CA SER C 270 -1.23 -1.49 17.17
C SER C 270 -1.01 -3.01 17.19
N ALA C 271 -0.81 -3.56 16.01
CA ALA C 271 -0.73 -5.00 15.83
C ALA C 271 0.57 -5.56 16.42
N GLY C 272 0.64 -6.88 16.47
CA GLY C 272 1.81 -7.53 17.02
C GLY C 272 3.02 -7.32 16.15
N ILE C 273 4.19 -7.53 16.75
CA ILE C 273 5.45 -7.36 16.04
C ILE C 273 5.48 -8.30 14.84
N HIS C 274 4.98 -9.52 15.01
CA HIS C 274 4.94 -10.46 13.90
C HIS C 274 4.06 -9.93 12.78
N GLU C 275 2.90 -9.35 13.12
CA GLU C 275 2.02 -8.80 12.11
C GLU C 275 2.64 -7.60 11.41
N THR C 276 3.34 -6.75 12.16
CA THR C 276 4.02 -5.61 11.55
C THR C 276 4.97 -6.05 10.44
N THR C 277 5.69 -7.15 10.67
CA THR C 277 6.52 -7.71 9.61
C THR C 277 5.66 -8.20 8.45
N PHE C 278 4.54 -8.85 8.75
CA PHE C 278 3.66 -9.32 7.70
C PHE C 278 3.11 -8.17 6.87
N ASN C 279 2.68 -7.09 7.53
CA ASN C 279 2.15 -5.94 6.81
C ASN C 279 3.22 -5.28 5.96
N SER C 280 4.46 -5.20 6.47
CA SER C 280 5.55 -4.60 5.70
C SER C 280 5.80 -5.41 4.44
N ILE C 281 5.80 -6.74 4.54
CA ILE C 281 5.91 -7.58 3.35
C ILE C 281 4.71 -7.39 2.45
N MET C 282 3.51 -7.33 3.04
CA MET C 282 2.30 -7.17 2.25
C MET C 282 2.28 -5.83 1.51
N LYS C 283 2.92 -4.80 2.05
CA LYS C 283 2.94 -3.50 1.40
C LYS C 283 3.88 -3.45 0.20
N CYS C 284 4.71 -4.46 0.00
CA CYS C 284 5.66 -4.46 -1.10
C CYS C 284 5.07 -5.18 -2.31
N ASP C 285 5.88 -5.28 -3.36
CA ASP C 285 5.43 -5.87 -4.61
C ASP C 285 5.16 -7.37 -4.46
N VAL C 286 4.22 -7.87 -5.26
CA VAL C 286 3.83 -9.28 -5.18
C VAL C 286 5.00 -10.19 -5.55
N ASP C 287 5.76 -9.84 -6.59
CA ASP C 287 6.77 -10.75 -7.12
C ASP C 287 7.98 -10.90 -6.21
N ILE C 288 8.19 -9.99 -5.26
CA ILE C 288 9.36 -10.03 -4.39
C ILE C 288 9.01 -10.49 -2.98
N ARG C 289 7.76 -10.83 -2.72
CA ARG C 289 7.39 -11.31 -1.38
C ARG C 289 7.97 -12.69 -1.10
N LYS C 290 8.18 -13.50 -2.14
CA LYS C 290 8.73 -14.83 -1.92
C LYS C 290 10.12 -14.77 -1.30
N ASP C 291 10.97 -13.88 -1.81
CA ASP C 291 12.32 -13.75 -1.26
C ASP C 291 12.29 -13.20 0.15
N LEU C 292 11.39 -12.25 0.44
CA LEU C 292 11.33 -11.67 1.76
C LEU C 292 10.88 -12.67 2.81
N TYR C 293 9.98 -13.59 2.44
CA TYR C 293 9.51 -14.59 3.40
C TYR C 293 10.64 -15.49 3.88
N ALA C 294 11.56 -15.83 2.97
CA ALA C 294 12.69 -16.69 3.31
C ALA C 294 13.92 -15.93 3.75
N ASN C 295 13.84 -14.61 3.86
CA ASN C 295 14.98 -13.77 4.23
C ASN C 295 14.58 -12.76 5.30
N THR C 296 13.89 -13.23 6.33
CA THR C 296 13.55 -12.40 7.48
C THR C 296 14.72 -12.41 8.45
N VAL C 297 15.25 -11.24 8.76
CA VAL C 297 16.44 -11.10 9.59
C VAL C 297 16.06 -10.35 10.86
N LEU C 298 16.47 -10.89 12.01
CA LEU C 298 16.23 -10.28 13.30
C LEU C 298 17.46 -9.50 13.73
N SER C 299 17.26 -8.25 14.15
CA SER C 299 18.35 -7.39 14.58
C SER C 299 17.92 -6.58 15.80
N GLY C 300 18.90 -6.13 16.57
CA GLY C 300 18.65 -5.37 17.76
C GLY C 300 18.74 -6.21 19.02
N GLY C 301 19.05 -5.54 20.13
CA GLY C 301 19.19 -6.24 21.39
C GLY C 301 17.88 -6.78 21.94
N THR C 302 16.76 -6.28 21.44
CA THR C 302 15.47 -6.80 21.90
C THR C 302 15.24 -8.23 21.42
N THR C 303 15.86 -8.62 20.31
CA THR C 303 15.65 -9.93 19.73
C THR C 303 16.54 -11.01 20.33
N MET C 304 17.06 -10.82 21.54
CA MET C 304 17.87 -11.84 22.21
C MET C 304 17.06 -12.77 23.09
N TYR C 305 15.74 -12.62 23.13
CA TYR C 305 14.94 -13.51 23.96
C TYR C 305 14.99 -14.93 23.40
N PRO C 306 15.27 -15.92 24.23
CA PRO C 306 15.29 -17.31 23.73
C PRO C 306 13.92 -17.73 23.22
N GLY C 307 13.93 -18.46 22.11
CA GLY C 307 12.69 -18.93 21.51
C GLY C 307 11.92 -17.91 20.70
N ILE C 308 12.44 -16.69 20.57
CA ILE C 308 11.72 -15.67 19.81
C ILE C 308 11.67 -16.03 18.33
N ALA C 309 12.74 -16.66 17.80
CA ALA C 309 12.74 -17.04 16.40
C ALA C 309 11.68 -18.09 16.11
N ASP C 310 11.55 -19.09 17.00
CA ASP C 310 10.55 -20.13 16.79
C ASP C 310 9.14 -19.55 16.85
N ARG C 311 8.89 -18.66 17.82
CA ARG C 311 7.58 -18.01 17.88
C ARG C 311 7.36 -17.09 16.68
N MET C 312 8.42 -16.39 16.25
CA MET C 312 8.34 -15.59 15.03
C MET C 312 7.91 -16.44 13.84
N GLN C 313 8.61 -17.56 13.60
CA GLN C 313 8.33 -18.37 12.42
C GLN C 313 6.92 -18.95 12.47
N LYS C 314 6.49 -19.42 13.65
CA LYS C 314 5.15 -19.99 13.78
C LYS C 314 4.08 -18.94 13.49
N GLU C 315 4.24 -17.73 14.02
CA GLU C 315 3.21 -16.71 13.87
C GLU C 315 3.07 -16.26 12.43
N ILE C 316 4.18 -15.94 11.77
CA ILE C 316 4.10 -15.44 10.39
C ILE C 316 3.61 -16.54 9.46
N THR C 317 4.01 -17.79 9.73
CA THR C 317 3.54 -18.90 8.90
C THR C 317 2.02 -19.01 8.93
N ALA C 318 1.42 -18.78 10.09
CA ALA C 318 -0.04 -18.76 10.19
C ALA C 318 -0.65 -17.63 9.38
N LEU C 319 0.11 -16.59 9.06
CA LEU C 319 -0.38 -15.46 8.27
C LEU C 319 -0.06 -15.60 6.79
N ALA C 320 1.12 -16.12 6.46
CA ALA C 320 1.50 -16.27 5.07
C ALA C 320 0.77 -17.45 4.44
N PRO C 321 0.63 -17.46 3.11
CA PRO C 321 0.05 -18.63 2.43
C PRO C 321 0.89 -19.87 2.67
N SER C 322 0.22 -21.03 2.67
CA SER C 322 0.88 -22.28 2.99
C SER C 322 1.98 -22.65 2.02
N THR C 323 1.89 -22.20 0.77
CA THR C 323 2.90 -22.54 -0.23
C THR C 323 4.20 -21.79 -0.03
N MET C 324 4.24 -20.80 0.86
CA MET C 324 5.44 -20.00 1.07
C MET C 324 6.35 -20.65 2.09
N LYS C 325 7.65 -20.60 1.82
CA LYS C 325 8.67 -21.09 2.74
C LYS C 325 9.10 -19.94 3.65
N ILE C 326 8.93 -20.13 4.94
CA ILE C 326 9.28 -19.11 5.92
C ILE C 326 10.62 -19.46 6.55
N LYS C 327 11.57 -18.54 6.44
CA LYS C 327 12.89 -18.70 7.06
C LYS C 327 13.18 -17.48 7.90
N ILE C 328 13.49 -17.68 9.17
CA ILE C 328 13.83 -16.61 10.10
C ILE C 328 15.33 -16.71 10.39
N ILE C 329 16.06 -15.66 10.04
CA ILE C 329 17.50 -15.63 10.24
C ILE C 329 17.79 -14.84 11.51
N ALA C 330 18.31 -15.55 12.53
CA ALA C 330 18.64 -14.95 13.82
C ALA C 330 20.06 -15.35 14.18
N PRO C 331 21.06 -14.65 13.63
CA PRO C 331 22.44 -14.98 13.96
C PRO C 331 22.71 -14.75 15.42
N PRO C 332 23.58 -15.55 16.03
CA PRO C 332 23.85 -15.38 17.47
C PRO C 332 24.46 -14.04 17.83
N GLU C 333 25.10 -13.37 16.88
CA GLU C 333 25.75 -12.08 17.13
C GLU C 333 24.85 -10.90 16.79
N ARG C 334 23.59 -11.14 16.45
CA ARG C 334 22.72 -10.10 15.95
C ARG C 334 22.51 -8.96 16.94
N LYS C 335 23.00 -9.07 18.16
CA LYS C 335 22.96 -7.95 19.08
C LYS C 335 23.82 -6.79 18.57
N TYR C 336 24.76 -7.06 17.68
CA TYR C 336 25.68 -6.05 17.17
C TYR C 336 25.75 -6.05 15.65
N SER C 337 24.68 -6.44 14.95
CA SER C 337 24.71 -6.46 13.50
C SER C 337 24.95 -5.08 12.92
N VAL C 338 24.34 -4.05 13.52
CA VAL C 338 24.49 -2.69 13.01
C VAL C 338 25.95 -2.27 13.04
N TRP C 339 26.63 -2.53 14.15
CA TRP C 339 28.04 -2.17 14.23
C TRP C 339 28.89 -3.09 13.37
N ILE C 340 28.63 -4.40 13.41
CA ILE C 340 29.43 -5.34 12.64
C ILE C 340 29.29 -5.07 11.15
N GLY C 341 28.06 -4.85 10.68
CA GLY C 341 27.87 -4.49 9.28
C GLY C 341 28.60 -3.22 8.90
N GLY C 342 28.59 -2.23 9.78
CA GLY C 342 29.35 -1.01 9.53
C GLY C 342 30.84 -1.28 9.43
N SER C 343 31.34 -2.19 10.28
CA SER C 343 32.75 -2.56 10.20
C SER C 343 33.07 -3.20 8.85
N ILE C 344 32.16 -4.03 8.34
CA ILE C 344 32.34 -4.60 7.01
C ILE C 344 32.33 -3.50 5.95
N LEU C 345 31.36 -2.57 6.06
CA LEU C 345 31.22 -1.53 5.06
C LEU C 345 32.45 -0.63 5.04
N ALA C 346 32.92 -0.19 6.20
CA ALA C 346 34.09 0.67 6.25
C ALA C 346 35.36 -0.04 5.80
N SER C 347 35.37 -1.37 5.82
CA SER C 347 36.53 -2.12 5.37
C SER C 347 36.60 -2.26 3.87
N LEU C 348 35.50 -1.99 3.16
CA LEU C 348 35.48 -2.16 1.72
C LEU C 348 36.28 -1.07 1.02
N SER C 349 37.07 -1.47 0.02
CA SER C 349 37.86 -0.50 -0.73
C SER C 349 36.98 0.46 -1.52
N THR C 350 35.84 -0.02 -2.02
CA THR C 350 34.92 0.84 -2.76
C THR C 350 34.19 1.83 -1.87
N PHE C 351 34.27 1.67 -0.55
CA PHE C 351 33.55 2.56 0.36
C PHE C 351 34.17 3.95 0.42
N GLN C 352 35.43 4.09 0.04
CA GLN C 352 36.14 5.35 0.25
C GLN C 352 35.55 6.51 -0.55
N GLN C 353 34.76 6.22 -1.59
CA GLN C 353 34.21 7.30 -2.41
C GLN C 353 33.19 8.15 -1.68
N MET C 354 32.23 7.54 -0.97
CA MET C 354 31.18 8.31 -0.32
C MET C 354 31.59 8.89 1.03
N TRP C 355 32.90 9.00 1.30
CA TRP C 355 33.35 9.82 2.42
C TRP C 355 33.01 11.28 2.16
N ILE C 356 32.75 12.01 3.23
CA ILE C 356 32.49 13.45 3.17
C ILE C 356 33.53 14.17 4.01
N SER C 357 34.31 15.02 3.36
CA SER C 357 35.39 15.73 4.04
C SER C 357 34.86 16.96 4.77
N LYS C 358 35.63 17.43 5.74
CA LYS C 358 35.24 18.61 6.50
C LYS C 358 35.22 19.85 5.61
N GLN C 359 36.22 19.97 4.72
CA GLN C 359 36.29 21.13 3.83
C GLN C 359 35.07 21.19 2.92
N GLU C 360 34.65 20.05 2.37
CA GLU C 360 33.48 20.03 1.49
C GLU C 360 32.23 20.46 2.25
N TYR C 361 32.05 19.98 3.47
CA TYR C 361 30.89 20.38 4.27
C TYR C 361 30.95 21.87 4.60
N ASP C 362 32.14 22.39 4.91
CA ASP C 362 32.26 23.78 5.30
C ASP C 362 31.91 24.72 4.15
N GLU C 363 32.05 24.26 2.90
CA GLU C 363 31.78 25.10 1.75
C GLU C 363 30.46 24.79 1.07
N SER C 364 29.85 23.64 1.35
CA SER C 364 28.59 23.27 0.74
C SER C 364 27.46 23.09 1.74
N GLY C 365 27.72 22.47 2.88
CA GLY C 365 26.75 22.41 3.95
C GLY C 365 25.87 21.17 3.91
N PRO C 366 24.61 21.33 4.35
CA PRO C 366 23.71 20.18 4.47
C PRO C 366 23.40 19.47 3.15
N SER C 367 23.48 20.17 2.02
CA SER C 367 23.02 19.59 0.76
C SER C 367 23.80 18.33 0.40
N ILE C 368 25.11 18.35 0.59
CA ILE C 368 25.92 17.17 0.28
C ILE C 368 25.74 16.04 1.28
N VAL C 369 25.06 16.30 2.39
CA VAL C 369 24.88 15.28 3.42
C VAL C 369 23.64 14.46 3.11
N HIS C 370 22.53 15.14 2.79
CA HIS C 370 21.31 14.44 2.42
C HIS C 370 21.47 13.71 1.10
N ARG C 371 22.13 14.33 0.13
CA ARG C 371 22.58 13.59 -1.04
C ARG C 371 23.72 12.67 -0.64
N LYS C 372 24.06 11.75 -1.55
CA LYS C 372 25.02 10.67 -1.35
C LYS C 372 24.50 9.62 -0.38
N CYS C 373 23.32 9.83 0.19
CA CYS C 373 22.69 8.82 1.02
C CYS C 373 22.19 7.67 0.16
N PHE C 374 22.91 6.55 0.21
CA PHE C 374 22.62 5.40 -0.64
C PHE C 374 21.26 4.81 -0.29
N ALA D 5 -42.10 11.56 -1.35
CA ALA D 5 -40.90 12.02 -0.66
C ALA D 5 -39.78 10.99 -0.78
N ALA D 6 -39.10 11.01 -1.93
CA ALA D 6 -38.03 10.06 -2.17
C ALA D 6 -36.80 10.40 -1.32
N LEU D 7 -36.01 9.37 -1.02
CA LEU D 7 -34.80 9.51 -0.23
C LEU D 7 -33.57 9.39 -1.12
N VAL D 8 -32.65 10.32 -0.96
CA VAL D 8 -31.39 10.33 -1.70
C VAL D 8 -30.29 9.91 -0.75
N VAL D 9 -29.68 8.77 -1.02
CA VAL D 9 -28.62 8.22 -0.19
C VAL D 9 -27.37 8.08 -1.06
N ASP D 10 -26.30 8.78 -0.67
CA ASP D 10 -25.01 8.71 -1.35
C ASP D 10 -24.01 8.15 -0.36
N ASN D 11 -23.68 6.86 -0.51
CA ASN D 11 -22.76 6.17 0.39
C ASN D 11 -21.39 6.10 -0.25
N GLY D 12 -20.39 6.67 0.42
CA GLY D 12 -19.02 6.65 -0.04
C GLY D 12 -18.13 5.84 0.89
N SER D 13 -16.83 5.88 0.58
CA SER D 13 -15.86 5.12 1.36
C SER D 13 -15.76 5.65 2.79
N GLY D 14 -15.60 6.96 2.94
CA GLY D 14 -15.46 7.57 4.24
C GLY D 14 -16.65 8.40 4.65
N MET D 15 -17.28 9.06 3.69
CA MET D 15 -18.41 9.94 3.97
C MET D 15 -19.70 9.29 3.48
N CYS D 16 -20.77 9.50 4.24
CA CYS D 16 -22.10 9.05 3.86
C CYS D 16 -23.04 10.24 3.91
N LYS D 17 -23.71 10.53 2.80
CA LYS D 17 -24.60 11.66 2.69
C LYS D 17 -26.02 11.18 2.43
N ALA D 18 -26.98 11.73 3.18
CA ALA D 18 -28.38 11.36 3.04
C ALA D 18 -29.24 12.61 3.12
N GLY D 19 -30.45 12.48 2.59
CA GLY D 19 -31.37 13.59 2.60
C GLY D 19 -32.64 13.25 1.85
N PHE D 20 -33.38 14.29 1.47
CA PHE D 20 -34.66 14.14 0.79
C PHE D 20 -34.58 14.77 -0.60
N ALA D 21 -35.31 14.17 -1.53
CA ALA D 21 -35.32 14.66 -2.91
C ALA D 21 -35.86 16.08 -2.97
N GLY D 22 -35.22 16.92 -3.78
CA GLY D 22 -35.58 18.31 -3.93
C GLY D 22 -34.84 19.24 -3.00
N ASP D 23 -34.22 18.72 -1.94
CA ASP D 23 -33.46 19.53 -1.02
C ASP D 23 -32.13 19.96 -1.64
N ASP D 24 -31.69 21.17 -1.30
CA ASP D 24 -30.47 21.71 -1.86
C ASP D 24 -29.21 21.09 -1.26
N ALA D 25 -29.26 20.67 -0.01
CA ALA D 25 -28.11 20.09 0.66
C ALA D 25 -28.55 18.84 1.41
N PRO D 26 -27.64 17.86 1.57
CA PRO D 26 -28.00 16.66 2.34
C PRO D 26 -28.35 17.02 3.78
N ARG D 27 -29.37 16.35 4.31
CA ARG D 27 -29.79 16.62 5.68
C ARG D 27 -28.86 15.98 6.69
N ALA D 28 -28.35 14.78 6.39
CA ALA D 28 -27.50 14.04 7.31
C ALA D 28 -26.20 13.66 6.60
N VAL D 29 -25.07 14.11 7.15
CA VAL D 29 -23.75 13.75 6.67
C VAL D 29 -22.95 13.28 7.88
N PHE D 30 -22.54 12.02 7.88
CA PHE D 30 -21.84 11.43 9.00
C PHE D 30 -20.73 10.53 8.48
N PRO D 31 -19.65 10.35 9.25
CA PRO D 31 -18.58 9.46 8.82
C PRO D 31 -19.06 8.02 8.68
N SER D 32 -18.52 7.32 7.68
CA SER D 32 -18.87 5.93 7.44
C SER D 32 -17.90 5.01 8.19
N ILE D 33 -18.04 5.01 9.50
CA ILE D 33 -17.17 4.24 10.38
C ILE D 33 -18.03 3.48 11.38
N VAL D 34 -17.48 2.35 11.86
CA VAL D 34 -18.11 1.55 12.91
C VAL D 34 -17.07 1.36 14.00
N GLY D 35 -17.38 1.84 15.20
CA GLY D 35 -16.47 1.79 16.33
C GLY D 35 -16.90 0.72 17.32
N ARG D 36 -15.91 0.00 17.86
CA ARG D 36 -16.15 -1.00 18.87
C ARG D 36 -15.19 -0.80 20.04
N PRO D 37 -15.63 -1.05 21.26
CA PRO D 37 -14.75 -0.85 22.43
C PRO D 37 -13.53 -1.75 22.36
N ARG D 38 -12.40 -1.22 22.81
CA ARG D 38 -11.16 -1.97 22.89
C ARG D 38 -10.70 -2.19 24.32
N HIS D 39 -11.44 -1.69 25.30
CA HIS D 39 -11.12 -1.84 26.71
C HIS D 39 -12.23 -2.60 27.40
N GLN D 40 -12.14 -2.69 28.73
CA GLN D 40 -13.10 -3.42 29.54
C GLN D 40 -13.90 -2.44 30.39
N GLY D 41 -15.23 -2.52 30.27
CA GLY D 41 -16.08 -1.68 31.09
C GLY D 41 -16.06 -2.12 32.55
N VAL D 42 -15.95 -1.15 33.44
CA VAL D 42 -15.87 -1.42 34.86
C VAL D 42 -17.04 -0.84 35.64
N MET D 43 -17.83 0.05 35.06
CA MET D 43 -18.95 0.68 35.74
C MET D 43 -20.25 -0.01 35.33
N VAL D 44 -21.03 -0.44 36.32
CA VAL D 44 -22.29 -1.12 36.06
C VAL D 44 -23.37 -0.12 35.71
N LYS D 49 -24.37 -1.36 24.61
CA LYS D 49 -23.98 -0.98 23.26
C LYS D 49 -22.59 -1.49 22.92
N ASP D 50 -22.53 -2.51 22.07
CA ASP D 50 -21.27 -3.13 21.69
C ASP D 50 -20.66 -2.52 20.43
N SER D 51 -21.33 -1.57 19.79
CA SER D 51 -20.80 -0.94 18.59
C SER D 51 -21.36 0.46 18.46
N TYR D 52 -20.57 1.33 17.85
CA TYR D 52 -20.96 2.72 17.59
C TYR D 52 -20.70 3.04 16.13
N VAL D 53 -21.65 3.75 15.52
CA VAL D 53 -21.61 4.04 14.09
C VAL D 53 -21.78 5.55 13.88
N GLY D 54 -20.85 6.14 13.15
CA GLY D 54 -21.01 7.52 12.73
C GLY D 54 -20.52 8.51 13.77
N ASP D 55 -21.30 9.57 13.98
CA ASP D 55 -20.86 10.66 14.86
C ASP D 55 -20.67 10.20 16.30
N GLU D 56 -21.56 9.35 16.79
CA GLU D 56 -21.39 8.83 18.15
C GLU D 56 -20.09 8.05 18.29
N ALA D 57 -19.70 7.31 17.26
CA ALA D 57 -18.39 6.67 17.28
C ALA D 57 -17.27 7.69 17.30
N GLN D 58 -17.40 8.78 16.55
CA GLN D 58 -16.39 9.83 16.57
C GLN D 58 -16.28 10.49 17.95
N SER D 59 -17.40 10.75 18.60
CA SER D 59 -17.37 11.38 19.92
C SER D 59 -16.71 10.49 20.97
N LYS D 60 -16.83 9.17 20.82
CA LYS D 60 -16.30 8.22 21.78
C LYS D 60 -15.07 7.49 21.24
N ARG D 61 -14.44 8.02 20.20
CA ARG D 61 -13.34 7.34 19.52
C ARG D 61 -12.14 7.08 20.44
N GLY D 62 -12.03 7.81 21.55
CA GLY D 62 -10.92 7.60 22.46
C GLY D 62 -10.86 6.20 23.05
N ILE D 63 -12.00 5.53 23.16
CA ILE D 63 -12.06 4.17 23.70
C ILE D 63 -12.62 3.18 22.69
N LEU D 64 -12.64 3.54 21.41
CA LEU D 64 -13.18 2.69 20.36
C LEU D 64 -12.13 2.42 19.30
N THR D 65 -12.30 1.29 18.61
CA THR D 65 -11.48 0.93 17.46
C THR D 65 -12.28 1.22 16.21
N LEU D 66 -11.89 2.28 15.48
CA LEU D 66 -12.65 2.72 14.32
C LEU D 66 -12.26 1.90 13.10
N LYS D 67 -13.27 1.37 12.41
CA LYS D 67 -13.07 0.57 11.20
C LYS D 67 -13.98 1.09 10.10
N TYR D 68 -13.44 1.15 8.89
CA TYR D 68 -14.21 1.56 7.72
C TYR D 68 -14.81 0.34 7.06
N PRO D 69 -16.14 0.20 7.00
CA PRO D 69 -16.74 -0.95 6.31
C PRO D 69 -16.42 -0.99 4.83
N ILE D 70 -16.09 0.14 4.22
CA ILE D 70 -15.75 0.21 2.81
C ILE D 70 -14.28 0.61 2.69
N GLU D 71 -13.52 -0.17 1.92
CA GLU D 71 -12.12 0.14 1.69
C GLU D 71 -11.81 0.09 0.20
N HIC D 72 -11.31 1.22 -0.32
CA HIC D 72 -11.04 1.36 -1.75
C HIC D 72 -12.29 1.08 -2.58
O HIC D 72 -12.23 0.39 -3.60
CB HIC D 72 -9.90 0.45 -2.19
CG HIC D 72 -8.58 0.87 -1.67
ND1 HIC D 72 -8.05 2.11 -1.91
CD2 HIC D 72 -7.69 0.15 -0.90
CE1 HIC D 72 -6.89 2.14 -1.30
NE2 HIC D 72 -6.62 0.97 -0.67
CZ HIC D 72 -5.45 0.66 0.10
N GLY D 73 -13.42 1.60 -2.12
CA GLY D 73 -14.68 1.41 -2.82
C GLY D 73 -15.17 -0.02 -2.81
N ILE D 74 -14.66 -0.81 -1.86
CA ILE D 74 -15.00 -2.21 -1.72
C ILE D 74 -15.55 -2.43 -0.32
N VAL D 75 -16.71 -3.07 -0.23
CA VAL D 75 -17.34 -3.33 1.06
C VAL D 75 -16.62 -4.50 1.71
N THR D 76 -15.79 -4.20 2.72
CA THR D 76 -15.04 -5.23 3.42
C THR D 76 -15.88 -5.96 4.47
N ASN D 77 -17.01 -5.39 4.88
CA ASN D 77 -17.86 -6.03 5.88
C ASN D 77 -19.29 -5.55 5.66
N TRP D 78 -20.13 -6.43 5.10
CA TRP D 78 -21.52 -6.09 4.86
C TRP D 78 -22.31 -5.95 6.15
N ASP D 79 -21.93 -6.66 7.22
CA ASP D 79 -22.63 -6.53 8.49
C ASP D 79 -22.49 -5.12 9.04
N ASP D 80 -21.27 -4.58 9.07
CA ASP D 80 -21.08 -3.20 9.48
C ASP D 80 -21.72 -2.23 8.50
N MET D 81 -21.74 -2.60 7.22
CA MET D 81 -22.34 -1.72 6.22
C MET D 81 -23.84 -1.55 6.48
N GLU D 82 -24.52 -2.65 6.82
CA GLU D 82 -25.93 -2.56 7.18
C GLU D 82 -26.15 -1.67 8.39
N LYS D 83 -25.19 -1.63 9.32
CA LYS D 83 -25.27 -0.70 10.44
C LYS D 83 -25.30 0.74 9.94
N ILE D 84 -24.50 1.04 8.92
CA ILE D 84 -24.49 2.39 8.37
C ILE D 84 -25.86 2.76 7.83
N TRP D 85 -26.46 1.88 7.02
CA TRP D 85 -27.77 2.17 6.46
C TRP D 85 -28.83 2.22 7.57
N HIS D 86 -28.75 1.31 8.53
CA HIS D 86 -29.70 1.34 9.65
C HIS D 86 -29.57 2.63 10.45
N HIS D 87 -28.33 3.04 10.74
CA HIS D 87 -28.11 4.32 11.40
C HIS D 87 -28.59 5.48 10.53
N THR D 88 -28.47 5.35 9.21
CA THR D 88 -28.90 6.41 8.31
C THR D 88 -30.41 6.60 8.37
N PHE D 89 -31.16 5.50 8.22
CA PHE D 89 -32.61 5.61 8.14
C PHE D 89 -33.24 6.00 9.47
N TYR D 90 -32.85 5.33 10.55
CA TYR D 90 -33.54 5.48 11.83
C TYR D 90 -32.93 6.55 12.72
N ASN D 91 -31.60 6.66 12.77
CA ASN D 91 -30.97 7.61 13.66
C ASN D 91 -30.77 8.98 13.01
N GLU D 92 -30.25 9.00 11.79
CA GLU D 92 -29.97 10.27 11.12
C GLU D 92 -31.23 10.86 10.50
N LEU D 93 -31.83 10.14 9.54
CA LEU D 93 -33.01 10.64 8.87
C LEU D 93 -34.26 10.54 9.75
N ARG D 94 -34.28 9.56 10.67
CA ARG D 94 -35.42 9.33 11.55
C ARG D 94 -36.71 9.14 10.76
N VAL D 95 -36.63 8.36 9.68
CA VAL D 95 -37.76 8.07 8.83
C VAL D 95 -37.83 6.56 8.61
N ALA D 96 -39.01 6.10 8.19
CA ALA D 96 -39.22 4.69 7.94
C ALA D 96 -38.73 4.34 6.54
N PRO D 97 -37.78 3.41 6.39
CA PRO D 97 -37.30 3.06 5.05
C PRO D 97 -38.37 2.44 4.17
N GLU D 98 -39.42 1.86 4.75
CA GLU D 98 -40.46 1.21 3.97
C GLU D 98 -41.52 2.18 3.44
N GLU D 99 -41.45 3.45 3.81
CA GLU D 99 -42.45 4.43 3.40
C GLU D 99 -41.96 5.41 2.35
N HIS D 100 -40.68 5.38 1.99
CA HIS D 100 -40.12 6.33 1.05
C HIS D 100 -39.25 5.60 0.04
N PRO D 101 -39.37 5.91 -1.25
CA PRO D 101 -38.42 5.37 -2.23
C PRO D 101 -37.03 5.90 -1.98
N VAL D 102 -36.03 5.09 -2.29
CA VAL D 102 -34.63 5.40 -2.02
C VAL D 102 -33.86 5.37 -3.33
N LEU D 103 -33.08 6.42 -3.57
CA LEU D 103 -32.19 6.49 -4.72
C LEU D 103 -30.77 6.28 -4.23
N LEU D 104 -30.07 5.32 -4.83
CA LEU D 104 -28.74 4.94 -4.41
C LEU D 104 -27.72 5.29 -5.48
N THR D 105 -26.49 5.54 -5.04
CA THR D 105 -25.39 5.88 -5.92
C THR D 105 -24.34 4.78 -5.86
N GLU D 106 -23.76 4.46 -7.01
CA GLU D 106 -22.73 3.43 -7.10
C GLU D 106 -21.53 3.96 -7.87
N ALA D 107 -20.37 3.41 -7.54
CA ALA D 107 -19.14 3.83 -8.20
C ALA D 107 -19.15 3.40 -9.66
N PRO D 108 -18.42 4.13 -10.52
CA PRO D 108 -18.36 3.75 -11.94
C PRO D 108 -17.77 2.36 -12.10
N LEU D 109 -18.26 1.65 -13.12
CA LEU D 109 -17.87 0.26 -13.39
C LEU D 109 -18.10 -0.62 -12.16
N ASN D 110 -19.23 -0.41 -11.50
CA ASN D 110 -19.55 -1.16 -10.31
C ASN D 110 -19.72 -2.65 -10.64
N PRO D 111 -19.12 -3.55 -9.87
CA PRO D 111 -19.33 -4.98 -10.12
C PRO D 111 -20.79 -5.36 -9.94
N LYS D 112 -21.22 -6.36 -10.71
CA LYS D 112 -22.63 -6.76 -10.67
C LYS D 112 -23.01 -7.32 -9.31
N ALA D 113 -22.13 -8.09 -8.68
CA ALA D 113 -22.43 -8.65 -7.37
C ALA D 113 -22.61 -7.57 -6.33
N ASN D 114 -21.80 -6.50 -6.40
CA ASN D 114 -21.92 -5.43 -5.41
C ASN D 114 -23.28 -4.75 -5.48
N ARG D 115 -23.79 -4.51 -6.69
CA ARG D 115 -25.11 -3.92 -6.83
C ARG D 115 -26.19 -4.87 -6.32
N GLU D 116 -26.04 -6.17 -6.59
CA GLU D 116 -27.04 -7.14 -6.17
C GLU D 116 -27.18 -7.17 -4.65
N LYS D 117 -26.06 -7.18 -3.94
CA LYS D 117 -26.11 -7.15 -2.48
C LYS D 117 -26.76 -5.86 -1.99
N MET D 118 -26.42 -4.73 -2.60
CA MET D 118 -27.09 -3.49 -2.28
C MET D 118 -28.57 -3.56 -2.63
N THR D 119 -28.89 -4.14 -3.79
CA THR D 119 -30.29 -4.30 -4.17
C THR D 119 -31.03 -5.21 -3.21
N GLN D 120 -30.41 -6.34 -2.83
CA GLN D 120 -31.08 -7.30 -1.96
C GLN D 120 -31.39 -6.70 -0.60
N ILE D 121 -30.44 -5.96 -0.02
CA ILE D 121 -30.59 -5.50 1.35
C ILE D 121 -31.68 -4.43 1.45
N MET D 122 -31.85 -3.61 0.41
CA MET D 122 -32.90 -2.60 0.44
C MET D 122 -34.28 -3.23 0.45
N PHE D 123 -34.52 -4.21 -0.40
CA PHE D 123 -35.85 -4.77 -0.59
C PHE D 123 -36.23 -5.80 0.46
N GLU D 124 -35.26 -6.57 0.96
CA GLU D 124 -35.55 -7.63 1.91
C GLU D 124 -35.41 -7.20 3.37
N THR D 125 -34.39 -6.41 3.69
CA THR D 125 -34.19 -6.00 5.07
C THR D 125 -34.97 -4.74 5.41
N PHE D 126 -34.74 -3.66 4.66
CA PHE D 126 -35.42 -2.40 4.92
C PHE D 126 -36.79 -2.33 4.25
N ASN D 127 -37.09 -3.24 3.32
CA ASN D 127 -38.41 -3.33 2.69
C ASN D 127 -38.83 -2.01 2.06
N THR D 128 -37.91 -1.38 1.34
CA THR D 128 -38.21 -0.13 0.68
C THR D 128 -39.24 -0.36 -0.44
N PRO D 129 -40.18 0.56 -0.63
CA PRO D 129 -41.20 0.38 -1.68
C PRO D 129 -40.61 0.48 -3.07
N ALA D 130 -39.80 1.49 -3.32
CA ALA D 130 -39.16 1.70 -4.62
C ALA D 130 -37.70 2.03 -4.41
N MET D 131 -36.90 1.74 -5.43
CA MET D 131 -35.45 1.92 -5.33
C MET D 131 -34.88 2.09 -6.73
N TYR D 132 -33.79 2.85 -6.81
CA TYR D 132 -33.07 3.03 -8.06
C TYR D 132 -31.61 3.27 -7.76
N VAL D 133 -30.74 2.81 -8.65
CA VAL D 133 -29.29 2.94 -8.53
C VAL D 133 -28.79 3.78 -9.69
N ALA D 134 -27.97 4.79 -9.39
CA ALA D 134 -27.43 5.68 -10.39
C ALA D 134 -25.92 5.77 -10.27
N ILE D 135 -25.27 6.09 -11.39
CA ILE D 135 -23.82 6.29 -11.41
C ILE D 135 -23.49 7.59 -10.71
N GLN D 136 -22.51 7.55 -9.80
CA GLN D 136 -22.10 8.75 -9.10
C GLN D 136 -21.58 9.80 -10.06
N ALA D 137 -20.83 9.37 -11.08
CA ALA D 137 -20.26 10.31 -12.04
C ALA D 137 -21.36 11.06 -12.80
N VAL D 138 -22.40 10.35 -13.22
CA VAL D 138 -23.48 10.98 -13.97
C VAL D 138 -24.18 12.04 -13.13
N LEU D 139 -24.44 11.72 -11.86
CA LEU D 139 -25.11 12.67 -10.98
C LEU D 139 -24.30 13.95 -10.79
N SER D 140 -22.97 13.83 -10.80
CA SER D 140 -22.14 15.03 -10.71
C SER D 140 -22.35 15.94 -11.92
N LEU D 141 -22.44 15.33 -13.11
CA LEU D 141 -22.74 16.13 -14.31
C LEU D 141 -24.14 16.72 -14.26
N TYR D 142 -25.08 16.03 -13.59
CA TYR D 142 -26.41 16.59 -13.42
C TYR D 142 -26.35 17.90 -12.63
N ALA D 143 -25.58 17.92 -11.55
CA ALA D 143 -25.48 19.13 -10.74
C ALA D 143 -24.87 20.28 -11.52
N SER D 144 -23.84 19.99 -12.32
CA SER D 144 -23.23 21.01 -13.15
C SER D 144 -24.13 21.49 -14.27
N GLY D 145 -25.23 20.79 -14.53
CA GLY D 145 -26.12 21.17 -15.62
C GLY D 145 -25.49 21.02 -16.98
N ARG D 146 -24.72 19.95 -17.19
CA ARG D 146 -24.04 19.72 -18.45
C ARG D 146 -24.40 18.34 -18.98
N THR D 147 -24.44 18.22 -20.31
CA THR D 147 -24.71 16.95 -20.95
C THR D 147 -23.45 16.30 -21.53
N THR D 148 -22.35 17.03 -21.60
CA THR D 148 -21.12 16.53 -22.18
C THR D 148 -19.94 16.98 -21.32
N GLY D 149 -19.04 16.07 -21.03
CA GLY D 149 -17.85 16.39 -20.27
C GLY D 149 -17.31 15.19 -19.54
N ILE D 150 -16.05 15.30 -19.13
CA ILE D 150 -15.39 14.27 -18.35
C ILE D 150 -15.38 14.71 -16.89
N VAL D 151 -15.85 13.84 -16.01
CA VAL D 151 -15.93 14.12 -14.58
C VAL D 151 -14.89 13.25 -13.88
N MET D 152 -14.06 13.89 -13.06
CA MET D 152 -13.11 13.18 -12.21
C MET D 152 -13.72 13.16 -10.81
N ASP D 153 -13.61 12.01 -10.14
CA ASP D 153 -14.29 11.79 -8.87
C ASP D 153 -13.31 11.15 -7.90
N SER D 154 -12.68 11.98 -7.07
CA SER D 154 -11.77 11.52 -6.03
C SER D 154 -12.45 11.70 -4.69
N GLY D 155 -12.73 10.59 -4.01
CA GLY D 155 -13.36 10.65 -2.71
C GLY D 155 -12.44 10.20 -1.60
N ASP D 156 -12.88 9.22 -0.80
CA ASP D 156 -12.06 8.70 0.27
C ASP D 156 -11.31 7.43 -0.11
N GLY D 157 -11.87 6.59 -0.98
CA GLY D 157 -11.24 5.33 -1.30
C GLY D 157 -10.62 5.23 -2.68
N VAL D 158 -11.29 5.76 -3.70
CA VAL D 158 -10.89 5.55 -5.08
C VAL D 158 -11.15 6.81 -5.88
N THR D 159 -10.25 7.11 -6.82
CA THR D 159 -10.41 8.21 -7.75
C THR D 159 -10.79 7.67 -9.11
N HIS D 160 -11.83 8.24 -9.72
CA HIS D 160 -12.33 7.80 -11.01
C HIS D 160 -12.36 8.95 -11.99
N THR D 161 -12.22 8.63 -13.27
CA THR D 161 -12.33 9.59 -14.36
C THR D 161 -13.30 9.03 -15.40
N VAL D 162 -14.45 9.69 -15.55
CA VAL D 162 -15.49 9.19 -16.44
C VAL D 162 -15.84 10.25 -17.48
N PRO D 163 -15.58 9.99 -18.76
CA PRO D 163 -16.01 10.94 -19.81
C PRO D 163 -17.42 10.61 -20.30
N ILE D 164 -18.23 11.65 -20.46
CA ILE D 164 -19.60 11.51 -20.95
C ILE D 164 -19.81 12.52 -22.07
N TYR D 165 -20.35 12.06 -23.19
CA TYR D 165 -20.60 12.90 -24.35
C TYR D 165 -22.08 12.82 -24.72
N GLU D 166 -22.77 13.96 -24.61
CA GLU D 166 -24.18 14.06 -25.02
C GLU D 166 -25.04 13.01 -24.34
N GLY D 167 -24.77 12.74 -23.07
CA GLY D 167 -25.50 11.74 -22.34
C GLY D 167 -25.05 10.32 -22.57
N TYR D 168 -24.02 10.09 -23.39
CA TYR D 168 -23.50 8.77 -23.67
C TYR D 168 -22.19 8.57 -22.92
N ALA D 169 -22.11 7.50 -22.14
CA ALA D 169 -20.89 7.16 -21.43
C ALA D 169 -20.01 6.26 -22.30
N LEU D 170 -18.71 6.24 -21.95
CA LEU D 170 -17.72 5.44 -22.67
C LEU D 170 -17.00 4.57 -21.65
N PRO D 171 -17.56 3.41 -21.32
CA PRO D 171 -16.94 2.56 -20.29
C PRO D 171 -15.51 2.16 -20.60
N HIS D 172 -15.19 1.95 -21.88
CA HIS D 172 -13.81 1.60 -22.24
C HIS D 172 -12.82 2.70 -21.90
N ALA D 173 -13.27 3.95 -21.87
CA ALA D 173 -12.40 5.08 -21.57
C ALA D 173 -12.39 5.44 -20.09
N ILE D 174 -13.09 4.69 -19.26
CA ILE D 174 -13.12 4.97 -17.83
C ILE D 174 -11.83 4.48 -17.20
N LEU D 175 -11.17 5.35 -16.44
CA LEU D 175 -9.93 5.02 -15.77
C LEU D 175 -10.12 5.11 -14.26
N ARG D 176 -9.44 4.22 -13.54
CA ARG D 176 -9.54 4.15 -12.09
C ARG D 176 -8.17 4.38 -11.48
N LEU D 177 -8.12 5.18 -10.41
CA LEU D 177 -6.90 5.45 -9.68
C LEU D 177 -7.11 5.07 -8.22
N ASP D 178 -6.26 4.18 -7.71
CA ASP D 178 -6.34 3.73 -6.33
C ASP D 178 -5.60 4.69 -5.40
N LEU D 179 -6.10 5.92 -5.35
CA LEU D 179 -5.49 6.98 -4.56
C LEU D 179 -6.55 8.01 -4.25
N ALA D 180 -6.84 8.23 -2.97
CA ALA D 180 -7.90 9.13 -2.57
C ALA D 180 -7.54 9.74 -1.22
N GLY D 181 -8.55 10.30 -0.54
CA GLY D 181 -8.29 11.04 0.69
C GLY D 181 -7.68 10.18 1.79
N ARG D 182 -8.15 8.93 1.91
CA ARG D 182 -7.61 8.05 2.94
C ARG D 182 -6.13 7.80 2.73
N ASP D 183 -5.72 7.59 1.47
CA ASP D 183 -4.31 7.42 1.17
C ASP D 183 -3.50 8.67 1.51
N LEU D 184 -4.04 9.86 1.19
CA LEU D 184 -3.37 11.09 1.56
C LEU D 184 -3.29 11.23 3.07
N THR D 185 -4.35 10.85 3.78
CA THR D 185 -4.33 10.93 5.25
C THR D 185 -3.22 10.06 5.83
N ASP D 186 -3.08 8.84 5.32
CA ASP D 186 -2.01 7.97 5.80
C ASP D 186 -0.64 8.54 5.46
N TYR D 187 -0.49 9.12 4.28
CA TYR D 187 0.77 9.76 3.91
C TYR D 187 1.08 10.92 4.86
N LEU D 188 0.05 11.63 5.31
CA LEU D 188 0.27 12.74 6.24
C LEU D 188 0.89 12.24 7.53
N MET D 189 0.45 11.08 8.02
CA MET D 189 1.07 10.50 9.21
C MET D 189 2.55 10.24 9.00
N LYS D 190 2.92 9.68 7.86
CA LYS D 190 4.29 9.28 7.63
C LYS D 190 5.23 10.47 7.64
N ILE D 191 4.81 11.59 7.03
CA ILE D 191 5.64 12.79 7.04
C ILE D 191 5.50 13.61 8.30
N LEU D 192 4.37 13.49 9.01
CA LEU D 192 4.23 14.17 10.30
C LEU D 192 5.17 13.60 11.35
N THR D 193 5.48 12.31 11.28
CA THR D 193 6.43 11.72 12.20
C THR D 193 7.81 12.33 12.04
N GLU D 194 8.16 12.77 10.82
CA GLU D 194 9.43 13.45 10.61
C GLU D 194 9.51 14.77 11.35
N ARG D 195 8.37 15.36 11.69
CA ARG D 195 8.33 16.59 12.47
C ARG D 195 8.30 16.32 13.97
N GLY D 196 8.36 15.05 14.39
CA GLY D 196 8.32 14.70 15.79
C GLY D 196 6.96 14.40 16.35
N TYR D 197 5.90 14.52 15.55
CA TYR D 197 4.54 14.26 16.00
C TYR D 197 4.17 12.81 15.68
N SER D 198 3.73 12.08 16.70
CA SER D 198 3.43 10.65 16.57
C SER D 198 1.93 10.46 16.56
N PHE D 199 1.38 10.03 15.42
CA PHE D 199 -0.02 9.65 15.30
C PHE D 199 -0.09 8.22 14.77
N THR D 200 -0.56 7.31 15.60
CA THR D 200 -0.60 5.91 15.21
C THR D 200 -1.98 5.28 15.38
N THR D 201 -2.75 5.70 16.37
CA THR D 201 -4.01 5.06 16.64
C THR D 201 -5.07 5.48 15.61
N THR D 202 -6.12 4.66 15.51
CA THR D 202 -7.21 4.96 14.58
C THR D 202 -7.94 6.24 14.97
N ALA D 203 -7.99 6.54 16.27
CA ALA D 203 -8.61 7.79 16.70
C ALA D 203 -7.85 9.00 16.16
N GLU D 204 -6.52 8.92 16.13
CA GLU D 204 -5.72 10.01 15.57
C GLU D 204 -5.91 10.14 14.07
N ARG D 205 -6.37 9.09 13.40
CA ARG D 205 -6.58 9.17 11.95
C ARG D 205 -7.61 10.23 11.60
N GLU D 206 -8.71 10.29 12.37
CA GLU D 206 -9.67 11.36 12.17
C GLU D 206 -9.06 12.73 12.47
N ILE D 207 -8.18 12.79 13.47
CA ILE D 207 -7.49 14.03 13.77
C ILE D 207 -6.57 14.43 12.62
N VAL D 208 -5.78 13.49 12.10
CA VAL D 208 -4.93 13.78 10.96
C VAL D 208 -5.78 14.17 9.76
N ARG D 209 -6.91 13.50 9.56
CA ARG D 209 -7.82 13.87 8.49
C ARG D 209 -8.35 15.29 8.68
N ASP D 210 -8.66 15.66 9.93
CA ASP D 210 -9.14 17.01 10.20
C ASP D 210 -8.09 18.05 9.86
N ILE D 211 -6.82 17.79 10.21
CA ILE D 211 -5.75 18.70 9.85
C ILE D 211 -5.63 18.80 8.34
N LYS D 212 -5.73 17.67 7.64
CA LYS D 212 -5.62 17.67 6.19
C LYS D 212 -6.73 18.50 5.56
N GLU D 213 -7.96 18.36 6.05
CA GLU D 213 -9.07 19.11 5.49
C GLU D 213 -9.02 20.60 5.80
N LYS D 214 -8.16 21.02 6.74
CA LYS D 214 -8.14 22.42 7.17
C LYS D 214 -6.87 23.16 6.77
N LEU D 215 -5.72 22.50 6.72
CA LEU D 215 -4.46 23.18 6.50
C LEU D 215 -3.75 22.77 5.21
N CYS D 216 -4.22 21.74 4.52
CA CYS D 216 -3.57 21.28 3.30
C CYS D 216 -4.07 22.06 2.09
N TYR D 217 -3.19 22.25 1.12
CA TYR D 217 -3.53 22.93 -0.12
C TYR D 217 -2.59 22.44 -1.22
N VAL D 218 -2.96 22.70 -2.46
CA VAL D 218 -2.19 22.28 -3.62
C VAL D 218 -1.37 23.46 -4.10
N ALA D 219 -0.05 23.27 -4.15
CA ALA D 219 0.84 24.32 -4.63
C ALA D 219 0.92 24.30 -6.16
N LEU D 220 0.86 25.50 -6.75
CA LEU D 220 0.96 25.59 -8.20
C LEU D 220 2.31 25.10 -8.71
N ASP D 221 3.38 25.48 -8.01
CA ASP D 221 4.73 25.01 -8.33
C ASP D 221 5.29 24.32 -7.10
N PHE D 222 5.48 23.01 -7.20
CA PHE D 222 5.85 22.21 -6.03
C PHE D 222 7.28 22.50 -5.58
N GLU D 223 8.22 22.54 -6.53
CA GLU D 223 9.61 22.82 -6.18
C GLU D 223 9.78 24.24 -5.66
N GLN D 224 9.12 25.20 -6.29
CA GLN D 224 9.19 26.59 -5.84
C GLN D 224 8.67 26.71 -4.41
N GLU D 225 7.58 25.99 -4.09
CA GLU D 225 7.02 26.05 -2.74
C GLU D 225 8.00 25.51 -1.71
N MET D 226 8.79 24.50 -2.09
CA MET D 226 9.83 24.00 -1.19
C MET D 226 10.87 25.07 -0.90
N ALA D 227 11.30 25.79 -1.94
CA ALA D 227 12.32 26.82 -1.76
C ALA D 227 11.81 27.95 -0.86
N THR D 228 10.56 28.35 -1.06
CA THR D 228 9.96 29.33 -0.16
C THR D 228 9.80 28.77 1.25
N ALA D 229 9.33 27.53 1.37
CA ALA D 229 9.15 26.92 2.69
C ALA D 229 10.46 26.65 3.39
N ALA D 230 11.55 26.48 2.66
CA ALA D 230 12.85 26.22 3.26
C ALA D 230 13.61 27.49 3.62
N SER D 231 13.07 28.66 3.27
CA SER D 231 13.75 29.93 3.54
C SER D 231 12.86 30.94 4.24
N SER D 232 11.65 30.55 4.64
CA SER D 232 10.73 31.48 5.30
C SER D 232 9.74 30.71 6.15
N SER D 233 9.10 31.43 7.07
CA SER D 233 8.08 30.86 7.95
C SER D 233 6.68 31.35 7.59
N SER D 234 6.52 31.93 6.40
CA SER D 234 5.20 32.43 6.00
C SER D 234 4.21 31.29 5.79
N LEU D 235 4.67 30.15 5.31
CA LEU D 235 3.82 29.00 5.07
C LEU D 235 3.61 28.14 6.32
N GLU D 236 3.83 28.71 7.51
CA GLU D 236 3.71 27.96 8.74
C GLU D 236 2.34 28.19 9.37
N LYS D 237 1.71 27.10 9.81
CA LYS D 237 0.40 27.17 10.44
C LYS D 237 0.40 26.29 11.68
N SER D 238 -0.48 26.62 12.61
CA SER D 238 -0.59 25.90 13.88
C SER D 238 -1.97 25.29 14.02
N TYR D 239 -2.02 24.06 14.52
CA TYR D 239 -3.26 23.34 14.74
C TYR D 239 -3.31 22.90 16.21
N GLU D 240 -4.51 22.96 16.79
CA GLU D 240 -4.72 22.61 18.18
C GLU D 240 -5.28 21.20 18.29
N LEU D 241 -4.59 20.35 19.04
CA LEU D 241 -5.09 19.01 19.29
C LEU D 241 -6.27 19.06 20.24
N PRO D 242 -7.09 18.01 20.27
CA PRO D 242 -8.23 17.99 21.22
C PRO D 242 -7.81 18.12 22.67
N ASP D 243 -6.60 17.68 23.02
CA ASP D 243 -6.10 17.81 24.38
C ASP D 243 -5.42 19.14 24.64
N GLY D 244 -5.59 20.13 23.76
CA GLY D 244 -5.04 21.44 23.96
C GLY D 244 -3.64 21.64 23.43
N GLN D 245 -2.92 20.57 23.12
CA GLN D 245 -1.59 20.70 22.55
C GLN D 245 -1.68 21.30 21.16
N VAL D 246 -0.72 22.17 20.83
CA VAL D 246 -0.68 22.86 19.56
C VAL D 246 0.50 22.32 18.76
N ILE D 247 0.21 21.85 17.55
CA ILE D 247 1.24 21.36 16.64
C ILE D 247 1.45 22.38 15.54
N THR D 248 2.63 22.32 14.93
CA THR D 248 3.02 23.27 13.89
C THR D 248 3.53 22.49 12.69
N ILE D 249 3.00 22.80 11.51
CA ILE D 249 3.37 22.13 10.27
C ILE D 249 3.80 23.18 9.25
N GLY D 250 4.80 22.84 8.45
CA GLY D 250 5.30 23.75 7.43
C GLY D 250 5.03 23.29 6.02
N ASN D 251 6.05 22.75 5.37
CA ASN D 251 5.92 22.28 3.99
C ASN D 251 4.95 21.12 3.85
N GLU D 252 4.61 20.43 4.94
CA GLU D 252 3.69 19.31 4.88
C GLU D 252 2.28 19.71 4.43
N ARG D 253 1.95 21.00 4.51
CA ARG D 253 0.62 21.44 4.08
C ARG D 253 0.39 21.13 2.60
N PHE D 254 1.39 21.41 1.76
CA PHE D 254 1.29 21.18 0.34
C PHE D 254 2.04 19.94 -0.14
N ARG D 255 2.82 19.30 0.74
CA ARG D 255 3.50 18.07 0.34
C ARG D 255 2.53 16.89 0.26
N CYS D 256 1.60 16.80 1.20
CA CYS D 256 0.62 15.71 1.19
C CYS D 256 -0.26 15.74 -0.05
N PRO D 257 -0.88 16.86 -0.45
CA PRO D 257 -1.70 16.83 -1.67
C PRO D 257 -0.89 16.58 -2.93
N GLU D 258 0.43 16.78 -2.90
CA GLU D 258 1.23 16.56 -4.10
C GLU D 258 1.24 15.09 -4.53
N ALA D 259 0.98 14.16 -3.61
CA ALA D 259 0.94 12.75 -3.97
C ALA D 259 -0.13 12.46 -5.02
N LEU D 260 -1.18 13.29 -5.10
CA LEU D 260 -2.16 13.13 -6.16
C LEU D 260 -1.54 13.33 -7.53
N PHE D 261 -0.59 14.28 -7.63
CA PHE D 261 0.10 14.52 -8.88
C PHE D 261 1.36 13.68 -9.04
N GLN D 262 1.95 13.23 -7.94
CA GLN D 262 3.17 12.44 -7.95
C GLN D 262 2.95 11.19 -7.11
N PRO D 263 2.34 10.15 -7.69
CA PRO D 263 2.11 8.92 -6.93
C PRO D 263 3.38 8.23 -6.48
N SER D 264 4.52 8.56 -7.08
CA SER D 264 5.79 7.98 -6.63
C SER D 264 6.10 8.32 -5.19
N PHE D 265 5.52 9.40 -4.66
CA PHE D 265 5.71 9.72 -3.25
C PHE D 265 5.23 8.59 -2.36
N LEU D 266 4.15 7.92 -2.73
CA LEU D 266 3.65 6.76 -2.02
C LEU D 266 4.24 5.46 -2.56
N GLY D 267 5.18 5.55 -3.51
CA GLY D 267 5.72 4.37 -4.12
C GLY D 267 4.82 3.71 -5.14
N MET D 268 3.84 4.43 -5.65
CA MET D 268 2.90 3.89 -6.63
C MET D 268 3.44 4.06 -8.04
N GLU D 269 3.36 3.00 -8.84
CA GLU D 269 3.79 3.03 -10.23
C GLU D 269 2.82 3.78 -11.13
N SER D 270 1.60 4.03 -10.67
CA SER D 270 0.59 4.68 -11.49
C SER D 270 0.95 6.15 -11.72
N ALA D 271 0.28 6.75 -12.69
CA ALA D 271 0.49 8.14 -13.04
C ALA D 271 -0.37 9.05 -12.17
N GLY D 272 -0.09 10.34 -12.24
CA GLY D 272 -0.82 11.31 -11.43
C GLY D 272 -2.24 11.51 -11.92
N ILE D 273 -2.99 12.27 -11.13
CA ILE D 273 -4.41 12.49 -11.42
C ILE D 273 -4.59 13.25 -12.73
N HIS D 274 -3.70 14.19 -13.04
CA HIS D 274 -3.86 14.97 -14.26
C HIS D 274 -3.61 14.13 -15.50
N GLU D 275 -2.56 13.30 -15.50
CA GLU D 275 -2.33 12.42 -16.64
C GLU D 275 -3.43 11.37 -16.78
N THR D 276 -3.95 10.85 -15.67
CA THR D 276 -5.05 9.90 -15.75
C THR D 276 -6.27 10.54 -16.39
N THR D 277 -6.57 11.78 -16.04
CA THR D 277 -7.61 12.52 -16.73
C THR D 277 -7.25 12.72 -18.20
N PHE D 278 -5.99 13.06 -18.47
CA PHE D 278 -5.55 13.22 -19.85
C PHE D 278 -5.61 11.91 -20.61
N ASN D 279 -5.18 10.81 -19.99
CA ASN D 279 -5.22 9.51 -20.66
C ASN D 279 -6.65 9.07 -20.92
N SER D 280 -7.56 9.34 -19.98
CA SER D 280 -8.96 9.00 -20.18
C SER D 280 -9.53 9.74 -21.38
N ILE D 281 -9.17 11.01 -21.54
CA ILE D 281 -9.61 11.78 -22.70
C ILE D 281 -9.00 11.19 -23.98
N MET D 282 -7.72 10.83 -23.92
CA MET D 282 -7.05 10.29 -25.11
C MET D 282 -7.64 8.96 -25.56
N LYS D 283 -8.21 8.18 -24.64
CA LYS D 283 -8.84 6.92 -25.01
C LYS D 283 -10.16 7.13 -25.74
N CYS D 284 -10.71 8.34 -25.73
CA CYS D 284 -11.98 8.61 -26.39
C CYS D 284 -11.74 8.88 -27.87
N ASP D 285 -12.83 9.10 -28.60
CA ASP D 285 -12.74 9.41 -30.01
C ASP D 285 -12.13 10.78 -30.22
N VAL D 286 -11.53 10.99 -31.40
CA VAL D 286 -10.87 12.26 -31.69
C VAL D 286 -11.88 13.40 -31.74
N ASP D 287 -13.04 13.17 -32.35
CA ASP D 287 -14.02 14.23 -32.55
C ASP D 287 -14.62 14.76 -31.26
N ILE D 288 -14.57 13.99 -30.17
CA ILE D 288 -15.20 14.38 -28.91
C ILE D 288 -14.20 14.93 -27.92
N ARG D 289 -12.90 14.89 -28.21
CA ARG D 289 -11.92 15.43 -27.30
C ARG D 289 -11.98 16.95 -27.21
N LYS D 290 -12.58 17.60 -28.21
CA LYS D 290 -12.78 19.04 -28.15
C LYS D 290 -13.58 19.44 -26.92
N ASP D 291 -14.73 18.82 -26.70
CA ASP D 291 -15.61 19.23 -25.62
C ASP D 291 -15.10 18.77 -24.26
N LEU D 292 -14.49 17.58 -24.19
CA LEU D 292 -14.02 17.06 -22.91
C LEU D 292 -12.95 17.94 -22.30
N TYR D 293 -12.08 18.53 -23.14
CA TYR D 293 -11.03 19.40 -22.61
C TYR D 293 -11.62 20.64 -21.95
N ALA D 294 -12.72 21.15 -22.48
CA ALA D 294 -13.34 22.35 -21.97
C ALA D 294 -14.45 22.07 -20.95
N ASN D 295 -14.67 20.82 -20.59
CA ASN D 295 -15.73 20.45 -19.66
C ASN D 295 -15.22 19.46 -18.63
N THR D 296 -14.08 19.76 -18.04
CA THR D 296 -13.54 18.95 -16.95
C THR D 296 -14.17 19.38 -15.64
N VAL D 297 -14.83 18.45 -14.96
CA VAL D 297 -15.59 18.74 -13.74
C VAL D 297 -14.95 17.99 -12.58
N LEU D 298 -14.75 18.68 -11.47
CA LEU D 298 -14.17 18.10 -10.27
C LEU D 298 -15.27 17.77 -9.27
N SER D 299 -15.17 16.59 -8.67
CA SER D 299 -16.15 16.15 -7.68
C SER D 299 -15.45 15.29 -6.63
N GLY D 300 -16.01 15.31 -5.42
CA GLY D 300 -15.47 14.57 -4.31
C GLY D 300 -14.75 15.48 -3.32
N GLY D 301 -14.71 15.00 -2.07
CA GLY D 301 -14.08 15.79 -1.01
C GLY D 301 -12.59 15.97 -1.20
N THR D 302 -11.95 15.06 -1.95
CA THR D 302 -10.52 15.17 -2.21
C THR D 302 -10.20 16.30 -3.17
N THR D 303 -11.20 16.93 -3.78
CA THR D 303 -11.01 18.04 -4.68
C THR D 303 -11.23 19.39 -4.01
N MET D 304 -11.31 19.42 -2.68
CA MET D 304 -11.58 20.64 -1.94
C MET D 304 -10.31 21.43 -1.61
N TYR D 305 -9.14 20.93 -1.97
CA TYR D 305 -7.90 21.62 -1.64
C TYR D 305 -7.83 22.95 -2.40
N PRO D 306 -7.45 24.03 -1.72
CA PRO D 306 -7.32 25.32 -2.42
C PRO D 306 -6.27 25.25 -3.51
N GLY D 307 -6.57 25.87 -4.65
CA GLY D 307 -5.63 25.91 -5.76
C GLY D 307 -5.52 24.64 -6.56
N ILE D 308 -6.34 23.62 -6.25
CA ILE D 308 -6.25 22.37 -6.98
C ILE D 308 -6.70 22.54 -8.43
N ALA D 309 -7.69 23.40 -8.69
CA ALA D 309 -8.16 23.59 -10.04
C ALA D 309 -7.11 24.26 -10.91
N ASP D 310 -6.43 25.27 -10.37
CA ASP D 310 -5.39 25.96 -11.14
C ASP D 310 -4.23 25.02 -11.44
N ARG D 311 -3.80 24.22 -10.45
CA ARG D 311 -2.76 23.25 -10.71
C ARG D 311 -3.24 22.18 -11.68
N MET D 312 -4.51 21.77 -11.57
CA MET D 312 -5.11 20.92 -12.59
C MET D 312 -4.97 21.54 -13.97
N GLN D 313 -5.37 22.80 -14.12
CA GLN D 313 -5.39 23.44 -15.43
C GLN D 313 -3.98 23.54 -16.02
N LYS D 314 -3.00 23.92 -15.19
CA LYS D 314 -1.64 24.06 -15.70
C LYS D 314 -1.08 22.73 -16.18
N GLU D 315 -1.32 21.66 -15.42
CA GLU D 315 -0.75 20.37 -15.78
C GLU D 315 -1.35 19.82 -17.07
N ILE D 316 -2.68 19.85 -17.19
CA ILE D 316 -3.32 19.31 -18.38
C ILE D 316 -2.97 20.16 -19.60
N THR D 317 -2.82 21.47 -19.41
CA THR D 317 -2.47 22.34 -20.53
C THR D 317 -1.12 21.94 -21.12
N ALA D 318 -0.15 21.60 -20.27
CA ALA D 318 1.15 21.16 -20.75
C ALA D 318 1.07 19.87 -21.55
N LEU D 319 0.07 19.04 -21.29
CA LEU D 319 -0.09 17.78 -22.02
C LEU D 319 -0.90 17.94 -23.29
N ALA D 320 -1.97 18.72 -23.23
CA ALA D 320 -2.84 18.91 -24.39
C ALA D 320 -2.15 19.78 -25.43
N PRO D 321 -2.56 19.66 -26.69
CA PRO D 321 -2.03 20.57 -27.73
C PRO D 321 -2.36 22.01 -27.41
N SER D 322 -1.48 22.91 -27.85
CA SER D 322 -1.63 24.33 -27.56
C SER D 322 -2.94 24.91 -28.08
N THR D 323 -3.47 24.35 -29.17
CA THR D 323 -4.75 24.81 -29.71
C THR D 323 -5.94 24.41 -28.84
N MET D 324 -5.73 23.54 -27.86
CA MET D 324 -6.81 23.05 -27.03
C MET D 324 -7.12 24.03 -25.91
N LYS D 325 -8.39 24.41 -25.80
CA LYS D 325 -8.84 25.31 -24.75
C LYS D 325 -9.31 24.46 -23.57
N ILE D 326 -8.66 24.65 -22.42
CA ILE D 326 -8.92 23.82 -21.25
C ILE D 326 -9.74 24.64 -20.24
N LYS D 327 -10.82 24.05 -19.76
CA LYS D 327 -11.63 24.65 -18.71
C LYS D 327 -11.81 23.63 -17.59
N ILE D 328 -11.44 24.02 -16.38
CA ILE D 328 -11.61 23.17 -15.21
C ILE D 328 -12.80 23.71 -14.41
N ILE D 329 -13.80 22.85 -14.19
CA ILE D 329 -15.02 23.23 -13.49
C ILE D 329 -14.94 22.68 -12.07
N ALA D 330 -14.85 23.57 -11.10
CA ALA D 330 -14.76 23.20 -9.69
C ALA D 330 -15.80 24.00 -8.92
N PRO D 331 -17.06 23.57 -8.94
CA PRO D 331 -18.10 24.30 -8.21
C PRO D 331 -17.81 24.27 -6.71
N PRO D 332 -18.21 25.31 -5.98
CA PRO D 332 -17.91 25.34 -4.54
C PRO D 332 -18.58 24.23 -3.76
N GLU D 333 -19.69 23.68 -4.25
CA GLU D 333 -20.43 22.65 -3.56
C GLU D 333 -20.13 21.26 -4.10
N ARG D 334 -19.02 21.10 -4.84
CA ARG D 334 -18.71 19.83 -5.48
C ARG D 334 -18.48 18.69 -4.49
N LYS D 335 -18.27 19.00 -3.21
CA LYS D 335 -18.19 17.94 -2.21
C LYS D 335 -19.48 17.14 -2.12
N TYR D 336 -20.61 17.72 -2.50
CA TYR D 336 -21.90 17.05 -2.46
C TYR D 336 -22.54 17.00 -3.85
N SER D 337 -21.73 17.05 -4.90
CA SER D 337 -22.27 17.05 -6.25
C SER D 337 -23.03 15.75 -6.54
N VAL D 338 -22.52 14.62 -6.04
CA VAL D 338 -23.19 13.35 -6.27
C VAL D 338 -24.57 13.35 -5.63
N TRP D 339 -24.66 13.82 -4.38
CA TRP D 339 -25.95 13.87 -3.71
C TRP D 339 -26.87 14.91 -4.34
N ILE D 340 -26.33 16.10 -4.64
CA ILE D 340 -27.16 17.18 -5.19
C ILE D 340 -27.73 16.77 -6.55
N GLY D 341 -26.90 16.18 -7.41
CA GLY D 341 -27.39 15.70 -8.68
C GLY D 341 -28.45 14.63 -8.53
N GLY D 342 -28.29 13.77 -7.52
CA GLY D 342 -29.31 12.77 -7.26
C GLY D 342 -30.62 13.39 -6.84
N SER D 343 -30.56 14.45 -6.03
CA SER D 343 -31.79 15.13 -5.61
C SER D 343 -32.53 15.72 -6.80
N ILE D 344 -31.81 16.34 -7.73
CA ILE D 344 -32.44 16.88 -8.94
C ILE D 344 -33.01 15.76 -9.79
N LEU D 345 -32.26 14.67 -9.97
CA LEU D 345 -32.73 13.57 -10.80
C LEU D 345 -33.96 12.92 -10.19
N ALA D 346 -33.97 12.74 -8.87
CA ALA D 346 -35.13 12.14 -8.21
C ALA D 346 -36.36 13.02 -8.30
N SER D 347 -36.19 14.33 -8.45
CA SER D 347 -37.31 15.26 -8.53
C SER D 347 -37.89 15.38 -9.92
N LEU D 348 -37.22 14.85 -10.95
CA LEU D 348 -37.70 15.00 -12.31
C LEU D 348 -38.97 14.18 -12.53
N SER D 349 -39.90 14.75 -13.29
CA SER D 349 -41.13 14.04 -13.63
C SER D 349 -40.85 12.81 -14.47
N THR D 350 -39.90 12.91 -15.41
CA THR D 350 -39.54 11.80 -16.28
C THR D 350 -38.69 10.74 -15.59
N PHE D 351 -38.57 10.81 -14.26
CA PHE D 351 -37.78 9.86 -13.49
C PHE D 351 -38.61 8.78 -12.84
N GLN D 352 -39.92 8.99 -12.68
CA GLN D 352 -40.77 8.02 -11.99
C GLN D 352 -40.76 6.65 -12.66
N GLN D 353 -40.51 6.59 -13.97
CA GLN D 353 -40.48 5.30 -14.66
C GLN D 353 -39.20 4.51 -14.38
N MET D 354 -38.13 5.15 -13.91
CA MET D 354 -36.93 4.44 -13.53
C MET D 354 -37.09 3.62 -12.25
N TRP D 355 -38.09 3.91 -11.43
CA TRP D 355 -38.23 3.23 -10.16
C TRP D 355 -38.51 1.75 -10.36
N ILE D 356 -37.97 0.94 -9.45
CA ILE D 356 -38.18 -0.50 -9.43
C ILE D 356 -38.93 -0.84 -8.15
N SER D 357 -40.10 -1.48 -8.29
CA SER D 357 -40.92 -1.79 -7.14
C SER D 357 -40.42 -3.06 -6.45
N LYS D 358 -40.71 -3.15 -5.15
CA LYS D 358 -40.34 -4.32 -4.38
C LYS D 358 -41.08 -5.56 -4.87
N GLN D 359 -42.37 -5.41 -5.21
CA GLN D 359 -43.14 -6.54 -5.72
C GLN D 359 -42.53 -7.06 -7.02
N GLU D 360 -42.11 -6.14 -7.91
CA GLU D 360 -41.47 -6.57 -9.15
C GLU D 360 -40.17 -7.31 -8.87
N TYR D 361 -39.39 -6.84 -7.91
CA TYR D 361 -38.14 -7.52 -7.58
C TYR D 361 -38.40 -8.91 -7.01
N ASP D 362 -39.45 -9.05 -6.21
CA ASP D 362 -39.76 -10.34 -5.60
C ASP D 362 -40.09 -11.38 -6.67
N GLU D 363 -40.80 -10.98 -7.72
CA GLU D 363 -41.21 -11.88 -8.77
C GLU D 363 -40.19 -12.03 -9.89
N SER D 364 -39.17 -11.18 -9.93
CA SER D 364 -38.22 -11.19 -11.03
C SER D 364 -36.77 -11.37 -10.58
N GLY D 365 -36.38 -10.76 -9.46
CA GLY D 365 -35.02 -10.88 -8.98
C GLY D 365 -34.14 -9.74 -9.45
N PRO D 366 -32.83 -9.88 -9.23
CA PRO D 366 -31.90 -8.79 -9.59
C PRO D 366 -31.70 -8.60 -11.08
N SER D 367 -32.28 -9.46 -11.92
CA SER D 367 -32.12 -9.30 -13.36
C SER D 367 -32.67 -7.98 -13.85
N ILE D 368 -33.83 -7.58 -13.32
CA ILE D 368 -34.40 -6.27 -13.66
C ILE D 368 -33.55 -5.12 -13.18
N VAL D 369 -32.65 -5.35 -12.22
CA VAL D 369 -31.80 -4.28 -11.72
C VAL D 369 -30.58 -4.06 -12.60
N HIS D 370 -30.00 -5.14 -13.15
CA HIS D 370 -28.87 -4.98 -14.05
C HIS D 370 -29.26 -4.20 -15.30
N ARG D 371 -30.41 -4.54 -15.89
CA ARG D 371 -30.98 -3.69 -16.93
C ARG D 371 -31.64 -2.48 -16.27
N LYS D 372 -31.97 -1.49 -17.10
CA LYS D 372 -32.50 -0.19 -16.69
C LYS D 372 -31.49 0.61 -15.89
N CYS D 373 -30.29 0.07 -15.66
CA CYS D 373 -29.22 0.76 -14.96
C CYS D 373 -27.92 0.57 -15.73
N PHE D 374 -27.02 1.53 -15.58
CA PHE D 374 -25.76 1.52 -16.32
C PHE D 374 -24.57 1.34 -15.39
N ALA E 5 25.99 -21.15 -41.00
CA ALA E 5 25.12 -21.10 -39.83
C ALA E 5 24.31 -19.80 -39.82
N ALA E 6 23.28 -19.75 -40.64
CA ALA E 6 22.43 -18.56 -40.72
C ALA E 6 21.54 -18.46 -39.49
N LEU E 7 21.35 -17.23 -39.02
CA LEU E 7 20.52 -16.98 -37.85
C LEU E 7 19.13 -16.52 -38.28
N VAL E 8 18.11 -17.10 -37.65
CA VAL E 8 16.72 -16.74 -37.91
C VAL E 8 16.20 -16.03 -36.66
N VAL E 9 15.89 -14.75 -36.80
CA VAL E 9 15.42 -13.92 -35.71
C VAL E 9 14.00 -13.46 -36.03
N ASP E 10 13.05 -13.83 -35.17
CA ASP E 10 11.66 -13.41 -35.30
C ASP E 10 11.34 -12.51 -34.12
N ASN E 11 11.32 -11.20 -34.35
CA ASN E 11 11.06 -10.22 -33.32
C ASN E 11 9.60 -9.78 -33.41
N GLY E 12 8.85 -10.02 -32.33
CA GLY E 12 7.46 -9.62 -32.25
C GLY E 12 7.28 -8.49 -31.24
N SER E 13 6.02 -8.08 -31.11
CA SER E 13 5.70 -6.97 -30.22
C SER E 13 6.01 -7.31 -28.76
N GLY E 14 5.68 -8.53 -28.34
CA GLY E 14 5.91 -8.93 -26.96
C GLY E 14 6.90 -10.06 -26.81
N MET E 15 6.92 -10.97 -27.79
CA MET E 15 7.81 -12.12 -27.77
C MET E 15 8.89 -11.95 -28.84
N CYS E 16 10.09 -12.45 -28.53
CA CYS E 16 11.19 -12.47 -29.48
C CYS E 16 11.71 -13.90 -29.58
N LYS E 17 11.74 -14.43 -30.79
CA LYS E 17 12.19 -15.80 -31.04
C LYS E 17 13.45 -15.77 -31.91
N ALA E 18 14.46 -16.53 -31.50
CA ALA E 18 15.73 -16.58 -32.20
C ALA E 18 16.25 -18.01 -32.22
N GLY E 19 17.12 -18.28 -33.19
CA GLY E 19 17.71 -19.60 -33.29
C GLY E 19 18.59 -19.70 -34.51
N PHE E 20 18.88 -20.94 -34.90
CA PHE E 20 19.74 -21.24 -36.03
C PHE E 20 18.94 -21.88 -37.15
N ALA E 21 19.32 -21.58 -38.39
CA ALA E 21 18.63 -22.15 -39.54
C ALA E 21 18.79 -23.66 -39.56
N GLY E 22 17.72 -24.35 -39.94
CA GLY E 22 17.69 -25.79 -39.98
C GLY E 22 17.13 -26.44 -38.73
N ASP E 23 17.08 -25.72 -37.62
CA ASP E 23 16.50 -26.25 -36.40
C ASP E 23 14.98 -26.26 -36.50
N ASP E 24 14.36 -27.12 -35.70
CA ASP E 24 12.91 -27.28 -35.70
C ASP E 24 12.21 -26.40 -34.67
N ALA E 25 12.97 -25.65 -33.86
CA ALA E 25 12.37 -24.80 -32.84
C ALA E 25 13.36 -23.68 -32.52
N PRO E 26 12.87 -22.49 -32.17
CA PRO E 26 13.78 -21.40 -31.80
C PRO E 26 14.56 -21.76 -30.55
N ARG E 27 15.85 -21.42 -30.55
CA ARG E 27 16.68 -21.70 -29.38
C ARG E 27 16.42 -20.70 -28.26
N ALA E 28 16.17 -19.43 -28.60
CA ALA E 28 15.98 -18.39 -27.61
C ALA E 28 14.58 -17.82 -27.75
N VAL E 29 13.79 -17.93 -26.69
CA VAL E 29 12.44 -17.37 -26.62
C VAL E 29 12.33 -16.62 -25.31
N PHE E 30 12.41 -15.29 -25.37
CA PHE E 30 12.37 -14.45 -24.19
C PHE E 30 11.44 -13.26 -24.45
N PRO E 31 10.84 -12.72 -23.40
CA PRO E 31 9.94 -11.56 -23.60
C PRO E 31 10.71 -10.36 -24.12
N SER E 32 10.03 -9.58 -24.97
CA SER E 32 10.62 -8.37 -25.55
C SER E 32 10.25 -7.17 -24.69
N ILE E 33 10.87 -7.12 -23.51
CA ILE E 33 10.59 -6.08 -22.53
C ILE E 33 11.91 -5.52 -22.01
N VAL E 34 11.90 -4.23 -21.69
CA VAL E 34 13.05 -3.54 -21.10
C VAL E 34 12.59 -2.95 -19.78
N GLY E 35 13.31 -3.29 -18.71
CA GLY E 35 12.97 -2.83 -17.37
C GLY E 35 14.04 -1.93 -16.81
N ARG E 36 13.61 -0.89 -16.08
CA ARG E 36 14.52 0.01 -15.41
C ARG E 36 14.09 0.16 -13.95
N PRO E 37 15.04 0.31 -13.04
CA PRO E 37 14.68 0.45 -11.62
C PRO E 37 13.84 1.69 -11.38
N ARG E 38 12.85 1.54 -10.50
CA ARG E 38 11.99 2.65 -10.11
C ARG E 38 12.22 3.07 -8.66
N HIS E 39 13.26 2.55 -8.02
CA HIS E 39 13.60 2.86 -6.63
C HIS E 39 15.08 3.23 -6.55
N GLN E 40 15.51 3.57 -5.34
CA GLN E 40 16.90 3.93 -5.08
C GLN E 40 17.59 2.81 -4.32
N GLY E 41 18.75 2.38 -4.82
CA GLY E 41 19.47 1.29 -4.19
C GLY E 41 20.04 1.71 -2.86
N VAL E 42 20.14 0.75 -1.93
CA VAL E 42 20.65 1.01 -0.59
C VAL E 42 21.85 0.14 -0.24
N MET E 43 22.22 -0.82 -1.08
CA MET E 43 23.36 -1.69 -0.83
C MET E 43 24.43 -1.35 -1.88
N VAL E 44 25.64 -1.11 -1.43
CA VAL E 44 26.71 -0.64 -2.30
C VAL E 44 27.45 -1.81 -2.93
N LYS E 49 23.83 -1.98 -12.90
CA LYS E 49 23.04 -2.18 -14.11
C LYS E 49 21.80 -1.30 -14.10
N ASP E 50 21.72 -0.37 -15.06
CA ASP E 50 20.63 0.57 -15.14
C ASP E 50 19.45 0.05 -15.96
N SER E 51 19.58 -1.13 -16.57
CA SER E 51 18.50 -1.66 -17.39
C SER E 51 18.62 -3.18 -17.44
N TYR E 52 17.48 -3.83 -17.63
CA TYR E 52 17.41 -5.28 -17.76
C TYR E 52 16.50 -5.65 -18.93
N VAL E 53 16.95 -6.61 -19.73
CA VAL E 53 16.27 -6.96 -20.97
C VAL E 53 15.99 -8.45 -20.97
N GLY E 54 14.73 -8.82 -21.19
CA GLY E 54 14.36 -10.21 -21.37
C GLY E 54 14.05 -10.89 -20.04
N ASP E 55 14.52 -12.13 -19.90
CA ASP E 55 14.16 -12.94 -18.73
C ASP E 55 14.69 -12.33 -17.44
N GLU E 56 15.89 -11.75 -17.47
CA GLU E 56 16.44 -11.11 -16.27
C GLU E 56 15.53 -9.99 -15.78
N ALA E 57 14.98 -9.20 -16.70
CA ALA E 57 13.99 -8.21 -16.31
C ALA E 57 12.74 -8.87 -15.74
N GLN E 58 12.31 -9.99 -16.32
CA GLN E 58 11.16 -10.71 -15.77
C GLN E 58 11.48 -11.27 -14.39
N SER E 59 12.70 -11.75 -14.17
CA SER E 59 13.09 -12.26 -12.87
C SER E 59 13.21 -11.15 -11.82
N LYS E 60 13.48 -9.92 -12.24
CA LYS E 60 13.63 -8.79 -11.33
C LYS E 60 12.52 -7.76 -11.51
N ARG E 61 11.38 -8.15 -12.07
CA ARG E 61 10.34 -7.21 -12.42
C ARG E 61 9.71 -6.52 -11.22
N GLY E 62 9.95 -7.01 -10.00
CA GLY E 62 9.35 -6.39 -8.84
C GLY E 62 9.82 -4.96 -8.61
N ILE E 63 11.09 -4.68 -8.89
CA ILE E 63 11.67 -3.36 -8.65
C ILE E 63 11.89 -2.62 -9.97
N LEU E 64 11.37 -3.14 -11.07
CA LEU E 64 11.59 -2.55 -12.38
C LEU E 64 10.29 -2.06 -12.98
N THR E 65 10.41 -1.11 -13.89
CA THR E 65 9.28 -0.59 -14.66
C THR E 65 9.39 -1.18 -16.06
N LEU E 66 8.51 -2.13 -16.37
CA LEU E 66 8.57 -2.84 -17.63
C LEU E 66 7.97 -2.00 -18.75
N LYS E 67 8.66 -1.94 -19.88
CA LYS E 67 8.18 -1.19 -21.04
C LYS E 67 8.41 -2.02 -22.30
N TYR E 68 7.45 -1.97 -23.21
CA TYR E 68 7.55 -2.69 -24.47
C TYR E 68 8.11 -1.76 -25.53
N PRO E 69 9.30 -2.04 -26.08
CA PRO E 69 9.82 -1.18 -27.16
C PRO E 69 8.93 -1.16 -28.39
N ILE E 70 8.18 -2.22 -28.66
CA ILE E 70 7.28 -2.29 -29.80
C ILE E 70 5.85 -2.16 -29.29
N GLU E 71 5.09 -1.26 -29.89
CA GLU E 71 3.70 -1.08 -29.51
C GLU E 71 2.83 -1.04 -30.77
N HIC E 72 1.87 -1.96 -30.85
CA HIC E 72 1.00 -2.10 -32.02
C HIC E 72 1.82 -2.29 -33.29
O HIC E 72 1.52 -1.71 -34.33
CB HIC E 72 0.08 -0.89 -32.16
CG HIC E 72 -0.93 -0.82 -31.08
ND1 HIC E 72 -1.56 -1.94 -30.59
CD2 HIC E 72 -1.39 0.28 -30.40
CE1 HIC E 72 -2.36 -1.52 -29.65
NE2 HIC E 72 -2.31 -0.18 -29.50
CZ HIC E 72 -3.07 0.61 -28.56
N GLY E 73 2.87 -3.11 -33.20
CA GLY E 73 3.73 -3.38 -34.34
C GLY E 73 4.53 -2.18 -34.80
N ILE E 74 4.73 -1.23 -33.89
CA ILE E 74 5.47 0.00 -34.17
C ILE E 74 6.56 0.15 -33.14
N VAL E 75 7.77 0.44 -33.61
CA VAL E 75 8.91 0.63 -32.71
C VAL E 75 8.79 2.01 -32.08
N THR E 76 8.33 2.05 -30.83
CA THR E 76 8.19 3.31 -30.11
C THR E 76 9.51 3.88 -29.66
N ASN E 77 10.56 3.07 -29.57
CA ASN E 77 11.87 3.55 -29.16
C ASN E 77 12.92 2.58 -29.68
N TRP E 78 13.73 3.02 -30.63
CA TRP E 78 14.74 2.16 -31.22
C TRP E 78 15.90 1.89 -30.28
N ASP E 79 16.13 2.76 -29.28
CA ASP E 79 17.25 2.55 -28.37
C ASP E 79 17.08 1.26 -27.56
N ASP E 80 15.87 1.03 -27.04
CA ASP E 80 15.61 -0.25 -26.39
C ASP E 80 15.55 -1.39 -27.41
N MET E 81 15.12 -1.08 -28.64
CA MET E 81 15.05 -2.11 -29.66
C MET E 81 16.43 -2.70 -29.95
N GLU E 82 17.45 -1.84 -30.02
CA GLU E 82 18.81 -2.33 -30.20
C GLU E 82 19.23 -3.20 -29.02
N LYS E 83 18.79 -2.87 -27.81
CA LYS E 83 19.11 -3.68 -26.64
C LYS E 83 18.55 -5.10 -26.79
N ILE E 84 17.34 -5.21 -27.33
CA ILE E 84 16.75 -6.54 -27.55
C ILE E 84 17.61 -7.35 -28.51
N TRP E 85 18.03 -6.73 -29.61
CA TRP E 85 18.90 -7.42 -30.55
C TRP E 85 20.25 -7.74 -29.93
N HIS E 86 20.82 -6.79 -29.19
CA HIS E 86 22.10 -7.04 -28.53
C HIS E 86 21.98 -8.15 -27.50
N HIS E 87 20.88 -8.16 -26.74
CA HIS E 87 20.65 -9.26 -25.80
C HIS E 87 20.47 -10.59 -26.52
N THR E 88 19.86 -10.57 -27.71
CA THR E 88 19.65 -11.81 -28.45
C THR E 88 20.96 -12.42 -28.91
N PHE E 89 21.82 -11.62 -29.53
CA PHE E 89 23.02 -12.17 -30.14
C PHE E 89 24.05 -12.59 -29.10
N TYR E 90 24.25 -11.77 -28.07
CA TYR E 90 25.32 -11.98 -27.12
C TYR E 90 24.87 -12.70 -25.85
N ASN E 91 23.66 -12.43 -25.36
CA ASN E 91 23.20 -13.00 -24.12
C ASN E 91 22.31 -14.21 -24.29
N GLU E 92 21.61 -14.33 -25.42
CA GLU E 92 20.74 -15.47 -25.69
C GLU E 92 21.42 -16.49 -26.60
N LEU E 93 21.82 -16.07 -27.79
CA LEU E 93 22.50 -16.99 -28.71
C LEU E 93 23.97 -17.12 -28.42
N ARG E 94 24.58 -16.13 -27.76
CA ARG E 94 26.00 -16.14 -27.40
C ARG E 94 26.87 -16.35 -28.64
N VAL E 95 26.53 -15.64 -29.72
CA VAL E 95 27.25 -15.73 -30.98
C VAL E 95 27.64 -14.34 -31.45
N ALA E 96 28.61 -14.30 -32.35
CA ALA E 96 29.06 -13.04 -32.94
C ALA E 96 28.18 -12.71 -34.14
N PRO E 97 27.47 -11.58 -34.13
CA PRO E 97 26.61 -11.25 -35.27
C PRO E 97 27.36 -11.08 -36.58
N GLU E 98 28.63 -10.66 -36.53
CA GLU E 98 29.40 -10.43 -37.74
C GLU E 98 29.80 -11.71 -38.45
N GLU E 99 29.60 -12.87 -37.84
CA GLU E 99 30.03 -14.14 -38.41
C GLU E 99 28.90 -14.97 -38.99
N HIS E 100 27.64 -14.58 -38.80
CA HIS E 100 26.53 -15.38 -39.26
C HIS E 100 25.56 -14.50 -40.05
N PRO E 101 25.10 -14.94 -41.21
CA PRO E 101 23.98 -14.25 -41.87
C PRO E 101 22.72 -14.34 -41.02
N VAL E 102 21.93 -13.28 -41.07
CA VAL E 102 20.75 -13.14 -40.22
C VAL E 102 19.52 -12.99 -41.10
N LEU E 103 18.51 -13.82 -40.85
CA LEU E 103 17.23 -13.71 -41.53
C LEU E 103 16.26 -12.97 -40.62
N LEU E 104 15.64 -11.92 -41.15
CA LEU E 104 14.73 -11.08 -40.39
C LEU E 104 13.30 -11.27 -40.87
N THR E 105 12.37 -10.86 -40.02
CA THR E 105 10.94 -10.97 -40.29
C THR E 105 10.30 -9.59 -40.18
N GLU E 106 9.39 -9.29 -41.11
CA GLU E 106 8.69 -8.02 -41.12
C GLU E 106 7.18 -8.27 -41.07
N ALA E 107 6.48 -7.35 -40.41
CA ALA E 107 5.03 -7.41 -40.41
C ALA E 107 4.50 -7.09 -41.81
N PRO E 108 3.34 -7.62 -42.17
CA PRO E 108 2.76 -7.31 -43.49
C PRO E 108 2.52 -5.82 -43.65
N LEU E 109 2.73 -5.33 -44.88
CA LEU E 109 2.59 -3.92 -45.20
C LEU E 109 3.53 -3.08 -44.33
N ASN E 110 4.73 -3.60 -44.10
CA ASN E 110 5.70 -2.89 -43.27
C ASN E 110 6.13 -1.60 -43.96
N PRO E 111 6.18 -0.47 -43.24
CA PRO E 111 6.67 0.76 -43.85
C PRO E 111 8.11 0.63 -44.30
N LYS E 112 8.43 1.28 -45.42
CA LYS E 112 9.79 1.26 -45.93
C LYS E 112 10.76 1.91 -44.95
N ALA E 113 10.32 2.97 -44.25
CA ALA E 113 11.17 3.59 -43.24
C ALA E 113 11.49 2.62 -42.12
N ASN E 114 10.50 1.83 -41.69
CA ASN E 114 10.74 0.83 -40.65
C ASN E 114 11.75 -0.22 -41.13
N ARG E 115 11.61 -0.67 -42.37
CA ARG E 115 12.56 -1.66 -42.90
C ARG E 115 13.95 -1.06 -43.02
N GLU E 116 14.05 0.21 -43.45
CA GLU E 116 15.35 0.85 -43.60
C GLU E 116 16.08 0.92 -42.27
N LYS E 117 15.38 1.32 -41.21
CA LYS E 117 15.99 1.37 -39.89
C LYS E 117 16.43 -0.02 -39.44
N MET E 118 15.60 -1.03 -39.68
CA MET E 118 15.99 -2.40 -39.39
C MET E 118 17.22 -2.81 -40.20
N THR E 119 17.25 -2.45 -41.47
CA THR E 119 18.38 -2.79 -42.31
C THR E 119 19.65 -2.07 -41.87
N GLN E 120 19.54 -0.77 -41.60
CA GLN E 120 20.73 0.02 -41.27
C GLN E 120 21.38 -0.46 -39.98
N ILE E 121 20.57 -0.78 -38.97
CA ILE E 121 21.13 -1.23 -37.70
C ILE E 121 21.86 -2.55 -37.88
N MET E 122 21.28 -3.47 -38.65
CA MET E 122 21.89 -4.79 -38.82
C MET E 122 23.27 -4.70 -39.45
N PHE E 123 23.43 -3.87 -40.48
CA PHE E 123 24.69 -3.79 -41.19
C PHE E 123 25.71 -2.88 -40.51
N GLU E 124 25.26 -1.89 -39.75
CA GLU E 124 26.17 -0.92 -39.14
C GLU E 124 26.44 -1.21 -37.67
N THR E 125 25.39 -1.31 -36.86
CA THR E 125 25.59 -1.54 -35.43
C THR E 125 26.22 -2.90 -35.16
N PHE E 126 25.78 -3.94 -35.86
CA PHE E 126 26.26 -5.29 -35.62
C PHE E 126 27.17 -5.81 -36.72
N ASN E 127 27.23 -5.12 -37.87
CA ASN E 127 28.14 -5.48 -38.96
C ASN E 127 27.92 -6.91 -39.44
N THR E 128 26.65 -7.27 -39.61
CA THR E 128 26.33 -8.60 -40.10
C THR E 128 26.85 -8.78 -41.53
N PRO E 129 27.38 -9.96 -41.87
CA PRO E 129 27.93 -10.15 -43.22
C PRO E 129 26.85 -10.08 -44.29
N ALA E 130 25.80 -10.88 -44.14
CA ALA E 130 24.68 -10.88 -45.06
C ALA E 130 23.38 -10.94 -44.26
N MET E 131 22.31 -10.40 -44.83
CA MET E 131 21.02 -10.45 -44.16
C MET E 131 19.90 -10.34 -45.19
N TYR E 132 18.72 -10.79 -44.77
CA TYR E 132 17.52 -10.72 -45.58
C TYR E 132 16.33 -10.56 -44.64
N VAL E 133 15.27 -9.94 -45.15
CA VAL E 133 14.04 -9.73 -44.38
C VAL E 133 12.86 -10.25 -45.19
N ALA E 134 12.02 -11.06 -44.56
CA ALA E 134 10.89 -11.69 -45.22
C ALA E 134 9.61 -11.38 -44.47
N ILE E 135 8.49 -11.49 -45.17
CA ILE E 135 7.18 -11.23 -44.58
C ILE E 135 6.84 -12.36 -43.61
N GLN E 136 6.35 -11.99 -42.43
CA GLN E 136 5.98 -13.00 -41.44
C GLN E 136 4.86 -13.89 -41.96
N ALA E 137 3.87 -13.30 -42.64
CA ALA E 137 2.75 -14.08 -43.15
C ALA E 137 3.21 -15.14 -44.15
N VAL E 138 4.14 -14.77 -45.03
CA VAL E 138 4.65 -15.72 -46.01
C VAL E 138 5.35 -16.88 -45.32
N LEU E 139 6.17 -16.57 -44.30
CA LEU E 139 6.90 -17.61 -43.60
C LEU E 139 5.96 -18.59 -42.91
N SER E 140 4.82 -18.10 -42.43
CA SER E 140 3.86 -18.99 -41.78
C SER E 140 3.32 -20.04 -42.74
N LEU E 141 3.07 -19.66 -43.99
CA LEU E 141 2.61 -20.63 -44.98
C LEU E 141 3.68 -21.64 -45.31
N TYR E 142 4.96 -21.25 -45.21
CA TYR E 142 6.05 -22.20 -45.43
C TYR E 142 6.00 -23.34 -44.41
N ALA E 143 5.76 -23.01 -43.14
CA ALA E 143 5.68 -24.05 -42.12
C ALA E 143 4.52 -25.00 -42.38
N SER E 144 3.39 -24.48 -42.83
CA SER E 144 2.24 -25.30 -43.17
C SER E 144 2.45 -26.12 -44.43
N GLY E 145 3.51 -25.85 -45.18
CA GLY E 145 3.76 -26.56 -46.43
C GLY E 145 2.69 -26.34 -47.48
N ARG E 146 2.20 -25.12 -47.61
CA ARG E 146 1.16 -24.79 -48.57
C ARG E 146 1.62 -23.63 -49.44
N THR E 147 1.12 -23.60 -50.67
CA THR E 147 1.40 -22.52 -51.61
C THR E 147 0.25 -21.55 -51.79
N THR E 148 -0.95 -21.91 -51.35
CA THR E 148 -2.12 -21.06 -51.48
C THR E 148 -2.91 -21.09 -50.18
N GLY E 149 -3.28 -19.92 -49.68
CA GLY E 149 -4.10 -19.83 -48.49
C GLY E 149 -4.07 -18.44 -47.92
N ILE E 150 -4.95 -18.23 -46.94
CA ILE E 150 -5.04 -16.96 -46.22
C ILE E 150 -4.64 -17.23 -44.77
N VAL E 151 -3.63 -16.51 -44.30
CA VAL E 151 -3.11 -16.67 -42.95
C VAL E 151 -3.51 -15.45 -42.13
N MET E 152 -4.09 -15.68 -40.96
CA MET E 152 -4.40 -14.61 -40.03
C MET E 152 -3.28 -14.67 -38.99
N ASP E 153 -2.57 -13.56 -38.83
CA ASP E 153 -1.43 -13.50 -37.91
C ASP E 153 -1.81 -12.59 -36.75
N SER E 154 -2.24 -13.21 -35.65
CA SER E 154 -2.65 -12.48 -34.45
C SER E 154 -1.63 -12.76 -33.36
N GLY E 155 -0.78 -11.78 -33.07
CA GLY E 155 0.23 -11.93 -32.06
C GLY E 155 -0.01 -11.06 -30.85
N ASP E 156 1.01 -10.29 -30.45
CA ASP E 156 0.91 -9.42 -29.29
C ASP E 156 0.60 -7.97 -29.65
N GLY E 157 0.96 -7.53 -30.86
CA GLY E 157 0.80 -6.14 -31.21
C GLY E 157 -0.39 -5.83 -32.09
N VAL E 158 -0.62 -6.65 -33.12
CA VAL E 158 -1.67 -6.38 -34.08
C VAL E 158 -2.03 -7.69 -34.78
N THR E 159 -3.23 -7.74 -35.35
CA THR E 159 -3.71 -8.89 -36.09
C THR E 159 -3.77 -8.55 -37.57
N HIS E 160 -3.22 -9.44 -38.40
CA HIS E 160 -3.18 -9.23 -39.85
C HIS E 160 -3.78 -10.44 -40.55
N THR E 161 -4.44 -10.17 -41.68
CA THR E 161 -4.99 -11.21 -42.54
C THR E 161 -4.40 -11.03 -43.94
N VAL E 162 -3.58 -11.98 -44.35
CA VAL E 162 -2.88 -11.89 -45.63
C VAL E 162 -3.24 -13.09 -46.50
N PRO E 163 -4.01 -12.90 -47.57
CA PRO E 163 -4.30 -14.01 -48.48
C PRO E 163 -3.18 -14.18 -49.50
N ILE E 164 -2.80 -15.43 -49.74
CA ILE E 164 -1.76 -15.77 -50.72
C ILE E 164 -2.31 -16.86 -51.63
N TYR E 165 -2.16 -16.66 -52.93
CA TYR E 165 -2.65 -17.60 -53.94
C TYR E 165 -1.52 -17.98 -54.88
N GLU E 166 -1.14 -19.25 -54.88
CA GLU E 166 -0.15 -19.79 -55.80
C GLU E 166 1.15 -19.00 -55.75
N GLY E 167 1.55 -18.62 -54.53
CA GLY E 167 2.78 -17.88 -54.34
C GLY E 167 2.69 -16.39 -54.62
N TYR E 168 1.50 -15.88 -54.93
CA TYR E 168 1.31 -14.46 -55.18
C TYR E 168 0.49 -13.85 -54.04
N ALA E 169 1.02 -12.77 -53.46
CA ALA E 169 0.31 -12.05 -52.42
C ALA E 169 -0.56 -10.96 -53.03
N LEU E 170 -1.59 -10.56 -52.29
CA LEU E 170 -2.54 -9.54 -52.74
C LEU E 170 -2.53 -8.42 -51.70
N PRO E 171 -1.64 -7.44 -51.83
CA PRO E 171 -1.57 -6.38 -50.81
C PRO E 171 -2.86 -5.60 -50.65
N HIS E 172 -3.62 -5.40 -51.72
CA HIS E 172 -4.88 -4.68 -51.62
C HIS E 172 -5.90 -5.40 -50.74
N ALA E 173 -5.80 -6.73 -50.61
CA ALA E 173 -6.72 -7.50 -49.80
C ALA E 173 -6.21 -7.70 -48.37
N ILE E 174 -5.04 -7.20 -48.06
CA ILE E 174 -4.47 -7.36 -46.71
C ILE E 174 -5.21 -6.41 -45.77
N LEU E 175 -5.71 -6.95 -44.66
CA LEU E 175 -6.45 -6.18 -43.68
C LEU E 175 -5.69 -6.17 -42.35
N ARG E 176 -5.82 -5.07 -41.62
CA ARG E 176 -5.17 -4.88 -40.33
C ARG E 176 -6.22 -4.64 -39.26
N LEU E 177 -6.07 -5.32 -38.13
CA LEU E 177 -6.97 -5.17 -37.00
C LEU E 177 -6.15 -4.85 -35.76
N ASP E 178 -6.27 -3.63 -35.26
CA ASP E 178 -5.50 -3.17 -34.10
C ASP E 178 -6.12 -3.80 -32.84
N LEU E 179 -5.91 -5.10 -32.71
CA LEU E 179 -6.42 -5.86 -31.57
C LEU E 179 -5.62 -7.15 -31.48
N ALA E 180 -4.91 -7.34 -30.37
CA ALA E 180 -4.02 -8.48 -30.24
C ALA E 180 -3.98 -8.90 -28.77
N GLY E 181 -3.00 -9.73 -28.43
CA GLY E 181 -2.95 -10.32 -27.09
C GLY E 181 -2.76 -9.29 -26.00
N ARG E 182 -1.97 -8.25 -26.27
CA ARG E 182 -1.74 -7.21 -25.26
C ARG E 182 -3.05 -6.53 -24.88
N ASP E 183 -3.90 -6.25 -25.85
CA ASP E 183 -5.21 -5.67 -25.56
C ASP E 183 -6.06 -6.63 -24.74
N LEU E 184 -5.98 -7.93 -25.05
CA LEU E 184 -6.66 -8.92 -24.22
C LEU E 184 -6.11 -8.91 -22.80
N THR E 185 -4.80 -8.84 -22.65
CA THR E 185 -4.20 -8.78 -21.32
C THR E 185 -4.72 -7.58 -20.55
N ASP E 186 -4.84 -6.43 -21.23
CA ASP E 186 -5.46 -5.27 -20.60
C ASP E 186 -6.93 -5.52 -20.30
N TYR E 187 -7.64 -6.16 -21.24
CA TYR E 187 -9.05 -6.44 -21.00
C TYR E 187 -9.24 -7.39 -19.83
N LEU E 188 -8.38 -8.42 -19.74
CA LEU E 188 -8.44 -9.30 -18.59
C LEU E 188 -8.14 -8.55 -17.31
N MET E 189 -7.25 -7.54 -17.38
CA MET E 189 -6.94 -6.73 -16.21
C MET E 189 -8.16 -5.97 -15.72
N LYS E 190 -8.87 -5.29 -16.62
CA LYS E 190 -9.98 -4.45 -16.20
C LYS E 190 -11.15 -5.29 -15.69
N ILE E 191 -11.42 -6.43 -16.33
CA ILE E 191 -12.53 -7.28 -15.89
C ILE E 191 -12.22 -8.04 -14.61
N LEU E 192 -10.95 -8.15 -14.24
CA LEU E 192 -10.60 -8.81 -12.98
C LEU E 192 -10.90 -7.92 -11.78
N THR E 193 -11.11 -6.63 -12.00
CA THR E 193 -11.44 -5.73 -10.89
C THR E 193 -12.80 -6.06 -10.30
N GLU E 194 -13.78 -6.43 -11.12
CA GLU E 194 -15.11 -6.75 -10.62
C GLU E 194 -15.11 -7.93 -9.66
N ARG E 195 -14.14 -8.84 -9.79
CA ARG E 195 -14.03 -9.98 -8.89
C ARG E 195 -13.26 -9.64 -7.62
N GLY E 196 -12.82 -8.39 -7.47
CA GLY E 196 -12.10 -7.98 -6.28
C GLY E 196 -10.59 -8.03 -6.38
N TYR E 197 -10.05 -8.40 -7.53
CA TYR E 197 -8.60 -8.51 -7.71
C TYR E 197 -8.09 -7.27 -8.42
N SER E 198 -7.07 -6.63 -7.84
CA SER E 198 -6.53 -5.38 -8.33
C SER E 198 -5.15 -5.62 -8.93
N PHE E 199 -4.96 -5.18 -10.17
CA PHE E 199 -3.67 -5.25 -10.85
C PHE E 199 -3.47 -3.96 -11.63
N THR E 200 -2.47 -3.17 -11.25
CA THR E 200 -2.24 -1.88 -11.88
C THR E 200 -0.84 -1.72 -12.45
N THR E 201 0.19 -2.20 -11.75
CA THR E 201 1.56 -1.94 -12.18
C THR E 201 1.91 -2.82 -13.37
N THR E 202 3.01 -2.44 -14.05
CA THR E 202 3.47 -3.22 -15.19
C THR E 202 3.91 -4.61 -14.79
N ALA E 203 4.42 -4.78 -13.57
CA ALA E 203 4.78 -6.11 -13.10
C ALA E 203 3.55 -7.01 -13.02
N GLU E 204 2.43 -6.47 -12.55
CA GLU E 204 1.20 -7.25 -12.50
C GLU E 204 0.69 -7.61 -13.88
N ARG E 205 1.05 -6.83 -14.91
CA ARG E 205 0.57 -7.10 -16.25
C ARG E 205 1.06 -8.45 -16.75
N GLU E 206 2.34 -8.78 -16.49
CA GLU E 206 2.85 -10.09 -16.87
C GLU E 206 2.14 -11.20 -16.12
N ILE E 207 1.82 -11.00 -14.85
CA ILE E 207 1.09 -12.00 -14.08
C ILE E 207 -0.27 -12.25 -14.70
N VAL E 208 -0.98 -11.19 -15.07
CA VAL E 208 -2.26 -11.34 -15.74
C VAL E 208 -2.09 -12.05 -17.07
N ARG E 209 -1.02 -11.73 -17.79
CA ARG E 209 -0.76 -12.39 -19.07
C ARG E 209 -0.55 -13.88 -18.88
N ASP E 210 0.14 -14.27 -17.81
CA ASP E 210 0.33 -15.69 -17.53
C ASP E 210 -1.00 -16.39 -17.26
N ILE E 211 -1.90 -15.74 -16.52
CA ILE E 211 -3.22 -16.31 -16.28
C ILE E 211 -3.98 -16.46 -17.59
N LYS E 212 -3.88 -15.46 -18.46
CA LYS E 212 -4.56 -15.51 -19.75
C LYS E 212 -4.06 -16.69 -20.58
N GLU E 213 -2.74 -16.91 -20.60
CA GLU E 213 -2.17 -17.99 -21.39
C GLU E 213 -2.45 -19.37 -20.79
N LYS E 214 -2.96 -19.44 -19.57
CA LYS E 214 -3.13 -20.71 -18.88
C LYS E 214 -4.58 -21.09 -18.61
N LEU E 215 -5.46 -20.12 -18.39
CA LEU E 215 -6.83 -20.41 -18.02
C LEU E 215 -7.88 -19.92 -19.02
N CYS E 216 -7.51 -19.05 -19.95
CA CYS E 216 -8.48 -18.53 -20.91
C CYS E 216 -8.69 -19.52 -22.05
N TYR E 217 -9.91 -19.51 -22.59
CA TYR E 217 -10.27 -20.36 -23.70
C TYR E 217 -11.41 -19.71 -24.46
N VAL E 218 -11.66 -20.19 -25.68
CA VAL E 218 -12.70 -19.67 -26.54
C VAL E 218 -13.91 -20.60 -26.47
N ALA E 219 -15.06 -20.04 -26.11
CA ALA E 219 -16.29 -20.81 -26.04
C ALA E 219 -16.96 -20.85 -27.42
N LEU E 220 -17.47 -22.03 -27.78
CA LEU E 220 -18.15 -22.18 -29.06
C LEU E 220 -19.40 -21.31 -29.12
N ASP E 221 -20.18 -21.28 -28.04
CA ASP E 221 -21.36 -20.43 -27.94
C ASP E 221 -21.21 -19.56 -26.69
N PHE E 222 -20.98 -18.26 -26.91
CA PHE E 222 -20.74 -17.36 -25.79
C PHE E 222 -21.98 -17.26 -24.90
N GLU E 223 -23.17 -17.15 -25.49
CA GLU E 223 -24.37 -16.98 -24.68
C GLU E 223 -24.65 -18.21 -23.83
N GLN E 224 -24.49 -19.41 -24.41
CA GLN E 224 -24.70 -20.63 -23.64
C GLN E 224 -23.67 -20.76 -22.53
N GLU E 225 -22.43 -20.37 -22.81
CA GLU E 225 -21.38 -20.41 -21.78
C GLU E 225 -21.70 -19.47 -20.63
N MET E 226 -22.24 -18.28 -20.94
CA MET E 226 -22.64 -17.36 -19.89
C MET E 226 -23.71 -17.97 -18.99
N ALA E 227 -24.70 -18.63 -19.59
CA ALA E 227 -25.73 -19.29 -18.79
C ALA E 227 -25.13 -20.41 -17.94
N THR E 228 -24.19 -21.18 -18.51
CA THR E 228 -23.57 -22.26 -17.76
C THR E 228 -22.78 -21.71 -16.58
N ALA E 229 -21.99 -20.67 -16.80
CA ALA E 229 -21.17 -20.10 -15.73
C ALA E 229 -22.03 -19.46 -14.64
N ALA E 230 -23.18 -18.92 -14.99
CA ALA E 230 -24.06 -18.29 -14.01
C ALA E 230 -24.88 -19.29 -13.21
N SER E 231 -24.86 -20.57 -13.58
CA SER E 231 -25.66 -21.59 -12.90
C SER E 231 -24.83 -22.77 -12.43
N SER E 232 -23.50 -22.73 -12.59
CA SER E 232 -22.66 -23.82 -12.15
C SER E 232 -21.27 -23.29 -11.81
N SER E 233 -20.55 -24.06 -11.01
CA SER E 233 -19.17 -23.74 -10.64
C SER E 233 -18.16 -24.62 -11.37
N SER E 234 -18.59 -25.40 -12.35
CA SER E 234 -17.68 -26.28 -13.08
C SER E 234 -16.66 -25.51 -13.90
N LEU E 235 -16.93 -24.26 -14.23
CA LEU E 235 -16.02 -23.44 -15.03
C LEU E 235 -15.02 -22.67 -14.18
N GLU E 236 -15.10 -22.77 -12.86
CA GLU E 236 -14.16 -22.06 -11.99
C GLU E 236 -12.78 -22.68 -12.09
N LYS E 237 -11.76 -21.82 -12.08
CA LYS E 237 -10.38 -22.25 -12.07
C LYS E 237 -9.59 -21.38 -11.11
N SER E 238 -8.56 -21.97 -10.50
CA SER E 238 -7.77 -21.31 -9.48
C SER E 238 -6.35 -21.07 -9.99
N TYR E 239 -5.86 -19.85 -9.75
CA TYR E 239 -4.50 -19.47 -10.13
C TYR E 239 -3.76 -19.00 -8.88
N GLU E 240 -2.50 -19.39 -8.78
CA GLU E 240 -1.67 -19.07 -7.63
C GLU E 240 -0.75 -17.90 -7.98
N LEU E 241 -0.86 -16.80 -7.24
CA LEU E 241 -0.01 -15.66 -7.46
C LEU E 241 1.39 -15.93 -6.92
N PRO E 242 2.41 -15.22 -7.44
CA PRO E 242 3.78 -15.48 -6.97
C PRO E 242 3.97 -15.30 -5.48
N ASP E 243 3.16 -14.45 -4.84
CA ASP E 243 3.24 -14.26 -3.39
C ASP E 243 2.51 -15.36 -2.62
N GLY E 244 2.09 -16.43 -3.29
CA GLY E 244 1.40 -17.52 -2.66
C GLY E 244 -0.10 -17.38 -2.58
N GLN E 245 -0.63 -16.19 -2.84
CA GLN E 245 -2.08 -16.00 -2.86
C GLN E 245 -2.70 -16.70 -4.05
N VAL E 246 -3.94 -17.15 -3.89
CA VAL E 246 -4.66 -17.88 -4.93
C VAL E 246 -5.91 -17.09 -5.28
N ILE E 247 -6.21 -17.00 -6.57
CA ILE E 247 -7.41 -16.33 -7.05
C ILE E 247 -8.22 -17.32 -7.88
N THR E 248 -9.52 -17.07 -7.96
CA THR E 248 -10.45 -17.90 -8.73
C THR E 248 -11.17 -17.05 -9.75
N ILE E 249 -11.28 -17.55 -10.97
CA ILE E 249 -11.95 -16.85 -12.06
C ILE E 249 -13.00 -17.77 -12.66
N GLY E 250 -14.13 -17.18 -13.06
CA GLY E 250 -15.21 -17.95 -13.63
C GLY E 250 -15.44 -17.64 -15.10
N ASN E 251 -16.44 -16.82 -15.39
CA ASN E 251 -16.77 -16.47 -16.76
C ASN E 251 -15.66 -15.70 -17.46
N GLU E 252 -14.74 -15.09 -16.71
CA GLU E 252 -13.66 -14.32 -17.32
C GLU E 252 -12.73 -15.20 -18.16
N ARG E 253 -12.77 -16.52 -17.97
CA ARG E 253 -11.93 -17.40 -18.78
C ARG E 253 -12.26 -17.29 -20.26
N PHE E 254 -13.55 -17.25 -20.60
CA PHE E 254 -13.97 -17.14 -21.98
C PHE E 254 -14.47 -15.75 -22.35
N ARG E 255 -14.62 -14.85 -21.39
CA ARG E 255 -15.03 -13.49 -21.72
C ARG E 255 -13.88 -12.71 -22.34
N CYS E 256 -12.66 -12.87 -21.81
CA CYS E 256 -11.51 -12.16 -22.38
C CYS E 256 -11.24 -12.55 -23.82
N PRO E 257 -11.17 -13.83 -24.20
CA PRO E 257 -10.98 -14.16 -25.62
C PRO E 257 -12.15 -13.77 -26.50
N GLU E 258 -13.33 -13.53 -25.92
CA GLU E 258 -14.48 -13.15 -26.73
C GLU E 258 -14.31 -11.81 -27.42
N ALA E 259 -13.40 -10.96 -26.91
CA ALA E 259 -13.13 -9.69 -27.57
C ALA E 259 -12.58 -9.88 -28.97
N LEU E 260 -12.00 -11.05 -29.26
CA LEU E 260 -11.51 -11.32 -30.61
C LEU E 260 -12.65 -11.29 -31.61
N PHE E 261 -13.80 -11.85 -31.24
CA PHE E 261 -14.95 -11.89 -32.12
C PHE E 261 -15.92 -10.73 -31.90
N GLN E 262 -15.84 -10.07 -30.75
CA GLN E 262 -16.70 -8.94 -30.43
C GLN E 262 -15.82 -7.80 -29.93
N PRO E 263 -15.21 -7.04 -30.85
CA PRO E 263 -14.37 -5.91 -30.43
C PRO E 263 -15.13 -4.82 -29.69
N SER E 264 -16.45 -4.79 -29.79
CA SER E 264 -17.23 -3.78 -29.06
C SER E 264 -17.06 -3.91 -27.55
N PHE E 265 -16.61 -5.08 -27.08
CA PHE E 265 -16.29 -5.22 -25.66
C PHE E 265 -15.21 -4.24 -25.23
N LEU E 266 -14.30 -3.92 -26.14
CA LEU E 266 -13.28 -2.89 -25.90
C LEU E 266 -13.73 -1.52 -26.39
N GLY E 267 -14.96 -1.41 -26.86
CA GLY E 267 -15.42 -0.16 -27.43
C GLY E 267 -14.92 0.11 -28.83
N MET E 268 -14.40 -0.90 -29.52
CA MET E 268 -13.87 -0.73 -30.86
C MET E 268 -14.96 -0.92 -31.90
N GLU E 269 -15.10 0.06 -32.79
CA GLU E 269 -16.07 -0.01 -33.88
C GLU E 269 -15.73 -1.09 -34.89
N SER E 270 -14.47 -1.54 -34.96
CA SER E 270 -14.08 -2.54 -35.93
C SER E 270 -14.73 -3.88 -35.61
N ALA E 271 -14.77 -4.74 -36.61
CA ALA E 271 -15.39 -6.05 -36.48
C ALA E 271 -14.37 -7.10 -36.02
N GLY E 272 -14.88 -8.29 -35.73
CA GLY E 272 -14.07 -9.35 -35.17
C GLY E 272 -13.16 -10.01 -36.20
N ILE E 273 -12.33 -10.93 -35.70
CA ILE E 273 -11.38 -11.62 -36.56
C ILE E 273 -12.10 -12.46 -37.61
N HIS E 274 -13.20 -13.12 -37.21
CA HIS E 274 -13.91 -13.99 -38.13
C HIS E 274 -14.44 -13.21 -39.34
N GLU E 275 -14.96 -12.01 -39.10
CA GLU E 275 -15.42 -11.18 -40.21
C GLU E 275 -14.21 -10.59 -40.94
N THR E 276 -13.22 -10.09 -40.19
CA THR E 276 -12.02 -9.53 -40.80
C THR E 276 -11.38 -10.52 -41.76
N THR E 277 -11.38 -11.80 -41.41
CA THR E 277 -10.98 -12.83 -42.37
C THR E 277 -11.92 -12.84 -43.56
N PHE E 278 -13.23 -12.66 -43.32
CA PHE E 278 -14.22 -12.77 -44.39
C PHE E 278 -14.12 -11.59 -45.36
N ASN E 279 -13.90 -10.38 -44.84
CA ASN E 279 -13.70 -9.23 -45.73
C ASN E 279 -12.45 -9.40 -46.59
N SER E 280 -11.37 -9.91 -45.99
CA SER E 280 -10.13 -10.06 -46.73
C SER E 280 -10.29 -11.01 -47.91
N ILE E 281 -10.94 -12.15 -47.68
CA ILE E 281 -11.17 -13.09 -48.78
C ILE E 281 -12.23 -12.54 -49.72
N MET E 282 -13.18 -11.77 -49.20
CA MET E 282 -14.16 -11.12 -50.06
C MET E 282 -13.54 -10.04 -50.93
N LYS E 283 -12.35 -9.54 -50.56
CA LYS E 283 -11.72 -8.47 -51.32
C LYS E 283 -10.96 -8.99 -52.54
N CYS E 284 -10.51 -10.23 -52.53
CA CYS E 284 -9.74 -10.74 -53.65
C CYS E 284 -10.67 -11.19 -54.77
N ASP E 285 -10.07 -11.77 -55.81
CA ASP E 285 -10.85 -12.18 -56.98
C ASP E 285 -11.73 -13.39 -56.65
N VAL E 286 -12.81 -13.52 -57.43
CA VAL E 286 -13.81 -14.54 -57.15
C VAL E 286 -13.25 -15.93 -57.42
N ASP E 287 -12.32 -16.06 -58.36
CA ASP E 287 -11.85 -17.38 -58.77
C ASP E 287 -10.90 -18.01 -57.77
N ILE E 288 -10.35 -17.23 -56.83
CA ILE E 288 -9.41 -17.74 -55.85
C ILE E 288 -10.01 -17.85 -54.47
N ARG E 289 -11.25 -17.39 -54.27
CA ARG E 289 -11.86 -17.47 -52.95
C ARG E 289 -12.11 -18.90 -52.52
N LYS E 290 -12.28 -19.82 -53.48
CA LYS E 290 -12.52 -21.22 -53.12
C LYS E 290 -11.34 -21.82 -52.38
N ASP E 291 -10.13 -21.60 -52.89
CA ASP E 291 -8.94 -22.16 -52.24
C ASP E 291 -8.72 -21.53 -50.87
N LEU E 292 -8.95 -20.23 -50.73
CA LEU E 292 -8.72 -19.56 -49.45
C LEU E 292 -9.68 -20.03 -48.39
N TYR E 293 -10.92 -20.36 -48.75
CA TYR E 293 -11.89 -20.81 -47.76
C TYR E 293 -11.43 -22.09 -47.09
N ALA E 294 -10.86 -23.02 -47.84
CA ALA E 294 -10.40 -24.28 -47.30
C ALA E 294 -8.94 -24.24 -46.85
N ASN E 295 -8.30 -23.08 -46.94
CA ASN E 295 -6.88 -22.95 -46.57
C ASN E 295 -6.68 -21.78 -45.64
N THR E 296 -7.51 -21.69 -44.60
CA THR E 296 -7.35 -20.69 -43.56
C THR E 296 -6.37 -21.22 -42.52
N VAL E 297 -5.21 -20.58 -42.41
CA VAL E 297 -4.15 -21.02 -41.51
C VAL E 297 -4.01 -19.99 -40.39
N LEU E 298 -3.98 -20.47 -39.16
CA LEU E 298 -3.90 -19.61 -37.98
C LEU E 298 -2.46 -19.53 -37.51
N SER E 299 -1.99 -18.32 -37.22
CA SER E 299 -0.64 -18.12 -36.76
C SER E 299 -0.62 -17.05 -35.67
N GLY E 300 0.35 -17.17 -34.77
CA GLY E 300 0.51 -16.24 -33.67
C GLY E 300 0.14 -16.86 -32.34
N GLY E 301 0.79 -16.33 -31.29
CA GLY E 301 0.57 -16.86 -29.95
C GLY E 301 -0.84 -16.63 -29.43
N THR E 302 -1.53 -15.61 -29.94
CA THR E 302 -2.89 -15.33 -29.51
C THR E 302 -3.88 -16.35 -30.04
N THR E 303 -3.44 -17.29 -30.88
CA THR E 303 -4.30 -18.32 -31.44
C THR E 303 -4.23 -19.63 -30.66
N MET E 304 -3.60 -19.63 -29.49
CA MET E 304 -3.49 -20.83 -28.67
C MET E 304 -4.66 -21.01 -27.70
N TYR E 305 -5.68 -20.18 -27.77
CA TYR E 305 -6.84 -20.42 -26.93
C TYR E 305 -7.53 -21.71 -27.37
N PRO E 306 -7.79 -22.63 -26.44
CA PRO E 306 -8.46 -23.88 -26.82
C PRO E 306 -9.84 -23.61 -27.39
N GLY E 307 -10.18 -24.33 -28.45
CA GLY E 307 -11.47 -24.19 -29.08
C GLY E 307 -11.61 -22.98 -29.99
N ILE E 308 -10.54 -22.22 -30.21
CA ILE E 308 -10.64 -21.05 -31.07
C ILE E 308 -10.89 -21.48 -32.52
N ALA E 309 -10.28 -22.57 -32.96
CA ALA E 309 -10.48 -23.04 -34.32
C ALA E 309 -11.92 -23.45 -34.56
N ASP E 310 -12.53 -24.16 -33.60
CA ASP E 310 -13.92 -24.57 -33.75
C ASP E 310 -14.84 -23.36 -33.82
N ARG E 311 -14.63 -22.38 -32.93
CA ARG E 311 -15.40 -21.14 -33.02
C ARG E 311 -15.06 -20.39 -34.31
N MET E 312 -13.80 -20.43 -34.73
CA MET E 312 -13.42 -19.82 -35.99
C MET E 312 -14.22 -20.43 -37.14
N GLN E 313 -14.24 -21.76 -37.23
CA GLN E 313 -14.91 -22.43 -38.35
C GLN E 313 -16.41 -22.14 -38.35
N LYS E 314 -17.04 -22.16 -37.18
CA LYS E 314 -18.48 -21.91 -37.12
C LYS E 314 -18.82 -20.50 -37.60
N GLU E 315 -18.05 -19.51 -37.18
CA GLU E 315 -18.37 -18.12 -37.54
C GLU E 315 -18.25 -17.88 -39.03
N ILE E 316 -17.13 -18.27 -39.63
CA ILE E 316 -16.93 -18.01 -41.06
C ILE E 316 -17.93 -18.81 -41.89
N THR E 317 -18.26 -20.02 -41.44
CA THR E 317 -19.25 -20.83 -42.16
C THR E 317 -20.58 -20.12 -42.26
N ALA E 318 -20.97 -19.40 -41.20
CA ALA E 318 -22.19 -18.61 -41.26
C ALA E 318 -22.10 -17.51 -42.29
N LEU E 319 -20.91 -16.88 -42.41
CA LEU E 319 -20.74 -15.83 -43.40
C LEU E 319 -20.53 -16.40 -44.79
N ALA E 320 -19.77 -17.48 -44.91
CA ALA E 320 -19.46 -18.05 -46.21
C ALA E 320 -20.68 -18.77 -46.79
N PRO E 321 -20.74 -18.90 -48.12
CA PRO E 321 -21.87 -19.61 -48.74
C PRO E 321 -21.94 -21.06 -48.28
N SER E 322 -23.17 -21.58 -48.24
CA SER E 322 -23.38 -22.93 -47.73
C SER E 322 -22.67 -23.99 -48.56
N THR E 323 -22.54 -23.75 -49.87
CA THR E 323 -21.87 -24.69 -50.76
C THR E 323 -20.37 -24.77 -50.51
N MET E 324 -19.83 -23.92 -49.65
CA MET E 324 -18.40 -23.71 -49.57
C MET E 324 -17.79 -24.56 -48.45
N LYS E 325 -16.65 -25.18 -48.73
CA LYS E 325 -15.97 -26.03 -47.76
C LYS E 325 -15.01 -25.18 -46.93
N ILE E 326 -15.29 -25.07 -45.64
CA ILE E 326 -14.47 -24.28 -44.73
C ILE E 326 -13.54 -25.21 -43.96
N LYS E 327 -12.23 -24.95 -44.06
CA LYS E 327 -11.23 -25.73 -43.32
C LYS E 327 -10.31 -24.76 -42.62
N ILE E 328 -10.21 -24.88 -41.30
CA ILE E 328 -9.36 -24.03 -40.48
C ILE E 328 -8.14 -24.84 -40.09
N ILE E 329 -6.96 -24.34 -40.46
CA ILE E 329 -5.70 -25.04 -40.22
C ILE E 329 -5.05 -24.41 -39.01
N ALA E 330 -4.92 -25.18 -37.93
CA ALA E 330 -4.33 -24.71 -36.68
C ALA E 330 -3.30 -25.72 -36.21
N PRO E 331 -2.09 -25.66 -36.77
CA PRO E 331 -1.03 -26.55 -36.31
C PRO E 331 -0.70 -26.27 -34.86
N PRO E 332 -0.37 -27.31 -34.10
CA PRO E 332 -0.08 -27.11 -32.66
C PRO E 332 1.14 -26.24 -32.41
N GLU E 333 2.03 -26.08 -33.39
CA GLU E 333 3.24 -25.30 -33.23
C GLU E 333 3.15 -23.93 -33.89
N ARG E 334 1.94 -23.45 -34.17
CA ARG E 334 1.77 -22.20 -34.90
C ARG E 334 2.26 -20.99 -34.13
N LYS E 335 2.56 -21.13 -32.85
CA LYS E 335 3.17 -20.02 -32.10
C LYS E 335 4.52 -19.65 -32.69
N TYR E 336 5.28 -20.62 -33.18
CA TYR E 336 6.59 -20.40 -33.79
C TYR E 336 6.55 -20.66 -35.29
N SER E 337 5.36 -20.56 -35.89
CA SER E 337 5.25 -20.80 -37.32
C SER E 337 6.09 -19.82 -38.11
N VAL E 338 6.14 -18.55 -37.67
CA VAL E 338 6.96 -17.57 -38.36
C VAL E 338 8.44 -17.96 -38.29
N TRP E 339 8.91 -18.36 -37.10
CA TRP E 339 10.30 -18.77 -36.97
C TRP E 339 10.55 -20.07 -37.72
N ILE E 340 9.64 -21.04 -37.61
CA ILE E 340 9.84 -22.34 -38.25
C ILE E 340 9.92 -22.18 -39.76
N GLY E 341 9.02 -21.38 -40.34
CA GLY E 341 9.10 -21.12 -41.77
C GLY E 341 10.39 -20.42 -42.16
N GLY E 342 10.86 -19.50 -41.33
CA GLY E 342 12.11 -18.83 -41.62
C GLY E 342 13.30 -19.78 -41.65
N SER E 343 13.36 -20.70 -40.68
CA SER E 343 14.43 -21.69 -40.67
C SER E 343 14.35 -22.59 -41.90
N ILE E 344 13.14 -22.99 -42.29
CA ILE E 344 12.96 -23.83 -43.47
C ILE E 344 13.43 -23.07 -44.72
N LEU E 345 12.99 -21.82 -44.86
CA LEU E 345 13.33 -21.06 -46.05
C LEU E 345 14.83 -20.79 -46.13
N ALA E 346 15.44 -20.44 -44.99
CA ALA E 346 16.88 -20.19 -44.96
C ALA E 346 17.69 -21.45 -45.27
N SER E 347 17.14 -22.63 -45.00
CA SER E 347 17.83 -23.88 -45.30
C SER E 347 17.72 -24.29 -46.76
N LEU E 348 16.88 -23.61 -47.53
CA LEU E 348 16.72 -23.95 -48.94
C LEU E 348 17.96 -23.56 -49.73
N SER E 349 18.30 -24.40 -50.71
CA SER E 349 19.45 -24.12 -51.57
C SER E 349 19.20 -22.90 -52.46
N THR E 350 17.97 -22.70 -52.90
CA THR E 350 17.64 -21.61 -53.81
C THR E 350 17.48 -20.28 -53.08
N PHE E 351 17.65 -20.24 -51.76
CA PHE E 351 17.58 -19.00 -51.00
C PHE E 351 18.89 -18.24 -50.95
N GLN E 352 20.01 -18.86 -51.33
CA GLN E 352 21.31 -18.22 -51.18
C GLN E 352 21.43 -16.95 -52.01
N GLN E 353 20.66 -16.80 -53.09
CA GLN E 353 20.76 -15.62 -53.93
C GLN E 353 19.94 -14.44 -53.43
N MET E 354 19.02 -14.66 -52.49
CA MET E 354 18.30 -13.55 -51.88
C MET E 354 19.14 -12.78 -50.87
N TRP E 355 20.28 -13.31 -50.45
CA TRP E 355 21.11 -12.66 -49.45
C TRP E 355 21.62 -11.31 -49.96
N ILE E 356 21.75 -10.36 -49.04
CA ILE E 356 22.27 -9.03 -49.33
C ILE E 356 23.57 -8.86 -48.57
N SER E 357 24.64 -8.57 -49.29
CA SER E 357 25.97 -8.46 -48.68
C SER E 357 26.14 -7.09 -48.03
N LYS E 358 26.99 -7.07 -46.99
CA LYS E 358 27.28 -5.81 -46.30
C LYS E 358 27.96 -4.82 -47.24
N GLN E 359 28.90 -5.31 -48.05
CA GLN E 359 29.58 -4.45 -49.02
C GLN E 359 28.59 -3.87 -50.03
N GLU E 360 27.64 -4.69 -50.47
CA GLU E 360 26.64 -4.21 -51.42
C GLU E 360 25.82 -3.07 -50.85
N TYR E 361 25.39 -3.20 -49.58
CA TYR E 361 24.63 -2.13 -48.96
C TYR E 361 25.48 -0.87 -48.78
N ASP E 362 26.77 -1.05 -48.44
CA ASP E 362 27.64 0.10 -48.23
C ASP E 362 27.81 0.93 -49.50
N GLU E 363 27.65 0.32 -50.67
CA GLU E 363 27.81 1.02 -51.93
C GLU E 363 26.49 1.33 -52.61
N SER E 364 25.42 0.63 -52.28
CA SER E 364 24.12 0.82 -52.91
C SER E 364 23.06 1.42 -51.99
N GLY E 365 23.16 1.20 -50.68
CA GLY E 365 22.19 1.72 -49.76
C GLY E 365 20.96 0.85 -49.64
N PRO E 366 19.93 1.35 -48.95
CA PRO E 366 18.72 0.56 -48.73
C PRO E 366 17.86 0.38 -49.97
N SER E 367 18.27 0.93 -51.12
CA SER E 367 17.48 0.76 -52.33
C SER E 367 17.39 -0.71 -52.73
N ILE E 368 18.49 -1.45 -52.60
CA ILE E 368 18.49 -2.87 -52.91
C ILE E 368 17.68 -3.68 -51.90
N VAL E 369 17.34 -3.09 -50.75
CA VAL E 369 16.55 -3.81 -49.76
C VAL E 369 15.06 -3.70 -50.06
N HIS E 370 14.60 -2.54 -50.54
CA HIS E 370 13.20 -2.43 -50.95
C HIS E 370 12.90 -3.37 -52.11
N ARG E 371 13.79 -3.43 -53.09
CA ARG E 371 13.71 -4.49 -54.08
C ARG E 371 14.15 -5.82 -53.47
N LYS E 372 13.87 -6.90 -54.19
CA LYS E 372 14.09 -8.28 -53.77
C LYS E 372 13.29 -8.63 -52.51
N CYS E 373 12.48 -7.70 -51.99
CA CYS E 373 11.66 -7.93 -50.82
C CYS E 373 10.25 -7.43 -51.10
N PHE E 374 9.27 -8.08 -50.48
CA PHE E 374 7.87 -7.77 -50.74
C PHE E 374 7.16 -7.29 -49.49
N ALA F 5 -42.05 27.46 -58.23
CA ALA F 5 -40.80 27.28 -57.51
C ALA F 5 -40.39 25.81 -57.49
N ALA F 6 -39.87 25.34 -58.61
CA ALA F 6 -39.43 23.95 -58.72
C ALA F 6 -38.17 23.72 -57.91
N LEU F 7 -38.03 22.51 -57.38
CA LEU F 7 -36.87 22.13 -56.59
C LEU F 7 -35.91 21.31 -57.43
N VAL F 8 -34.63 21.67 -57.38
CA VAL F 8 -33.57 20.94 -58.06
C VAL F 8 -32.81 20.18 -57.00
N VAL F 9 -32.89 18.85 -57.05
CA VAL F 9 -32.24 17.98 -56.08
C VAL F 9 -31.25 17.12 -56.82
N ASP F 10 -29.97 17.24 -56.48
CA ASP F 10 -28.91 16.41 -57.04
C ASP F 10 -28.44 15.48 -55.94
N ASN F 11 -28.81 14.21 -56.06
CA ASN F 11 -28.48 13.20 -55.07
C ASN F 11 -27.29 12.43 -55.59
N GLY F 12 -26.19 12.44 -54.84
CA GLY F 12 -24.97 11.75 -55.19
C GLY F 12 -24.65 10.63 -54.22
N SER F 13 -23.48 10.03 -54.44
CA SER F 13 -23.04 8.93 -53.60
C SER F 13 -22.71 9.39 -52.18
N GLY F 14 -21.98 10.49 -52.06
CA GLY F 14 -21.62 11.00 -50.75
C GLY F 14 -22.10 12.41 -50.49
N MET F 15 -22.27 13.19 -51.55
CA MET F 15 -22.67 14.58 -51.45
C MET F 15 -24.08 14.74 -51.99
N CYS F 16 -24.95 15.38 -51.22
CA CYS F 16 -26.33 15.64 -51.64
C CYS F 16 -26.52 17.14 -51.76
N LYS F 17 -26.98 17.59 -52.92
CA LYS F 17 -27.17 19.00 -53.22
C LYS F 17 -28.62 19.26 -53.58
N ALA F 18 -29.20 20.31 -53.02
CA ALA F 18 -30.59 20.67 -53.29
C ALA F 18 -30.73 22.18 -53.28
N GLY F 19 -31.79 22.66 -53.92
CA GLY F 19 -32.03 24.08 -53.98
C GLY F 19 -33.26 24.38 -54.81
N PHE F 20 -33.35 25.64 -55.24
CA PHE F 20 -34.49 26.12 -56.01
C PHE F 20 -34.08 26.42 -57.45
N ALA F 21 -35.01 26.19 -58.37
CA ALA F 21 -34.74 26.44 -59.78
C ALA F 21 -34.45 27.92 -60.03
N GLY F 22 -33.48 28.17 -60.90
CA GLY F 22 -33.05 29.51 -61.21
C GLY F 22 -31.92 30.03 -60.34
N ASP F 23 -31.64 29.37 -59.22
CA ASP F 23 -30.54 29.77 -58.36
C ASP F 23 -29.21 29.36 -58.97
N ASP F 24 -28.19 30.19 -58.73
CA ASP F 24 -26.86 29.92 -59.25
C ASP F 24 -26.13 28.83 -58.48
N ALA F 25 -26.38 28.69 -57.19
CA ALA F 25 -25.73 27.69 -56.36
C ALA F 25 -26.77 26.96 -55.52
N PRO F 26 -26.53 25.69 -55.20
CA PRO F 26 -27.47 24.96 -54.35
C PRO F 26 -27.56 25.60 -52.97
N ARG F 27 -28.79 25.69 -52.46
CA ARG F 27 -29.00 26.28 -51.14
C ARG F 27 -28.60 25.32 -50.03
N ALA F 28 -28.85 24.03 -50.21
CA ALA F 28 -28.59 23.02 -49.19
C ALA F 28 -27.62 21.99 -49.75
N VAL F 29 -26.41 21.96 -49.20
CA VAL F 29 -25.39 20.98 -49.55
C VAL F 29 -24.95 20.32 -48.26
N PHE F 30 -25.40 19.09 -48.04
CA PHE F 30 -25.12 18.38 -46.79
C PHE F 30 -24.64 16.97 -47.10
N PRO F 31 -23.83 16.38 -46.23
CA PRO F 31 -23.34 15.02 -46.48
C PRO F 31 -24.46 14.00 -46.45
N SER F 32 -24.32 12.97 -47.30
CA SER F 32 -25.32 11.92 -47.42
C SER F 32 -24.93 10.71 -46.58
N ILE F 33 -25.00 10.89 -45.27
CA ILE F 33 -24.68 9.84 -44.31
C ILE F 33 -25.75 9.81 -43.22
N VAL F 34 -26.19 8.60 -42.88
CA VAL F 34 -27.10 8.37 -41.76
C VAL F 34 -26.30 7.71 -40.65
N GLY F 35 -26.25 8.35 -39.49
CA GLY F 35 -25.46 7.87 -38.37
C GLY F 35 -26.38 7.39 -37.25
N ARG F 36 -25.94 6.36 -36.54
CA ARG F 36 -26.67 5.80 -35.42
C ARG F 36 -25.73 5.61 -34.24
N PRO F 37 -26.23 5.81 -33.02
CA PRO F 37 -25.35 5.67 -31.85
C PRO F 37 -24.82 4.24 -31.70
N ARG F 38 -23.58 4.15 -31.25
CA ARG F 38 -22.94 2.86 -30.99
C ARG F 38 -22.67 2.64 -29.50
N HIS F 39 -22.95 3.63 -28.66
CA HIS F 39 -22.78 3.53 -27.22
C HIS F 39 -24.16 3.50 -26.55
N GLN F 40 -24.15 3.51 -25.22
CA GLN F 40 -25.37 3.47 -24.44
C GLN F 40 -25.56 4.79 -23.71
N GLY F 41 -26.73 5.41 -23.89
CA GLY F 41 -27.06 6.62 -23.18
C GLY F 41 -27.26 6.34 -21.70
N VAL F 42 -26.67 7.20 -20.86
CA VAL F 42 -26.70 7.01 -19.42
C VAL F 42 -27.40 8.13 -18.68
N MET F 43 -27.77 9.21 -19.35
CA MET F 43 -28.48 10.33 -18.73
C MET F 43 -29.87 10.46 -19.32
N VAL F 44 -30.87 10.63 -18.46
CA VAL F 44 -32.24 10.80 -18.89
C VAL F 44 -32.41 12.09 -19.69
N LYS F 49 -33.90 10.32 -30.11
CA LYS F 49 -33.39 10.31 -31.47
C LYS F 49 -32.44 9.15 -31.70
N ASP F 50 -32.87 8.18 -32.50
CA ASP F 50 -32.08 6.99 -32.78
C ASP F 50 -31.24 7.11 -34.04
N SER F 51 -31.32 8.22 -34.75
CA SER F 51 -30.55 8.39 -35.98
C SER F 51 -30.34 9.88 -36.24
N TYR F 52 -29.24 10.18 -36.92
CA TYR F 52 -28.91 11.53 -37.34
C TYR F 52 -28.52 11.52 -38.81
N VAL F 53 -29.00 12.51 -39.56
CA VAL F 53 -28.81 12.58 -40.99
C VAL F 53 -28.16 13.91 -41.36
N GLY F 54 -27.06 13.84 -42.08
CA GLY F 54 -26.44 15.04 -42.63
C GLY F 54 -25.47 15.68 -41.65
N ASP F 55 -25.53 17.01 -41.55
CA ASP F 55 -24.56 17.76 -40.76
C ASP F 55 -24.64 17.39 -39.28
N GLU F 56 -25.84 17.18 -38.75
CA GLU F 56 -25.97 16.80 -37.35
C GLU F 56 -25.26 15.49 -37.05
N ALA F 57 -25.34 14.51 -37.97
CA ALA F 57 -24.57 13.29 -37.82
C ALA F 57 -23.08 13.58 -37.85
N GLN F 58 -22.64 14.46 -38.75
CA GLN F 58 -21.23 14.84 -38.81
C GLN F 58 -20.78 15.56 -37.55
N SER F 59 -21.66 16.30 -36.88
CA SER F 59 -21.31 16.95 -35.63
C SER F 59 -21.22 15.97 -34.47
N LYS F 60 -22.00 14.89 -34.50
CA LYS F 60 -22.03 13.90 -33.42
C LYS F 60 -21.30 12.61 -33.81
N ARG F 61 -20.47 12.65 -34.84
CA ARG F 61 -19.81 11.46 -35.35
C ARG F 61 -18.92 10.79 -34.31
N GLY F 62 -18.51 11.49 -33.27
CA GLY F 62 -17.66 10.90 -32.25
C GLY F 62 -18.31 9.77 -31.49
N ILE F 63 -19.65 9.68 -31.52
CA ILE F 63 -20.38 8.64 -30.81
C ILE F 63 -21.34 7.90 -31.73
N LEU F 64 -21.22 8.07 -33.04
CA LEU F 64 -22.11 7.44 -34.00
C LEU F 64 -21.33 6.49 -34.90
N THR F 65 -22.06 5.58 -35.53
CA THR F 65 -21.53 4.70 -36.56
C THR F 65 -22.05 5.17 -37.90
N LEU F 66 -21.17 5.81 -38.68
CA LEU F 66 -21.59 6.44 -39.92
C LEU F 66 -21.70 5.42 -41.03
N LYS F 67 -22.81 5.47 -41.78
CA LYS F 67 -23.07 4.55 -42.87
C LYS F 67 -23.59 5.32 -44.07
N TYR F 68 -23.08 4.99 -45.25
CA TYR F 68 -23.55 5.59 -46.49
C TYR F 68 -24.73 4.78 -47.02
N PRO F 69 -25.92 5.36 -47.16
CA PRO F 69 -27.05 4.58 -47.69
C PRO F 69 -26.85 4.09 -49.11
N ILE F 70 -26.03 4.76 -49.91
CA ILE F 70 -25.79 4.39 -51.29
C ILE F 70 -24.31 4.08 -51.46
N GLU F 71 -24.01 2.98 -52.16
CA GLU F 71 -22.64 2.56 -52.39
C GLU F 71 -22.40 2.26 -53.86
N HIC F 72 -21.39 2.92 -54.44
CA HIC F 72 -21.04 2.75 -55.85
C HIC F 72 -22.23 3.02 -56.76
O HIC F 72 -22.46 2.30 -57.73
CB HIC F 72 -20.48 1.35 -56.10
CG HIC F 72 -19.21 1.11 -55.37
ND1 HIC F 72 -18.06 1.77 -55.67
CD2 HIC F 72 -18.98 0.24 -54.33
CE1 HIC F 72 -17.15 1.32 -54.84
NE2 HIC F 72 -17.66 0.39 -54.01
CZ HIC F 72 -16.94 -0.32 -52.97
N GLY F 73 -23.00 4.05 -56.42
CA GLY F 73 -24.17 4.41 -57.20
C GLY F 73 -25.32 3.44 -57.05
N ILE F 74 -25.24 2.58 -56.03
CA ILE F 74 -26.26 1.59 -55.75
C ILE F 74 -26.77 1.81 -54.33
N VAL F 75 -28.08 1.98 -54.19
CA VAL F 75 -28.69 2.28 -52.90
C VAL F 75 -28.68 1.01 -52.06
N THR F 76 -27.82 0.97 -51.03
CA THR F 76 -27.76 -0.20 -50.16
C THR F 76 -29.03 -0.35 -49.33
N ASN F 77 -29.56 0.75 -48.80
CA ASN F 77 -30.78 0.71 -47.98
C ASN F 77 -31.63 1.92 -48.32
N TRP F 78 -32.88 1.67 -48.72
CA TRP F 78 -33.79 2.76 -49.06
C TRP F 78 -34.45 3.38 -47.84
N ASP F 79 -34.37 2.72 -46.68
CA ASP F 79 -34.89 3.33 -45.46
C ASP F 79 -34.08 4.56 -45.08
N ASP F 80 -32.76 4.43 -45.02
CA ASP F 80 -31.90 5.59 -44.79
C ASP F 80 -31.96 6.56 -45.95
N MET F 81 -32.12 6.04 -47.17
CA MET F 81 -32.20 6.92 -48.34
C MET F 81 -33.40 7.83 -48.26
N GLU F 82 -34.55 7.29 -47.85
CA GLU F 82 -35.73 8.11 -47.62
C GLU F 82 -35.47 9.16 -46.53
N LYS F 83 -34.69 8.79 -45.51
CA LYS F 83 -34.32 9.76 -44.48
C LYS F 83 -33.56 10.93 -45.07
N ILE F 84 -32.69 10.67 -46.05
CA ILE F 84 -31.95 11.74 -46.71
C ILE F 84 -32.93 12.69 -47.40
N TRP F 85 -33.90 12.14 -48.14
CA TRP F 85 -34.89 12.96 -48.82
C TRP F 85 -35.75 13.72 -47.81
N HIS F 86 -36.17 13.03 -46.73
CA HIS F 86 -36.96 13.69 -45.70
C HIS F 86 -36.16 14.80 -45.03
N HIS F 87 -34.89 14.55 -44.76
CA HIS F 87 -34.03 15.58 -44.19
C HIS F 87 -33.86 16.76 -45.15
N THR F 88 -33.84 16.48 -46.46
CA THR F 88 -33.67 17.54 -47.43
C THR F 88 -34.86 18.49 -47.43
N PHE F 89 -36.07 17.94 -47.53
CA PHE F 89 -37.25 18.77 -47.72
C PHE F 89 -37.62 19.53 -46.45
N TYR F 90 -37.60 18.86 -45.31
CA TYR F 90 -38.11 19.45 -44.07
C TYR F 90 -37.02 20.11 -43.24
N ASN F 91 -35.84 19.51 -43.18
CA ASN F 91 -34.78 20.04 -42.33
C ASN F 91 -33.84 20.98 -43.08
N GLU F 92 -33.42 20.61 -44.28
CA GLU F 92 -32.50 21.46 -45.04
C GLU F 92 -33.26 22.58 -45.75
N LEU F 93 -34.15 22.21 -46.68
CA LEU F 93 -34.87 23.22 -47.44
C LEU F 93 -36.00 23.85 -46.64
N ARG F 94 -36.53 23.14 -45.64
CA ARG F 94 -37.65 23.62 -44.83
C ARG F 94 -38.85 23.99 -45.70
N VAL F 95 -39.13 23.13 -46.68
CA VAL F 95 -40.24 23.35 -47.61
C VAL F 95 -41.11 22.10 -47.65
N ALA F 96 -42.33 22.28 -48.13
CA ALA F 96 -43.28 21.18 -48.26
C ALA F 96 -43.10 20.49 -49.60
N PRO F 97 -42.74 19.21 -49.64
CA PRO F 97 -42.50 18.54 -50.93
C PRO F 97 -43.75 18.44 -51.80
N GLU F 98 -44.94 18.55 -51.23
CA GLU F 98 -46.16 18.39 -52.01
C GLU F 98 -46.59 19.66 -52.72
N GLU F 99 -45.86 20.76 -52.54
CA GLU F 99 -46.23 22.03 -53.16
C GLU F 99 -45.25 22.46 -54.25
N HIS F 100 -43.98 22.05 -54.17
CA HIS F 100 -43.01 22.35 -55.20
C HIS F 100 -42.83 21.14 -56.11
N PRO F 101 -42.81 21.32 -57.43
CA PRO F 101 -42.35 20.23 -58.30
C PRO F 101 -40.86 19.96 -58.07
N VAL F 102 -40.48 18.71 -58.24
CA VAL F 102 -39.13 18.26 -57.90
C VAL F 102 -38.45 17.74 -59.17
N LEU F 103 -37.26 18.26 -59.44
CA LEU F 103 -36.41 17.77 -60.52
C LEU F 103 -35.29 16.92 -59.92
N LEU F 104 -35.13 15.70 -60.42
CA LEU F 104 -34.18 14.77 -59.87
C LEU F 104 -33.13 14.40 -60.91
N THR F 105 -31.96 13.99 -60.42
CA THR F 105 -30.83 13.62 -61.25
C THR F 105 -30.56 12.13 -61.10
N GLU F 106 -30.15 11.50 -62.19
CA GLU F 106 -29.88 10.07 -62.21
C GLU F 106 -28.55 9.79 -62.86
N ALA F 107 -27.90 8.71 -62.44
CA ALA F 107 -26.63 8.31 -63.03
C ALA F 107 -26.85 7.82 -64.46
N PRO F 108 -25.85 7.95 -65.32
CA PRO F 108 -25.97 7.40 -66.68
C PRO F 108 -26.19 5.91 -66.65
N LEU F 109 -26.99 5.43 -67.59
CA LEU F 109 -27.41 4.02 -67.64
C LEU F 109 -28.04 3.60 -66.32
N ASN F 110 -28.88 4.47 -65.77
CA ASN F 110 -29.52 4.19 -64.49
C ASN F 110 -30.42 2.96 -64.61
N PRO F 111 -30.41 2.06 -63.63
CA PRO F 111 -31.28 0.89 -63.70
C PRO F 111 -32.74 1.30 -63.76
N LYS F 112 -33.51 0.55 -64.55
CA LYS F 112 -34.91 0.91 -64.73
C LYS F 112 -35.70 0.73 -63.44
N ALA F 113 -35.39 -0.33 -62.68
CA ALA F 113 -35.98 -0.49 -61.36
C ALA F 113 -35.54 0.63 -60.42
N ASN F 114 -34.27 1.04 -60.52
CA ASN F 114 -33.81 2.19 -59.74
C ASN F 114 -34.61 3.44 -60.09
N ARG F 115 -34.98 3.59 -61.35
CA ARG F 115 -35.83 4.71 -61.74
C ARG F 115 -37.30 4.43 -61.40
N GLU F 116 -37.61 3.21 -60.97
CA GLU F 116 -38.98 2.91 -60.57
C GLU F 116 -39.24 3.28 -59.12
N LYS F 117 -38.31 2.96 -58.21
CA LYS F 117 -38.59 3.18 -56.79
C LYS F 117 -38.62 4.67 -56.43
N MET F 118 -37.61 5.44 -56.85
CA MET F 118 -37.61 6.86 -56.44
C MET F 118 -38.72 7.62 -57.15
N THR F 119 -39.20 7.10 -58.27
CA THR F 119 -40.42 7.66 -58.85
C THR F 119 -41.60 7.41 -57.92
N GLN F 120 -41.66 6.22 -57.34
CA GLN F 120 -42.76 5.88 -56.45
C GLN F 120 -42.72 6.73 -55.18
N ILE F 121 -41.52 6.96 -54.62
CA ILE F 121 -41.43 7.55 -53.29
C ILE F 121 -41.82 9.03 -53.32
N MET F 122 -41.37 9.78 -54.32
CA MET F 122 -41.82 11.17 -54.45
C MET F 122 -43.34 11.26 -54.55
N PHE F 123 -43.94 10.45 -55.42
CA PHE F 123 -45.38 10.57 -55.63
C PHE F 123 -46.19 9.97 -54.48
N GLU F 124 -45.70 8.91 -53.85
CA GLU F 124 -46.49 8.24 -52.80
C GLU F 124 -46.10 8.69 -51.40
N THR F 125 -44.80 8.78 -51.10
CA THR F 125 -44.39 9.17 -49.76
C THR F 125 -44.42 10.69 -49.57
N PHE F 126 -43.86 11.43 -50.53
CA PHE F 126 -43.80 12.88 -50.45
C PHE F 126 -44.95 13.58 -51.18
N ASN F 127 -45.67 12.85 -52.03
CA ASN F 127 -46.85 13.39 -52.74
C ASN F 127 -46.49 14.66 -53.52
N THR F 128 -45.37 14.61 -54.23
CA THR F 128 -44.94 15.74 -55.02
C THR F 128 -45.92 16.02 -56.14
N PRO F 129 -46.17 17.29 -56.47
CA PRO F 129 -47.12 17.59 -57.55
C PRO F 129 -46.61 17.15 -58.92
N ALA F 130 -45.36 17.52 -59.23
CA ALA F 130 -44.75 17.18 -60.50
C ALA F 130 -43.33 16.68 -60.25
N MET F 131 -42.82 15.89 -61.18
CA MET F 131 -41.52 15.27 -61.02
C MET F 131 -40.91 15.03 -62.39
N TYR F 132 -39.59 15.10 -62.45
CA TYR F 132 -38.84 14.79 -63.66
C TYR F 132 -37.48 14.24 -63.28
N VAL F 133 -36.98 13.32 -64.09
CA VAL F 133 -35.67 12.69 -63.89
C VAL F 133 -34.78 13.05 -65.06
N ALA F 134 -33.59 13.55 -64.77
CA ALA F 134 -32.64 13.97 -65.79
C ALA F 134 -31.29 13.30 -65.55
N ILE F 135 -30.56 13.06 -66.64
CA ILE F 135 -29.25 12.43 -66.56
C ILE F 135 -28.23 13.44 -66.07
N GLN F 136 -27.42 13.04 -65.09
CA GLN F 136 -26.45 13.96 -64.50
C GLN F 136 -25.46 14.48 -65.55
N ALA F 137 -25.03 13.60 -66.46
CA ALA F 137 -24.08 14.02 -67.48
C ALA F 137 -24.67 15.10 -68.38
N VAL F 138 -25.95 14.97 -68.73
CA VAL F 138 -26.58 15.94 -69.62
C VAL F 138 -26.63 17.32 -68.95
N LEU F 139 -26.98 17.36 -67.66
CA LEU F 139 -27.08 18.64 -66.97
C LEU F 139 -25.74 19.34 -66.89
N SER F 140 -24.66 18.58 -66.69
CA SER F 140 -23.33 19.17 -66.64
C SER F 140 -22.98 19.86 -67.96
N LEU F 141 -23.35 19.24 -69.09
CA LEU F 141 -23.16 19.90 -70.38
C LEU F 141 -23.99 21.17 -70.49
N TYR F 142 -25.20 21.15 -69.91
CA TYR F 142 -26.02 22.37 -69.92
C TYR F 142 -25.34 23.49 -69.14
N ALA F 143 -24.69 23.16 -68.03
CA ALA F 143 -23.95 24.17 -67.27
C ALA F 143 -22.82 24.77 -68.10
N SER F 144 -22.14 23.93 -68.89
CA SER F 144 -21.07 24.40 -69.75
C SER F 144 -21.59 25.12 -70.98
N GLY F 145 -22.89 25.12 -71.22
CA GLY F 145 -23.46 25.76 -72.39
C GLY F 145 -23.05 25.12 -73.70
N ARG F 146 -23.02 23.78 -73.73
CA ARG F 146 -22.62 23.05 -74.92
C ARG F 146 -23.61 21.92 -75.19
N THR F 147 -23.69 21.51 -76.44
CA THR F 147 -24.52 20.38 -76.84
C THR F 147 -23.71 19.24 -77.43
N THR F 148 -22.43 19.44 -77.70
CA THR F 148 -21.56 18.41 -78.25
C THR F 148 -20.34 18.28 -77.36
N GLY F 149 -20.03 17.06 -76.95
CA GLY F 149 -18.87 16.82 -76.12
C GLY F 149 -19.06 15.59 -75.26
N ILE F 150 -17.94 15.12 -74.71
CA ILE F 150 -17.93 13.96 -73.83
C ILE F 150 -17.76 14.44 -72.41
N VAL F 151 -18.71 14.07 -71.55
CA VAL F 151 -18.72 14.50 -70.15
C VAL F 151 -18.28 13.33 -69.29
N MET F 152 -17.27 13.56 -68.47
CA MET F 152 -16.85 12.59 -67.46
C MET F 152 -17.25 13.17 -66.11
N ASP F 153 -17.86 12.33 -65.27
CA ASP F 153 -18.23 12.74 -63.92
C ASP F 153 -17.65 11.73 -62.93
N SER F 154 -16.80 12.21 -62.04
CA SER F 154 -16.22 11.40 -60.97
C SER F 154 -16.67 11.98 -59.65
N GLY F 155 -17.57 11.26 -58.98
CA GLY F 155 -18.09 11.75 -57.71
C GLY F 155 -17.51 11.00 -56.54
N ASP F 156 -18.39 10.44 -55.69
CA ASP F 156 -17.94 9.67 -54.54
C ASP F 156 -18.05 8.17 -54.73
N GLY F 157 -18.95 7.70 -55.60
CA GLY F 157 -19.19 6.29 -55.73
C GLY F 157 -18.71 5.62 -57.01
N VAL F 158 -18.83 6.32 -58.14
CA VAL F 158 -18.56 5.70 -59.43
C VAL F 158 -18.19 6.80 -60.43
N THR F 159 -17.46 6.41 -61.46
CA THR F 159 -17.04 7.32 -62.52
C THR F 159 -17.64 6.87 -63.84
N HIS F 160 -18.24 7.82 -64.57
CA HIS F 160 -18.85 7.56 -65.86
C HIS F 160 -18.22 8.45 -66.92
N THR F 161 -18.23 7.97 -68.16
CA THR F 161 -17.79 8.75 -69.32
C THR F 161 -18.92 8.72 -70.34
N VAL F 162 -19.55 9.86 -70.57
CA VAL F 162 -20.71 9.94 -71.45
C VAL F 162 -20.43 10.89 -72.60
N PRO F 163 -20.28 10.38 -73.83
CA PRO F 163 -20.14 11.27 -74.99
C PRO F 163 -21.50 11.73 -75.50
N ILE F 164 -21.61 13.02 -75.78
CA ILE F 164 -22.83 13.62 -76.32
C ILE F 164 -22.47 14.40 -77.56
N TYR F 165 -23.21 14.19 -78.64
CA TYR F 165 -22.97 14.84 -79.92
C TYR F 165 -24.24 15.51 -80.39
N GLU F 166 -24.23 16.85 -80.42
CA GLU F 166 -25.35 17.65 -80.91
C GLU F 166 -26.65 17.31 -80.18
N GLY F 167 -26.55 17.13 -78.87
CA GLY F 167 -27.70 16.80 -78.06
C GLY F 167 -28.14 15.35 -78.11
N TYR F 168 -27.39 14.49 -78.81
CA TYR F 168 -27.71 13.08 -78.91
C TYR F 168 -26.77 12.29 -78.03
N ALA F 169 -27.32 11.41 -77.20
CA ALA F 169 -26.52 10.54 -76.35
C ALA F 169 -26.20 9.23 -77.05
N LEU F 170 -25.07 8.63 -76.68
CA LEU F 170 -24.61 7.38 -77.26
C LEU F 170 -24.44 6.36 -76.13
N PRO F 171 -25.49 5.64 -75.76
CA PRO F 171 -25.38 4.69 -74.63
C PRO F 171 -24.35 3.60 -74.85
N HIS F 172 -24.18 3.15 -76.09
CA HIS F 172 -23.22 2.07 -76.35
C HIS F 172 -21.79 2.46 -76.03
N ALA F 173 -21.44 3.74 -76.17
CA ALA F 173 -20.09 4.22 -75.90
C ALA F 173 -19.92 4.70 -74.46
N ILE F 174 -20.95 4.60 -73.63
CA ILE F 174 -20.85 5.02 -72.24
C ILE F 174 -20.06 3.98 -71.46
N LEU F 175 -19.02 4.41 -70.77
CA LEU F 175 -18.17 3.52 -70.00
C LEU F 175 -18.26 3.87 -68.52
N ARG F 176 -18.11 2.84 -67.68
CA ARG F 176 -18.23 2.98 -66.24
C ARG F 176 -16.92 2.58 -65.57
N LEU F 177 -16.51 3.37 -64.57
CA LEU F 177 -15.33 3.05 -63.77
C LEU F 177 -15.74 3.04 -62.30
N ASP F 178 -15.48 1.91 -61.64
CA ASP F 178 -15.81 1.76 -60.22
C ASP F 178 -14.68 2.29 -59.34
N LEU F 179 -14.41 3.58 -59.50
CA LEU F 179 -13.34 4.24 -58.78
C LEU F 179 -13.69 5.71 -58.65
N ALA F 180 -13.84 6.17 -57.41
CA ALA F 180 -14.28 7.54 -57.16
C ALA F 180 -13.68 8.01 -55.84
N GLY F 181 -14.25 9.08 -55.27
CA GLY F 181 -13.65 9.68 -54.08
C GLY F 181 -13.60 8.75 -52.90
N ARG F 182 -14.66 7.97 -52.68
CA ARG F 182 -14.68 7.07 -51.53
C ARG F 182 -13.55 6.04 -51.62
N ASP F 183 -13.30 5.51 -52.82
CA ASP F 183 -12.17 4.60 -52.99
C ASP F 183 -10.85 5.30 -52.72
N LEU F 184 -10.71 6.54 -53.19
CA LEU F 184 -9.51 7.30 -52.89
C LEU F 184 -9.36 7.56 -51.39
N THR F 185 -10.47 7.89 -50.73
CA THR F 185 -10.42 8.13 -49.29
C THR F 185 -9.95 6.88 -48.55
N ASP F 186 -10.46 5.72 -48.93
CA ASP F 186 -9.99 4.47 -48.33
C ASP F 186 -8.52 4.25 -48.64
N TYR F 187 -8.10 4.54 -49.87
CA TYR F 187 -6.70 4.36 -50.24
C TYR F 187 -5.79 5.26 -49.41
N LEU F 188 -6.26 6.46 -49.06
CA LEU F 188 -5.47 7.34 -48.22
C LEU F 188 -5.16 6.68 -46.88
N MET F 189 -6.16 6.05 -46.26
CA MET F 189 -5.94 5.35 -45.00
C MET F 189 -4.82 4.34 -45.12
N LYS F 190 -4.83 3.55 -46.20
CA LYS F 190 -3.79 2.54 -46.38
C LYS F 190 -2.42 3.18 -46.54
N ILE F 191 -2.37 4.42 -47.02
CA ILE F 191 -1.09 5.10 -47.18
C ILE F 191 -0.85 6.19 -46.17
N LEU F 192 -1.62 6.22 -45.07
CA LEU F 192 -1.21 7.02 -43.91
C LEU F 192 -0.72 6.15 -42.76
N THR F 193 -1.03 4.85 -42.80
CA THR F 193 -0.60 3.95 -41.72
C THR F 193 0.91 3.83 -41.65
N GLU F 194 1.59 3.73 -42.80
CA GLU F 194 3.04 3.58 -42.78
C GLU F 194 3.73 4.83 -42.26
N ARG F 195 3.06 5.97 -42.28
CA ARG F 195 3.59 7.20 -41.70
C ARG F 195 3.36 7.28 -40.20
N GLY F 196 2.66 6.29 -39.62
CA GLY F 196 2.43 6.25 -38.20
C GLY F 196 1.07 6.74 -37.75
N TYR F 197 0.19 7.10 -38.69
CA TYR F 197 -1.14 7.58 -38.35
C TYR F 197 -2.17 6.50 -38.66
N SER F 198 -2.99 6.16 -37.68
CA SER F 198 -3.99 5.09 -37.79
C SER F 198 -5.38 5.71 -37.77
N PHE F 199 -6.16 5.43 -38.81
CA PHE F 199 -7.56 5.84 -38.88
C PHE F 199 -8.38 4.64 -39.34
N THR F 200 -9.28 4.17 -38.48
CA THR F 200 -10.08 2.98 -38.77
C THR F 200 -11.57 3.22 -38.68
N THR F 201 -12.04 3.98 -37.70
CA THR F 201 -13.47 4.13 -37.49
C THR F 201 -14.10 5.00 -38.57
N THR F 202 -15.42 4.84 -38.73
CA THR F 202 -16.15 5.66 -39.70
C THR F 202 -16.09 7.14 -39.33
N ALA F 203 -15.99 7.46 -38.05
CA ALA F 203 -15.79 8.84 -37.66
C ALA F 203 -14.48 9.39 -38.20
N GLU F 204 -13.42 8.58 -38.14
CA GLU F 204 -12.15 8.97 -38.72
C GLU F 204 -12.20 9.03 -40.25
N ARG F 205 -13.19 8.38 -40.86
CA ARG F 205 -13.28 8.39 -42.32
C ARG F 205 -13.54 9.79 -42.85
N GLU F 206 -14.42 10.54 -42.18
CA GLU F 206 -14.65 11.92 -42.59
C GLU F 206 -13.43 12.78 -42.36
N ILE F 207 -12.61 12.46 -41.35
CA ILE F 207 -11.39 13.21 -41.11
C ILE F 207 -10.44 13.07 -42.28
N VAL F 208 -10.23 11.84 -42.76
CA VAL F 208 -9.32 11.62 -43.87
C VAL F 208 -9.86 12.28 -45.14
N ARG F 209 -11.18 12.20 -45.34
CA ARG F 209 -11.79 12.84 -46.50
C ARG F 209 -11.57 14.34 -46.48
N ASP F 210 -11.65 14.96 -45.30
CA ASP F 210 -11.33 16.37 -45.18
C ASP F 210 -9.89 16.66 -45.56
N ILE F 211 -8.96 15.80 -45.12
CA ILE F 211 -7.57 15.95 -45.53
C ILE F 211 -7.44 15.78 -47.03
N LYS F 212 -8.17 14.81 -47.60
CA LYS F 212 -8.06 14.55 -49.03
C LYS F 212 -8.49 15.74 -49.86
N GLU F 213 -9.57 16.41 -49.45
CA GLU F 213 -10.09 17.54 -50.19
C GLU F 213 -9.24 18.79 -50.06
N LYS F 214 -8.26 18.82 -49.15
CA LYS F 214 -7.51 20.02 -48.85
C LYS F 214 -6.06 20.00 -49.30
N LEU F 215 -5.37 18.87 -49.13
CA LEU F 215 -3.93 18.83 -49.36
C LEU F 215 -3.51 17.96 -50.53
N CYS F 216 -4.41 17.17 -51.10
CA CYS F 216 -4.05 16.32 -52.23
C CYS F 216 -4.16 17.07 -53.55
N TYR F 217 -3.28 16.71 -54.48
CA TYR F 217 -3.25 17.32 -55.80
C TYR F 217 -2.69 16.30 -56.79
N VAL F 218 -2.90 16.58 -58.07
CA VAL F 218 -2.42 15.70 -59.13
C VAL F 218 -1.10 16.24 -59.67
N ALA F 219 -0.08 15.40 -59.65
CA ALA F 219 1.23 15.78 -60.17
C ALA F 219 1.30 15.53 -61.66
N LEU F 220 1.89 16.49 -62.39
CA LEU F 220 2.01 16.34 -63.84
C LEU F 220 2.90 15.15 -64.20
N ASP F 221 4.02 15.00 -63.51
CA ASP F 221 4.90 13.85 -63.68
C ASP F 221 4.96 13.12 -62.34
N PHE F 222 4.39 11.92 -62.29
CA PHE F 222 4.32 11.19 -61.03
C PHE F 222 5.71 10.77 -60.55
N GLU F 223 6.48 10.14 -61.44
CA GLU F 223 7.79 9.64 -61.03
C GLU F 223 8.73 10.77 -60.65
N GLN F 224 8.70 11.88 -61.39
CA GLN F 224 9.51 13.03 -61.03
C GLN F 224 9.12 13.57 -59.66
N GLU F 225 7.82 13.57 -59.35
CA GLU F 225 7.36 14.11 -58.07
C GLU F 225 7.91 13.29 -56.91
N MET F 226 7.99 11.97 -57.05
CA MET F 226 8.60 11.15 -56.01
C MET F 226 10.06 11.54 -55.80
N ALA F 227 10.80 11.77 -56.89
CA ALA F 227 12.20 12.16 -56.76
C ALA F 227 12.34 13.48 -56.01
N THR F 228 11.48 14.45 -56.32
CA THR F 228 11.51 15.72 -55.59
C THR F 228 11.10 15.50 -54.13
N ALA F 229 10.05 14.71 -53.90
CA ALA F 229 9.60 14.45 -52.54
C ALA F 229 10.60 13.65 -51.73
N ALA F 230 11.35 12.75 -52.37
CA ALA F 230 12.36 11.96 -51.68
C ALA F 230 13.66 12.72 -51.48
N SER F 231 13.79 13.92 -52.05
CA SER F 231 15.01 14.70 -51.94
C SER F 231 14.77 16.08 -51.33
N SER F 232 13.53 16.42 -51.01
CA SER F 232 13.22 17.73 -50.46
C SER F 232 11.99 17.63 -49.58
N SER F 233 11.85 18.60 -48.68
CA SER F 233 10.70 18.71 -47.80
C SER F 233 9.76 19.83 -48.22
N SER F 234 9.95 20.38 -49.42
CA SER F 234 9.11 21.47 -49.90
C SER F 234 7.67 21.02 -50.14
N LEU F 235 7.42 19.73 -50.33
CA LEU F 235 6.09 19.23 -50.58
C LEU F 235 5.35 18.83 -49.30
N GLU F 236 6.00 18.94 -48.14
CA GLU F 236 5.35 18.57 -46.89
C GLU F 236 4.26 19.57 -46.54
N LYS F 237 3.19 19.06 -45.94
CA LYS F 237 2.09 19.90 -45.48
C LYS F 237 1.63 19.41 -44.12
N SER F 238 1.05 20.31 -43.34
CA SER F 238 0.60 20.02 -41.99
C SER F 238 -0.91 20.15 -41.89
N TYR F 239 -1.55 19.15 -41.30
CA TYR F 239 -2.98 19.16 -41.07
C TYR F 239 -3.25 18.99 -39.58
N GLU F 240 -4.21 19.76 -39.07
CA GLU F 240 -4.55 19.73 -37.65
C GLU F 240 -5.79 18.85 -37.45
N LEU F 241 -5.66 17.84 -36.61
CA LEU F 241 -6.78 16.99 -36.27
C LEU F 241 -7.77 17.75 -35.38
N PRO F 242 -9.03 17.30 -35.33
CA PRO F 242 -10.02 17.99 -34.48
C PRO F 242 -9.62 18.03 -33.00
N ASP F 243 -8.83 17.08 -32.53
CA ASP F 243 -8.40 17.05 -31.15
C ASP F 243 -7.14 17.86 -30.89
N GLY F 244 -6.64 18.57 -31.90
CA GLY F 244 -5.47 19.41 -31.75
C GLY F 244 -4.18 18.81 -32.25
N GLN F 245 -4.13 17.50 -32.47
CA GLN F 245 -2.93 16.88 -33.00
C GLN F 245 -2.69 17.32 -34.44
N VAL F 246 -1.43 17.49 -34.81
CA VAL F 246 -1.03 17.94 -36.13
C VAL F 246 -0.24 16.83 -36.80
N ILE F 247 -0.65 16.44 -38.00
CA ILE F 247 0.02 15.40 -38.76
C ILE F 247 0.64 16.03 -40.00
N THR F 248 1.68 15.38 -40.51
CA THR F 248 2.41 15.85 -41.68
C THR F 248 2.44 14.75 -42.73
N ILE F 249 2.12 15.11 -43.97
CA ILE F 249 2.11 14.18 -45.08
C ILE F 249 3.01 14.74 -46.19
N GLY F 250 3.76 13.84 -46.83
CA GLY F 250 4.66 14.24 -47.89
C GLY F 250 4.20 13.80 -49.26
N ASN F 251 4.78 12.72 -49.77
CA ASN F 251 4.44 12.21 -51.10
C ASN F 251 3.00 11.72 -51.20
N GLU F 252 2.34 11.46 -50.07
CA GLU F 252 0.96 10.98 -50.08
C GLU F 252 0.00 12.01 -50.65
N ARG F 253 0.38 13.28 -50.74
CA ARG F 253 -0.49 14.30 -51.31
C ARG F 253 -0.83 13.98 -52.76
N PHE F 254 0.16 13.54 -53.53
CA PHE F 254 -0.06 13.22 -54.94
C PHE F 254 -0.11 11.72 -55.22
N ARG F 255 0.30 10.88 -54.26
CA ARG F 255 0.21 9.43 -54.48
C ARG F 255 -1.25 8.98 -54.54
N CYS F 256 -2.09 9.51 -53.65
CA CYS F 256 -3.49 9.11 -53.64
C CYS F 256 -4.23 9.48 -54.91
N PRO F 257 -4.15 10.72 -55.43
CA PRO F 257 -4.84 11.01 -56.70
C PRO F 257 -4.28 10.24 -57.88
N GLU F 258 -3.06 9.72 -57.78
CA GLU F 258 -2.49 8.94 -58.86
C GLU F 258 -3.28 7.66 -59.12
N ALA F 259 -4.01 7.16 -58.12
CA ALA F 259 -4.81 5.96 -58.31
C ALA F 259 -5.86 6.13 -59.39
N LEU F 260 -6.32 7.36 -59.63
CA LEU F 260 -7.25 7.60 -60.74
C LEU F 260 -6.61 7.25 -62.07
N PHE F 261 -5.36 7.64 -62.27
CA PHE F 261 -4.65 7.31 -63.51
C PHE F 261 -3.97 5.94 -63.45
N GLN F 262 -3.79 5.39 -62.26
CA GLN F 262 -3.15 4.09 -62.07
C GLN F 262 -4.02 3.24 -61.15
N PRO F 263 -5.07 2.62 -61.68
CA PRO F 263 -5.92 1.76 -60.84
C PRO F 263 -5.18 0.56 -60.26
N SER F 264 -4.03 0.18 -60.82
CA SER F 264 -3.26 -0.93 -60.29
C SER F 264 -2.81 -0.67 -58.86
N PHE F 265 -2.74 0.59 -58.44
CA PHE F 265 -2.39 0.89 -57.05
C PHE F 265 -3.39 0.29 -56.08
N LEU F 266 -4.66 0.19 -56.48
CA LEU F 266 -5.68 -0.45 -55.68
C LEU F 266 -5.85 -1.91 -56.03
N GLY F 267 -5.01 -2.44 -56.93
CA GLY F 267 -5.17 -3.81 -57.39
C GLY F 267 -6.26 -4.01 -58.41
N MET F 268 -6.80 -2.92 -58.97
CA MET F 268 -7.86 -3.01 -59.96
C MET F 268 -7.28 -3.23 -61.35
N GLU F 269 -7.88 -4.17 -62.09
CA GLU F 269 -7.42 -4.49 -63.43
C GLU F 269 -7.90 -3.49 -64.47
N SER F 270 -8.85 -2.63 -64.13
CA SER F 270 -9.39 -1.70 -65.11
C SER F 270 -8.35 -0.63 -65.46
N ALA F 271 -8.59 0.03 -66.59
CA ALA F 271 -7.71 1.07 -67.07
C ALA F 271 -7.94 2.37 -66.30
N GLY F 272 -7.00 3.30 -66.44
CA GLY F 272 -7.09 4.56 -65.75
C GLY F 272 -8.17 5.46 -66.32
N ILE F 273 -8.35 6.60 -65.65
CA ILE F 273 -9.38 7.55 -66.06
C ILE F 273 -9.11 8.07 -67.47
N HIS F 274 -7.86 8.40 -67.79
CA HIS F 274 -7.55 8.96 -69.10
C HIS F 274 -7.83 7.97 -70.23
N GLU F 275 -7.42 6.71 -70.07
CA GLU F 275 -7.74 5.73 -71.08
C GLU F 275 -9.22 5.43 -71.15
N THR F 276 -9.92 5.44 -70.01
CA THR F 276 -11.36 5.23 -70.02
C THR F 276 -12.06 6.31 -70.84
N THR F 277 -11.64 7.56 -70.68
CA THR F 277 -12.15 8.63 -71.54
C THR F 277 -11.74 8.39 -72.99
N PHE F 278 -10.50 7.97 -73.22
CA PHE F 278 -10.04 7.70 -74.57
C PHE F 278 -10.77 6.51 -75.17
N ASN F 279 -11.04 5.48 -74.37
CA ASN F 279 -11.75 4.32 -74.89
C ASN F 279 -13.20 4.67 -75.24
N SER F 280 -13.82 5.55 -74.44
CA SER F 280 -15.22 5.91 -74.70
C SER F 280 -15.37 6.62 -76.03
N ILE F 281 -14.50 7.58 -76.33
CA ILE F 281 -14.61 8.33 -77.58
C ILE F 281 -14.28 7.43 -78.76
N MET F 282 -13.31 6.52 -78.60
CA MET F 282 -12.99 5.60 -79.68
C MET F 282 -14.16 4.72 -80.05
N LYS F 283 -15.07 4.44 -79.12
CA LYS F 283 -16.26 3.66 -79.41
C LYS F 283 -17.30 4.43 -80.22
N CYS F 284 -17.14 5.74 -80.37
CA CYS F 284 -18.08 6.55 -81.10
C CYS F 284 -17.75 6.55 -82.59
N ASP F 285 -18.57 7.22 -83.38
CA ASP F 285 -18.33 7.35 -84.81
C ASP F 285 -17.08 8.18 -85.06
N VAL F 286 -16.35 7.82 -86.13
CA VAL F 286 -15.11 8.51 -86.45
C VAL F 286 -15.36 9.97 -86.80
N ASP F 287 -16.52 10.27 -87.37
CA ASP F 287 -16.83 11.64 -87.78
C ASP F 287 -17.07 12.59 -86.62
N ILE F 288 -17.31 12.06 -85.42
CA ILE F 288 -17.63 12.89 -84.25
C ILE F 288 -16.52 12.88 -83.22
N ARG F 289 -15.47 12.09 -83.43
CA ARG F 289 -14.40 12.01 -82.44
C ARG F 289 -13.61 13.32 -82.34
N LYS F 290 -13.48 14.04 -83.46
CA LYS F 290 -12.71 15.28 -83.43
C LYS F 290 -13.34 16.31 -82.49
N ASP F 291 -14.66 16.45 -82.55
CA ASP F 291 -15.33 17.39 -81.65
C ASP F 291 -15.22 16.93 -80.20
N LEU F 292 -15.35 15.63 -79.94
CA LEU F 292 -15.24 15.13 -78.57
C LEU F 292 -13.85 15.38 -77.99
N TYR F 293 -12.82 15.38 -78.84
CA TYR F 293 -11.47 15.63 -78.36
C TYR F 293 -11.33 17.04 -77.79
N ALA F 294 -11.96 18.02 -78.44
CA ALA F 294 -11.85 19.41 -78.04
C ALA F 294 -12.94 19.84 -77.07
N ASN F 295 -13.81 18.92 -76.64
CA ASN F 295 -14.93 19.24 -75.76
C ASN F 295 -14.99 18.25 -74.61
N THR F 296 -13.85 18.00 -73.97
CA THR F 296 -13.80 17.14 -72.80
C THR F 296 -14.18 17.97 -71.58
N VAL F 297 -15.24 17.56 -70.88
CA VAL F 297 -15.76 18.29 -69.73
C VAL F 297 -15.60 17.44 -68.48
N LEU F 298 -15.06 18.03 -67.44
CA LEU F 298 -14.87 17.35 -66.17
C LEU F 298 -16.01 17.70 -65.22
N SER F 299 -16.55 16.67 -64.56
CA SER F 299 -17.66 16.84 -63.63
C SER F 299 -17.44 15.94 -62.42
N GLY F 300 -18.15 16.26 -61.34
CA GLY F 300 -18.06 15.50 -60.11
C GLY F 300 -16.97 16.03 -59.21
N GLY F 301 -17.18 15.86 -57.91
CA GLY F 301 -16.30 16.49 -56.93
C GLY F 301 -14.89 15.95 -56.91
N THR F 302 -14.66 14.81 -57.57
CA THR F 302 -13.33 14.22 -57.58
C THR F 302 -12.38 14.94 -58.54
N THR F 303 -12.85 15.94 -59.28
CA THR F 303 -12.00 16.66 -60.20
C THR F 303 -11.56 18.03 -59.69
N MET F 304 -11.73 18.32 -58.40
CA MET F 304 -11.19 19.53 -57.80
C MET F 304 -9.70 19.42 -57.49
N TYR F 305 -9.08 18.28 -57.72
CA TYR F 305 -7.66 18.17 -57.44
C TYR F 305 -6.88 19.12 -58.33
N PRO F 306 -6.00 19.94 -57.75
CA PRO F 306 -5.24 20.90 -58.55
C PRO F 306 -4.36 20.18 -59.57
N GLY F 307 -4.33 20.72 -60.79
CA GLY F 307 -3.51 20.17 -61.84
C GLY F 307 -4.06 18.92 -62.50
N ILE F 308 -5.27 18.48 -62.12
CA ILE F 308 -5.81 17.27 -62.73
C ILE F 308 -6.10 17.49 -64.21
N ALA F 309 -6.54 18.69 -64.59
CA ALA F 309 -6.78 18.98 -66.00
C ALA F 309 -5.50 18.92 -66.81
N ASP F 310 -4.42 19.48 -66.27
CA ASP F 310 -3.15 19.47 -66.99
C ASP F 310 -2.64 18.04 -67.19
N ARG F 311 -2.71 17.23 -66.14
CA ARG F 311 -2.34 15.82 -66.29
C ARG F 311 -3.29 15.10 -67.22
N MET F 312 -4.59 15.41 -67.14
CA MET F 312 -5.55 14.79 -68.05
C MET F 312 -5.24 15.13 -69.49
N GLN F 313 -4.94 16.40 -69.77
CA GLN F 313 -4.64 16.80 -71.15
C GLN F 313 -3.35 16.16 -71.64
N LYS F 314 -2.36 16.01 -70.75
CA LYS F 314 -1.09 15.42 -71.16
C LYS F 314 -1.25 13.94 -71.49
N GLU F 315 -1.93 13.19 -70.61
CA GLU F 315 -2.09 11.76 -70.84
C GLU F 315 -2.94 11.48 -72.07
N ILE F 316 -4.05 12.21 -72.23
CA ILE F 316 -4.95 11.96 -73.35
C ILE F 316 -4.28 12.34 -74.67
N THR F 317 -3.39 13.33 -74.64
CA THR F 317 -2.68 13.73 -75.85
C THR F 317 -1.79 12.61 -76.35
N ALA F 318 -1.13 11.90 -75.44
CA ALA F 318 -0.24 10.82 -75.84
C ALA F 318 -1.01 9.70 -76.53
N LEU F 319 -2.28 9.52 -76.20
CA LEU F 319 -3.09 8.48 -76.83
C LEU F 319 -3.70 8.93 -78.14
N ALA F 320 -4.23 10.17 -78.20
CA ALA F 320 -4.86 10.66 -79.40
C ALA F 320 -3.83 10.94 -80.48
N PRO F 321 -4.23 10.88 -81.75
CA PRO F 321 -3.32 11.26 -82.84
C PRO F 321 -2.90 12.71 -82.71
N SER F 322 -1.68 13.00 -83.18
CA SER F 322 -1.11 14.33 -83.03
C SER F 322 -1.91 15.39 -83.78
N THR F 323 -2.68 15.01 -84.80
CA THR F 323 -3.45 15.98 -85.56
C THR F 323 -4.70 16.46 -84.84
N MET F 324 -5.14 15.75 -83.80
CA MET F 324 -6.33 16.14 -83.06
C MET F 324 -5.98 17.16 -81.98
N LYS F 325 -6.82 18.18 -81.85
CA LYS F 325 -6.65 19.22 -80.85
C LYS F 325 -7.41 18.83 -79.58
N ILE F 326 -6.74 18.94 -78.44
CA ILE F 326 -7.32 18.54 -77.16
C ILE F 326 -7.59 19.78 -76.32
N LYS F 327 -8.82 19.90 -75.82
CA LYS F 327 -9.19 20.97 -74.90
C LYS F 327 -9.97 20.36 -73.74
N ILE F 328 -9.38 20.38 -72.55
CA ILE F 328 -10.01 19.88 -71.35
C ILE F 328 -10.72 21.04 -70.67
N ILE F 329 -12.03 20.92 -70.51
CA ILE F 329 -12.85 21.97 -69.92
C ILE F 329 -13.10 21.60 -68.48
N ALA F 330 -12.57 22.40 -67.55
CA ALA F 330 -12.71 22.19 -66.12
C ALA F 330 -13.15 23.49 -65.48
N PRO F 331 -14.45 23.80 -65.54
CA PRO F 331 -14.93 25.02 -64.90
C PRO F 331 -14.70 24.96 -63.40
N PRO F 332 -14.41 26.10 -62.78
CA PRO F 332 -14.18 26.10 -61.32
C PRO F 332 -15.39 25.69 -60.51
N GLU F 333 -16.58 25.74 -61.07
CA GLU F 333 -17.81 25.38 -60.37
C GLU F 333 -18.32 24.00 -60.77
N ARG F 334 -17.45 23.17 -61.37
CA ARG F 334 -17.87 21.86 -61.85
C ARG F 334 -18.30 20.91 -60.75
N LYS F 335 -17.98 21.22 -59.48
CA LYS F 335 -18.48 20.38 -58.39
C LYS F 335 -20.00 20.43 -58.30
N TYR F 336 -20.62 21.52 -58.73
CA TYR F 336 -22.07 21.68 -58.71
C TYR F 336 -22.63 21.81 -60.11
N SER F 337 -21.90 21.33 -61.12
CA SER F 337 -22.36 21.47 -62.49
C SER F 337 -23.65 20.71 -62.73
N VAL F 338 -23.79 19.53 -62.12
CA VAL F 338 -25.01 18.75 -62.28
C VAL F 338 -26.21 19.52 -61.74
N TRP F 339 -26.07 20.10 -60.55
CA TRP F 339 -27.16 20.88 -59.98
C TRP F 339 -27.38 22.17 -60.75
N ILE F 340 -26.30 22.84 -61.15
CA ILE F 340 -26.43 24.11 -61.86
C ILE F 340 -27.15 23.90 -63.20
N GLY F 341 -26.77 22.87 -63.94
CA GLY F 341 -27.45 22.57 -65.19
C GLY F 341 -28.91 22.25 -64.99
N GLY F 342 -29.23 21.51 -63.91
CA GLY F 342 -30.62 21.23 -63.61
C GLY F 342 -31.42 22.48 -63.31
N SER F 343 -30.82 23.41 -62.56
CA SER F 343 -31.51 24.67 -62.26
C SER F 343 -31.78 25.46 -63.53
N ILE F 344 -30.81 25.51 -64.44
CA ILE F 344 -31.01 26.20 -65.71
C ILE F 344 -32.08 25.49 -66.53
N LEU F 345 -32.00 24.16 -66.58
CA LEU F 345 -32.99 23.39 -67.35
C LEU F 345 -34.38 23.52 -66.75
N ALA F 346 -34.49 23.53 -65.42
CA ALA F 346 -35.79 23.66 -64.77
C ALA F 346 -36.44 25.01 -65.04
N SER F 347 -35.64 26.05 -65.30
CA SER F 347 -36.17 27.38 -65.56
C SER F 347 -36.51 27.60 -67.03
N LEU F 348 -36.26 26.62 -67.90
CA LEU F 348 -36.51 26.80 -69.32
C LEU F 348 -37.98 26.59 -69.62
N SER F 349 -38.54 27.51 -70.42
CA SER F 349 -39.96 27.45 -70.74
C SER F 349 -40.32 26.21 -71.54
N THR F 350 -39.38 25.67 -72.32
CA THR F 350 -39.63 24.48 -73.11
C THR F 350 -39.50 23.20 -72.28
N PHE F 351 -39.13 23.31 -71.02
CA PHE F 351 -39.09 22.15 -70.13
C PHE F 351 -40.41 21.90 -69.40
N GLN F 352 -41.31 22.89 -69.38
CA GLN F 352 -42.54 22.75 -68.62
C GLN F 352 -43.39 21.57 -69.08
N GLN F 353 -43.32 21.21 -70.36
CA GLN F 353 -44.06 20.08 -70.88
C GLN F 353 -43.51 18.74 -70.43
N MET F 354 -42.23 18.67 -70.03
CA MET F 354 -41.63 17.43 -69.59
C MET F 354 -42.00 17.03 -68.17
N TRP F 355 -42.72 17.90 -67.45
CA TRP F 355 -43.16 17.56 -66.11
C TRP F 355 -44.15 16.40 -66.15
N ILE F 356 -44.10 15.55 -65.13
CA ILE F 356 -45.03 14.44 -64.97
C ILE F 356 -45.81 14.69 -63.69
N SER F 357 -47.12 14.83 -63.80
CA SER F 357 -47.96 15.12 -62.66
C SER F 357 -48.23 13.85 -61.85
N LYS F 358 -48.63 14.04 -60.60
CA LYS F 358 -48.96 12.91 -59.74
C LYS F 358 -50.20 12.17 -60.23
N GLN F 359 -51.17 12.91 -60.76
CA GLN F 359 -52.39 12.27 -61.27
C GLN F 359 -52.09 11.33 -62.43
N GLU F 360 -51.21 11.75 -63.34
CA GLU F 360 -50.86 10.90 -64.47
C GLU F 360 -50.19 9.61 -64.00
N TYR F 361 -49.28 9.72 -63.02
CA TYR F 361 -48.61 8.52 -62.52
C TYR F 361 -49.59 7.58 -61.84
N ASP F 362 -50.58 8.14 -61.15
CA ASP F 362 -51.57 7.29 -60.46
C ASP F 362 -52.35 6.44 -61.45
N GLU F 363 -52.76 7.03 -62.57
CA GLU F 363 -53.57 6.33 -63.55
C GLU F 363 -52.77 5.54 -64.57
N SER F 364 -51.49 5.86 -64.75
CA SER F 364 -50.65 5.19 -65.73
C SER F 364 -49.55 4.34 -65.11
N GLY F 365 -48.84 4.86 -64.12
CA GLY F 365 -47.77 4.12 -63.49
C GLY F 365 -46.40 4.57 -63.96
N PRO F 366 -45.38 3.75 -63.69
CA PRO F 366 -44.01 4.13 -64.06
C PRO F 366 -43.72 4.05 -65.55
N SER F 367 -44.66 3.53 -66.36
CA SER F 367 -44.42 3.41 -67.79
C SER F 367 -44.24 4.78 -68.43
N ILE F 368 -45.09 5.75 -68.06
CA ILE F 368 -44.93 7.10 -68.59
C ILE F 368 -43.64 7.74 -68.10
N VAL F 369 -43.14 7.33 -66.93
CA VAL F 369 -41.84 7.79 -66.47
C VAL F 369 -40.73 7.18 -67.31
N HIS F 370 -40.89 5.91 -67.70
CA HIS F 370 -39.90 5.27 -68.57
C HIS F 370 -39.76 6.02 -69.88
N ARG F 371 -40.89 6.34 -70.52
CA ARG F 371 -40.87 7.23 -71.66
C ARG F 371 -40.64 8.67 -71.19
N LYS F 372 -40.40 9.57 -72.15
CA LYS F 372 -40.09 10.97 -71.91
C LYS F 372 -38.78 11.16 -71.16
N CYS F 373 -38.04 10.09 -70.88
CA CYS F 373 -36.77 10.17 -70.18
C CYS F 373 -35.77 9.25 -70.88
N PHE F 374 -34.49 9.58 -70.73
CA PHE F 374 -33.43 8.80 -71.37
C PHE F 374 -32.59 8.06 -70.34
N ALA G 5 -1.06 -40.22 -90.06
CA ALA G 5 -1.80 -39.59 -88.98
C ALA G 5 -1.84 -38.07 -89.16
N ALA G 6 -2.62 -37.62 -90.13
CA ALA G 6 -2.76 -36.19 -90.39
C ALA G 6 -3.44 -35.49 -89.23
N LEU G 7 -3.02 -34.27 -88.95
CA LEU G 7 -3.56 -33.48 -87.86
C LEU G 7 -4.52 -32.42 -88.38
N VAL G 8 -5.67 -32.31 -87.74
CA VAL G 8 -6.69 -31.32 -88.10
C VAL G 8 -6.73 -30.30 -86.97
N VAL G 9 -6.36 -29.07 -87.26
CA VAL G 9 -6.34 -27.99 -86.28
C VAL G 9 -7.27 -26.89 -86.77
N ASP G 10 -8.30 -26.59 -85.98
CA ASP G 10 -9.22 -25.49 -86.26
C ASP G 10 -9.03 -24.44 -85.18
N ASN G 11 -8.54 -23.26 -85.58
CA ASN G 11 -8.27 -22.17 -84.67
C ASN G 11 -9.33 -21.10 -84.84
N GLY G 12 -9.99 -20.73 -83.73
CA GLY G 12 -10.98 -19.69 -83.73
C GLY G 12 -10.53 -18.49 -82.91
N SER G 13 -11.41 -17.50 -82.84
CA SER G 13 -11.09 -16.28 -82.12
C SER G 13 -10.91 -16.55 -80.62
N GLY G 14 -11.75 -17.41 -80.05
CA GLY G 14 -11.66 -17.72 -78.64
C GLY G 14 -11.50 -19.18 -78.32
N MET G 15 -11.92 -20.05 -79.25
CA MET G 15 -11.94 -21.49 -79.02
C MET G 15 -11.07 -22.17 -80.08
N CYS G 16 -10.20 -23.06 -79.60
CA CYS G 16 -9.25 -23.77 -80.45
C CYS G 16 -9.57 -25.26 -80.46
N LYS G 17 -9.75 -25.82 -81.66
CA LYS G 17 -10.06 -27.22 -81.83
C LYS G 17 -8.92 -27.90 -82.57
N ALA G 18 -8.51 -29.08 -82.10
CA ALA G 18 -7.46 -29.85 -82.74
C ALA G 18 -7.72 -31.33 -82.54
N GLY G 19 -7.10 -32.13 -83.41
CA GLY G 19 -7.25 -33.57 -83.31
C GLY G 19 -6.62 -34.27 -84.49
N PHE G 20 -6.88 -35.57 -84.60
CA PHE G 20 -6.35 -36.40 -85.67
C PHE G 20 -7.37 -36.55 -86.78
N ALA G 21 -6.87 -36.77 -87.99
CA ALA G 21 -7.74 -37.02 -89.13
C ALA G 21 -8.45 -38.35 -88.97
N GLY G 22 -9.73 -38.38 -89.34
CA GLY G 22 -10.56 -39.57 -89.25
C GLY G 22 -11.36 -39.67 -87.98
N ASP G 23 -11.02 -38.90 -86.94
CA ASP G 23 -11.78 -38.91 -85.71
C ASP G 23 -13.08 -38.15 -85.89
N ASP G 24 -14.10 -38.54 -85.11
CA ASP G 24 -15.41 -37.92 -85.17
C ASP G 24 -15.56 -36.75 -84.21
N ALA G 25 -14.54 -36.47 -83.39
CA ALA G 25 -14.61 -35.36 -82.44
C ALA G 25 -13.19 -34.88 -82.18
N PRO G 26 -13.00 -33.58 -82.02
CA PRO G 26 -11.65 -33.06 -81.73
C PRO G 26 -11.14 -33.60 -80.40
N ARG G 27 -9.86 -34.00 -80.39
CA ARG G 27 -9.27 -34.53 -79.16
C ARG G 27 -8.91 -33.40 -78.19
N ALA G 28 -8.43 -32.28 -78.69
CA ALA G 28 -8.02 -31.14 -77.87
C ALA G 28 -9.02 -30.00 -78.09
N VAL G 29 -9.68 -29.59 -77.01
CA VAL G 29 -10.63 -28.49 -77.04
C VAL G 29 -10.33 -27.60 -75.84
N PHE G 30 -9.56 -26.53 -76.07
CA PHE G 30 -9.18 -25.59 -75.02
C PHE G 30 -9.28 -24.17 -75.55
N PRO G 31 -9.59 -23.21 -74.68
CA PRO G 31 -9.79 -21.83 -75.14
C PRO G 31 -8.50 -21.22 -75.68
N SER G 32 -8.65 -20.34 -76.66
CA SER G 32 -7.52 -19.62 -77.25
C SER G 32 -7.26 -18.34 -76.47
N ILE G 33 -6.67 -18.52 -75.29
CA ILE G 33 -6.42 -17.43 -74.36
C ILE G 33 -4.98 -17.51 -73.86
N VAL G 34 -4.42 -16.35 -73.54
CA VAL G 34 -3.09 -16.23 -72.95
C VAL G 34 -3.20 -15.36 -71.71
N GLY G 35 -2.79 -15.88 -70.57
CA GLY G 35 -2.85 -15.17 -69.30
C GLY G 35 -1.45 -14.90 -68.78
N ARG G 36 -1.27 -13.72 -68.20
CA ARG G 36 -0.01 -13.33 -67.58
C ARG G 36 -0.25 -12.80 -66.19
N PRO G 37 0.68 -13.03 -65.26
CA PRO G 37 0.47 -12.54 -63.89
C PRO G 37 0.36 -11.02 -63.84
N ARG G 38 -0.52 -10.55 -62.96
CA ARG G 38 -0.69 -9.12 -62.72
C ARG G 38 -0.28 -8.71 -61.32
N HIS G 39 0.18 -9.65 -60.51
CA HIS G 39 0.64 -9.39 -59.15
C HIS G 39 2.12 -9.75 -59.04
N GLN G 40 2.66 -9.63 -57.84
CA GLN G 40 4.04 -9.97 -57.58
C GLN G 40 4.15 -11.31 -56.87
N GLY G 41 5.21 -12.05 -57.18
CA GLY G 41 5.44 -13.35 -56.56
C GLY G 41 6.22 -13.20 -55.28
N VAL G 42 5.63 -13.65 -54.19
CA VAL G 42 6.24 -13.51 -52.87
C VAL G 42 6.88 -14.79 -52.38
N MET G 43 6.62 -15.93 -53.01
CA MET G 43 7.19 -17.21 -52.60
C MET G 43 8.06 -17.76 -53.71
N VAL G 44 9.27 -18.17 -53.35
CA VAL G 44 10.23 -18.69 -54.32
C VAL G 44 9.91 -20.13 -54.69
N LYS G 49 7.50 -19.48 -64.81
CA LYS G 49 6.36 -19.47 -65.72
C LYS G 49 5.74 -18.08 -65.78
N ASP G 50 6.09 -17.31 -66.81
CA ASP G 50 5.60 -15.95 -66.96
C ASP G 50 4.31 -15.87 -67.77
N SER G 51 3.78 -16.99 -68.24
CA SER G 51 2.54 -16.97 -69.00
C SER G 51 1.89 -18.35 -68.92
N TYR G 52 0.58 -18.37 -69.18
CA TYR G 52 -0.19 -19.61 -69.21
C TYR G 52 -1.10 -19.59 -70.43
N VAL G 53 -1.27 -20.76 -71.04
CA VAL G 53 -2.01 -20.89 -72.29
C VAL G 53 -3.09 -21.95 -72.11
N GLY G 54 -4.31 -21.62 -72.51
CA GLY G 54 -5.38 -22.60 -72.54
C GLY G 54 -6.06 -22.85 -71.20
N ASP G 55 -6.36 -24.13 -70.93
CA ASP G 55 -7.07 -24.48 -69.71
C ASP G 55 -6.29 -24.10 -68.45
N GLU G 56 -4.97 -24.21 -68.50
CA GLU G 56 -4.16 -23.79 -67.36
C GLU G 56 -4.34 -22.31 -67.06
N ALA G 57 -4.43 -21.48 -68.10
CA ALA G 57 -4.74 -20.07 -67.88
C ALA G 57 -6.11 -19.89 -67.26
N GLN G 58 -7.08 -20.71 -67.69
CA GLN G 58 -8.42 -20.64 -67.11
C GLN G 58 -8.41 -21.05 -65.64
N SER G 59 -7.62 -22.08 -65.28
CA SER G 59 -7.64 -22.58 -63.93
C SER G 59 -7.03 -21.61 -62.92
N LYS G 60 -6.02 -20.83 -63.32
CA LYS G 60 -5.43 -19.82 -62.45
C LYS G 60 -5.78 -18.40 -62.90
N ARG G 61 -6.94 -18.21 -63.52
CA ARG G 61 -7.32 -16.90 -64.03
C ARG G 61 -7.53 -15.87 -62.93
N GLY G 62 -7.65 -16.30 -61.68
CA GLY G 62 -7.86 -15.35 -60.59
C GLY G 62 -6.67 -14.45 -60.32
N ILE G 63 -5.49 -14.81 -60.80
CA ILE G 63 -4.29 -14.01 -60.63
C ILE G 63 -3.64 -13.67 -61.96
N LEU G 64 -4.35 -13.86 -63.07
CA LEU G 64 -3.82 -13.61 -64.39
C LEU G 64 -4.69 -12.59 -65.13
N THR G 65 -4.06 -11.90 -66.07
CA THR G 65 -4.75 -10.97 -66.96
C THR G 65 -4.90 -11.66 -68.31
N LEU G 66 -6.12 -12.09 -68.62
CA LEU G 66 -6.37 -12.90 -69.81
C LEU G 66 -6.44 -12.03 -71.05
N LYS G 67 -5.79 -12.47 -72.11
CA LYS G 67 -5.80 -11.77 -73.39
C LYS G 67 -6.07 -12.75 -74.52
N TYR G 68 -6.88 -12.31 -75.48
CA TYR G 68 -7.18 -13.12 -76.64
C TYR G 68 -6.24 -12.73 -77.78
N PRO G 69 -5.40 -13.63 -78.27
CA PRO G 69 -4.52 -13.28 -79.39
C PRO G 69 -5.27 -12.90 -80.66
N ILE G 70 -6.48 -13.42 -80.85
CA ILE G 70 -7.30 -13.12 -82.02
C ILE G 70 -8.46 -12.25 -81.59
N GLU G 71 -8.64 -11.14 -82.28
CA GLU G 71 -9.79 -10.27 -82.06
C GLU G 71 -10.46 -9.95 -83.40
N HIC G 72 -11.75 -10.25 -83.49
CA HIC G 72 -12.50 -10.08 -84.73
C HIC G 72 -11.83 -10.80 -85.88
O HIC G 72 -11.68 -10.26 -86.98
CB HIC G 72 -12.68 -8.60 -85.06
CG HIC G 72 -13.57 -7.90 -84.10
ND1 HIC G 72 -14.79 -8.39 -83.74
CD2 HIC G 72 -13.35 -6.71 -83.44
CE1 HIC G 72 -15.29 -7.54 -82.89
NE2 HIC G 72 -14.46 -6.50 -82.67
CZ HIC G 72 -14.69 -5.37 -81.80
N GLY G 73 -11.42 -12.05 -85.64
CA GLY G 73 -10.79 -12.87 -86.66
C GLY G 73 -9.44 -12.35 -87.12
N ILE G 74 -8.86 -11.44 -86.35
CA ILE G 74 -7.58 -10.82 -86.67
C ILE G 74 -6.61 -11.11 -85.53
N VAL G 75 -5.43 -11.60 -85.87
CA VAL G 75 -4.41 -11.93 -84.88
C VAL G 75 -3.78 -10.63 -84.40
N THR G 76 -4.13 -10.21 -83.18
CA THR G 76 -3.59 -8.98 -82.62
C THR G 76 -2.17 -9.12 -82.12
N ASN G 77 -1.70 -10.35 -81.87
CA ASN G 77 -0.35 -10.54 -81.36
C ASN G 77 0.12 -11.93 -81.79
N TRP G 78 0.99 -11.97 -82.81
CA TRP G 78 1.55 -13.25 -83.24
C TRP G 78 2.42 -13.90 -82.17
N ASP G 79 3.12 -13.09 -81.36
CA ASP G 79 4.01 -13.65 -80.34
C ASP G 79 3.23 -14.48 -79.34
N ASP G 80 2.07 -13.99 -78.90
CA ASP G 80 1.21 -14.81 -78.08
C ASP G 80 0.56 -15.91 -78.91
N MET G 81 0.32 -15.65 -80.20
CA MET G 81 -0.48 -16.56 -81.01
C MET G 81 0.29 -17.86 -81.29
N GLU G 82 1.61 -17.76 -81.47
CA GLU G 82 2.39 -18.98 -81.71
C GLU G 82 2.38 -19.91 -80.51
N LYS G 83 2.03 -19.39 -79.32
CA LYS G 83 2.03 -20.23 -78.13
C LYS G 83 0.94 -21.29 -78.19
N ILE G 84 -0.23 -20.94 -78.73
CA ILE G 84 -1.33 -21.90 -78.77
C ILE G 84 -1.02 -23.10 -79.67
N TRP G 85 -0.42 -22.87 -80.85
CA TRP G 85 0.00 -24.05 -81.61
C TRP G 85 1.04 -24.86 -80.84
N HIS G 86 2.00 -24.18 -80.21
CA HIS G 86 2.98 -24.89 -79.41
C HIS G 86 2.32 -25.62 -78.25
N HIS G 87 1.37 -24.96 -77.58
CA HIS G 87 0.59 -25.64 -76.55
C HIS G 87 -0.27 -26.75 -77.14
N THR G 88 -0.80 -26.54 -78.35
CA THR G 88 -1.61 -27.57 -78.99
C THR G 88 -0.78 -28.81 -79.29
N PHE G 89 0.37 -28.63 -79.94
CA PHE G 89 1.16 -29.77 -80.38
C PHE G 89 1.80 -30.50 -79.20
N TYR G 90 2.39 -29.76 -78.27
CA TYR G 90 3.19 -30.35 -77.22
C TYR G 90 2.42 -30.62 -75.93
N ASN G 91 1.50 -29.74 -75.55
CA ASN G 91 0.79 -29.89 -74.28
C ASN G 91 -0.54 -30.59 -74.41
N GLU G 92 -1.27 -30.38 -75.51
CA GLU G 92 -2.59 -30.98 -75.70
C GLU G 92 -2.51 -32.23 -76.58
N LEU G 93 -1.99 -32.09 -77.79
CA LEU G 93 -1.86 -33.24 -78.68
C LEU G 93 -0.71 -34.15 -78.24
N ARG G 94 0.33 -33.57 -77.63
CA ARG G 94 1.49 -34.33 -77.15
C ARG G 94 2.13 -35.14 -78.28
N VAL G 95 2.23 -34.51 -79.46
CA VAL G 95 2.81 -35.14 -80.63
C VAL G 95 3.84 -34.19 -81.24
N ALA G 96 4.72 -34.77 -82.05
CA ALA G 96 5.73 -33.99 -82.75
C ALA G 96 5.14 -33.38 -84.01
N PRO G 97 5.15 -32.06 -84.16
CA PRO G 97 4.59 -31.45 -85.39
C PRO G 97 5.32 -31.87 -86.66
N GLU G 98 6.62 -32.15 -86.58
CA GLU G 98 7.41 -32.49 -87.76
C GLU G 98 7.12 -33.88 -88.29
N GLU G 99 6.40 -34.72 -87.53
CA GLU G 99 6.13 -36.09 -87.94
C GLU G 99 4.76 -36.28 -88.55
N HIS G 100 3.86 -35.31 -88.44
CA HIS G 100 2.50 -35.46 -88.93
C HIS G 100 2.12 -34.25 -89.78
N PRO G 101 1.50 -34.46 -90.94
CA PRO G 101 0.93 -33.32 -91.67
C PRO G 101 -0.22 -32.72 -90.90
N VAL G 102 -0.39 -31.40 -91.03
CA VAL G 102 -1.39 -30.65 -90.30
C VAL G 102 -2.28 -29.93 -91.30
N LEU G 103 -3.60 -30.10 -91.14
CA LEU G 103 -4.59 -29.40 -91.94
C LEU G 103 -5.12 -28.22 -91.14
N LEU G 104 -5.07 -27.03 -91.74
CA LEU G 104 -5.48 -25.81 -91.07
C LEU G 104 -6.75 -25.26 -91.70
N THR G 105 -7.57 -24.62 -90.86
CA THR G 105 -8.84 -24.04 -91.27
C THR G 105 -8.71 -22.52 -91.28
N GLU G 106 -9.31 -21.88 -92.28
CA GLU G 106 -9.27 -20.44 -92.41
C GLU G 106 -10.67 -19.89 -92.58
N ALA G 107 -10.91 -18.73 -91.97
CA ALA G 107 -12.18 -18.04 -92.15
C ALA G 107 -12.31 -17.58 -93.60
N PRO G 108 -13.54 -17.45 -94.09
CA PRO G 108 -13.72 -17.00 -95.47
C PRO G 108 -13.17 -15.60 -95.70
N LEU G 109 -12.69 -15.37 -96.92
CA LEU G 109 -12.14 -14.08 -97.33
C LEU G 109 -10.96 -13.67 -96.43
N ASN G 110 -10.11 -14.63 -96.13
CA ASN G 110 -8.88 -14.32 -95.43
C ASN G 110 -7.98 -13.45 -96.32
N PRO G 111 -7.47 -12.34 -95.82
CA PRO G 111 -6.44 -11.61 -96.56
C PRO G 111 -5.23 -12.50 -96.76
N LYS G 112 -4.57 -12.32 -97.91
CA LYS G 112 -3.40 -13.16 -98.20
C LYS G 112 -2.30 -12.97 -97.17
N ALA G 113 -2.10 -11.72 -96.71
CA ALA G 113 -1.04 -11.44 -95.75
C ALA G 113 -1.17 -12.29 -94.49
N ASN G 114 -2.39 -12.66 -94.12
CA ASN G 114 -2.58 -13.57 -93.00
C ASN G 114 -2.11 -14.98 -93.36
N ARG G 115 -2.23 -15.36 -94.63
CA ARG G 115 -2.09 -16.77 -95.00
C ARG G 115 -0.63 -17.23 -94.95
N GLU G 116 0.30 -16.43 -95.47
CA GLU G 116 1.69 -16.88 -95.46
C GLU G 116 2.24 -16.96 -94.05
N LYS G 117 1.78 -16.04 -93.17
CA LYS G 117 2.29 -16.00 -91.81
C LYS G 117 2.07 -17.33 -91.10
N MET G 118 0.83 -17.83 -91.12
CA MET G 118 0.57 -19.15 -90.54
C MET G 118 1.27 -20.24 -91.35
N THR G 119 1.33 -20.08 -92.67
CA THR G 119 2.07 -21.02 -93.50
C THR G 119 3.56 -21.00 -93.17
N GLN G 120 4.13 -19.80 -93.03
CA GLN G 120 5.54 -19.69 -92.71
C GLN G 120 5.84 -20.25 -91.33
N ILE G 121 4.97 -19.98 -90.36
CA ILE G 121 5.16 -20.49 -89.01
C ILE G 121 5.11 -22.01 -89.00
N MET G 122 4.13 -22.59 -89.70
CA MET G 122 4.01 -24.04 -89.73
C MET G 122 5.24 -24.70 -90.32
N PHE G 123 5.75 -24.14 -91.44
CA PHE G 123 6.85 -24.78 -92.14
C PHE G 123 8.20 -24.51 -91.49
N GLU G 124 8.38 -23.34 -90.89
CA GLU G 124 9.66 -22.95 -90.32
C GLU G 124 9.76 -23.17 -88.82
N THR G 125 8.82 -22.60 -88.05
CA THR G 125 8.90 -22.72 -86.59
C THR G 125 8.75 -24.15 -86.14
N PHE G 126 7.81 -24.89 -86.73
CA PHE G 126 7.53 -26.26 -86.31
C PHE G 126 8.10 -27.31 -87.27
N ASN G 127 8.58 -26.90 -88.45
CA ASN G 127 9.18 -27.81 -89.42
C ASN G 127 8.24 -28.96 -89.77
N THR G 128 6.96 -28.63 -89.94
CA THR G 128 5.96 -29.65 -90.23
C THR G 128 6.12 -30.18 -91.65
N PRO G 129 5.82 -31.46 -91.89
CA PRO G 129 6.04 -32.02 -93.23
C PRO G 129 5.15 -31.42 -94.30
N ALA G 130 3.83 -31.44 -94.11
CA ALA G 130 2.90 -31.01 -95.16
C ALA G 130 1.70 -30.30 -94.54
N MET G 131 1.32 -29.17 -95.14
CA MET G 131 0.16 -28.41 -94.70
C MET G 131 -0.87 -28.34 -95.81
N TYR G 132 -2.08 -27.96 -95.42
CA TYR G 132 -3.11 -27.50 -96.33
C TYR G 132 -4.03 -26.56 -95.57
N VAL G 133 -4.52 -25.53 -96.26
CA VAL G 133 -5.41 -24.54 -95.67
C VAL G 133 -6.76 -24.63 -96.38
N ALA G 134 -7.82 -24.80 -95.60
CA ALA G 134 -9.16 -24.95 -96.13
C ALA G 134 -10.08 -23.91 -95.51
N ILE G 135 -11.08 -23.49 -96.28
CA ILE G 135 -12.05 -22.51 -95.79
C ILE G 135 -12.97 -23.18 -94.78
N GLN G 136 -13.19 -22.51 -93.66
CA GLN G 136 -14.02 -23.08 -92.60
C GLN G 136 -15.45 -23.32 -93.08
N ALA G 137 -15.97 -22.41 -93.91
CA ALA G 137 -17.32 -22.58 -94.43
C ALA G 137 -17.43 -23.84 -95.28
N VAL G 138 -16.42 -24.11 -96.12
CA VAL G 138 -16.43 -25.32 -96.93
C VAL G 138 -16.40 -26.56 -96.06
N LEU G 139 -15.59 -26.54 -95.00
CA LEU G 139 -15.50 -27.69 -94.11
C LEU G 139 -16.84 -27.99 -93.45
N SER G 140 -17.55 -26.95 -93.01
CA SER G 140 -18.85 -27.16 -92.39
C SER G 140 -19.84 -27.79 -93.36
N LEU G 141 -19.84 -27.36 -94.62
CA LEU G 141 -20.71 -27.97 -95.61
C LEU G 141 -20.40 -29.46 -95.80
N TYR G 142 -19.12 -29.83 -95.77
CA TYR G 142 -18.76 -31.23 -95.89
C TYR G 142 -19.26 -32.03 -94.70
N ALA G 143 -19.26 -31.43 -93.52
CA ALA G 143 -19.77 -32.12 -92.33
C ALA G 143 -21.26 -32.43 -92.47
N SER G 144 -21.99 -31.59 -93.18
CA SER G 144 -23.41 -31.84 -93.45
C SER G 144 -23.64 -32.74 -94.65
N GLY G 145 -22.58 -33.13 -95.36
CA GLY G 145 -22.74 -33.97 -96.54
C GLY G 145 -23.47 -33.28 -97.67
N ARG G 146 -23.15 -32.01 -97.92
CA ARG G 146 -23.79 -31.23 -98.97
C ARG G 146 -22.74 -30.50 -99.79
N THR G 147 -23.08 -30.24 -101.05
CA THR G 147 -22.24 -29.45 -101.94
C THR G 147 -22.89 -28.16 -102.38
N THR G 148 -24.19 -27.99 -102.12
CA THR G 148 -24.92 -26.77 -102.48
C THR G 148 -25.60 -26.22 -101.24
N GLY G 149 -25.37 -24.95 -100.96
CA GLY G 149 -26.03 -24.30 -99.84
C GLY G 149 -25.20 -23.14 -99.33
N ILE G 150 -25.88 -22.31 -98.55
CA ILE G 150 -25.26 -21.16 -97.88
C ILE G 150 -25.01 -21.56 -96.42
N VAL G 151 -23.82 -21.25 -95.94
CA VAL G 151 -23.42 -21.57 -94.57
C VAL G 151 -23.14 -20.26 -93.85
N MET G 152 -23.86 -20.04 -92.75
CA MET G 152 -23.59 -18.91 -91.86
C MET G 152 -22.74 -19.45 -90.73
N ASP G 153 -21.65 -18.74 -90.44
CA ASP G 153 -20.67 -19.21 -89.45
C ASP G 153 -20.38 -18.07 -88.48
N SER G 154 -21.04 -18.10 -87.34
CA SER G 154 -20.79 -17.15 -86.26
C SER G 154 -20.07 -17.90 -85.15
N GLY G 155 -18.87 -17.45 -84.81
CA GLY G 155 -18.09 -18.07 -83.75
C GLY G 155 -17.90 -17.15 -82.58
N ASP G 156 -16.64 -16.84 -82.26
CA ASP G 156 -16.34 -15.93 -81.18
C ASP G 156 -15.96 -14.53 -81.64
N GLY G 157 -15.41 -14.38 -82.84
CA GLY G 157 -14.98 -13.08 -83.29
C GLY G 157 -15.74 -12.47 -84.45
N VAL G 158 -16.14 -13.27 -85.43
CA VAL G 158 -16.77 -12.76 -86.65
C VAL G 158 -17.94 -13.66 -86.99
N THR G 159 -18.86 -13.13 -87.81
CA THR G 159 -19.94 -13.90 -88.42
C THR G 159 -19.84 -13.74 -89.92
N HIS G 160 -19.86 -14.87 -90.64
CA HIS G 160 -19.72 -14.87 -92.09
C HIS G 160 -20.83 -15.69 -92.72
N THR G 161 -21.34 -15.22 -93.85
CA THR G 161 -22.36 -15.92 -94.63
C THR G 161 -21.75 -16.25 -95.99
N VAL G 162 -21.62 -17.54 -96.28
CA VAL G 162 -20.96 -17.98 -97.51
C VAL G 162 -21.89 -18.88 -98.32
N PRO G 163 -22.37 -18.43 -99.48
CA PRO G 163 -23.17 -19.29 -100.35
C PRO G 163 -22.28 -20.18 -101.21
N ILE G 164 -22.59 -21.47 -101.25
CA ILE G 164 -21.88 -22.43 -102.08
C ILE G 164 -22.90 -23.18 -102.92
N TYR G 165 -22.64 -23.25 -104.23
CA TYR G 165 -23.55 -23.88 -105.17
C TYR G 165 -22.79 -24.95 -105.94
N GLU G 166 -23.14 -26.22 -105.71
CA GLU G 166 -22.54 -27.35 -106.41
C GLU G 166 -21.02 -27.35 -106.27
N GLY G 167 -20.53 -27.00 -105.08
CA GLY G 167 -19.11 -26.94 -104.83
C GLY G 167 -18.42 -25.68 -105.30
N TYR G 168 -19.14 -24.74 -105.90
CA TYR G 168 -18.57 -23.49 -106.37
C TYR G 168 -18.89 -22.38 -105.38
N ALA G 169 -17.86 -21.68 -104.92
CA ALA G 169 -18.02 -20.56 -104.01
C ALA G 169 -18.28 -19.27 -104.78
N LEU G 170 -18.92 -18.31 -104.10
CA LEU G 170 -19.23 -17.01 -104.68
C LEU G 170 -18.64 -15.92 -103.80
N PRO G 171 -17.38 -15.56 -103.99
CA PRO G 171 -16.76 -14.54 -103.11
C PRO G 171 -17.48 -13.21 -103.13
N HIS G 172 -18.05 -12.80 -104.27
CA HIS G 172 -18.77 -11.55 -104.34
C HIS G 172 -20.00 -11.52 -103.46
N ALA G 173 -20.61 -12.68 -103.21
CA ALA G 173 -21.82 -12.77 -102.40
C ALA G 173 -21.53 -13.10 -100.94
N ILE G 174 -20.26 -13.17 -100.55
CA ILE G 174 -19.91 -13.47 -99.17
C ILE G 174 -20.03 -12.21 -98.33
N LEU G 175 -20.81 -12.27 -97.26
CA LEU G 175 -21.03 -11.15 -96.37
C LEU G 175 -20.42 -11.43 -95.00
N ARG G 176 -19.91 -10.38 -94.37
CA ARG G 176 -19.26 -10.48 -93.08
C ARG G 176 -19.97 -9.59 -92.08
N LEU G 177 -20.24 -10.12 -90.89
CA LEU G 177 -20.88 -9.39 -89.81
C LEU G 177 -19.95 -9.37 -88.61
N ASP G 178 -19.64 -8.17 -88.12
CA ASP G 178 -18.74 -8.00 -86.97
C ASP G 178 -19.56 -8.10 -85.68
N LEU G 179 -20.05 -9.31 -85.42
CA LEU G 179 -20.84 -9.58 -84.21
C LEU G 179 -20.79 -11.08 -83.97
N ALA G 180 -20.28 -11.48 -82.81
CA ALA G 180 -20.15 -12.89 -82.50
C ALA G 180 -20.29 -13.06 -80.99
N GLY G 181 -19.84 -14.22 -80.48
CA GLY G 181 -20.05 -14.53 -79.08
C GLY G 181 -19.39 -13.55 -78.14
N ARG G 182 -18.19 -13.09 -78.49
CA ARG G 182 -17.49 -12.13 -77.64
C ARG G 182 -18.28 -10.84 -77.50
N ASP G 183 -18.85 -10.34 -78.60
CA ASP G 183 -19.67 -9.15 -78.54
C ASP G 183 -20.90 -9.38 -77.68
N LEU G 184 -21.55 -10.53 -77.82
CA LEU G 184 -22.66 -10.88 -76.94
C LEU G 184 -22.19 -11.00 -75.49
N THR G 185 -21.03 -11.61 -75.28
CA THR G 185 -20.49 -11.71 -73.92
C THR G 185 -20.29 -10.33 -73.32
N ASP G 186 -19.71 -9.40 -74.08
CA ASP G 186 -19.52 -8.05 -73.59
C ASP G 186 -20.85 -7.35 -73.35
N TYR G 187 -21.86 -7.66 -74.16
CA TYR G 187 -23.17 -7.08 -73.97
C TYR G 187 -23.78 -7.52 -72.64
N LEU G 188 -23.42 -8.72 -72.17
CA LEU G 188 -23.99 -9.23 -70.94
C LEU G 188 -23.51 -8.43 -69.73
N MET G 189 -22.22 -8.11 -69.68
CA MET G 189 -21.72 -7.23 -68.61
C MET G 189 -22.53 -5.96 -68.52
N LYS G 190 -22.90 -5.39 -69.67
CA LYS G 190 -23.65 -4.13 -69.65
C LYS G 190 -25.04 -4.32 -69.06
N ILE G 191 -25.64 -5.50 -69.26
CA ILE G 191 -27.00 -5.73 -68.77
C ILE G 191 -27.04 -6.45 -67.43
N LEU G 192 -25.98 -7.14 -67.03
CA LEU G 192 -25.91 -7.67 -65.67
C LEU G 192 -25.74 -6.57 -64.64
N THR G 193 -25.11 -5.45 -65.02
CA THR G 193 -25.05 -4.31 -64.10
C THR G 193 -26.43 -3.74 -63.84
N GLU G 194 -27.39 -3.98 -64.73
CA GLU G 194 -28.76 -3.55 -64.49
C GLU G 194 -29.38 -4.27 -63.30
N ARG G 195 -29.02 -5.53 -63.08
CA ARG G 195 -29.57 -6.33 -62.00
C ARG G 195 -28.78 -6.22 -60.71
N GLY G 196 -27.71 -5.42 -60.70
CA GLY G 196 -26.89 -5.26 -59.51
C GLY G 196 -25.65 -6.12 -59.45
N TYR G 197 -25.30 -6.81 -60.52
CA TYR G 197 -24.12 -7.66 -60.57
C TYR G 197 -23.04 -6.97 -61.40
N SER G 198 -21.84 -6.87 -60.83
CA SER G 198 -20.73 -6.17 -61.46
C SER G 198 -19.65 -7.17 -61.84
N PHE G 199 -19.21 -7.12 -63.09
CA PHE G 199 -18.10 -7.94 -63.59
C PHE G 199 -17.26 -7.07 -64.52
N THR G 200 -16.01 -6.84 -64.15
CA THR G 200 -15.17 -5.88 -64.86
C THR G 200 -13.92 -6.50 -65.47
N THR G 201 -13.16 -7.27 -64.71
CA THR G 201 -11.87 -7.76 -65.20
C THR G 201 -12.07 -8.88 -66.22
N THR G 202 -10.96 -9.25 -66.86
CA THR G 202 -10.99 -10.37 -67.79
C THR G 202 -11.30 -11.69 -67.09
N ALA G 203 -11.09 -11.75 -65.78
CA ALA G 203 -11.33 -12.99 -65.04
C ALA G 203 -12.81 -13.37 -65.07
N GLU G 204 -13.70 -12.43 -64.77
CA GLU G 204 -15.12 -12.74 -64.79
C GLU G 204 -15.71 -12.72 -66.19
N ARG G 205 -14.92 -12.33 -67.20
CA ARG G 205 -15.41 -12.41 -68.57
C ARG G 205 -15.73 -13.85 -68.96
N GLU G 206 -14.86 -14.79 -68.58
CA GLU G 206 -15.14 -16.20 -68.84
C GLU G 206 -16.35 -16.68 -68.05
N ILE G 207 -16.51 -16.21 -66.82
CA ILE G 207 -17.63 -16.64 -65.99
C ILE G 207 -18.95 -16.26 -66.63
N VAL G 208 -19.06 -15.01 -67.10
CA VAL G 208 -20.28 -14.58 -67.77
C VAL G 208 -20.45 -15.33 -69.08
N ARG G 209 -19.34 -15.60 -69.78
CA ARG G 209 -19.40 -16.44 -70.96
C ARG G 209 -19.96 -17.82 -70.63
N ASP G 210 -19.60 -18.34 -69.45
CA ASP G 210 -20.16 -19.61 -69.00
C ASP G 210 -21.67 -19.50 -68.81
N ILE G 211 -22.13 -18.41 -68.20
CA ILE G 211 -23.57 -18.21 -68.03
C ILE G 211 -24.25 -18.03 -69.39
N LYS G 212 -23.56 -17.38 -70.32
CA LYS G 212 -24.12 -17.22 -71.67
C LYS G 212 -24.33 -18.58 -72.33
N GLU G 213 -23.36 -19.48 -72.19
CA GLU G 213 -23.47 -20.80 -72.81
C GLU G 213 -24.45 -21.71 -72.10
N LYS G 214 -24.93 -21.34 -70.91
CA LYS G 214 -25.76 -22.23 -70.11
C LYS G 214 -27.20 -21.77 -69.95
N LEU G 215 -27.45 -20.46 -69.86
CA LEU G 215 -28.78 -19.97 -69.56
C LEU G 215 -29.38 -19.08 -70.65
N CYS G 216 -28.61 -18.69 -71.65
CA CYS G 216 -29.12 -17.83 -72.71
C CYS G 216 -29.83 -18.67 -73.77
N TYR G 217 -30.88 -18.07 -74.35
CA TYR G 217 -31.64 -18.73 -75.40
C TYR G 217 -32.29 -17.65 -76.26
N VAL G 218 -32.70 -18.06 -77.46
CA VAL G 218 -33.31 -17.16 -78.43
C VAL G 218 -34.83 -17.29 -78.31
N ALA G 219 -35.51 -16.16 -78.10
CA ALA G 219 -36.95 -16.15 -78.04
C ALA G 219 -37.55 -16.04 -79.43
N LEU G 220 -38.56 -16.86 -79.69
CA LEU G 220 -39.24 -16.82 -80.99
C LEU G 220 -39.90 -15.46 -81.22
N ASP G 221 -40.56 -14.93 -80.20
CA ASP G 221 -41.16 -13.61 -80.23
C ASP G 221 -40.57 -12.79 -79.10
N PHE G 222 -39.72 -11.82 -79.43
CA PHE G 222 -39.00 -11.07 -78.41
C PHE G 222 -39.95 -10.23 -77.56
N GLU G 223 -40.87 -9.51 -78.20
CA GLU G 223 -41.78 -8.64 -77.45
C GLU G 223 -42.70 -9.46 -76.55
N GLN G 224 -43.22 -10.58 -77.06
CA GLN G 224 -44.07 -11.43 -76.24
C GLN G 224 -43.29 -12.01 -75.07
N GLU G 225 -42.04 -12.42 -75.31
CA GLU G 225 -41.21 -12.94 -74.23
C GLU G 225 -40.97 -11.89 -73.15
N MET G 226 -40.72 -10.64 -73.57
CA MET G 226 -40.51 -9.58 -72.60
C MET G 226 -41.76 -9.35 -71.75
N ALA G 227 -42.95 -9.40 -72.38
CA ALA G 227 -44.18 -9.28 -71.62
C ALA G 227 -44.33 -10.42 -70.63
N THR G 228 -44.01 -11.65 -71.04
CA THR G 228 -44.09 -12.79 -70.13
C THR G 228 -43.10 -12.63 -68.98
N ALA G 229 -41.88 -12.18 -69.28
CA ALA G 229 -40.88 -12.00 -68.24
C ALA G 229 -41.24 -10.88 -67.27
N ALA G 230 -41.96 -9.86 -67.74
CA ALA G 230 -42.35 -8.74 -66.89
C ALA G 230 -43.57 -9.03 -66.04
N SER G 231 -44.22 -10.17 -66.23
CA SER G 231 -45.42 -10.51 -65.47
C SER G 231 -45.35 -11.90 -64.84
N SER G 232 -44.23 -12.60 -64.97
CA SER G 232 -44.11 -13.94 -64.40
C SER G 232 -42.66 -14.20 -64.04
N SER G 233 -42.46 -15.14 -63.13
CA SER G 233 -41.13 -15.55 -62.68
C SER G 233 -40.73 -16.90 -63.25
N SER G 234 -41.50 -17.43 -64.20
CA SER G 234 -41.19 -18.74 -64.78
C SER G 234 -39.91 -18.72 -65.60
N LEU G 235 -39.47 -17.56 -66.06
CA LEU G 235 -38.27 -17.45 -66.87
C LEU G 235 -37.01 -17.21 -66.05
N GLU G 236 -37.13 -17.09 -64.73
CA GLU G 236 -35.96 -16.87 -63.89
C GLU G 236 -35.10 -18.13 -63.81
N LYS G 237 -33.79 -17.93 -63.80
CA LYS G 237 -32.84 -19.02 -63.64
C LYS G 237 -31.75 -18.58 -62.66
N SER G 238 -31.15 -19.56 -61.99
CA SER G 238 -30.14 -19.29 -60.98
C SER G 238 -28.80 -19.87 -61.42
N TYR G 239 -27.74 -19.08 -61.24
CA TYR G 239 -26.38 -19.49 -61.57
C TYR G 239 -25.52 -19.34 -60.32
N GLU G 240 -24.58 -20.26 -60.14
CA GLU G 240 -23.73 -20.29 -58.96
C GLU G 240 -22.34 -19.79 -59.34
N LEU G 241 -21.87 -18.74 -58.67
CA LEU G 241 -20.55 -18.20 -58.92
C LEU G 241 -19.49 -19.09 -58.28
N PRO G 242 -18.27 -19.08 -58.81
CA PRO G 242 -17.24 -20.00 -58.31
C PRO G 242 -16.94 -19.83 -56.82
N ASP G 243 -17.25 -18.67 -56.23
CA ASP G 243 -17.09 -18.48 -54.80
C ASP G 243 -18.29 -18.98 -54.01
N GLY G 244 -19.30 -19.51 -54.69
CA GLY G 244 -20.49 -20.00 -54.03
C GLY G 244 -21.68 -19.08 -54.06
N GLN G 245 -21.49 -17.81 -54.44
CA GLN G 245 -22.61 -16.88 -54.53
C GLN G 245 -23.53 -17.27 -55.69
N VAL G 246 -24.83 -17.07 -55.50
CA VAL G 246 -25.84 -17.43 -56.48
C VAL G 246 -26.53 -16.16 -56.95
N ILE G 247 -26.60 -15.99 -58.27
CA ILE G 247 -27.27 -14.85 -58.87
C ILE G 247 -28.45 -15.35 -59.70
N THR G 248 -29.41 -14.45 -59.91
CA THR G 248 -30.61 -14.76 -60.66
C THR G 248 -30.76 -13.79 -61.83
N ILE G 249 -31.14 -14.33 -62.99
CA ILE G 249 -31.31 -13.53 -64.20
C ILE G 249 -32.71 -13.79 -64.75
N GLY G 250 -33.32 -12.74 -65.29
CA GLY G 250 -34.66 -12.84 -65.85
C GLY G 250 -34.70 -12.69 -67.35
N ASN G 251 -35.11 -11.51 -67.82
CA ASN G 251 -35.20 -11.26 -69.26
C ASN G 251 -33.84 -11.26 -69.94
N GLU G 252 -32.75 -11.18 -69.17
CA GLU G 252 -31.42 -11.17 -69.77
C GLU G 252 -31.09 -12.45 -70.51
N ARG G 253 -31.84 -13.53 -70.26
CA ARG G 253 -31.57 -14.79 -70.94
C ARG G 253 -31.78 -14.67 -72.44
N PHE G 254 -32.83 -13.96 -72.86
CA PHE G 254 -33.12 -13.80 -74.28
C PHE G 254 -32.80 -12.41 -74.81
N ARG G 255 -32.55 -11.44 -73.94
CA ARG G 255 -32.20 -10.10 -74.41
C ARG G 255 -30.87 -10.09 -75.14
N CYS G 256 -29.86 -10.78 -74.59
CA CYS G 256 -28.56 -10.84 -75.24
C CYS G 256 -28.59 -11.51 -76.60
N PRO G 257 -29.16 -12.72 -76.76
CA PRO G 257 -29.19 -13.32 -78.11
C PRO G 257 -30.00 -12.52 -79.11
N GLU G 258 -30.90 -11.65 -78.65
CA GLU G 258 -31.65 -10.80 -79.57
C GLU G 258 -30.74 -9.83 -80.32
N ALA G 259 -29.58 -9.51 -79.76
CA ALA G 259 -28.65 -8.60 -80.43
C ALA G 259 -28.18 -9.16 -81.77
N LEU G 260 -28.15 -10.49 -81.93
CA LEU G 260 -27.84 -11.07 -83.23
C LEU G 260 -28.87 -10.65 -84.28
N PHE G 261 -30.13 -10.58 -83.88
CA PHE G 261 -31.19 -10.14 -84.78
C PHE G 261 -31.42 -8.64 -84.74
N GLN G 262 -30.99 -7.98 -83.67
CA GLN G 262 -31.15 -6.53 -83.52
C GLN G 262 -29.82 -5.92 -83.12
N PRO G 263 -28.92 -5.69 -84.09
CA PRO G 263 -27.63 -5.07 -83.75
C PRO G 263 -27.73 -3.68 -83.18
N SER G 264 -28.88 -3.00 -83.36
CA SER G 264 -29.05 -1.67 -82.80
C SER G 264 -28.96 -1.68 -81.27
N PHE G 265 -29.16 -2.83 -80.64
CA PHE G 265 -28.97 -2.91 -79.19
C PHE G 265 -27.55 -2.56 -78.80
N LEU G 266 -26.58 -2.90 -79.64
CA LEU G 266 -25.18 -2.53 -79.42
C LEU G 266 -24.83 -1.21 -80.08
N GLY G 267 -25.81 -0.53 -80.68
CA GLY G 267 -25.55 0.70 -81.40
C GLY G 267 -24.94 0.51 -82.77
N MET G 268 -24.93 -0.71 -83.30
CA MET G 268 -24.31 -0.98 -84.58
C MET G 268 -25.33 -0.78 -85.69
N GLU G 269 -24.89 -0.16 -86.78
CA GLU G 269 -25.78 0.23 -87.87
C GLU G 269 -26.16 -0.93 -88.79
N SER G 270 -25.38 -1.99 -88.83
CA SER G 270 -25.64 -3.07 -89.77
C SER G 270 -26.88 -3.86 -89.35
N ALA G 271 -27.41 -4.63 -90.29
CA ALA G 271 -28.57 -5.47 -90.06
C ALA G 271 -28.17 -6.71 -89.27
N GLY G 272 -29.19 -7.42 -88.78
CA GLY G 272 -28.97 -8.64 -88.03
C GLY G 272 -28.57 -9.80 -88.90
N ILE G 273 -28.42 -10.97 -88.26
CA ILE G 273 -28.00 -12.17 -88.97
C ILE G 273 -29.04 -12.57 -90.01
N HIS G 274 -30.32 -12.51 -89.65
CA HIS G 274 -31.36 -13.01 -90.54
C HIS G 274 -31.40 -12.23 -91.85
N GLU G 275 -31.30 -10.91 -91.79
CA GLU G 275 -31.13 -10.15 -93.03
C GLU G 275 -29.80 -10.43 -93.70
N THR G 276 -28.72 -10.53 -92.92
CA THR G 276 -27.39 -10.77 -93.50
C THR G 276 -27.39 -12.03 -94.33
N THR G 277 -28.02 -13.09 -93.84
CA THR G 277 -28.18 -14.30 -94.65
C THR G 277 -29.03 -14.02 -95.88
N PHE G 278 -30.07 -13.20 -95.72
CA PHE G 278 -30.98 -12.91 -96.84
C PHE G 278 -30.28 -12.12 -97.94
N ASN G 279 -29.52 -11.07 -97.57
CA ASN G 279 -28.84 -10.28 -98.59
C ASN G 279 -27.76 -11.09 -99.29
N SER G 280 -27.10 -11.99 -98.57
CA SER G 280 -26.08 -12.82 -99.20
C SER G 280 -26.69 -13.68 -100.31
N ILE G 281 -27.86 -14.26 -100.06
CA ILE G 281 -28.55 -15.02 -101.09
C ILE G 281 -28.96 -14.10 -102.23
N MET G 282 -29.46 -12.91 -101.91
CA MET G 282 -29.88 -11.96 -102.94
C MET G 282 -28.73 -11.56 -103.85
N LYS G 283 -27.50 -11.52 -103.34
CA LYS G 283 -26.34 -11.20 -104.16
C LYS G 283 -25.99 -12.31 -105.13
N CYS G 284 -26.57 -13.50 -104.99
CA CYS G 284 -26.30 -14.61 -105.88
C CYS G 284 -27.23 -14.57 -107.09
N ASP G 285 -27.01 -15.48 -108.03
CA ASP G 285 -27.87 -15.59 -109.20
C ASP G 285 -29.25 -16.08 -108.79
N VAL G 286 -30.26 -15.64 -109.55
CA VAL G 286 -31.64 -15.99 -109.23
C VAL G 286 -31.87 -17.49 -109.37
N ASP G 287 -31.21 -18.13 -110.33
CA ASP G 287 -31.44 -19.55 -110.60
C ASP G 287 -30.99 -20.44 -109.45
N ILE G 288 -30.13 -19.95 -108.57
CA ILE G 288 -29.58 -20.75 -107.48
C ILE G 288 -30.10 -20.34 -106.12
N ARG G 289 -30.89 -19.26 -106.04
CA ARG G 289 -31.41 -18.81 -104.76
C ARG G 289 -32.37 -19.81 -104.15
N LYS G 290 -33.09 -20.56 -104.99
CA LYS G 290 -34.05 -21.53 -104.47
C LYS G 290 -33.35 -22.62 -103.66
N ASP G 291 -32.24 -23.15 -104.19
CA ASP G 291 -31.50 -24.17 -103.45
C ASP G 291 -30.88 -23.62 -102.17
N LEU G 292 -30.34 -22.39 -102.22
CA LEU G 292 -29.77 -21.79 -101.03
C LEU G 292 -30.81 -21.57 -99.95
N TYR G 293 -32.06 -21.34 -100.34
CA TYR G 293 -33.12 -21.11 -99.37
C TYR G 293 -33.35 -22.34 -98.49
N ALA G 294 -33.34 -23.53 -99.09
CA ALA G 294 -33.61 -24.76 -98.38
C ALA G 294 -32.35 -25.44 -97.85
N ASN G 295 -31.18 -24.83 -98.03
CA ASN G 295 -29.91 -25.41 -97.60
C ASN G 295 -29.15 -24.43 -96.73
N THR G 296 -29.83 -23.83 -95.76
CA THR G 296 -29.20 -22.93 -94.81
C THR G 296 -28.61 -23.76 -93.67
N VAL G 297 -27.28 -23.70 -93.53
CA VAL G 297 -26.55 -24.51 -92.56
C VAL G 297 -25.97 -23.60 -91.50
N LEU G 298 -26.20 -23.95 -90.23
CA LEU G 298 -25.69 -23.19 -89.09
C LEU G 298 -24.38 -23.79 -88.61
N SER G 299 -23.41 -22.93 -88.35
CA SER G 299 -22.09 -23.37 -87.90
C SER G 299 -21.55 -22.38 -86.90
N GLY G 300 -20.71 -22.86 -85.99
CA GLY G 300 -20.10 -22.03 -84.98
C GLY G 300 -20.81 -22.13 -83.63
N GLY G 301 -20.05 -21.84 -82.58
CA GLY G 301 -20.60 -21.94 -81.23
C GLY G 301 -21.65 -20.90 -80.93
N THR G 302 -21.76 -19.87 -81.77
CA THR G 302 -22.78 -18.85 -81.57
C THR G 302 -24.16 -19.39 -81.96
N THR G 303 -24.22 -20.56 -82.58
CA THR G 303 -25.46 -21.18 -83.01
C THR G 303 -26.00 -22.22 -82.03
N MET G 304 -25.45 -22.33 -80.82
CA MET G 304 -25.90 -23.31 -79.85
C MET G 304 -27.05 -22.83 -78.98
N TYR G 305 -27.50 -21.59 -79.16
CA TYR G 305 -28.62 -21.10 -78.35
C TYR G 305 -29.90 -21.83 -78.72
N PRO G 306 -30.61 -22.40 -77.74
CA PRO G 306 -31.87 -23.09 -78.04
C PRO G 306 -32.89 -22.16 -78.67
N GLY G 307 -33.64 -22.67 -79.64
CA GLY G 307 -34.65 -21.90 -80.31
C GLY G 307 -34.15 -20.94 -81.36
N ILE G 308 -32.83 -20.92 -81.63
CA ILE G 308 -32.31 -20.01 -82.63
C ILE G 308 -32.76 -20.42 -84.03
N ALA G 309 -32.87 -21.73 -84.29
CA ALA G 309 -33.21 -22.20 -85.63
C ALA G 309 -34.64 -21.85 -85.99
N ASP G 310 -35.58 -22.03 -85.06
CA ASP G 310 -36.97 -21.69 -85.33
C ASP G 310 -37.10 -20.19 -85.57
N ARG G 311 -36.43 -19.37 -84.75
CA ARG G 311 -36.39 -17.93 -85.01
C ARG G 311 -35.62 -17.64 -86.29
N MET G 312 -34.58 -18.42 -86.57
CA MET G 312 -33.90 -18.31 -87.86
C MET G 312 -34.88 -18.52 -89.00
N GLN G 313 -35.68 -19.58 -88.92
CA GLN G 313 -36.58 -19.93 -90.02
C GLN G 313 -37.69 -18.89 -90.18
N LYS G 314 -38.25 -18.42 -89.06
CA LYS G 314 -39.36 -17.47 -89.11
C LYS G 314 -38.93 -16.15 -89.73
N GLU G 315 -37.77 -15.62 -89.34
CA GLU G 315 -37.33 -14.34 -89.86
C GLU G 315 -37.07 -14.40 -91.36
N ILE G 316 -36.40 -15.45 -91.83
CA ILE G 316 -36.13 -15.58 -93.26
C ILE G 316 -37.42 -15.77 -94.03
N THR G 317 -38.36 -16.52 -93.47
CA THR G 317 -39.62 -16.78 -94.15
C THR G 317 -40.37 -15.48 -94.44
N ALA G 318 -40.37 -14.55 -93.49
CA ALA G 318 -40.98 -13.25 -93.74
C ALA G 318 -40.22 -12.50 -94.84
N LEU G 319 -38.89 -12.55 -94.81
CA LEU G 319 -38.10 -11.86 -95.82
C LEU G 319 -38.25 -12.53 -97.19
N ALA G 320 -38.17 -13.86 -97.22
CA ALA G 320 -38.26 -14.58 -98.48
C ALA G 320 -39.69 -14.56 -99.02
N PRO G 321 -39.84 -14.64 -100.35
CA PRO G 321 -41.18 -14.74 -100.92
C PRO G 321 -41.87 -16.03 -100.47
N SER G 322 -43.20 -15.97 -100.41
CA SER G 322 -43.97 -17.10 -99.92
C SER G 322 -43.78 -18.34 -100.78
N THR G 323 -43.53 -18.15 -102.08
CA THR G 323 -43.33 -19.30 -102.97
C THR G 323 -42.11 -20.11 -102.56
N MET G 324 -41.01 -19.43 -102.23
CA MET G 324 -39.81 -20.13 -101.81
C MET G 324 -40.02 -20.80 -100.45
N LYS G 325 -39.55 -22.04 -100.33
CA LYS G 325 -39.63 -22.79 -99.09
C LYS G 325 -38.25 -22.79 -98.42
N ILE G 326 -38.24 -22.68 -97.10
CA ILE G 326 -37.03 -22.41 -96.34
C ILE G 326 -36.78 -23.57 -95.39
N LYS G 327 -35.52 -24.02 -95.34
CA LYS G 327 -35.08 -25.00 -94.35
C LYS G 327 -33.82 -24.49 -93.67
N ILE G 328 -33.77 -24.65 -92.35
CA ILE G 328 -32.61 -24.27 -91.55
C ILE G 328 -31.99 -25.55 -91.01
N ILE G 329 -30.74 -25.81 -91.38
CA ILE G 329 -30.04 -27.02 -90.97
C ILE G 329 -29.18 -26.68 -89.76
N ALA G 330 -29.52 -27.24 -88.61
CA ALA G 330 -28.80 -27.02 -87.36
C ALA G 330 -28.47 -28.37 -86.74
N PRO G 331 -27.42 -29.03 -87.21
CA PRO G 331 -27.05 -30.31 -86.61
C PRO G 331 -26.60 -30.10 -85.17
N PRO G 332 -26.82 -31.09 -84.31
CA PRO G 332 -26.42 -30.94 -82.90
C PRO G 332 -24.92 -30.80 -82.71
N GLU G 333 -24.11 -31.22 -83.67
CA GLU G 333 -22.66 -31.16 -83.57
C GLU G 333 -22.07 -30.01 -84.37
N ARG G 334 -22.89 -29.03 -84.76
CA ARG G 334 -22.42 -27.93 -85.59
C ARG G 334 -21.39 -27.05 -84.89
N LYS G 335 -21.24 -27.18 -83.57
CA LYS G 335 -20.18 -26.46 -82.88
C LYS G 335 -18.81 -26.87 -83.37
N TYR G 336 -18.65 -28.14 -83.77
CA TYR G 336 -17.39 -28.67 -84.26
C TYR G 336 -17.47 -29.03 -85.73
N SER G 337 -18.40 -28.41 -86.46
CA SER G 337 -18.61 -28.76 -87.87
C SER G 337 -17.36 -28.50 -88.70
N VAL G 338 -16.67 -27.38 -88.44
CA VAL G 338 -15.46 -27.07 -89.20
C VAL G 338 -14.39 -28.14 -88.97
N TRP G 339 -14.17 -28.50 -87.71
CA TRP G 339 -13.19 -29.56 -87.42
C TRP G 339 -13.66 -30.90 -87.97
N ILE G 340 -14.95 -31.22 -87.80
CA ILE G 340 -15.46 -32.48 -88.30
C ILE G 340 -15.34 -32.56 -89.80
N GLY G 341 -15.68 -31.48 -90.51
CA GLY G 341 -15.47 -31.45 -91.94
C GLY G 341 -14.01 -31.55 -92.32
N GLY G 342 -13.15 -30.86 -91.57
CA GLY G 342 -11.73 -30.97 -91.83
C GLY G 342 -11.19 -32.37 -91.59
N SER G 343 -11.67 -33.02 -90.54
CA SER G 343 -11.26 -34.40 -90.28
C SER G 343 -11.71 -35.33 -91.40
N ILE G 344 -12.91 -35.09 -91.95
CA ILE G 344 -13.41 -35.92 -93.04
C ILE G 344 -12.52 -35.78 -94.26
N LEU G 345 -12.23 -34.55 -94.68
CA LEU G 345 -11.51 -34.34 -95.93
C LEU G 345 -10.11 -34.93 -95.87
N ALA G 346 -9.41 -34.76 -94.75
CA ALA G 346 -8.07 -35.31 -94.62
C ALA G 346 -8.06 -36.83 -94.73
N SER G 347 -9.20 -37.48 -94.51
CA SER G 347 -9.31 -38.93 -94.66
C SER G 347 -9.64 -39.35 -96.09
N LEU G 348 -9.98 -38.41 -96.97
CA LEU G 348 -10.28 -38.76 -98.35
C LEU G 348 -9.01 -39.17 -99.10
N SER G 349 -9.17 -40.15 -99.99
CA SER G 349 -8.10 -40.53 -100.89
C SER G 349 -7.82 -39.45 -101.93
N THR G 350 -8.83 -38.70 -102.34
CA THR G 350 -8.68 -37.56 -103.22
C THR G 350 -8.20 -36.30 -102.50
N PHE G 351 -7.67 -36.45 -101.29
CA PHE G 351 -7.13 -35.32 -100.54
C PHE G 351 -5.62 -35.18 -100.65
N GLN G 352 -4.92 -36.23 -101.09
CA GLN G 352 -3.47 -36.26 -100.98
C GLN G 352 -2.78 -35.28 -101.93
N GLN G 353 -3.41 -34.92 -103.05
CA GLN G 353 -2.72 -34.12 -104.05
C GLN G 353 -2.73 -32.62 -103.76
N MET G 354 -3.57 -32.14 -102.84
CA MET G 354 -3.42 -30.76 -102.41
C MET G 354 -2.59 -30.61 -101.14
N TRP G 355 -1.92 -31.66 -100.69
CA TRP G 355 -0.90 -31.51 -99.67
C TRP G 355 0.28 -30.72 -100.23
N ILE G 356 0.88 -29.88 -99.38
CA ILE G 356 2.03 -29.08 -99.77
C ILE G 356 3.19 -29.46 -98.87
N SER G 357 4.22 -30.08 -99.45
CA SER G 357 5.36 -30.53 -98.67
C SER G 357 6.26 -29.35 -98.30
N LYS G 358 7.11 -29.58 -97.29
CA LYS G 358 8.02 -28.53 -96.84
C LYS G 358 9.07 -28.22 -97.89
N GLN G 359 9.51 -29.23 -98.64
CA GLN G 359 10.51 -29.01 -99.67
C GLN G 359 10.00 -28.07 -100.76
N GLU G 360 8.74 -28.23 -101.16
CA GLU G 360 8.17 -27.37 -102.19
C GLU G 360 8.13 -25.92 -101.73
N TYR G 361 7.72 -25.68 -100.48
CA TYR G 361 7.62 -24.32 -99.98
C TYR G 361 8.99 -23.64 -99.90
N ASP G 362 10.01 -24.39 -99.50
CA ASP G 362 11.35 -23.81 -99.37
C ASP G 362 11.88 -23.33 -100.71
N GLU G 363 11.66 -24.10 -101.78
CA GLU G 363 12.18 -23.75 -103.09
C GLU G 363 11.27 -22.84 -103.89
N SER G 364 10.02 -22.66 -103.47
CA SER G 364 9.07 -21.84 -104.20
C SER G 364 8.54 -20.66 -103.41
N GLY G 365 8.26 -20.84 -102.13
CA GLY G 365 7.72 -19.77 -101.32
C GLY G 365 6.22 -19.89 -101.14
N PRO G 366 5.58 -18.81 -100.66
CA PRO G 366 4.14 -18.84 -100.42
C PRO G 366 3.29 -18.76 -101.69
N SER G 367 3.90 -18.64 -102.87
CA SER G 367 3.13 -18.54 -104.10
C SER G 367 2.32 -19.81 -104.34
N ILE G 368 2.91 -20.98 -104.09
CA ILE G 368 2.19 -22.22 -104.24
C ILE G 368 1.06 -22.36 -103.24
N VAL G 369 1.12 -21.62 -102.13
CA VAL G 369 0.07 -21.69 -101.14
C VAL G 369 -1.14 -20.84 -101.55
N HIS G 370 -0.91 -19.68 -102.14
CA HIS G 370 -2.02 -18.84 -102.59
C HIS G 370 -2.82 -19.54 -103.68
N ARG G 371 -2.14 -20.07 -104.69
CA ARG G 371 -2.79 -20.99 -105.60
C ARG G 371 -3.12 -22.28 -104.89
N LYS G 372 -3.95 -23.11 -105.52
CA LYS G 372 -4.26 -24.47 -105.06
C LYS G 372 -5.12 -24.43 -103.79
N CYS G 373 -5.32 -23.25 -103.21
CA CYS G 373 -6.25 -23.03 -102.11
C CYS G 373 -7.19 -21.90 -102.49
N PHE G 374 -8.43 -21.99 -102.00
CA PHE G 374 -9.44 -20.98 -102.33
C PHE G 374 -9.65 -19.99 -101.18
N LYS H 10 31.58 53.93 115.46
CA LYS H 10 32.93 54.08 114.93
C LYS H 10 33.49 52.73 114.48
N VAL H 11 33.20 51.69 115.27
CA VAL H 11 33.69 50.35 114.94
C VAL H 11 33.05 49.87 113.64
N VAL H 12 31.75 50.07 113.48
CA VAL H 12 31.02 49.65 112.29
C VAL H 12 30.60 50.89 111.52
N ARG H 13 30.49 50.75 110.20
CA ARG H 13 30.07 51.86 109.36
C ARG H 13 28.58 52.14 109.55
N GLN H 14 28.24 53.42 109.70
CA GLN H 14 26.86 53.81 109.94
C GLN H 14 26.04 53.65 108.66
N SER H 15 25.06 52.76 108.69
CA SER H 15 24.20 52.53 107.55
C SER H 15 22.89 51.92 108.03
N LYS H 16 21.89 51.95 107.15
CA LYS H 16 20.58 51.39 107.44
C LYS H 16 20.27 50.14 106.64
N PHE H 17 21.15 49.73 105.73
CA PHE H 17 20.89 48.59 104.86
C PHE H 17 21.98 47.53 104.95
N ARG H 18 22.71 47.49 106.05
CA ARG H 18 23.78 46.50 106.21
C ARG H 18 23.24 45.10 106.43
N HIS H 19 21.98 44.96 106.83
CA HIS H 19 21.40 43.65 107.12
C HIS H 19 20.22 43.34 106.21
N VAL H 20 20.11 44.01 105.07
CA VAL H 20 18.98 43.81 104.17
C VAL H 20 19.14 42.48 103.46
N PHE H 21 18.16 41.59 103.64
CA PHE H 21 18.24 40.21 103.17
C PHE H 21 17.12 39.95 102.18
N GLY H 22 17.38 39.05 101.23
CA GLY H 22 16.42 38.71 100.22
C GLY H 22 15.68 37.41 100.50
N GLN H 23 14.44 37.35 100.05
CA GLN H 23 13.59 36.18 100.27
C GLN H 23 12.72 35.91 99.06
N PRO H 24 12.90 34.77 98.39
CA PRO H 24 12.02 34.44 97.26
C PRO H 24 10.59 34.22 97.72
N VAL H 25 9.65 34.62 96.87
CA VAL H 25 8.24 34.39 97.14
C VAL H 25 7.94 32.92 96.93
N LYS H 26 6.81 32.45 97.46
CA LYS H 26 6.44 31.06 97.29
C LYS H 26 6.03 30.80 95.84
N ASN H 27 5.85 29.52 95.51
CA ASN H 27 5.64 29.13 94.12
C ASN H 27 4.34 29.68 93.57
N ASP H 28 3.34 29.88 94.43
CA ASP H 28 2.01 30.25 93.96
C ASP H 28 1.96 31.68 93.42
N GLN H 29 2.81 32.59 93.92
CA GLN H 29 2.84 33.96 93.43
C GLN H 29 3.83 34.14 92.28
N CYS H 30 4.53 33.09 91.89
CA CYS H 30 5.46 33.16 90.77
C CYS H 30 4.70 33.03 89.46
N TYR H 31 5.43 33.17 88.36
CA TYR H 31 4.87 33.04 87.02
C TYR H 31 5.57 31.87 86.33
N GLU H 32 4.79 30.96 85.77
CA GLU H 32 5.30 29.73 85.18
C GLU H 32 4.90 29.63 83.71
N ASP H 33 5.58 28.72 83.01
CA ASP H 33 5.28 28.39 81.61
C ASP H 33 5.40 29.61 80.70
N ILE H 34 6.50 30.34 80.86
CA ILE H 34 6.82 31.46 79.98
C ILE H 34 8.07 31.10 79.20
N ARG H 35 7.94 30.99 77.88
CA ARG H 35 9.08 30.73 77.01
C ARG H 35 9.83 32.04 76.86
N VAL H 36 10.94 32.17 77.59
CA VAL H 36 11.72 33.39 77.54
C VAL H 36 12.54 33.44 76.26
N SER H 37 12.76 34.65 75.76
CA SER H 37 13.52 34.83 74.53
C SER H 37 14.95 34.34 74.69
N ARG H 38 15.47 33.73 73.63
CA ARG H 38 16.83 33.21 73.60
C ARG H 38 17.76 34.13 72.82
N VAL H 39 17.52 35.43 72.90
CA VAL H 39 18.39 36.43 72.28
C VAL H 39 19.54 36.71 73.23
N THR H 40 20.76 36.68 72.71
CA THR H 40 21.93 36.86 73.56
C THR H 40 22.19 38.32 73.90
N TRP H 41 21.49 39.25 73.25
CA TRP H 41 21.65 40.67 73.57
C TRP H 41 21.41 40.91 75.06
N ASP H 42 22.46 41.34 75.75
CA ASP H 42 22.44 41.46 77.20
C ASP H 42 21.61 42.69 77.59
N SER H 43 20.31 42.46 77.79
CA SER H 43 19.40 43.50 78.25
C SER H 43 18.63 42.96 79.47
N THR H 44 17.77 43.81 80.03
CA THR H 44 17.04 43.43 81.24
C THR H 44 16.06 42.30 80.97
N PHE H 45 15.52 42.22 79.75
CA PHE H 45 14.57 41.20 79.34
C PHE H 45 13.26 41.27 80.11
N CYS H 46 13.08 42.26 80.98
CA CYS H 46 11.90 42.34 81.82
C CYS H 46 11.67 43.78 82.22
N ALA H 47 10.47 44.29 81.95
CA ALA H 47 10.04 45.61 82.38
C ALA H 47 8.77 45.46 83.18
N VAL H 48 8.78 45.98 84.41
CA VAL H 48 7.66 45.80 85.33
C VAL H 48 7.24 47.15 85.86
N ASN H 49 5.94 47.38 85.90
CA ASN H 49 5.33 48.54 86.53
C ASN H 49 4.30 48.05 87.53
N PRO H 50 3.88 48.90 88.48
CA PRO H 50 2.94 48.44 89.51
C PRO H 50 1.59 47.97 88.96
N LYS H 51 1.42 48.01 87.64
CA LYS H 51 0.20 47.57 87.01
C LYS H 51 0.35 46.22 86.31
N PHE H 52 1.40 46.04 85.51
CA PHE H 52 1.58 44.84 84.71
C PHE H 52 3.02 44.35 84.81
N LEU H 53 3.29 43.24 84.13
CA LEU H 53 4.63 42.69 84.02
C LEU H 53 4.90 42.35 82.57
N ALA H 54 5.99 42.89 82.02
CA ALA H 54 6.36 42.67 80.63
C ALA H 54 7.65 41.87 80.57
N VAL H 55 7.62 40.76 79.83
CA VAL H 55 8.78 39.90 79.66
C VAL H 55 8.90 39.57 78.17
N ILE H 56 10.12 39.72 77.63
CA ILE H 56 10.36 39.37 76.23
C ILE H 56 10.29 37.85 76.09
N VAL H 57 9.52 37.38 75.11
CA VAL H 57 9.31 35.96 74.90
C VAL H 57 9.78 35.58 73.51
N GLU H 58 10.00 34.29 73.32
CA GLU H 58 10.45 33.77 72.04
C GLU H 58 9.26 33.44 71.15
N ALA H 59 9.35 33.81 69.88
CA ALA H 59 8.32 33.53 68.89
C ALA H 59 8.96 32.93 67.64
N SER H 60 8.26 31.97 67.03
CA SER H 60 8.78 31.33 65.82
C SER H 60 8.91 32.34 64.69
N GLY H 61 7.92 33.22 64.53
CA GLY H 61 7.98 34.25 63.52
C GLY H 61 7.90 35.64 64.10
N GLY H 62 8.83 36.51 63.71
CA GLY H 62 8.86 37.85 64.27
C GLY H 62 9.31 37.84 65.72
N GLY H 63 8.88 38.85 66.45
CA GLY H 63 9.21 38.97 67.86
C GLY H 63 8.01 39.43 68.65
N ALA H 64 7.95 38.98 69.91
CA ALA H 64 6.83 39.31 70.78
C ALA H 64 7.30 39.32 72.22
N PHE H 65 6.53 40.00 73.06
CA PHE H 65 6.76 40.00 74.50
C PHE H 65 5.43 39.83 75.22
N LEU H 66 5.47 39.22 76.39
CA LEU H 66 4.28 38.91 77.15
C LEU H 66 4.04 39.99 78.21
N VAL H 67 2.87 40.60 78.16
CA VAL H 67 2.43 41.59 79.16
C VAL H 67 1.20 41.01 79.85
N LEU H 68 1.28 40.87 81.17
CA LEU H 68 0.22 40.28 81.95
C LEU H 68 0.06 41.04 83.27
N PRO H 69 -1.14 41.03 83.84
CA PRO H 69 -1.33 41.70 85.14
C PRO H 69 -0.53 41.02 86.25
N LEU H 70 -0.17 41.83 87.24
CA LEU H 70 0.59 41.30 88.37
C LEU H 70 -0.19 40.24 89.13
N SER H 71 -1.51 40.36 89.18
CA SER H 71 -2.34 39.38 89.88
C SER H 71 -2.39 38.04 89.15
N LYS H 72 -2.05 38.02 87.86
CA LYS H 72 -2.09 36.80 87.06
C LYS H 72 -0.82 35.99 87.33
N THR H 73 -0.81 35.32 88.47
CA THR H 73 0.32 34.51 88.87
C THR H 73 0.10 33.06 88.43
N GLY H 74 0.98 32.16 88.87
CA GLY H 74 0.84 30.76 88.54
C GLY H 74 1.23 30.45 87.10
N ARG H 75 0.84 29.25 86.67
CA ARG H 75 1.13 28.82 85.32
C ARG H 75 0.37 29.66 84.31
N ILE H 76 1.02 29.95 83.18
CA ILE H 76 0.45 30.77 82.12
C ILE H 76 0.19 29.89 80.91
N ASP H 77 -1.00 30.05 80.32
CA ASP H 77 -1.36 29.25 79.15
C ASP H 77 -0.43 29.55 77.98
N LYS H 78 -0.11 28.50 77.23
CA LYS H 78 0.77 28.66 76.07
C LYS H 78 0.11 29.49 74.98
N ALA H 79 -1.22 29.56 74.97
CA ALA H 79 -1.96 30.34 73.99
C ALA H 79 -2.35 31.72 74.52
N TYR H 80 -1.72 32.18 75.59
CA TYR H 80 -2.02 33.49 76.14
C TYR H 80 -1.64 34.57 75.13
N PRO H 81 -2.49 35.57 74.91
CA PRO H 81 -2.17 36.61 73.93
C PRO H 81 -0.90 37.37 74.32
N THR H 82 -0.09 37.71 73.31
CA THR H 82 1.13 38.46 73.49
C THR H 82 1.13 39.65 72.54
N VAL H 83 2.07 40.55 72.74
CA VAL H 83 2.23 41.73 71.88
C VAL H 83 3.17 41.32 70.75
N CYS H 84 2.58 40.79 69.67
CA CYS H 84 3.33 40.30 68.52
C CYS H 84 3.07 41.24 67.34
N GLY H 85 3.88 42.30 67.25
CA GLY H 85 3.76 43.24 66.16
C GLY H 85 5.06 43.39 65.37
N HIS H 86 6.18 43.12 66.03
CA HIS H 86 7.47 43.23 65.36
C HIS H 86 7.71 42.07 64.42
N THR H 87 8.34 42.35 63.29
CA THR H 87 8.76 41.33 62.34
C THR H 87 10.10 40.69 62.74
N GLY H 88 10.75 41.21 63.76
CA GLY H 88 11.99 40.64 64.25
C GLY H 88 11.96 40.50 65.76
N PRO H 89 12.90 39.73 66.31
CA PRO H 89 12.94 39.52 67.76
C PRO H 89 13.10 40.82 68.51
N VAL H 90 12.39 40.94 69.63
CA VAL H 90 12.43 42.14 70.46
C VAL H 90 13.70 42.14 71.30
N LEU H 91 14.40 43.27 71.32
CA LEU H 91 15.66 43.40 72.03
C LEU H 91 15.52 44.06 73.40
N ASP H 92 14.62 45.04 73.53
CA ASP H 92 14.48 45.75 74.79
C ASP H 92 13.06 46.29 74.91
N ILE H 93 12.59 46.41 76.16
CA ILE H 93 11.28 46.96 76.47
C ILE H 93 11.43 47.93 77.64
N ASP H 94 10.47 48.85 77.75
CA ASP H 94 10.49 49.83 78.84
C ASP H 94 9.10 50.41 79.00
N TRP H 95 8.63 50.48 80.24
CA TRP H 95 7.35 51.09 80.56
C TRP H 95 7.48 52.61 80.63
N CYS H 96 6.38 53.29 80.39
CA CYS H 96 6.34 54.74 80.55
C CYS H 96 6.30 55.10 82.03
N PRO H 97 7.24 55.92 82.53
CA PRO H 97 7.17 56.33 83.94
C PRO H 97 5.92 57.13 84.25
N HIS H 98 5.37 57.85 83.27
CA HIS H 98 4.20 58.67 83.46
C HIS H 98 2.92 58.01 82.94
N ASN H 99 3.00 56.74 82.55
CA ASN H 99 1.81 56.01 82.10
C ASN H 99 2.05 54.52 82.33
N ASP H 100 1.28 53.92 83.23
CA ASP H 100 1.45 52.52 83.59
C ASP H 100 0.93 51.57 82.52
N GLU H 101 0.39 52.06 81.41
CA GLU H 101 -0.13 51.21 80.36
C GLU H 101 0.57 51.42 79.02
N VAL H 102 1.61 52.25 78.98
CA VAL H 102 2.33 52.56 77.75
C VAL H 102 3.73 51.96 77.85
N ILE H 103 4.09 51.12 76.89
CA ILE H 103 5.38 50.47 76.85
C ILE H 103 5.95 50.57 75.45
N ALA H 104 7.23 50.90 75.35
CA ALA H 104 7.94 50.98 74.08
C ALA H 104 8.89 49.78 73.97
N SER H 105 8.88 49.14 72.81
CA SER H 105 9.67 47.94 72.57
C SER H 105 10.58 48.16 71.38
N GLY H 106 11.86 47.81 71.53
CA GLY H 106 12.83 47.86 70.46
C GLY H 106 13.17 46.44 70.01
N SER H 107 13.16 46.23 68.70
CA SER H 107 13.34 44.90 68.12
C SER H 107 14.43 44.94 67.07
N GLU H 108 14.62 43.81 66.40
CA GLU H 108 15.64 43.67 65.36
C GLU H 108 15.20 44.22 64.01
N ASP H 109 13.94 44.64 63.88
CA ASP H 109 13.43 45.17 62.62
C ASP H 109 13.77 46.66 62.42
N CYS H 110 14.75 47.17 63.16
CA CYS H 110 15.23 48.55 63.01
C CYS H 110 14.11 49.55 63.22
N THR H 111 13.21 49.26 64.16
CA THR H 111 12.09 50.16 64.43
C THR H 111 11.71 50.04 65.90
N VAL H 112 11.01 51.06 66.39
CA VAL H 112 10.54 51.13 67.77
C VAL H 112 9.03 51.33 67.73
N MET H 113 8.31 50.49 68.47
CA MET H 113 6.86 50.53 68.51
C MET H 113 6.39 50.81 69.93
N VAL H 114 5.46 51.74 70.06
CA VAL H 114 4.85 52.10 71.34
C VAL H 114 3.48 51.45 71.40
N TRP H 115 3.17 50.83 72.54
CA TRP H 115 1.94 50.06 72.68
C TRP H 115 1.10 50.61 73.82
N GLN H 116 -0.22 50.48 73.67
CA GLN H 116 -1.18 50.90 74.67
C GLN H 116 -1.86 49.66 75.24
N ILE H 117 -1.60 49.38 76.51
CA ILE H 117 -2.13 48.18 77.17
C ILE H 117 -3.50 48.50 77.77
N PRO H 118 -4.51 47.68 77.51
CA PRO H 118 -5.81 47.88 78.18
C PRO H 118 -5.70 47.66 79.67
N GLU H 119 -6.69 48.20 80.40
CA GLU H 119 -6.65 48.16 81.85
C GLU H 119 -6.64 46.73 82.38
N ASN H 120 -7.46 45.86 81.78
CA ASN H 120 -7.56 44.47 82.21
C ASN H 120 -6.55 43.57 81.52
N GLY H 121 -5.69 44.13 80.67
CA GLY H 121 -4.68 43.34 79.99
C GLY H 121 -5.06 43.01 78.57
N LEU H 122 -4.56 41.87 78.07
CA LEU H 122 -4.80 41.44 76.69
C LEU H 122 -5.72 40.24 76.68
N THR H 123 -6.77 40.33 75.85
CA THR H 123 -7.63 39.19 75.57
C THR H 123 -7.33 38.55 74.22
N SER H 124 -6.88 39.35 73.26
CA SER H 124 -6.43 38.89 71.96
C SER H 124 -5.04 39.44 71.70
N PRO H 125 -4.24 38.77 70.85
CA PRO H 125 -2.88 39.25 70.61
C PRO H 125 -2.86 40.66 70.05
N LEU H 126 -1.89 41.45 70.51
CA LEU H 126 -1.75 42.84 70.11
C LEU H 126 -0.75 42.92 68.96
N THR H 127 -1.18 43.51 67.85
CA THR H 127 -0.36 43.63 66.66
C THR H 127 -0.14 45.07 66.22
N GLU H 128 -1.18 45.91 66.27
CA GLU H 128 -1.07 47.29 65.81
C GLU H 128 -0.62 48.18 66.95
N PRO H 129 0.57 48.79 66.88
CA PRO H 129 0.97 49.76 67.88
C PRO H 129 0.41 51.14 67.59
N VAL H 130 0.29 51.94 68.65
CA VAL H 130 -0.23 53.29 68.49
C VAL H 130 0.75 54.17 67.73
N VAL H 131 2.05 53.99 67.98
CA VAL H 131 3.10 54.76 67.30
C VAL H 131 4.15 53.81 66.78
N VAL H 132 4.64 54.09 65.57
CA VAL H 132 5.74 53.35 64.96
C VAL H 132 6.86 54.36 64.70
N LEU H 133 8.01 54.15 65.32
CA LEU H 133 9.16 55.03 65.17
C LEU H 133 10.20 54.35 64.29
N GLU H 134 10.42 54.92 63.10
CA GLU H 134 11.40 54.40 62.14
C GLU H 134 12.45 55.49 61.96
N GLY H 135 13.57 55.34 62.66
CA GLY H 135 14.68 56.26 62.52
C GLY H 135 16.03 55.58 62.52
N HIS H 136 16.05 54.27 62.73
CA HIS H 136 17.27 53.50 62.84
C HIS H 136 17.43 52.60 61.62
N THR H 137 18.68 52.48 61.16
CA THR H 137 19.01 51.61 60.04
C THR H 137 19.30 50.18 60.47
N LYS H 138 19.71 49.95 61.71
CA LYS H 138 19.99 48.62 62.23
C LYS H 138 19.13 48.37 63.47
N ARG H 139 19.33 47.21 64.08
CA ARG H 139 18.50 46.80 65.20
C ARG H 139 18.66 47.75 66.38
N VAL H 140 17.55 47.99 67.08
CA VAL H 140 17.52 48.88 68.24
C VAL H 140 17.44 48.02 69.50
N GLY H 141 18.43 48.18 70.38
CA GLY H 141 18.47 47.39 71.59
C GLY H 141 18.49 48.21 72.86
N ILE H 142 18.44 49.54 72.73
CA ILE H 142 18.46 50.44 73.86
C ILE H 142 17.23 51.34 73.79
N ILE H 143 16.43 51.34 74.86
CA ILE H 143 15.26 52.21 74.96
C ILE H 143 15.27 52.85 76.34
N ALA H 144 15.13 54.17 76.39
CA ALA H 144 15.16 54.91 77.65
C ALA H 144 14.09 55.98 77.62
N TRP H 145 13.14 55.90 78.54
CA TRP H 145 12.15 56.96 78.69
C TRP H 145 12.76 58.15 79.39
N HIS H 146 12.25 59.34 79.07
CA HIS H 146 12.72 60.55 79.74
C HIS H 146 12.11 60.63 81.13
N PRO H 147 12.92 60.80 82.18
CA PRO H 147 12.36 60.82 83.54
C PRO H 147 11.36 61.95 83.79
N THR H 148 11.56 63.11 83.17
CA THR H 148 10.73 64.28 83.44
C THR H 148 9.86 64.69 82.27
N ALA H 149 10.45 64.91 81.09
CA ALA H 149 9.68 65.36 79.94
C ALA H 149 8.72 64.27 79.48
N ARG H 150 7.48 64.69 79.17
CA ARG H 150 6.45 63.76 78.77
C ARG H 150 6.62 63.34 77.32
N ASN H 151 6.38 62.06 77.04
CA ASN H 151 6.42 61.50 75.69
C ASN H 151 7.76 61.76 75.01
N VAL H 152 8.85 61.62 75.74
CA VAL H 152 10.20 61.81 75.21
C VAL H 152 10.98 60.52 75.41
N LEU H 153 11.60 60.03 74.34
CA LEU H 153 12.27 58.74 74.33
C LEU H 153 13.71 58.90 73.90
N LEU H 154 14.55 57.97 74.33
CA LEU H 154 15.89 57.80 73.80
C LEU H 154 16.01 56.40 73.19
N SER H 155 16.41 56.34 71.93
CA SER H 155 16.56 55.06 71.23
C SER H 155 17.94 55.00 70.63
N ALA H 156 18.69 53.96 71.00
CA ALA H 156 20.04 53.73 70.49
C ALA H 156 20.10 52.37 69.83
N GLY H 157 20.55 52.34 68.57
CA GLY H 157 20.68 51.11 67.82
C GLY H 157 22.13 50.75 67.56
N CYS H 158 22.29 49.69 66.77
CA CYS H 158 23.63 49.24 66.38
C CYS H 158 24.33 50.20 65.43
N ASP H 159 23.61 51.18 64.89
CA ASP H 159 24.18 52.18 64.00
C ASP H 159 24.99 53.24 64.74
N ASN H 160 25.19 53.08 66.05
CA ASN H 160 25.92 54.03 66.87
C ASN H 160 25.29 55.42 66.79
N VAL H 161 23.97 55.46 66.69
CA VAL H 161 23.21 56.70 66.52
C VAL H 161 22.18 56.77 67.63
N VAL H 162 22.14 57.90 68.32
CA VAL H 162 21.19 58.14 69.41
C VAL H 162 20.08 59.05 68.88
N LEU H 163 18.83 58.65 69.12
CA LEU H 163 17.67 59.37 68.62
C LEU H 163 16.75 59.74 69.78
N ILE H 164 16.22 60.95 69.73
CA ILE H 164 15.24 61.43 70.71
C ILE H 164 13.90 61.52 70.01
N TRP H 165 12.89 60.84 70.57
CA TRP H 165 11.60 60.66 69.93
C TRP H 165 10.50 61.34 70.73
N ASN H 166 9.35 61.52 70.09
CA ASN H 166 8.16 62.08 70.71
C ASN H 166 6.97 61.18 70.38
N VAL H 167 6.23 60.77 71.41
CA VAL H 167 5.07 59.90 71.18
C VAL H 167 3.94 60.68 70.52
N GLY H 168 3.68 61.90 70.99
CA GLY H 168 2.48 62.62 70.58
C GLY H 168 2.43 62.90 69.09
N THR H 169 3.57 63.26 68.49
CA THR H 169 3.63 63.62 67.08
C THR H 169 4.52 62.71 66.25
N ALA H 170 5.09 61.66 66.86
CA ALA H 170 6.00 60.75 66.16
C ALA H 170 7.14 61.52 65.49
N GLU H 171 7.71 62.48 66.22
CA GLU H 171 8.73 63.37 65.71
C GLU H 171 10.08 63.03 66.30
N GLU H 172 11.10 63.02 65.44
CA GLU H 172 12.48 62.78 65.86
C GLU H 172 13.04 64.11 66.36
N LEU H 173 13.12 64.26 67.69
CA LEU H 173 13.51 65.54 68.27
C LEU H 173 14.96 65.87 67.96
N TYR H 174 15.87 64.93 68.20
CA TYR H 174 17.29 65.15 67.94
C TYR H 174 17.89 63.91 67.29
N ARG H 175 19.00 64.11 66.60
CA ARG H 175 19.72 63.04 65.92
C ARG H 175 21.21 63.23 66.15
N LEU H 176 21.86 62.23 66.75
CA LEU H 176 23.29 62.27 67.04
C LEU H 176 23.92 61.05 66.36
N ASP H 177 24.88 61.31 65.47
CA ASP H 177 25.50 60.24 64.68
C ASP H 177 27.01 60.19 64.79
N SER H 178 27.66 61.26 65.21
CA SER H 178 29.12 61.36 65.21
C SER H 178 29.68 61.49 66.62
N LEU H 179 29.14 60.68 67.55
CA LEU H 179 29.64 60.67 68.92
C LEU H 179 30.01 59.29 69.43
N HIS H 180 29.56 58.21 68.79
CA HIS H 180 29.90 56.86 69.21
C HIS H 180 30.64 56.15 68.09
N PRO H 181 31.97 56.01 68.18
CA PRO H 181 32.71 55.33 67.11
C PRO H 181 32.42 53.85 67.01
N ASP H 182 31.88 53.22 68.06
CA ASP H 182 31.59 51.79 68.06
C ASP H 182 30.19 51.60 68.61
N LEU H 183 29.80 50.33 68.80
CA LEU H 183 28.45 50.02 69.25
C LEU H 183 28.24 50.47 70.68
N ILE H 184 27.01 50.85 71.00
CA ILE H 184 26.64 51.36 72.31
C ILE H 184 26.13 50.22 73.17
N TYR H 185 26.58 50.19 74.43
CA TYR H 185 26.17 49.15 75.37
C TYR H 185 24.86 49.51 76.06
N ASN H 186 24.83 50.64 76.75
CA ASN H 186 23.63 51.07 77.46
C ASN H 186 23.65 52.58 77.62
N VAL H 187 22.48 53.14 77.88
CA VAL H 187 22.30 54.59 78.07
C VAL H 187 21.43 54.81 79.29
N SER H 188 21.82 55.76 80.14
CA SER H 188 21.07 56.11 81.33
C SER H 188 20.95 57.62 81.44
N TRP H 189 19.73 58.11 81.67
CA TRP H 189 19.52 59.52 81.90
C TRP H 189 20.06 59.95 83.27
N ASN H 190 20.24 61.25 83.44
CA ASN H 190 20.61 61.80 84.73
C ASN H 190 19.35 62.03 85.56
N HIS H 191 19.48 62.77 86.67
CA HIS H 191 18.36 62.95 87.57
C HIS H 191 17.23 63.74 86.93
N ASN H 192 17.53 64.97 86.50
CA ASN H 192 16.50 65.84 85.94
C ASN H 192 16.16 65.49 84.50
N GLY H 193 16.93 64.65 83.85
CA GLY H 193 16.73 64.31 82.46
C GLY H 193 17.46 65.20 81.47
N SER H 194 18.47 65.95 81.91
CA SER H 194 19.20 66.85 81.05
C SER H 194 20.36 66.19 80.32
N LEU H 195 21.06 65.26 80.96
CA LEU H 195 22.20 64.59 80.37
C LEU H 195 22.03 63.08 80.49
N PHE H 196 22.66 62.35 79.57
CA PHE H 196 22.64 60.90 79.59
C PHE H 196 24.05 60.37 79.38
N CYS H 197 24.35 59.26 80.05
CA CYS H 197 25.62 58.58 79.90
C CYS H 197 25.45 57.39 78.96
N SER H 198 26.52 57.11 78.21
CA SER H 198 26.49 56.02 77.24
C SER H 198 27.74 55.17 77.40
N ALA H 199 27.57 53.86 77.26
CA ALA H 199 28.66 52.90 77.30
C ALA H 199 28.89 52.34 75.91
N CYS H 200 30.13 52.33 75.47
CA CYS H 200 30.48 51.97 74.11
C CYS H 200 31.51 50.85 74.09
N LYS H 201 31.63 50.21 72.92
CA LYS H 201 32.55 49.08 72.76
C LYS H 201 34.01 49.51 72.87
N ASP H 202 34.32 50.78 72.65
CA ASP H 202 35.70 51.26 72.70
C ASP H 202 36.18 51.52 74.12
N LYS H 203 35.51 50.94 75.12
CA LYS H 203 35.88 51.12 76.52
C LYS H 203 35.89 52.58 76.94
N SER H 204 34.98 53.37 76.37
CA SER H 204 34.89 54.79 76.65
C SER H 204 33.51 55.12 77.20
N VAL H 205 33.49 55.91 78.28
CA VAL H 205 32.26 56.37 78.90
C VAL H 205 32.10 57.85 78.58
N ARG H 206 30.95 58.22 78.04
CA ARG H 206 30.70 59.57 77.55
C ARG H 206 29.44 60.14 78.17
N ILE H 207 29.51 61.42 78.56
CA ILE H 207 28.35 62.17 79.02
C ILE H 207 27.98 63.15 77.92
N ILE H 208 26.75 63.05 77.42
CA ILE H 208 26.32 63.78 76.24
C ILE H 208 25.08 64.59 76.58
N ASP H 209 25.09 65.87 76.18
CA ASP H 209 23.91 66.71 76.30
C ASP H 209 23.11 66.58 75.01
N PRO H 210 21.90 66.00 75.03
CA PRO H 210 21.18 65.81 73.77
C PRO H 210 20.68 67.10 73.14
N ARG H 211 20.22 68.05 73.96
CA ARG H 211 19.71 69.31 73.41
C ARG H 211 20.81 70.10 72.70
N ARG H 212 21.99 70.15 73.30
CA ARG H 212 23.12 70.84 72.69
C ARG H 212 23.89 69.97 71.71
N GLY H 213 23.69 68.66 71.74
CA GLY H 213 24.42 67.77 70.84
C GLY H 213 25.91 67.73 71.06
N THR H 214 26.38 68.11 72.25
CA THR H 214 27.79 68.19 72.55
C THR H 214 28.20 67.07 73.49
N LEU H 215 29.51 66.90 73.64
CA LEU H 215 30.09 65.90 74.53
C LEU H 215 30.52 66.61 75.82
N VAL H 216 29.73 66.43 76.88
CA VAL H 216 30.04 67.08 78.15
C VAL H 216 31.36 66.58 78.71
N ALA H 217 31.55 65.26 78.72
CA ALA H 217 32.78 64.67 79.22
C ALA H 217 32.94 63.28 78.63
N GLU H 218 34.18 62.79 78.63
CA GLU H 218 34.47 61.46 78.11
C GLU H 218 35.71 60.91 78.81
N ARG H 219 35.63 59.65 79.23
CA ARG H 219 36.75 58.95 79.83
C ARG H 219 37.14 57.80 78.91
N GLU H 220 38.42 57.76 78.52
CA GLU H 220 38.93 56.73 77.63
C GLU H 220 39.54 55.60 78.44
N LYS H 221 39.25 54.36 78.02
CA LYS H 221 39.75 53.16 78.69
C LYS H 221 39.32 53.14 80.16
N ALA H 222 38.03 53.33 80.39
CA ALA H 222 37.51 53.27 81.75
C ALA H 222 37.69 51.87 82.34
N HIS H 223 37.44 50.84 81.54
CA HIS H 223 37.69 49.46 81.94
C HIS H 223 38.49 48.78 80.85
N GLU H 224 39.62 48.18 81.23
CA GLU H 224 40.54 47.61 80.26
C GLU H 224 40.00 46.34 79.61
N GLY H 225 39.01 45.70 80.22
CA GLY H 225 38.48 44.47 79.64
C GLY H 225 37.72 44.72 78.36
N ALA H 226 37.77 43.74 77.46
CA ALA H 226 37.04 43.81 76.21
C ALA H 226 35.60 43.34 76.33
N ARG H 227 35.21 42.81 77.49
CA ARG H 227 33.85 42.36 77.71
C ARG H 227 32.92 43.57 77.85
N PRO H 228 31.62 43.38 77.62
CA PRO H 228 30.68 44.51 77.71
C PRO H 228 30.70 45.17 79.09
N MET H 229 30.53 46.49 79.08
CA MET H 229 30.55 47.30 80.29
C MET H 229 29.36 48.25 80.29
N ARG H 230 28.84 48.51 81.48
CA ARG H 230 27.66 49.36 81.66
C ARG H 230 28.06 50.65 82.37
N ALA H 231 27.15 51.62 82.33
CA ALA H 231 27.36 52.91 82.97
C ALA H 231 26.01 53.56 83.24
N ILE H 232 25.84 54.09 84.45
CA ILE H 232 24.58 54.70 84.87
C ILE H 232 24.86 56.02 85.55
N PHE H 233 23.82 56.85 85.63
CA PHE H 233 23.87 58.13 86.32
C PHE H 233 23.23 58.01 87.70
N LEU H 234 23.88 58.58 88.70
CA LEU H 234 23.35 58.59 90.05
C LEU H 234 22.53 59.86 90.28
N ALA H 235 21.82 59.89 91.41
CA ALA H 235 20.98 61.04 91.72
C ALA H 235 21.81 62.30 91.96
N ASP H 236 23.04 62.15 92.45
CA ASP H 236 23.92 63.29 92.68
C ASP H 236 24.75 63.65 91.45
N GLY H 237 24.57 62.94 90.33
CA GLY H 237 25.28 63.20 89.11
C GLY H 237 26.45 62.30 88.85
N LYS H 238 26.92 61.56 89.86
CA LYS H 238 28.07 60.69 89.67
C LYS H 238 27.73 59.52 88.75
N VAL H 239 28.77 58.89 88.22
CA VAL H 239 28.63 57.82 87.23
C VAL H 239 29.11 56.52 87.86
N PHE H 240 28.26 55.49 87.81
CA PHE H 240 28.61 54.15 88.27
C PHE H 240 28.76 53.25 87.05
N THR H 241 29.93 52.65 86.90
CA THR H 241 30.23 51.77 85.78
C THR H 241 30.76 50.44 86.28
N THR H 242 30.34 49.37 85.60
CA THR H 242 30.82 48.02 85.87
C THR H 242 31.52 47.50 84.62
N GLY H 243 32.73 46.99 84.80
CA GLY H 243 33.51 46.52 83.68
C GLY H 243 34.47 45.42 84.07
N PHE H 244 35.36 45.10 83.13
CA PHE H 244 36.28 43.99 83.27
C PHE H 244 37.72 44.51 83.31
N SER H 245 38.66 43.58 83.43
CA SER H 245 40.08 43.90 83.49
C SER H 245 40.81 43.18 82.36
N ARG H 246 42.14 43.35 82.33
CA ARG H 246 42.96 42.64 81.36
C ARG H 246 42.95 41.14 81.61
N MET H 247 42.71 40.73 82.85
CA MET H 247 42.62 39.32 83.22
C MET H 247 41.17 38.87 83.30
N SER H 248 40.24 39.65 82.72
CA SER H 248 38.82 39.32 82.67
C SER H 248 38.24 39.16 84.08
N GLU H 249 38.43 40.20 84.89
CA GLU H 249 37.89 40.26 86.24
C GLU H 249 36.91 41.42 86.34
N ARG H 250 35.69 41.13 86.76
CA ARG H 250 34.65 42.14 86.84
C ARG H 250 34.97 43.16 87.94
N GLN H 251 34.75 44.44 87.62
CA GLN H 251 35.05 45.52 88.55
C GLN H 251 33.85 46.46 88.67
N LEU H 252 33.91 47.31 89.70
CA LEU H 252 32.96 48.40 89.89
C LEU H 252 33.74 49.69 90.03
N ALA H 253 33.28 50.74 89.33
CA ALA H 253 33.99 52.00 89.31
C ALA H 253 33.01 53.16 89.44
N LEU H 254 33.40 54.15 90.22
CA LEU H 254 32.62 55.37 90.43
C LEU H 254 33.39 56.56 89.85
N TRP H 255 32.68 57.40 89.10
CA TRP H 255 33.32 58.50 88.38
C TRP H 255 32.64 59.82 88.70
N ASP H 256 33.46 60.86 88.89
CA ASP H 256 32.97 62.21 89.13
C ASP H 256 32.96 62.96 87.81
N PRO H 257 31.82 63.50 87.37
CA PRO H 257 31.80 64.19 86.07
C PRO H 257 32.76 65.36 85.98
N GLU H 258 33.06 66.03 87.09
CA GLU H 258 33.97 67.16 87.05
C GLU H 258 35.41 66.71 86.82
N ASN H 259 35.79 65.55 87.35
CA ASN H 259 37.16 65.05 87.29
C ASN H 259 37.14 63.60 86.81
N LEU H 260 37.63 63.36 85.59
CA LEU H 260 37.62 62.04 84.99
C LEU H 260 39.01 61.41 84.92
N GLU H 261 40.02 62.02 85.54
CA GLU H 261 41.37 61.48 85.45
C GLU H 261 41.47 60.12 86.12
N GLU H 262 40.86 59.97 87.29
CA GLU H 262 40.87 58.72 88.03
C GLU H 262 39.53 58.52 88.72
N PRO H 263 39.05 57.28 88.80
CA PRO H 263 37.82 57.01 89.54
C PRO H 263 38.08 57.02 91.04
N MET H 264 37.07 57.46 91.79
CA MET H 264 37.22 57.50 93.24
C MET H 264 37.18 56.10 93.86
N ALA H 265 36.53 55.15 93.17
CA ALA H 265 36.40 53.80 93.68
C ALA H 265 36.74 52.80 92.58
N LEU H 266 37.41 51.72 92.97
CA LEU H 266 37.75 50.64 92.05
C LEU H 266 37.77 49.34 92.85
N GLN H 267 36.65 48.60 92.79
CA GLN H 267 36.50 47.35 93.51
C GLN H 267 36.32 46.22 92.52
N GLU H 268 37.13 45.17 92.68
CA GLU H 268 37.07 43.99 91.83
C GLU H 268 36.24 42.92 92.52
N LEU H 269 35.25 42.39 91.81
CA LEU H 269 34.29 41.46 92.40
C LEU H 269 34.73 40.00 92.20
N ASP H 270 34.85 39.57 90.96
CA ASP H 270 35.17 38.19 90.63
C ASP H 270 35.59 38.13 89.17
N SER H 271 35.86 36.91 88.70
CA SER H 271 36.39 36.68 87.36
C SER H 271 35.50 35.69 86.60
N SER H 272 34.19 35.91 86.65
CA SER H 272 33.23 35.12 85.89
C SER H 272 32.64 35.96 84.76
N ASN H 273 32.43 35.32 83.62
CA ASN H 273 31.89 36.02 82.46
C ASN H 273 30.43 36.40 82.69
N GLY H 274 29.94 37.29 81.84
CA GLY H 274 28.60 37.80 81.96
C GLY H 274 28.57 39.27 82.35
N ALA H 275 27.93 40.10 81.54
CA ALA H 275 27.86 41.52 81.82
C ALA H 275 27.09 41.78 83.10
N LEU H 276 27.56 42.77 83.86
CA LEU H 276 26.94 43.13 85.14
C LEU H 276 25.92 44.23 84.90
N LEU H 277 24.66 43.96 85.22
CA LEU H 277 23.59 44.93 85.02
C LEU H 277 23.32 45.64 86.34
N PRO H 278 23.63 46.92 86.47
CA PRO H 278 23.38 47.62 87.74
C PRO H 278 21.96 48.14 87.84
N PHE H 279 21.41 48.04 89.05
CA PHE H 279 20.07 48.54 89.36
C PHE H 279 20.21 49.54 90.51
N TYR H 280 19.98 50.82 90.21
CA TYR H 280 20.21 51.90 91.16
C TYR H 280 18.89 52.34 91.77
N ASP H 281 18.88 52.51 93.09
CA ASP H 281 17.73 53.03 93.82
C ASP H 281 18.06 54.43 94.33
N PRO H 282 17.53 55.48 93.71
CA PRO H 282 17.85 56.84 94.18
C PRO H 282 17.41 57.11 95.61
N ASP H 283 16.31 56.52 96.06
CA ASP H 283 15.82 56.79 97.42
C ASP H 283 16.79 56.29 98.48
N THR H 284 17.35 55.10 98.28
CA THR H 284 18.25 54.50 99.27
C THR H 284 19.71 54.60 98.89
N SER H 285 20.02 55.12 97.70
CA SER H 285 21.41 55.19 97.22
C SER H 285 22.07 53.82 97.23
N VAL H 286 21.31 52.79 96.87
CA VAL H 286 21.78 51.42 96.84
C VAL H 286 21.72 50.92 95.41
N VAL H 287 22.84 50.38 94.93
CA VAL H 287 22.96 49.88 93.57
C VAL H 287 23.01 48.36 93.62
N TYR H 288 22.10 47.71 92.90
CA TYR H 288 22.05 46.26 92.81
C TYR H 288 22.65 45.83 91.48
N VAL H 289 23.71 45.03 91.55
CA VAL H 289 24.42 44.57 90.37
C VAL H 289 23.98 43.14 90.08
N CYS H 290 23.58 42.89 88.84
CA CYS H 290 23.08 41.59 88.42
C CYS H 290 23.92 41.10 87.24
N GLY H 291 24.48 39.91 87.36
CA GLY H 291 25.25 39.30 86.29
C GLY H 291 24.41 38.33 85.49
N LYS H 292 24.45 38.48 84.16
CA LYS H 292 23.70 37.58 83.29
C LYS H 292 24.32 36.19 83.37
N GLY H 293 23.47 35.18 83.62
CA GLY H 293 23.94 33.83 83.84
C GLY H 293 24.42 33.55 85.25
N ASP H 294 24.37 34.53 86.15
CA ASP H 294 24.79 34.32 87.53
C ASP H 294 23.60 33.91 88.38
N SER H 295 23.91 33.31 89.54
CA SER H 295 22.89 32.84 90.46
C SER H 295 22.90 33.62 91.78
N SER H 296 23.54 34.79 91.81
CA SER H 296 23.62 35.60 93.01
C SER H 296 23.36 37.06 92.66
N ILE H 297 22.88 37.81 93.64
CA ILE H 297 22.63 39.24 93.49
C ILE H 297 23.45 39.97 94.56
N ARG H 298 24.08 41.07 94.17
CA ARG H 298 24.92 41.85 95.06
C ARG H 298 24.43 43.29 95.07
N TYR H 299 24.42 43.91 96.25
CA TYR H 299 24.04 45.31 96.40
C TYR H 299 25.09 46.07 97.17
N PHE H 300 25.38 47.28 96.72
CA PHE H 300 26.40 48.14 97.31
C PHE H 300 25.79 49.50 97.61
N GLU H 301 26.19 50.08 98.73
CA GLU H 301 25.72 51.40 99.14
C GLU H 301 26.76 52.45 98.77
N ILE H 302 26.31 53.49 98.06
CA ILE H 302 27.19 54.56 97.60
C ILE H 302 27.02 55.74 98.53
N THR H 303 28.08 56.10 99.25
CA THR H 303 28.06 57.22 100.18
C THR H 303 29.25 58.13 99.89
N GLU H 304 29.28 59.27 100.58
CA GLU H 304 30.38 60.22 100.45
C GLU H 304 31.60 59.82 101.28
N GLU H 305 31.48 58.80 102.12
CA GLU H 305 32.62 58.30 102.89
C GLU H 305 33.41 57.29 102.06
N PRO H 306 34.75 57.39 102.06
CA PRO H 306 35.54 56.47 101.26
C PRO H 306 35.38 55.04 101.75
N PRO H 307 35.50 54.05 100.86
CA PRO H 307 35.85 54.14 99.44
C PRO H 307 34.67 54.46 98.54
N TYR H 308 33.59 55.02 99.11
CA TYR H 308 32.39 55.46 98.42
C TYR H 308 31.57 54.29 97.84
N ILE H 309 32.06 53.07 97.96
CA ILE H 309 31.31 51.87 97.55
C ILE H 309 31.46 50.87 98.68
N HIS H 310 30.36 50.57 99.36
CA HIS H 310 30.37 49.68 100.52
C HIS H 310 29.52 48.46 100.23
N PHE H 311 30.11 47.27 100.35
CA PHE H 311 29.39 46.03 100.11
C PHE H 311 28.50 45.73 101.32
N LEU H 312 27.23 45.48 101.07
CA LEU H 312 26.27 45.24 102.14
C LEU H 312 26.10 43.75 102.43
N ASN H 313 25.64 42.99 101.43
CA ASN H 313 25.45 41.55 101.55
C ASN H 313 25.20 41.00 100.15
N THR H 314 24.89 39.70 100.10
CA THR H 314 24.65 39.03 98.83
C THR H 314 23.60 37.95 99.02
N PHE H 315 22.58 37.96 98.16
CA PHE H 315 21.58 36.91 98.12
C PHE H 315 22.02 35.86 97.12
N THR H 316 22.06 34.60 97.55
CA THR H 316 22.58 33.51 96.74
C THR H 316 21.46 32.53 96.40
N SER H 317 21.47 32.02 95.17
CA SER H 317 20.54 31.01 94.72
C SER H 317 21.30 29.94 93.97
N LYS H 318 20.58 28.91 93.52
CA LYS H 318 21.18 27.80 92.80
C LYS H 318 20.81 27.79 91.32
N GLU H 319 20.13 28.82 90.83
CA GLU H 319 19.69 28.89 89.45
C GLU H 319 20.19 30.17 88.80
N PRO H 320 20.85 30.08 87.65
CA PRO H 320 21.27 31.30 86.95
C PRO H 320 20.06 32.07 86.44
N GLN H 321 20.23 33.40 86.35
CA GLN H 321 19.15 34.29 85.93
C GLN H 321 19.37 34.70 84.48
N ARG H 322 18.29 34.75 83.72
CA ARG H 322 18.36 35.17 82.32
C ARG H 322 17.89 36.61 82.12
N GLY H 323 17.05 37.12 83.02
CA GLY H 323 16.59 38.50 82.91
C GLY H 323 16.30 39.05 84.28
N MET H 324 16.35 40.38 84.36
CA MET H 324 16.15 41.07 85.63
C MET H 324 15.16 42.21 85.42
N GLY H 325 14.27 42.39 86.39
CA GLY H 325 13.32 43.48 86.38
C GLY H 325 13.07 44.02 87.77
N SER H 326 13.24 45.32 87.97
CA SER H 326 13.15 45.93 89.30
C SER H 326 11.83 46.68 89.44
N MET H 327 11.14 46.42 90.54
CA MET H 327 9.86 47.07 90.79
C MET H 327 10.12 48.45 91.40
N PRO H 328 9.68 49.53 90.74
CA PRO H 328 9.87 50.87 91.31
C PRO H 328 9.17 51.04 92.65
N LYS H 329 9.42 52.20 93.27
CA LYS H 329 8.97 52.44 94.63
C LYS H 329 7.46 52.50 94.73
N ARG H 330 6.77 52.84 93.63
CA ARG H 330 5.33 53.04 93.69
C ARG H 330 4.56 51.75 93.97
N GLY H 331 5.08 50.60 93.56
CA GLY H 331 4.37 49.35 93.76
C GLY H 331 4.85 48.53 94.94
N LEU H 332 5.89 49.00 95.61
CA LEU H 332 6.46 48.26 96.74
C LEU H 332 5.53 48.32 97.95
N GLU H 333 5.56 47.25 98.73
CA GLU H 333 4.75 47.15 99.95
C GLU H 333 5.54 47.76 101.09
N VAL H 334 5.26 49.04 101.37
CA VAL H 334 5.97 49.74 102.44
C VAL H 334 5.60 49.19 103.81
N SER H 335 4.42 48.57 103.92
CA SER H 335 3.95 48.07 105.21
C SER H 335 4.83 46.95 105.76
N LYS H 336 5.57 46.24 104.91
CA LYS H 336 6.42 45.15 105.34
C LYS H 336 7.90 45.50 105.27
N CYS H 337 8.23 46.80 105.30
CA CYS H 337 9.62 47.27 105.25
C CYS H 337 10.35 46.74 104.01
N GLU H 338 9.64 46.68 102.90
CA GLU H 338 10.20 46.22 101.63
C GLU H 338 10.70 47.42 100.84
N ILE H 339 11.96 47.37 100.43
CA ILE H 339 12.59 48.49 99.73
C ILE H 339 12.88 48.20 98.27
N ALA H 340 12.79 46.95 97.83
CA ALA H 340 13.04 46.61 96.44
C ALA H 340 12.40 45.26 96.13
N ARG H 341 12.02 45.07 94.87
CA ARG H 341 11.47 43.81 94.40
C ARG H 341 11.98 43.53 93.00
N PHE H 342 12.68 42.42 92.83
CA PHE H 342 13.24 42.01 91.55
C PHE H 342 12.53 40.75 91.06
N TYR H 343 12.13 40.76 89.79
CA TYR H 343 11.45 39.62 89.18
C TYR H 343 12.50 38.82 88.41
N LYS H 344 13.12 37.87 89.11
CA LYS H 344 14.15 37.05 88.49
C LYS H 344 13.56 36.22 87.37
N LEU H 345 14.25 36.17 86.24
CA LEU H 345 13.79 35.44 85.06
C LEU H 345 14.63 34.18 84.90
N HIS H 346 13.97 33.03 84.95
CA HIS H 346 14.60 31.76 84.60
C HIS H 346 14.30 31.46 83.14
N GLU H 347 14.75 30.30 82.65
CA GLU H 347 14.50 29.97 81.25
C GLU H 347 13.02 29.75 80.98
N ARG H 348 12.26 29.29 81.97
CA ARG H 348 10.83 29.09 81.79
C ARG H 348 10.02 29.58 82.98
N LYS H 349 10.59 30.42 83.84
CA LYS H 349 9.89 30.85 85.04
C LYS H 349 10.34 32.25 85.41
N CYS H 350 9.38 33.06 85.86
CA CYS H 350 9.65 34.38 86.43
C CYS H 350 9.38 34.31 87.92
N GLU H 351 10.39 34.62 88.72
CA GLU H 351 10.30 34.50 90.18
C GLU H 351 10.61 35.83 90.83
N PRO H 352 9.64 36.48 91.46
CA PRO H 352 9.91 37.76 92.13
C PRO H 352 10.74 37.56 93.39
N ILE H 353 11.71 38.43 93.58
CA ILE H 353 12.55 38.45 94.78
C ILE H 353 12.22 39.70 95.55
N VAL H 354 11.90 39.55 96.84
CA VAL H 354 11.52 40.67 97.69
C VAL H 354 12.73 41.05 98.53
N MET H 355 13.09 42.33 98.50
CA MET H 355 14.24 42.86 99.21
C MET H 355 13.74 43.72 100.36
N THR H 356 14.01 43.31 101.60
CA THR H 356 13.39 43.95 102.76
C THR H 356 14.42 44.31 103.82
N VAL H 357 14.07 45.30 104.63
CA VAL H 357 14.90 45.76 105.74
C VAL H 357 14.37 45.15 107.02
N PRO H 358 15.18 44.41 107.79
CA PRO H 358 14.68 43.86 109.06
C PRO H 358 14.48 44.94 110.11
N ARG H 359 13.22 45.27 110.40
CA ARG H 359 12.88 46.30 111.38
C ARG H 359 11.98 45.69 112.45
N LYS H 360 12.30 45.96 113.71
CA LYS H 360 11.49 45.45 114.81
C LYS H 360 10.13 46.12 114.86
N SER H 361 10.10 47.44 114.65
CA SER H 361 8.84 48.17 114.71
C SER H 361 7.98 47.88 113.47
N ASP H 362 6.67 47.81 113.68
CA ASP H 362 5.73 47.60 112.60
C ASP H 362 5.19 48.90 112.02
N LEU H 363 5.60 50.04 112.57
CA LEU H 363 5.13 51.33 112.10
C LEU H 363 5.86 51.74 110.82
N PHE H 364 5.29 52.68 110.08
CA PHE H 364 5.92 53.17 108.87
C PHE H 364 7.29 53.77 109.17
N GLN H 365 8.27 53.43 108.34
CA GLN H 365 9.64 53.93 108.48
C GLN H 365 9.79 55.13 107.56
N ASP H 366 9.75 56.33 108.15
CA ASP H 366 9.90 57.54 107.36
C ASP H 366 11.28 57.63 106.73
N ASP H 367 12.31 57.23 107.46
CA ASP H 367 13.68 57.26 106.93
C ASP H 367 13.84 56.31 105.77
N LEU H 368 13.23 55.12 105.85
CA LEU H 368 13.43 54.11 104.82
C LEU H 368 12.71 54.47 103.52
N TYR H 369 11.71 55.35 103.58
CA TYR H 369 10.91 55.71 102.42
C TYR H 369 10.85 57.22 102.27
N PRO H 370 11.89 57.83 101.71
CA PRO H 370 11.84 59.26 101.37
C PRO H 370 11.00 59.48 100.12
N ASP H 371 10.72 60.73 99.83
CA ASP H 371 9.88 61.09 98.69
C ASP H 371 10.46 60.54 97.40
N THR H 372 9.60 59.98 96.55
CA THR H 372 10.00 59.34 95.31
C THR H 372 9.26 59.97 94.13
N ALA H 373 9.86 59.83 92.95
CA ALA H 373 9.27 60.40 91.74
C ALA H 373 7.91 59.78 91.47
N GLY H 374 6.95 60.64 91.12
CA GLY H 374 5.60 60.22 90.87
C GLY H 374 5.34 59.88 89.41
N PRO H 375 4.09 59.50 89.10
CA PRO H 375 3.76 59.16 87.72
C PRO H 375 3.34 60.37 86.90
N GLU H 376 3.65 61.57 87.39
CA GLU H 376 3.31 62.80 86.69
C GLU H 376 4.58 63.40 86.09
N ALA H 377 4.50 63.72 84.79
CA ALA H 377 5.64 64.29 84.09
C ALA H 377 5.90 65.71 84.56
N ALA H 378 7.18 66.02 84.83
CA ALA H 378 7.53 67.36 85.28
C ALA H 378 7.32 68.39 84.17
N LEU H 379 7.84 68.10 82.99
CA LEU H 379 7.72 68.99 81.84
C LEU H 379 6.96 68.29 80.72
N GLU H 380 6.77 69.02 79.62
CA GLU H 380 6.16 68.49 78.41
C GLU H 380 7.24 68.34 77.33
N ALA H 381 6.86 67.67 76.24
CA ALA H 381 7.81 67.44 75.16
C ALA H 381 8.27 68.75 74.53
N GLU H 382 7.35 69.67 74.28
CA GLU H 382 7.72 70.94 73.66
C GLU H 382 8.57 71.79 74.58
N GLU H 383 8.25 71.80 75.87
CA GLU H 383 9.01 72.62 76.81
C GLU H 383 10.46 72.16 76.95
N TRP H 384 10.69 70.83 76.91
CA TRP H 384 12.04 70.32 77.06
C TRP H 384 12.94 70.72 75.91
N VAL H 385 12.38 70.89 74.71
CA VAL H 385 13.19 71.31 73.57
C VAL H 385 13.73 72.72 73.78
N SER H 386 12.95 73.58 74.45
CA SER H 386 13.40 74.96 74.69
C SER H 386 14.68 74.98 75.52
N GLY H 387 14.76 74.12 76.54
CA GLY H 387 15.93 74.07 77.39
C GLY H 387 15.58 74.05 78.86
N ARG H 388 14.30 73.88 79.16
CA ARG H 388 13.85 73.84 80.54
C ARG H 388 14.34 72.58 81.23
N ASP H 389 14.78 72.72 82.48
CA ASP H 389 15.25 71.61 83.29
C ASP H 389 14.55 71.65 84.64
N ALA H 390 14.03 70.51 85.07
CA ALA H 390 13.34 70.42 86.35
C ALA H 390 13.49 69.02 86.92
N ASP H 391 13.34 68.91 88.23
CA ASP H 391 13.41 67.62 88.91
C ASP H 391 12.05 66.92 88.83
N PRO H 392 12.05 65.59 88.90
CA PRO H 392 10.77 64.86 88.85
C PRO H 392 9.90 65.20 90.06
N ILE H 393 8.58 65.16 89.83
CA ILE H 393 7.64 65.45 90.90
C ILE H 393 7.66 64.33 91.93
N LEU H 394 7.79 64.70 93.19
CA LEU H 394 7.89 63.74 94.28
C LEU H 394 6.51 63.52 94.91
N ILE H 395 6.29 62.29 95.37
CA ILE H 395 5.04 61.91 96.01
C ILE H 395 5.33 61.32 97.38
N SER H 396 4.28 61.01 98.13
CA SER H 396 4.40 60.47 99.48
C SER H 396 3.93 59.02 99.49
N LEU H 397 4.74 58.13 100.05
CA LEU H 397 4.43 56.71 100.13
C LEU H 397 3.75 56.33 101.43
N ARG H 398 3.51 57.29 102.33
CA ARG H 398 2.83 56.97 103.58
C ARG H 398 1.38 56.54 103.33
N GLU H 399 0.77 57.02 102.24
CA GLU H 399 -0.58 56.59 101.90
C GLU H 399 -0.63 55.10 101.59
N ALA H 400 0.47 54.54 101.08
CA ALA H 400 0.53 53.12 100.75
C ALA H 400 0.50 52.22 101.98
N TYR H 401 0.65 52.78 103.18
CA TYR H 401 0.58 51.98 104.39
C TYR H 401 -0.83 51.42 104.55
N VAL H 402 -0.92 50.13 104.86
CA VAL H 402 -2.20 49.48 105.06
C VAL H 402 -2.42 49.17 106.54
N LYS I 10 -1.59 -31.67 99.99
CA LYS I 10 -3.03 -31.59 100.17
C LYS I 10 -3.55 -30.20 99.81
N VAL I 11 -2.66 -29.21 99.87
CA VAL I 11 -3.02 -27.84 99.52
C VAL I 11 -2.77 -27.56 98.04
N VAL I 12 -1.74 -28.19 97.47
CA VAL I 12 -1.42 -28.07 96.05
C VAL I 12 -1.58 -29.44 95.42
N ARG I 13 -2.30 -29.48 94.30
CA ARG I 13 -2.52 -30.75 93.60
C ARG I 13 -1.19 -31.37 93.20
N GLN I 14 -1.07 -32.68 93.44
CA GLN I 14 0.17 -33.38 93.12
C GLN I 14 0.38 -33.41 91.62
N SER I 15 1.44 -32.74 91.16
CA SER I 15 1.76 -32.71 89.74
C SER I 15 3.27 -32.55 89.59
N LYS I 16 3.77 -33.02 88.46
CA LYS I 16 5.20 -32.91 88.15
C LYS I 16 5.48 -31.85 87.10
N PHE I 17 4.48 -31.42 86.34
CA PHE I 17 4.65 -30.43 85.28
C PHE I 17 3.99 -29.10 85.61
N ARG I 18 3.83 -28.80 86.90
CA ARG I 18 3.22 -27.53 87.29
C ARG I 18 4.14 -26.35 87.06
N HIS I 19 5.46 -26.59 86.95
CA HIS I 19 6.43 -25.52 86.76
C HIS I 19 7.14 -25.62 85.41
N VAL I 20 6.55 -26.33 84.46
CA VAL I 20 7.16 -26.45 83.14
C VAL I 20 7.08 -25.12 82.41
N PHE I 21 8.21 -24.67 81.87
CA PHE I 21 8.31 -23.38 81.21
C PHE I 21 8.86 -23.56 79.80
N GLY I 22 8.42 -22.69 78.90
CA GLY I 22 8.86 -22.71 77.51
C GLY I 22 9.94 -21.67 77.27
N GLN I 23 10.88 -22.01 76.40
CA GLN I 23 11.97 -21.11 76.07
C GLN I 23 12.31 -21.27 74.59
N PRO I 24 12.13 -20.23 73.78
CA PRO I 24 12.48 -20.33 72.36
C PRO I 24 13.98 -20.45 72.17
N VAL I 25 14.38 -21.19 71.14
CA VAL I 25 15.79 -21.41 70.87
C VAL I 25 16.40 -20.12 70.33
N LYS I 26 17.72 -20.07 70.28
CA LYS I 26 18.40 -18.88 69.77
C LYS I 26 18.14 -18.70 68.28
N ASN I 27 18.47 -17.50 67.79
CA ASN I 27 18.19 -17.16 66.40
C ASN I 27 18.93 -18.10 65.44
N ASP I 28 20.18 -18.41 65.74
CA ASP I 28 20.96 -19.29 64.87
C ASP I 28 20.41 -20.72 64.86
N GLN I 29 19.62 -21.11 65.87
CA GLN I 29 19.01 -22.42 65.92
C GLN I 29 17.65 -22.47 65.25
N CYS I 30 17.20 -21.35 64.69
CA CYS I 30 15.92 -21.29 64.01
C CYS I 30 16.10 -21.50 62.51
N TYR I 31 15.01 -21.32 61.76
CA TYR I 31 15.01 -21.46 60.31
C TYR I 31 14.27 -20.27 59.72
N GLU I 32 14.94 -19.52 58.84
CA GLU I 32 14.38 -18.32 58.25
C GLU I 32 14.21 -18.50 56.74
N ASP I 33 13.60 -17.49 56.12
CA ASP I 33 13.36 -17.45 54.68
C ASP I 33 12.59 -18.69 54.21
N ILE I 34 11.60 -19.08 55.00
CA ILE I 34 10.71 -20.19 54.68
C ILE I 34 9.35 -19.61 54.34
N ARG I 35 8.95 -19.75 53.08
CA ARG I 35 7.70 -19.18 52.57
C ARG I 35 6.54 -20.07 53.03
N VAL I 36 6.13 -19.88 54.29
CA VAL I 36 5.07 -20.69 54.85
C VAL I 36 3.79 -20.50 54.06
N SER I 37 3.05 -21.60 53.88
CA SER I 37 1.90 -21.61 52.99
C SER I 37 0.81 -20.66 53.47
N ARG I 38 0.09 -20.09 52.52
CA ARG I 38 -0.99 -19.13 52.77
C ARG I 38 -2.36 -19.77 52.53
N VAL I 39 -2.49 -21.05 52.84
CA VAL I 39 -3.75 -21.76 52.63
C VAL I 39 -4.61 -21.61 53.88
N THR I 40 -5.87 -21.24 53.68
CA THR I 40 -6.80 -21.00 54.78
C THR I 40 -7.10 -22.26 55.58
N TRP I 41 -6.83 -23.44 55.03
CA TRP I 41 -7.14 -24.69 55.72
C TRP I 41 -6.36 -24.76 57.03
N ASP I 42 -7.03 -25.25 58.08
CA ASP I 42 -6.46 -25.29 59.42
C ASP I 42 -5.84 -26.67 59.66
N SER I 43 -4.53 -26.74 59.48
CA SER I 43 -3.73 -27.91 59.79
C SER I 43 -2.48 -27.49 60.57
N THR I 44 -1.70 -28.49 60.97
CA THR I 44 -0.47 -28.21 61.71
C THR I 44 0.56 -27.46 60.86
N PHE I 45 0.48 -27.57 59.54
CA PHE I 45 1.38 -26.91 58.60
C PHE I 45 2.83 -27.37 58.75
N CYS I 46 3.10 -28.33 59.61
CA CYS I 46 4.45 -28.77 59.88
C CYS I 46 4.44 -30.18 60.44
N ALA I 47 5.23 -31.06 59.83
CA ALA I 47 5.47 -32.40 60.33
C ALA I 47 6.97 -32.59 60.46
N VAL I 48 7.42 -32.92 61.67
CA VAL I 48 8.84 -32.99 61.96
C VAL I 48 9.14 -34.30 62.67
N ASN I 49 10.26 -34.91 62.32
CA ASN I 49 10.73 -36.17 62.88
C ASN I 49 12.15 -35.99 63.37
N PRO I 50 12.66 -36.92 64.19
CA PRO I 50 14.04 -36.79 64.70
C PRO I 50 15.11 -36.72 63.62
N LYS I 51 14.72 -36.85 62.35
CA LYS I 51 15.67 -36.81 61.24
C LYS I 51 15.61 -35.52 60.44
N PHE I 52 14.42 -35.10 60.00
CA PHE I 52 14.27 -33.94 59.15
C PHE I 52 13.18 -33.02 59.68
N LEU I 53 12.92 -31.95 58.94
CA LEU I 53 11.86 -31.01 59.24
C LEU I 53 11.12 -30.70 57.95
N ALA I 54 9.80 -30.92 57.96
CA ALA I 54 8.96 -30.70 56.79
C ALA I 54 7.99 -29.56 57.07
N VAL I 55 7.99 -28.55 56.22
CA VAL I 55 7.11 -27.40 56.33
C VAL I 55 6.46 -27.15 54.99
N ILE I 56 5.14 -26.99 54.99
CA ILE I 56 4.42 -26.70 53.75
C ILE I 56 4.73 -25.28 53.32
N VAL I 57 5.11 -25.11 52.05
CA VAL I 57 5.56 -23.83 51.53
C VAL I 57 4.66 -23.42 50.37
N GLU I 58 4.81 -22.17 49.96
CA GLU I 58 4.05 -21.61 48.84
C GLU I 58 4.80 -21.84 47.54
N ALA I 59 4.11 -22.35 46.53
CA ALA I 59 4.66 -22.54 45.20
C ALA I 59 3.81 -21.78 44.19
N SER I 60 4.49 -21.17 43.22
CA SER I 60 3.77 -20.42 42.18
C SER I 60 2.85 -21.33 41.39
N GLY I 61 3.32 -22.52 41.05
CA GLY I 61 2.50 -23.51 40.36
C GLY I 61 2.50 -24.81 41.12
N GLY I 62 1.32 -25.40 41.25
CA GLY I 62 1.20 -26.62 42.04
C GLY I 62 1.41 -26.34 43.53
N GLY I 63 1.87 -27.35 44.23
CA GLY I 63 2.14 -27.22 45.65
C GLY I 63 3.37 -28.01 46.04
N ALA I 64 4.01 -27.56 47.12
CA ALA I 64 5.24 -28.19 47.59
C ALA I 64 5.38 -27.96 49.08
N PHE I 65 6.21 -28.78 49.71
CA PHE I 65 6.57 -28.63 51.11
C PHE I 65 8.08 -28.79 51.24
N LEU I 66 8.67 -27.97 52.11
CA LEU I 66 10.12 -27.91 52.26
C LEU I 66 10.57 -28.92 53.29
N VAL I 67 11.45 -29.82 52.89
CA VAL I 67 12.04 -30.82 53.79
C VAL I 67 13.53 -30.54 53.88
N LEU I 68 14.01 -30.34 55.10
CA LEU I 68 15.42 -30.04 55.35
C LEU I 68 15.87 -30.76 56.62
N PRO I 69 17.15 -31.10 56.72
CA PRO I 69 17.64 -31.75 57.93
C PRO I 69 17.62 -30.80 59.12
N LEU I 70 17.56 -31.39 60.32
CA LEU I 70 17.51 -30.59 61.53
C LEU I 70 18.77 -29.77 61.72
N SER I 71 19.91 -30.25 61.22
CA SER I 71 21.16 -29.52 61.36
C SER I 71 21.23 -28.31 60.44
N LYS I 72 20.40 -28.26 59.40
CA LYS I 72 20.42 -27.14 58.45
C LYS I 72 19.59 -26.00 59.03
N THR I 73 20.19 -25.31 60.00
CA THR I 73 19.56 -24.17 60.65
C THR I 73 19.99 -22.89 59.93
N GLY I 74 19.68 -21.74 60.54
CA GLY I 74 20.09 -20.49 59.96
C GLY I 74 19.26 -20.11 58.75
N ARG I 75 19.75 -19.08 58.05
CA ARG I 75 19.05 -18.60 56.86
C ARG I 75 19.07 -19.66 55.76
N ILE I 76 17.91 -19.87 55.14
CA ILE I 76 17.73 -20.88 54.10
C ILE I 76 17.63 -20.17 52.76
N ASP I 77 18.40 -20.65 51.79
CA ASP I 77 18.39 -20.04 50.46
C ASP I 77 17.03 -20.20 49.80
N LYS I 78 16.64 -19.18 49.03
CA LYS I 78 15.34 -19.21 48.34
C LYS I 78 15.26 -20.30 47.29
N ALA I 79 16.40 -20.79 46.80
CA ALA I 79 16.42 -21.80 45.74
C ALA I 79 16.62 -23.21 46.29
N TYR I 80 16.37 -23.42 47.58
CA TYR I 80 16.52 -24.75 48.15
C TYR I 80 15.52 -25.70 47.51
N PRO I 81 15.94 -26.90 47.13
CA PRO I 81 15.01 -27.85 46.49
C PRO I 81 13.87 -28.21 47.43
N THR I 82 12.68 -28.35 46.85
CA THR I 82 11.48 -28.69 47.60
C THR I 82 10.82 -29.90 46.94
N VAL I 83 9.93 -30.53 47.71
CA VAL I 83 9.16 -31.68 47.22
C VAL I 83 7.96 -31.12 46.48
N CYS I 84 8.15 -30.83 45.19
CA CYS I 84 7.12 -30.25 44.34
C CYS I 84 6.66 -31.32 43.35
N GLY I 85 5.72 -32.14 43.78
CA GLY I 85 5.18 -33.17 42.93
C GLY I 85 3.69 -33.00 42.73
N HIS I 86 3.05 -32.31 43.68
CA HIS I 86 1.62 -32.06 43.61
C HIS I 86 1.29 -31.00 42.58
N THR I 87 0.17 -31.20 41.88
CA THR I 87 -0.31 -30.20 40.93
C THR I 87 -1.12 -29.10 41.61
N GLY I 88 -1.36 -29.21 42.91
CA GLY I 88 -2.03 -28.18 43.66
C GLY I 88 -1.40 -27.99 45.03
N PRO I 89 -1.80 -26.93 45.73
CA PRO I 89 -1.19 -26.64 47.04
C PRO I 89 -1.38 -27.79 48.03
N VAL I 90 -0.37 -27.99 48.87
CA VAL I 90 -0.36 -29.09 49.83
C VAL I 90 -1.13 -28.68 51.08
N LEU I 91 -1.95 -29.60 51.60
CA LEU I 91 -2.76 -29.36 52.78
C LEU I 91 -2.14 -29.91 54.06
N ASP I 92 -1.74 -31.19 54.05
CA ASP I 92 -1.22 -31.83 55.26
C ASP I 92 -0.03 -32.70 54.91
N ILE I 93 0.85 -32.88 55.90
CA ILE I 93 2.02 -33.75 55.78
C ILE I 93 2.16 -34.55 57.07
N ASP I 94 2.69 -35.76 56.96
CA ASP I 94 2.87 -36.62 58.12
C ASP I 94 4.02 -37.57 57.86
N TRP I 95 4.97 -37.62 58.80
CA TRP I 95 6.07 -38.57 58.70
C TRP I 95 5.60 -39.97 59.05
N CYS I 96 6.28 -40.96 58.51
CA CYS I 96 6.00 -42.36 58.84
C CYS I 96 6.58 -42.67 60.21
N PRO I 97 5.78 -43.14 61.17
CA PRO I 97 6.35 -43.47 62.49
C PRO I 97 7.39 -44.57 62.44
N HIS I 98 7.24 -45.53 61.53
CA HIS I 98 8.15 -46.66 61.41
C HIS I 98 9.26 -46.40 60.40
N ASN I 99 9.30 -45.23 59.79
CA ASN I 99 10.34 -44.90 58.82
C ASN I 99 10.58 -43.39 58.87
N ASP I 100 11.74 -42.99 59.40
CA ASP I 100 12.10 -41.59 59.49
C ASP I 100 12.40 -40.95 58.13
N GLU I 101 12.30 -41.72 57.05
CA GLU I 101 12.57 -41.21 55.71
C GLU I 101 11.35 -41.32 54.79
N VAL I 102 10.16 -41.52 55.34
CA VAL I 102 8.93 -41.65 54.56
C VAL I 102 7.91 -40.66 55.09
N ILE I 103 7.35 -39.85 54.19
CA ILE I 103 6.36 -38.84 54.54
C ILE I 103 5.26 -38.85 53.49
N ALA I 104 4.02 -38.72 53.94
CA ALA I 104 2.86 -38.68 53.07
C ALA I 104 2.28 -37.27 53.06
N SER I 105 1.89 -36.80 51.87
CA SER I 105 1.39 -35.45 51.69
C SER I 105 0.07 -35.47 50.93
N GLY I 106 -0.86 -34.63 51.35
CA GLY I 106 -2.14 -34.46 50.69
C GLY I 106 -2.28 -33.04 50.16
N SER I 107 -2.92 -32.91 49.00
CA SER I 107 -3.04 -31.63 48.31
C SER I 107 -4.45 -31.49 47.75
N GLU I 108 -4.68 -30.38 47.05
CA GLU I 108 -5.97 -30.11 46.42
C GLU I 108 -6.26 -31.01 45.23
N ASP I 109 -5.25 -31.70 44.70
CA ASP I 109 -5.41 -32.51 43.50
C ASP I 109 -6.08 -33.85 43.75
N CYS I 110 -6.73 -34.00 44.91
CA CYS I 110 -7.49 -35.21 45.24
C CYS I 110 -6.62 -36.46 45.17
N THR I 111 -5.39 -36.34 45.67
CA THR I 111 -4.45 -37.46 45.64
C THR I 111 -3.54 -37.40 46.86
N VAL I 112 -2.97 -38.55 47.20
CA VAL I 112 -1.97 -38.67 48.26
C VAL I 112 -0.76 -39.39 47.67
N MET I 113 0.40 -38.76 47.78
CA MET I 113 1.66 -39.28 47.27
C MET I 113 2.65 -39.46 48.41
N VAL I 114 3.32 -40.61 48.44
CA VAL I 114 4.29 -40.94 49.47
C VAL I 114 5.69 -40.73 48.92
N TRP I 115 6.54 -40.07 49.72
CA TRP I 115 7.87 -39.67 49.28
C TRP I 115 8.95 -40.32 50.14
N GLN I 116 10.13 -40.47 49.55
CA GLN I 116 11.31 -41.00 50.22
C GLN I 116 12.40 -39.95 50.19
N ILE I 117 12.72 -39.39 51.36
CA ILE I 117 13.73 -38.35 51.48
C ILE I 117 15.10 -39.00 51.62
N PRO I 118 16.08 -38.64 50.79
CA PRO I 118 17.43 -39.22 50.93
C PRO I 118 18.03 -38.93 52.29
N GLU I 119 19.11 -39.67 52.60
CA GLU I 119 19.71 -39.59 53.92
C GLU I 119 20.24 -38.19 54.22
N ASN I 120 20.91 -37.57 53.26
CA ASN I 120 21.51 -36.26 53.45
C ASN I 120 20.57 -35.11 53.11
N GLY I 121 19.33 -35.41 52.74
CA GLY I 121 18.38 -34.39 52.35
C GLY I 121 18.13 -34.35 50.86
N LEU I 122 17.72 -33.18 50.40
CA LEU I 122 17.41 -32.96 48.99
C LEU I 122 18.51 -32.14 48.34
N THR I 123 19.07 -32.65 47.25
CA THR I 123 20.01 -31.92 46.41
C THR I 123 19.33 -31.27 45.22
N SER I 124 18.47 -32.01 44.53
CA SER I 124 17.63 -31.51 43.45
C SER I 124 16.17 -31.59 43.88
N PRO I 125 15.30 -30.78 43.29
CA PRO I 125 13.88 -30.84 43.66
C PRO I 125 13.31 -32.22 43.42
N LEU I 126 12.45 -32.67 44.34
CA LEU I 126 11.84 -33.99 44.28
C LEU I 126 10.46 -33.87 43.65
N THR I 127 10.24 -34.60 42.56
CA THR I 127 8.98 -34.59 41.85
C THR I 127 8.29 -35.94 41.78
N GLU I 128 9.04 -37.03 41.61
CA GLU I 128 8.44 -38.36 41.53
C GLU I 128 8.22 -38.90 42.93
N PRO I 129 7.00 -39.31 43.28
CA PRO I 129 6.79 -39.96 44.57
C PRO I 129 6.86 -41.47 44.46
N VAL I 130 7.06 -42.12 45.61
CA VAL I 130 7.12 -43.57 45.65
C VAL I 130 5.76 -44.17 45.33
N VAL I 131 4.72 -43.68 45.99
CA VAL I 131 3.35 -44.18 45.81
C VAL I 131 2.43 -43.00 45.57
N VAL I 132 1.46 -43.20 44.68
CA VAL I 132 0.41 -42.21 44.44
C VAL I 132 -0.92 -42.88 44.75
N LEU I 133 -1.70 -42.27 45.64
CA LEU I 133 -2.99 -42.80 46.05
C LEU I 133 -4.10 -41.89 45.52
N GLU I 134 -4.93 -42.43 44.63
CA GLU I 134 -6.01 -41.67 44.00
C GLU I 134 -7.33 -42.39 44.30
N GLY I 135 -7.98 -42.01 45.40
CA GLY I 135 -9.24 -42.60 45.76
C GLY I 135 -10.23 -41.59 46.29
N HIS I 136 -9.84 -40.33 46.30
CA HIS I 136 -10.66 -39.24 46.82
C HIS I 136 -11.17 -38.38 45.67
N THR I 137 -12.45 -38.02 45.73
CA THR I 137 -13.07 -37.17 44.72
C THR I 137 -12.82 -35.69 44.97
N LYS I 138 -12.33 -35.31 46.14
CA LYS I 138 -12.09 -33.92 46.50
C LYS I 138 -10.72 -33.80 47.15
N ARG I 139 -10.38 -32.57 47.56
CA ARG I 139 -9.09 -32.30 48.15
C ARG I 139 -8.90 -33.08 49.44
N VAL I 140 -7.68 -33.55 49.67
CA VAL I 140 -7.34 -34.35 50.85
C VAL I 140 -6.55 -33.48 51.81
N GLY I 141 -7.04 -33.34 53.04
CA GLY I 141 -6.37 -32.50 54.02
C GLY I 141 -6.13 -33.19 55.35
N ILE I 142 -6.58 -34.43 55.48
CA ILE I 142 -6.40 -35.20 56.71
C ILE I 142 -5.58 -36.45 56.37
N ILE I 143 -4.40 -36.56 56.96
CA ILE I 143 -3.52 -37.70 56.76
C ILE I 143 -3.03 -38.17 58.13
N ALA I 144 -3.18 -39.46 58.40
CA ALA I 144 -2.79 -40.03 59.69
C ALA I 144 -2.24 -41.43 59.46
N TRP I 145 -0.98 -41.65 59.81
CA TRP I 145 -0.39 -42.97 59.73
C TRP I 145 -0.92 -43.86 60.85
N HIS I 146 -0.89 -45.17 60.61
CA HIS I 146 -1.31 -46.11 61.64
C HIS I 146 -0.24 -46.20 62.72
N PRO I 147 -0.59 -46.07 64.00
CA PRO I 147 0.44 -46.10 65.06
C PRO I 147 1.20 -47.41 65.14
N THR I 148 0.56 -48.53 64.82
CA THR I 148 1.18 -49.85 64.99
C THR I 148 1.39 -50.57 63.66
N ALA I 149 0.35 -50.69 62.85
CA ALA I 149 0.47 -51.42 61.58
C ALA I 149 1.39 -50.68 60.63
N ARG I 150 2.26 -51.44 59.97
CA ARG I 150 3.24 -50.87 59.05
C ARG I 150 2.60 -50.59 57.69
N ASN I 151 3.00 -49.47 57.08
CA ASN I 151 2.58 -49.10 55.73
C ASN I 151 1.06 -48.99 55.63
N VAL I 152 0.42 -48.57 56.71
CA VAL I 152 -1.03 -48.35 56.76
C VAL I 152 -1.27 -46.87 57.01
N LEU I 153 -2.00 -46.24 56.10
CA LEU I 153 -2.22 -44.80 56.15
C LEU I 153 -3.71 -44.51 56.05
N LEU I 154 -4.16 -43.49 56.78
CA LEU I 154 -5.54 -43.03 56.74
C LEU I 154 -5.61 -41.71 56.00
N SER I 155 -6.54 -41.61 55.06
CA SER I 155 -6.73 -40.40 54.28
C SER I 155 -8.20 -40.01 54.31
N ALA I 156 -8.46 -38.73 54.57
CA ALA I 156 -9.82 -38.20 54.62
C ALA I 156 -9.86 -36.93 53.78
N GLY I 157 -10.71 -36.93 52.74
CA GLY I 157 -10.87 -35.80 51.87
C GLY I 157 -12.08 -34.95 52.23
N CYS I 158 -12.29 -33.90 51.44
CA CYS I 158 -13.43 -33.02 51.62
C CYS I 158 -14.75 -33.67 51.19
N ASP I 159 -14.70 -34.83 50.54
CA ASP I 159 -15.89 -35.54 50.13
C ASP I 159 -16.53 -36.34 51.26
N ASN I 160 -16.15 -36.06 52.51
CA ASN I 160 -16.65 -36.81 53.67
C ASN I 160 -16.35 -38.30 53.53
N VAL I 161 -15.19 -38.61 52.94
CA VAL I 161 -14.77 -39.97 52.67
C VAL I 161 -13.45 -40.21 53.38
N VAL I 162 -13.39 -41.28 54.17
CA VAL I 162 -12.18 -41.69 54.87
C VAL I 162 -11.72 -43.03 54.29
N LEU I 163 -10.45 -43.10 53.92
CA LEU I 163 -9.90 -44.26 53.24
C LEU I 163 -8.71 -44.81 54.01
N ILE I 164 -8.61 -46.14 54.04
CA ILE I 164 -7.48 -46.84 54.64
C ILE I 164 -6.63 -47.40 53.50
N TRP I 165 -5.36 -47.00 53.47
CA TRP I 165 -4.47 -47.33 52.37
C TRP I 165 -3.37 -48.26 52.84
N ASN I 166 -2.83 -49.02 51.89
CA ASN I 166 -1.68 -49.89 52.09
C ASN I 166 -0.52 -49.28 51.30
N VAL I 167 0.40 -48.63 52.01
CA VAL I 167 1.48 -47.90 51.34
C VAL I 167 2.35 -48.84 50.53
N GLY I 168 2.69 -50.00 51.09
CA GLY I 168 3.56 -50.93 50.39
C GLY I 168 2.96 -51.45 49.11
N THR I 169 1.67 -51.76 49.12
CA THR I 169 1.01 -52.38 47.97
C THR I 169 0.10 -51.43 47.21
N ALA I 170 0.03 -50.16 47.60
CA ALA I 170 -0.82 -49.16 46.93
C ALA I 170 -2.26 -49.63 46.83
N GLU I 171 -2.76 -50.22 47.93
CA GLU I 171 -4.08 -50.81 47.96
C GLU I 171 -4.99 -50.05 48.93
N GLU I 172 -6.22 -49.82 48.50
CA GLU I 172 -7.24 -49.19 49.35
C GLU I 172 -7.83 -50.26 50.24
N LEU I 173 -7.40 -50.31 51.50
CA LEU I 173 -7.82 -51.38 52.40
C LEU I 173 -9.30 -51.28 52.74
N TYR I 174 -9.76 -50.09 53.12
CA TYR I 174 -11.16 -49.90 53.48
C TYR I 174 -11.66 -48.58 52.88
N ARG I 175 -12.98 -48.50 52.74
CA ARG I 175 -13.64 -47.31 52.20
C ARG I 175 -14.91 -47.05 53.01
N LEU I 176 -14.90 -45.99 53.79
CA LEU I 176 -16.04 -45.59 54.62
C LEU I 176 -16.52 -44.23 54.11
N ASP I 177 -17.79 -44.17 53.70
CA ASP I 177 -18.32 -42.98 53.04
C ASP I 177 -19.59 -42.41 53.66
N SER I 178 -20.48 -43.25 54.19
CA SER I 178 -21.78 -42.80 54.67
C SER I 178 -21.78 -42.46 56.15
N LEU I 179 -20.62 -42.46 56.80
CA LEU I 179 -20.54 -42.22 58.23
C LEU I 179 -20.41 -40.74 58.60
N HIS I 180 -20.11 -39.87 57.64
CA HIS I 180 -19.98 -38.45 57.90
C HIS I 180 -20.87 -37.65 56.97
N PRO I 181 -21.88 -36.95 57.48
CA PRO I 181 -22.77 -36.16 56.61
C PRO I 181 -22.20 -34.81 56.21
N ASP I 182 -21.14 -34.34 56.86
CA ASP I 182 -20.58 -33.02 56.56
C ASP I 182 -19.06 -33.14 56.52
N LEU I 183 -18.40 -31.99 56.45
CA LEU I 183 -16.96 -31.95 56.32
C LEU I 183 -16.28 -32.50 57.57
N ILE I 184 -15.15 -33.18 57.36
CA ILE I 184 -14.38 -33.77 58.46
C ILE I 184 -13.30 -32.79 58.88
N TYR I 185 -13.21 -32.54 60.18
CA TYR I 185 -12.20 -31.61 60.69
C TYR I 185 -10.85 -32.30 60.87
N ASN I 186 -10.80 -33.34 61.69
CA ASN I 186 -9.57 -34.08 61.93
C ASN I 186 -9.91 -35.50 62.35
N VAL I 187 -8.94 -36.39 62.19
CA VAL I 187 -9.07 -37.80 62.55
C VAL I 187 -7.85 -38.21 63.36
N SER I 188 -8.09 -38.90 64.47
CA SER I 188 -7.01 -39.32 65.36
C SER I 188 -7.18 -40.80 65.71
N TRP I 189 -6.10 -41.57 65.56
CA TRP I 189 -6.10 -42.96 65.95
C TRP I 189 -6.12 -43.11 67.46
N ASN I 190 -6.58 -44.26 67.93
CA ASN I 190 -6.51 -44.60 69.35
C ASN I 190 -5.12 -45.14 69.67
N HIS I 191 -4.97 -45.70 70.87
CA HIS I 191 -3.65 -46.12 71.32
C HIS I 191 -3.10 -47.27 70.48
N ASN I 192 -3.91 -48.30 70.25
CA ASN I 192 -3.47 -49.49 69.55
C ASN I 192 -3.80 -49.46 68.05
N GLY I 193 -4.37 -48.37 67.55
CA GLY I 193 -4.76 -48.31 66.16
C GLY I 193 -6.02 -49.08 65.83
N SER I 194 -6.74 -49.57 66.85
CA SER I 194 -7.96 -50.33 66.59
C SER I 194 -9.08 -49.44 66.08
N LEU I 195 -9.26 -48.28 66.69
CA LEU I 195 -10.33 -47.36 66.33
C LEU I 195 -9.73 -45.99 66.00
N PHE I 196 -10.61 -45.08 65.60
CA PHE I 196 -10.20 -43.70 65.38
C PHE I 196 -11.37 -42.78 65.67
N CYS I 197 -11.07 -41.62 66.25
CA CYS I 197 -12.06 -40.59 66.52
C CYS I 197 -11.92 -39.48 65.50
N SER I 198 -13.06 -38.97 65.04
CA SER I 198 -13.09 -38.00 63.96
C SER I 198 -14.02 -36.85 64.32
N ALA I 199 -13.67 -35.65 63.86
CA ALA I 199 -14.43 -34.44 64.10
C ALA I 199 -15.08 -34.00 62.81
N CYS I 200 -16.39 -33.72 62.87
CA CYS I 200 -17.17 -33.35 61.70
C CYS I 200 -17.80 -31.98 61.89
N LYS I 201 -18.22 -31.39 60.77
CA LYS I 201 -18.80 -30.05 60.79
C LYS I 201 -20.14 -30.00 61.49
N ASP I 202 -20.82 -31.13 61.63
CA ASP I 202 -22.13 -31.18 62.27
C ASP I 202 -22.07 -31.20 63.79
N LYS I 203 -20.94 -30.78 64.37
CA LYS I 203 -20.76 -30.74 65.82
C LYS I 203 -20.91 -32.12 66.45
N SER I 204 -20.55 -33.16 65.71
CA SER I 204 -20.70 -34.54 66.18
C SER I 204 -19.33 -35.21 66.24
N VAL I 205 -19.07 -35.89 67.35
CA VAL I 205 -17.84 -36.64 67.55
C VAL I 205 -18.17 -38.12 67.38
N ARG I 206 -17.46 -38.79 66.49
CA ARG I 206 -17.76 -40.17 66.11
C ARG I 206 -16.55 -41.05 66.32
N ILE I 207 -16.77 -42.22 66.94
CA ILE I 207 -15.76 -43.25 67.09
C ILE I 207 -16.11 -44.38 66.13
N ILE I 208 -15.19 -44.69 65.23
CA ILE I 208 -15.46 -45.62 64.14
C ILE I 208 -14.36 -46.68 64.11
N ASP I 209 -14.76 -47.94 63.95
CA ASP I 209 -13.81 -49.02 63.75
C ASP I 209 -13.60 -49.22 62.26
N PRO I 210 -12.41 -48.94 61.72
CA PRO I 210 -12.22 -49.08 60.26
C PRO I 210 -12.38 -50.51 59.77
N ARG I 211 -12.03 -51.50 60.58
CA ARG I 211 -12.07 -52.90 60.15
C ARG I 211 -13.48 -53.47 60.12
N ARG I 212 -14.47 -52.78 60.70
CA ARG I 212 -15.85 -53.24 60.66
C ARG I 212 -16.80 -52.26 60.00
N GLY I 213 -16.38 -51.03 59.76
CA GLY I 213 -17.26 -50.04 59.15
C GLY I 213 -18.49 -49.74 59.98
N THR I 214 -18.32 -49.63 61.30
CA THR I 214 -19.43 -49.43 62.22
C THR I 214 -19.14 -48.22 63.09
N LEU I 215 -20.22 -47.56 63.53
CA LEU I 215 -20.13 -46.41 64.42
C LEU I 215 -20.13 -46.93 65.85
N VAL I 216 -18.95 -46.95 66.47
CA VAL I 216 -18.83 -47.44 67.84
C VAL I 216 -19.59 -46.53 68.79
N ALA I 217 -19.44 -45.22 68.65
CA ALA I 217 -20.13 -44.26 69.49
C ALA I 217 -20.24 -42.94 68.77
N GLU I 218 -21.18 -42.11 69.22
CA GLU I 218 -21.41 -40.81 68.62
C GLU I 218 -21.98 -39.87 69.67
N ARG I 219 -21.60 -38.60 69.59
CA ARG I 219 -22.11 -37.56 70.48
C ARG I 219 -22.50 -36.36 69.61
N GLU I 220 -23.79 -36.22 69.35
CA GLU I 220 -24.28 -35.10 68.56
C GLU I 220 -24.20 -33.81 69.38
N LYS I 221 -23.92 -32.70 68.69
CA LYS I 221 -23.86 -31.37 69.31
C LYS I 221 -22.88 -31.35 70.49
N ALA I 222 -21.68 -31.88 70.24
CA ALA I 222 -20.65 -31.88 71.28
C ALA I 222 -20.28 -30.46 71.68
N HIS I 223 -20.13 -29.57 70.70
CA HIS I 223 -19.87 -28.15 70.96
C HIS I 223 -20.87 -27.32 70.17
N GLU I 224 -21.50 -26.37 70.86
CA GLU I 224 -22.57 -25.56 70.25
C GLU I 224 -22.05 -24.58 69.21
N GLY I 225 -20.74 -24.33 69.16
CA GLY I 225 -20.22 -23.34 68.24
C GLY I 225 -20.25 -23.80 66.80
N ALA I 226 -20.31 -22.82 65.90
CA ALA I 226 -20.25 -23.06 64.46
C ALA I 226 -18.86 -22.83 63.90
N ARG I 227 -17.84 -23.13 64.70
CA ARG I 227 -16.44 -22.93 64.36
C ARG I 227 -15.75 -24.29 64.30
N PRO I 228 -14.60 -24.38 63.62
CA PRO I 228 -13.91 -25.68 63.53
C PRO I 228 -13.56 -26.22 64.91
N MET I 229 -13.72 -27.53 65.06
CA MET I 229 -13.56 -28.21 66.33
C MET I 229 -12.74 -29.48 66.12
N ARG I 230 -11.89 -29.78 67.10
CA ARG I 230 -10.94 -30.88 67.01
C ARG I 230 -11.28 -31.94 68.04
N ALA I 231 -10.81 -33.16 67.77
CA ALA I 231 -11.06 -34.29 68.66
C ALA I 231 -9.94 -35.30 68.48
N ILE I 232 -9.29 -35.69 69.58
CA ILE I 232 -8.20 -36.65 69.54
C ILE I 232 -8.41 -37.69 70.62
N PHE I 233 -7.75 -38.84 70.44
CA PHE I 233 -7.81 -39.95 71.36
C PHE I 233 -6.72 -39.83 72.41
N LEU I 234 -6.96 -40.43 73.57
CA LEU I 234 -5.97 -40.50 74.64
C LEU I 234 -5.44 -41.91 74.78
N ALA I 235 -4.30 -42.03 75.46
CA ALA I 235 -3.68 -43.34 75.64
C ALA I 235 -4.57 -44.27 76.45
N ASP I 236 -5.33 -43.75 77.40
CA ASP I 236 -6.26 -44.53 78.19
C ASP I 236 -7.58 -44.78 77.45
N GLY I 237 -7.76 -44.20 76.28
CA GLY I 237 -8.93 -44.42 75.47
C GLY I 237 -9.94 -43.29 75.48
N LYS I 238 -9.83 -42.35 76.41
CA LYS I 238 -10.79 -41.26 76.50
C LYS I 238 -10.66 -40.32 75.30
N VAL I 239 -11.75 -39.61 75.02
CA VAL I 239 -11.84 -38.70 73.89
C VAL I 239 -11.81 -37.28 74.43
N PHE I 240 -10.91 -36.46 73.88
CA PHE I 240 -10.73 -35.08 74.31
C PHE I 240 -10.96 -34.19 73.09
N THR I 241 -11.84 -33.20 73.24
CA THR I 241 -12.24 -32.33 72.14
C THR I 241 -12.05 -30.87 72.50
N THR I 242 -11.69 -30.06 71.51
CA THR I 242 -11.57 -28.61 71.64
C THR I 242 -12.56 -27.96 70.69
N GLY I 243 -13.45 -27.14 71.23
CA GLY I 243 -14.50 -26.56 70.40
C GLY I 243 -14.93 -25.21 70.91
N PHE I 244 -16.02 -24.72 70.33
CA PHE I 244 -16.54 -23.38 70.58
C PHE I 244 -17.92 -23.44 71.19
N SER I 245 -18.36 -22.31 71.73
CA SER I 245 -19.66 -22.19 72.38
C SER I 245 -20.65 -21.49 71.46
N ARG I 246 -21.91 -21.46 71.91
CA ARG I 246 -22.92 -20.68 71.21
C ARG I 246 -22.59 -19.20 71.24
N MET I 247 -21.89 -18.75 72.27
CA MET I 247 -21.42 -17.38 72.37
C MET I 247 -20.01 -17.20 71.77
N SER I 248 -19.55 -18.20 71.00
CA SER I 248 -18.23 -18.18 70.37
C SER I 248 -17.12 -18.11 71.42
N GLU I 249 -17.19 -19.01 72.40
CA GLU I 249 -16.18 -19.14 73.43
C GLU I 249 -15.50 -20.49 73.28
N ARG I 250 -14.18 -20.48 73.16
CA ARG I 250 -13.43 -21.72 72.99
C ARG I 250 -13.52 -22.58 74.24
N GLN I 251 -13.76 -23.88 74.05
CA GLN I 251 -13.98 -24.80 75.14
C GLN I 251 -13.07 -26.01 75.00
N LEU I 252 -12.83 -26.66 76.14
CA LEU I 252 -12.11 -27.93 76.21
C LEU I 252 -13.02 -28.96 76.83
N ALA I 253 -13.11 -30.13 76.20
CA ALA I 253 -14.04 -31.16 76.66
C ALA I 253 -13.34 -32.51 76.68
N LEU I 254 -13.65 -33.29 77.72
CA LEU I 254 -13.15 -34.65 77.87
C LEU I 254 -14.34 -35.59 77.89
N TRP I 255 -14.26 -36.68 77.12
CA TRP I 255 -15.39 -37.56 76.89
C TRP I 255 -15.04 -39.00 77.22
N ASP I 256 -16.03 -39.72 77.75
CA ASP I 256 -15.91 -41.15 77.99
C ASP I 256 -16.52 -41.91 76.82
N PRO I 257 -15.77 -42.79 76.14
CA PRO I 257 -16.38 -43.57 75.06
C PRO I 257 -17.52 -44.46 75.52
N GLU I 258 -17.58 -44.79 76.81
CA GLU I 258 -18.67 -45.61 77.31
C GLU I 258 -19.90 -44.76 77.64
N ASN I 259 -19.69 -43.55 78.17
CA ASN I 259 -20.77 -42.65 78.54
C ASN I 259 -20.52 -41.30 77.88
N LEU I 260 -21.32 -40.97 76.87
CA LEU I 260 -21.19 -39.71 76.16
C LEU I 260 -22.33 -38.75 76.42
N GLU I 261 -23.20 -39.06 77.39
CA GLU I 261 -24.33 -38.19 77.69
C GLU I 261 -23.85 -36.83 78.21
N GLU I 262 -22.86 -36.83 79.10
CA GLU I 262 -22.29 -35.61 79.63
C GLU I 262 -20.79 -35.75 79.73
N PRO I 263 -20.04 -34.80 79.14
CA PRO I 263 -18.58 -34.85 79.22
C PRO I 263 -18.08 -34.58 80.62
N MET I 264 -16.89 -35.13 80.93
CA MET I 264 -16.35 -35.02 82.27
C MET I 264 -16.00 -33.57 82.62
N ALA I 265 -15.36 -32.85 81.70
CA ALA I 265 -14.86 -31.52 81.99
C ALA I 265 -15.17 -30.56 80.85
N LEU I 266 -15.77 -29.41 81.21
CA LEU I 266 -16.01 -28.31 80.28
C LEU I 266 -15.41 -27.05 80.89
N GLN I 267 -14.30 -26.58 80.30
CA GLN I 267 -13.65 -25.35 80.72
C GLN I 267 -13.51 -24.42 79.52
N GLU I 268 -13.90 -23.17 79.72
CA GLU I 268 -13.74 -22.14 78.70
C GLU I 268 -12.42 -21.41 78.91
N LEU I 269 -11.85 -20.91 77.81
CA LEU I 269 -10.62 -20.15 77.86
C LEU I 269 -10.82 -18.68 77.51
N ASP I 270 -11.38 -18.39 76.34
CA ASP I 270 -11.51 -17.02 75.86
C ASP I 270 -12.50 -17.00 74.71
N SER I 271 -12.70 -15.82 74.14
CA SER I 271 -13.58 -15.61 72.99
C SER I 271 -12.78 -15.21 71.75
N SER I 272 -11.61 -15.82 71.56
CA SER I 272 -10.74 -15.53 70.44
C SER I 272 -11.01 -16.48 69.29
N ASN I 273 -10.91 -15.95 68.07
CA ASN I 273 -11.11 -16.77 66.88
C ASN I 273 -9.89 -17.64 66.62
N GLY I 274 -10.06 -18.60 65.71
CA GLY I 274 -8.99 -19.52 65.38
C GLY I 274 -9.15 -20.85 66.08
N ALA I 275 -9.06 -21.94 65.31
CA ALA I 275 -9.21 -23.27 65.87
C ALA I 275 -8.02 -23.60 66.78
N LEU I 276 -8.32 -24.33 67.86
CA LEU I 276 -7.31 -24.77 68.80
C LEU I 276 -6.79 -26.14 68.37
N LEU I 277 -5.50 -26.20 68.01
CA LEU I 277 -4.90 -27.43 67.57
C LEU I 277 -4.31 -28.17 68.76
N PRO I 278 -4.79 -29.35 69.10
CA PRO I 278 -4.28 -30.07 70.28
C PRO I 278 -3.05 -30.90 69.97
N PHE I 279 -2.17 -31.01 70.97
CA PHE I 279 -0.99 -31.85 70.92
C PHE I 279 -0.92 -32.64 72.22
N TYR I 280 -1.10 -33.95 72.14
CA TYR I 280 -1.17 -34.81 73.32
C TYR I 280 0.11 -35.61 73.45
N ASP I 281 0.66 -35.64 74.66
CA ASP I 281 1.84 -36.46 74.96
C ASP I 281 1.41 -37.64 75.80
N PRO I 282 1.37 -38.85 75.24
CA PRO I 282 0.95 -40.02 76.04
C PRO I 282 1.84 -40.30 77.24
N ASP I 283 3.14 -40.03 77.14
CA ASP I 283 4.05 -40.34 78.23
C ASP I 283 3.76 -39.49 79.46
N THR I 284 3.59 -38.18 79.26
CA THR I 284 3.35 -37.26 80.36
C THR I 284 1.87 -36.99 80.61
N SER I 285 0.99 -37.53 79.76
CA SER I 285 -0.46 -37.26 79.83
C SER I 285 -0.73 -35.76 79.87
N VAL I 286 0.04 -35.01 79.08
CA VAL I 286 -0.07 -33.56 79.01
C VAL I 286 -0.52 -33.18 77.61
N VAL I 287 -1.54 -32.34 77.53
CA VAL I 287 -2.08 -31.87 76.26
C VAL I 287 -1.68 -30.42 76.07
N TYR I 288 -1.12 -30.12 74.90
CA TYR I 288 -0.72 -28.76 74.56
C TYR I 288 -1.71 -28.17 73.58
N VAL I 289 -2.24 -26.99 73.89
CA VAL I 289 -3.25 -26.32 73.09
C VAL I 289 -2.58 -25.15 72.39
N CYS I 290 -2.63 -25.14 71.06
CA CYS I 290 -2.04 -24.08 70.25
C CYS I 290 -3.08 -23.62 69.24
N GLY I 291 -3.62 -22.42 69.46
CA GLY I 291 -4.62 -21.89 68.55
C GLY I 291 -3.98 -21.21 67.34
N LYS I 292 -4.58 -21.43 66.18
CA LYS I 292 -4.09 -20.82 64.95
C LYS I 292 -4.29 -19.32 65.02
N GLY I 293 -3.24 -18.56 64.72
CA GLY I 293 -3.26 -17.13 64.83
C GLY I 293 -3.04 -16.58 66.23
N ASP I 294 -2.86 -17.45 67.22
CA ASP I 294 -2.62 -17.03 68.58
C ASP I 294 -1.13 -16.88 68.84
N SER I 295 -0.79 -16.14 69.89
CA SER I 295 0.59 -15.93 70.30
C SER I 295 0.90 -16.62 71.62
N SER I 296 0.04 -17.52 72.08
CA SER I 296 0.20 -18.19 73.36
C SER I 296 0.01 -19.68 73.19
N ILE I 297 0.71 -20.45 74.01
CA ILE I 297 0.58 -21.90 74.05
C ILE I 297 0.15 -22.30 75.46
N ARG I 298 -0.94 -23.05 75.55
CA ARG I 298 -1.50 -23.49 76.82
C ARG I 298 -1.42 -25.00 76.91
N TYR I 299 -0.91 -25.51 78.02
CA TYR I 299 -0.77 -26.94 78.24
C TYR I 299 -1.53 -27.37 79.50
N PHE I 300 -2.19 -28.52 79.41
CA PHE I 300 -3.05 -29.02 80.47
C PHE I 300 -2.69 -30.47 80.77
N GLU I 301 -2.92 -30.86 82.02
CA GLU I 301 -2.64 -32.21 82.50
C GLU I 301 -3.94 -32.97 82.66
N ILE I 302 -4.01 -34.18 82.12
CA ILE I 302 -5.19 -35.02 82.18
C ILE I 302 -4.93 -36.11 83.21
N THR I 303 -5.66 -36.07 84.32
CA THR I 303 -5.52 -37.03 85.41
C THR I 303 -6.88 -37.64 85.73
N GLU I 304 -6.87 -38.62 86.63
CA GLU I 304 -8.09 -39.27 87.07
C GLU I 304 -8.81 -38.51 88.18
N GLU I 305 -8.20 -37.45 88.71
CA GLU I 305 -8.85 -36.65 89.74
C GLU I 305 -9.65 -35.51 89.10
N PRO I 306 -10.82 -35.19 89.66
CA PRO I 306 -11.63 -34.12 89.07
C PRO I 306 -10.93 -32.79 89.20
N PRO I 307 -11.14 -31.87 88.24
CA PRO I 307 -12.02 -31.98 87.07
C PRO I 307 -11.35 -32.66 85.88
N TYR I 308 -10.34 -33.50 86.11
CA TYR I 308 -9.73 -34.36 85.11
C TYR I 308 -8.96 -33.57 84.05
N ILE I 309 -9.01 -32.24 84.13
CA ILE I 309 -8.26 -31.35 83.24
C ILE I 309 -7.74 -30.20 84.09
N HIS I 310 -6.44 -30.18 84.33
CA HIS I 310 -5.81 -29.18 85.19
C HIS I 310 -4.90 -28.29 84.36
N PHE I 311 -5.10 -26.98 84.48
CA PHE I 311 -4.28 -26.02 83.75
C PHE I 311 -2.93 -25.86 84.43
N LEU I 312 -1.87 -26.21 83.72
CA LEU I 312 -0.53 -26.12 84.30
C LEU I 312 0.01 -24.69 84.23
N ASN I 313 0.19 -24.18 83.01
CA ASN I 313 0.71 -22.83 82.79
C ASN I 313 0.57 -22.53 81.30
N THR I 314 1.00 -21.33 80.92
CA THR I 314 0.89 -20.87 79.54
C THR I 314 2.19 -20.21 79.10
N PHE I 315 2.67 -20.58 77.91
CA PHE I 315 3.80 -19.91 77.30
C PHE I 315 3.28 -18.79 76.39
N THR I 316 3.77 -17.58 76.61
CA THR I 316 3.30 -16.40 75.89
C THR I 316 4.41 -15.86 74.99
N SER I 317 4.01 -15.40 73.81
CA SER I 317 4.92 -14.79 72.85
C SER I 317 4.24 -13.56 72.26
N LYS I 318 5.00 -12.79 71.49
CA LYS I 318 4.50 -11.57 70.86
C LYS I 318 4.13 -11.77 69.40
N GLU I 319 4.23 -12.98 68.87
CA GLU I 319 4.03 -13.22 67.45
C GLU I 319 2.99 -14.33 67.27
N PRO I 320 2.02 -14.13 66.38
CA PRO I 320 1.06 -15.21 66.10
C PRO I 320 1.75 -16.38 65.39
N GLN I 321 1.20 -17.57 65.60
CA GLN I 321 1.73 -18.79 64.99
C GLN I 321 0.86 -19.22 63.82
N ARG I 322 1.51 -19.54 62.71
CA ARG I 322 0.81 -20.03 61.53
C ARG I 322 0.73 -21.56 61.51
N GLY I 323 1.67 -22.25 62.14
CA GLY I 323 1.69 -23.69 62.16
C GLY I 323 2.40 -24.20 63.41
N MET I 324 2.21 -25.49 63.68
CA MET I 324 2.76 -26.09 64.88
C MET I 324 3.31 -27.46 64.55
N GLY I 325 4.51 -27.75 65.03
CA GLY I 325 5.10 -29.07 64.88
C GLY I 325 5.66 -29.55 66.20
N SER I 326 5.48 -30.83 66.48
CA SER I 326 5.84 -31.41 67.77
C SER I 326 6.92 -32.47 67.59
N MET I 327 8.00 -32.33 68.34
CA MET I 327 9.04 -33.34 68.36
C MET I 327 8.58 -34.57 69.12
N PRO I 328 8.61 -35.76 68.51
CA PRO I 328 8.33 -36.98 69.26
C PRO I 328 9.42 -37.23 70.31
N LYS I 329 9.14 -38.19 71.19
CA LYS I 329 10.03 -38.44 72.32
C LYS I 329 11.41 -38.90 71.87
N ARG I 330 11.50 -39.60 70.75
CA ARG I 330 12.79 -40.10 70.29
C ARG I 330 13.74 -38.96 69.92
N GLY I 331 13.21 -37.87 69.37
CA GLY I 331 14.01 -36.74 68.97
C GLY I 331 14.26 -35.71 70.06
N LEU I 332 13.75 -35.94 71.27
CA LEU I 332 13.99 -35.03 72.38
C LEU I 332 15.27 -35.39 73.10
N GLU I 333 16.13 -34.38 73.26
CA GLU I 333 17.36 -34.53 74.04
C GLU I 333 16.97 -34.67 75.50
N VAL I 334 17.12 -35.90 76.01
CA VAL I 334 16.70 -36.23 77.37
C VAL I 334 17.62 -35.60 78.41
N SER I 335 18.75 -35.05 77.96
CA SER I 335 19.80 -34.64 78.88
C SER I 335 19.39 -33.52 79.82
N LYS I 336 18.76 -32.46 79.32
CA LYS I 336 18.45 -31.29 80.14
C LYS I 336 17.01 -31.28 80.62
N CYS I 337 16.39 -32.44 80.81
CA CYS I 337 15.06 -32.54 81.41
C CYS I 337 14.00 -31.81 80.56
N GLU I 338 14.06 -32.01 79.24
CA GLU I 338 13.06 -31.46 78.33
C GLU I 338 12.08 -32.57 77.96
N ILE I 339 10.78 -32.25 78.02
CA ILE I 339 9.73 -33.22 77.72
C ILE I 339 8.99 -32.91 76.43
N ALA I 340 9.20 -31.73 75.84
CA ALA I 340 8.50 -31.39 74.60
C ALA I 340 9.27 -30.31 73.86
N ARG I 341 9.17 -30.35 72.53
CA ARG I 341 9.75 -29.32 71.68
C ARG I 341 8.76 -28.98 70.59
N PHE I 342 8.46 -27.69 70.43
CA PHE I 342 7.49 -27.21 69.45
C PHE I 342 8.17 -26.28 68.47
N TYR I 343 8.00 -26.55 67.18
CA TYR I 343 8.56 -25.73 66.12
C TYR I 343 7.49 -24.73 65.69
N LYS I 344 7.56 -23.53 66.26
CA LYS I 344 6.55 -22.51 65.96
C LYS I 344 6.74 -21.98 64.56
N LEU I 345 5.66 -21.97 63.78
CA LEU I 345 5.69 -21.48 62.41
C LEU I 345 5.10 -20.08 62.37
N HIS I 346 5.93 -19.10 62.04
CA HIS I 346 5.45 -17.75 61.76
C HIS I 346 5.12 -17.65 60.28
N GLU I 347 4.91 -16.43 59.78
CA GLU I 347 4.63 -16.28 58.36
C GLU I 347 5.87 -16.43 57.49
N ARG I 348 7.06 -16.30 58.07
CA ARG I 348 8.28 -16.48 57.28
C ARG I 348 9.33 -17.31 58.01
N LYS I 349 9.21 -17.54 59.32
CA LYS I 349 10.27 -18.20 60.06
C LYS I 349 9.69 -19.36 60.88
N CYS I 350 10.53 -20.36 61.10
CA CYS I 350 10.21 -21.49 61.98
C CYS I 350 11.06 -21.36 63.23
N GLU I 351 10.40 -21.22 64.38
CA GLU I 351 11.09 -20.98 65.65
C GLU I 351 10.85 -22.14 66.60
N PRO I 352 11.81 -23.04 66.77
CA PRO I 352 11.65 -24.11 67.76
C PRO I 352 11.52 -23.56 69.17
N ILE I 353 10.66 -24.20 69.96
CA ILE I 353 10.43 -23.81 71.34
C ILE I 353 10.69 -25.02 72.23
N VAL I 354 11.52 -24.83 73.25
CA VAL I 354 11.97 -25.91 74.13
C VAL I 354 11.16 -25.85 75.41
N MET I 355 10.57 -26.99 75.79
CA MET I 355 9.75 -27.10 76.99
C MET I 355 10.44 -28.03 77.97
N THR I 356 10.83 -27.50 79.13
CA THR I 356 11.68 -28.23 80.06
C THR I 356 11.03 -28.31 81.43
N VAL I 357 11.29 -29.41 82.13
CA VAL I 357 10.86 -29.58 83.52
C VAL I 357 11.99 -29.07 84.42
N PRO I 358 11.73 -28.10 85.30
CA PRO I 358 12.81 -27.59 86.16
C PRO I 358 13.24 -28.60 87.21
N ARG I 359 14.44 -29.14 87.06
CA ARG I 359 14.98 -30.13 87.99
C ARG I 359 16.39 -29.73 88.40
N LYS I 360 16.67 -29.81 89.69
CA LYS I 360 18.00 -29.47 90.19
C LYS I 360 19.03 -30.54 89.82
N SER I 361 18.64 -31.81 89.87
CA SER I 361 19.57 -32.88 89.56
C SER I 361 19.90 -32.92 88.07
N ASP I 362 21.16 -33.21 87.76
CA ASP I 362 21.62 -33.32 86.38
C ASP I 362 21.59 -34.75 85.86
N LEU I 363 21.19 -35.71 86.68
CA LEU I 363 21.15 -37.10 86.25
C LEU I 363 19.86 -37.39 85.50
N PHE I 364 19.79 -38.58 84.92
CA PHE I 364 18.61 -39.00 84.19
C PHE I 364 17.41 -39.11 85.13
N GLN I 365 16.26 -38.61 84.67
CA GLN I 365 15.03 -38.64 85.44
C GLN I 365 14.18 -39.81 84.95
N ASP I 366 14.13 -40.88 85.75
CA ASP I 366 13.38 -42.07 85.36
C ASP I 366 11.88 -41.77 85.29
N ASP I 367 11.36 -41.00 86.24
CA ASP I 367 9.95 -40.67 86.25
C ASP I 367 9.56 -39.80 85.05
N LEU I 368 10.41 -38.83 84.69
CA LEU I 368 10.09 -37.93 83.59
C LEU I 368 10.04 -38.66 82.25
N TYR I 369 10.79 -39.75 82.11
CA TYR I 369 10.97 -40.41 80.82
C TYR I 369 10.69 -41.90 80.96
N PRO I 370 9.41 -42.30 80.90
CA PRO I 370 9.07 -43.72 80.84
C PRO I 370 9.35 -44.26 79.45
N ASP I 371 9.03 -45.53 79.25
CA ASP I 371 9.22 -46.16 77.95
C ASP I 371 8.28 -45.54 76.93
N THR I 372 8.81 -45.24 75.74
CA THR I 372 8.05 -44.61 74.67
C THR I 372 8.06 -45.50 73.44
N ALA I 373 7.04 -45.30 72.59
CA ALA I 373 6.93 -46.08 71.37
C ALA I 373 8.13 -45.84 70.47
N GLY I 374 8.68 -46.92 69.92
CA GLY I 374 9.84 -46.84 69.08
C GLY I 374 9.48 -46.73 67.61
N PRO I 375 10.50 -46.69 66.75
CA PRO I 375 10.25 -46.59 65.30
C PRO I 375 10.02 -47.95 64.66
N GLU I 376 9.73 -48.96 65.47
CA GLU I 376 9.52 -50.32 64.99
C GLU I 376 8.04 -50.64 65.02
N ALA I 377 7.50 -51.08 63.88
CA ALA I 377 6.10 -51.45 63.80
C ALA I 377 5.84 -52.76 64.51
N ALA I 378 4.73 -52.82 65.24
CA ALA I 378 4.37 -54.05 65.94
C ALA I 378 3.68 -55.03 65.01
N LEU I 379 2.56 -54.63 64.43
CA LEU I 379 1.81 -55.46 63.50
C LEU I 379 2.26 -55.19 62.07
N GLU I 380 1.51 -55.72 61.11
CA GLU I 380 1.78 -55.49 59.69
C GLU I 380 0.47 -55.19 58.99
N ALA I 381 0.58 -54.76 57.73
CA ALA I 381 -0.61 -54.41 56.96
C ALA I 381 -1.52 -55.62 56.76
N GLU I 382 -0.93 -56.78 56.44
CA GLU I 382 -1.73 -57.99 56.25
C GLU I 382 -2.21 -58.55 57.58
N GLU I 383 -1.46 -58.32 58.66
CA GLU I 383 -1.89 -58.78 59.97
C GLU I 383 -3.00 -57.92 60.55
N TRP I 384 -2.96 -56.61 60.30
CA TRP I 384 -3.95 -55.71 60.89
C TRP I 384 -5.33 -55.91 60.27
N VAL I 385 -5.38 -56.13 58.95
CA VAL I 385 -6.67 -56.29 58.29
C VAL I 385 -7.38 -57.54 58.79
N SER I 386 -6.62 -58.59 59.14
CA SER I 386 -7.23 -59.81 59.65
C SER I 386 -8.03 -59.56 60.91
N GLY I 387 -7.61 -58.60 61.74
CA GLY I 387 -8.32 -58.28 62.95
C GLY I 387 -7.44 -58.32 64.18
N ARG I 388 -6.14 -58.42 63.98
CA ARG I 388 -5.19 -58.47 65.08
C ARG I 388 -5.03 -57.09 65.72
N ASP I 389 -4.85 -57.09 67.03
CA ASP I 389 -4.60 -55.88 67.80
C ASP I 389 -3.31 -56.02 68.58
N ALA I 390 -2.49 -54.97 68.54
CA ALA I 390 -1.23 -54.96 69.27
C ALA I 390 -0.85 -53.53 69.63
N ASP I 391 -0.14 -53.39 70.74
CA ASP I 391 0.33 -52.12 71.26
C ASP I 391 1.68 -51.75 70.63
N PRO I 392 2.00 -50.46 70.58
CA PRO I 392 3.29 -50.05 70.01
C PRO I 392 4.45 -50.59 70.83
N ILE I 393 5.55 -50.89 70.13
CA ILE I 393 6.74 -51.41 70.77
C ILE I 393 7.44 -50.27 71.52
N LEU I 394 7.69 -50.47 72.81
CA LEU I 394 8.24 -49.43 73.67
C LEU I 394 9.74 -49.60 73.81
N ILE I 395 10.46 -48.50 73.68
CA ILE I 395 11.91 -48.47 73.84
C ILE I 395 12.26 -47.60 75.05
N SER I 396 13.52 -47.62 75.44
CA SER I 396 14.00 -46.90 76.61
C SER I 396 14.76 -45.66 76.17
N LEU I 397 14.47 -44.53 76.80
CA LEU I 397 15.13 -43.26 76.51
C LEU I 397 16.40 -43.06 77.33
N ARG I 398 16.74 -44.01 78.20
CA ARG I 398 17.96 -43.87 78.99
C ARG I 398 19.21 -43.92 78.12
N GLU I 399 19.18 -44.69 77.03
CA GLU I 399 20.33 -44.80 76.15
C GLU I 399 20.67 -43.47 75.48
N ALA I 400 19.73 -42.54 75.41
CA ALA I 400 19.99 -41.23 74.82
C ALA I 400 20.64 -40.26 75.79
N TYR I 401 20.83 -40.65 77.05
CA TYR I 401 21.47 -39.78 78.03
C TYR I 401 22.94 -39.58 77.69
N VAL I 402 23.41 -38.34 77.85
CA VAL I 402 24.79 -38.00 77.55
C VAL I 402 25.47 -37.40 78.78
N VAL J 7 47.05 19.66 43.44
CA VAL J 7 47.10 18.95 42.17
C VAL J 7 48.08 19.63 41.22
N SER J 8 49.31 19.12 41.16
CA SER J 8 50.33 19.67 40.30
C SER J 8 50.00 19.38 38.83
N ASP J 9 50.55 20.21 37.94
CA ASP J 9 50.27 20.08 36.51
C ASP J 9 50.76 18.75 35.97
N GLY J 10 51.77 18.16 36.61
CA GLY J 10 52.29 16.88 36.14
C GLY J 10 51.25 15.77 36.20
N VAL J 11 50.39 15.80 37.21
CA VAL J 11 49.36 14.77 37.35
C VAL J 11 48.39 14.82 36.17
N ILE J 12 47.92 16.01 35.81
CA ILE J 12 46.99 16.14 34.70
C ILE J 12 47.65 15.76 33.39
N LYS J 13 48.88 16.24 33.18
CA LYS J 13 49.57 15.96 31.92
C LYS J 13 49.82 14.47 31.74
N VAL J 14 50.24 13.79 32.80
CA VAL J 14 50.36 12.33 32.74
C VAL J 14 48.99 11.70 32.50
N PHE J 15 47.97 12.21 33.19
CA PHE J 15 46.61 11.69 32.98
C PHE J 15 46.14 11.98 31.57
N ASN J 16 46.48 13.14 31.01
CA ASN J 16 46.11 13.45 29.63
C ASN J 16 46.72 12.43 28.67
N ASP J 17 48.01 12.12 28.85
CA ASP J 17 48.62 11.06 28.07
C ASP J 17 48.10 9.69 28.49
N MET J 18 47.61 9.58 29.72
CA MET J 18 47.15 8.28 30.23
C MET J 18 45.89 7.82 29.51
N LYS J 19 44.91 8.70 29.34
CA LYS J 19 43.60 8.29 28.85
C LYS J 19 43.59 8.17 27.34
N VAL J 20 43.76 9.28 26.65
CA VAL J 20 43.51 9.37 25.21
C VAL J 20 44.79 8.96 24.47
N ARG J 21 44.68 7.91 23.65
CA ARG J 21 45.80 7.48 22.83
C ARG J 21 45.81 8.22 21.51
N LYS J 22 46.98 8.28 20.88
CA LYS J 22 47.16 9.03 19.65
C LYS J 22 47.85 8.15 18.61
N SER J 23 47.74 8.55 17.35
CA SER J 23 48.51 7.92 16.29
C SER J 23 49.99 8.15 16.55
N SER J 24 50.70 7.08 16.89
CA SER J 24 52.06 7.23 17.40
C SER J 24 52.92 6.05 16.97
N THR J 25 54.23 6.26 17.00
CA THR J 25 55.21 5.22 16.79
C THR J 25 55.26 4.30 18.02
N PRO J 26 55.69 3.04 17.85
CA PRO J 26 55.81 2.16 19.02
C PRO J 26 56.73 2.70 20.10
N GLU J 27 57.68 3.55 19.76
CA GLU J 27 58.51 4.20 20.77
C GLU J 27 57.65 5.04 21.71
N GLU J 28 56.72 5.82 21.16
CA GLU J 28 55.81 6.59 22.00
C GLU J 28 54.81 5.69 22.71
N VAL J 29 54.41 4.59 22.07
CA VAL J 29 53.51 3.64 22.72
C VAL J 29 54.19 3.02 23.93
N LYS J 30 55.47 2.63 23.78
CA LYS J 30 56.21 2.14 24.92
C LYS J 30 56.42 3.21 25.97
N LYS J 31 56.52 4.47 25.55
CA LYS J 31 56.65 5.58 26.50
C LYS J 31 55.39 5.80 27.32
N ARG J 32 54.25 5.24 26.91
CA ARG J 32 53.05 5.33 27.72
C ARG J 32 53.25 4.59 29.03
N LYS J 33 52.76 5.18 30.12
CA LYS J 33 52.79 4.51 31.41
C LYS J 33 51.77 3.39 31.44
N LYS J 34 51.99 2.39 32.30
CA LYS J 34 50.97 1.38 32.54
C LYS J 34 50.24 1.65 33.85
N ALA J 35 50.99 2.04 34.89
CA ALA J 35 50.42 2.41 36.17
C ALA J 35 51.38 3.35 36.87
N VAL J 36 50.84 4.19 37.76
CA VAL J 36 51.64 5.18 38.46
C VAL J 36 50.95 5.60 39.75
N LEU J 37 51.72 5.67 40.83
CA LEU J 37 51.20 6.17 42.09
C LEU J 37 51.29 7.70 42.14
N PHE J 38 50.33 8.31 42.82
CA PHE J 38 50.31 9.75 43.02
C PHE J 38 50.41 10.05 44.51
N CYS J 39 51.35 10.91 44.86
CA CYS J 39 51.64 11.23 46.26
C CYS J 39 51.48 12.72 46.49
N LEU J 40 51.34 13.08 47.75
CA LEU J 40 51.26 14.50 48.12
C LEU J 40 52.62 15.16 48.02
N SER J 41 52.60 16.47 47.80
CA SER J 41 53.81 17.24 47.98
C SER J 41 54.13 17.35 49.47
N GLU J 42 55.38 17.69 49.78
CA GLU J 42 55.78 17.76 51.18
C GLU J 42 55.06 18.87 51.91
N ASP J 43 54.76 19.99 51.24
CA ASP J 43 53.89 21.00 51.82
C ASP J 43 52.43 20.57 51.85
N LYS J 44 52.10 19.46 51.18
CA LYS J 44 50.75 18.89 51.14
C LYS J 44 49.72 19.86 50.56
N LYS J 45 50.18 20.83 49.77
CA LYS J 45 49.24 21.71 49.07
C LYS J 45 48.80 21.12 47.75
N ASN J 46 49.61 20.26 47.15
CA ASN J 46 49.34 19.68 45.85
C ASN J 46 49.65 18.19 45.86
N ILE J 47 49.13 17.50 44.86
CA ILE J 47 49.41 16.08 44.64
C ILE J 47 50.35 15.95 43.45
N ILE J 48 51.45 15.24 43.65
CA ILE J 48 52.50 15.12 42.63
C ILE J 48 52.70 13.66 42.29
N LEU J 49 53.43 13.43 41.20
CA LEU J 49 53.75 12.07 40.79
C LEU J 49 54.70 11.43 41.80
N GLU J 50 54.46 10.17 42.12
CA GLU J 50 55.34 9.43 43.02
C GLU J 50 56.50 8.87 42.21
N GLU J 51 57.70 9.39 42.46
CA GLU J 51 58.87 9.05 41.65
C GLU J 51 59.28 7.60 41.91
N GLY J 52 59.65 6.90 40.82
CA GLY J 52 60.04 5.52 40.91
C GLY J 52 58.90 4.53 41.06
N LYS J 53 57.76 4.96 41.59
CA LYS J 53 56.61 4.06 41.76
C LYS J 53 55.69 4.10 40.55
N GLU J 54 56.19 3.63 39.41
CA GLU J 54 55.44 3.68 38.17
C GLU J 54 55.86 2.53 37.27
N ILE J 55 54.96 2.15 36.37
CA ILE J 55 55.23 1.11 35.38
C ILE J 55 54.76 1.62 34.03
N LEU J 56 55.56 1.36 33.00
CA LEU J 56 55.27 1.81 31.65
C LEU J 56 54.63 0.70 30.82
N VAL J 57 54.03 1.10 29.71
CA VAL J 57 53.53 0.12 28.75
C VAL J 57 54.69 -0.69 28.16
N GLY J 58 55.84 -0.05 27.95
CA GLY J 58 57.01 -0.74 27.48
C GLY J 58 57.67 -1.64 28.52
N ASP J 59 57.11 -1.70 29.72
CA ASP J 59 57.58 -2.62 30.76
C ASP J 59 56.82 -3.93 30.78
N VAL J 60 55.56 -3.94 30.33
CA VAL J 60 54.77 -5.16 30.34
C VAL J 60 55.32 -6.12 29.31
N GLY J 61 55.73 -7.31 29.76
CA GLY J 61 56.31 -8.29 28.88
C GLY J 61 57.73 -7.97 28.44
N GLN J 62 58.30 -6.87 28.92
CA GLN J 62 59.66 -6.48 28.59
C GLN J 62 60.53 -6.22 29.80
N THR J 63 60.00 -5.62 30.87
CA THR J 63 60.74 -5.43 32.10
C THR J 63 59.92 -5.99 33.26
N VAL J 64 58.59 -5.92 33.14
CA VAL J 64 57.67 -6.45 34.14
C VAL J 64 56.80 -7.49 33.47
N ASP J 65 56.83 -8.72 34.02
CA ASP J 65 56.04 -9.80 33.43
C ASP J 65 54.55 -9.57 33.62
N ASP J 66 54.13 -9.13 34.82
CA ASP J 66 52.73 -8.88 35.11
C ASP J 66 52.66 -7.62 35.96
N PRO J 67 51.91 -6.60 35.53
CA PRO J 67 51.84 -5.35 36.30
C PRO J 67 51.13 -5.53 37.64
N TYR J 68 49.94 -6.12 37.61
CA TYR J 68 49.11 -6.18 38.81
C TYR J 68 49.80 -6.95 39.93
N ALA J 69 50.54 -8.01 39.58
CA ALA J 69 51.22 -8.80 40.59
C ALA J 69 52.23 -7.96 41.38
N THR J 70 52.99 -7.12 40.70
CA THR J 70 53.99 -6.30 41.38
C THR J 70 53.45 -4.93 41.77
N PHE J 71 52.43 -4.43 41.07
CA PHE J 71 51.91 -3.09 41.36
C PHE J 71 51.25 -3.04 42.73
N VAL J 72 50.54 -4.10 43.10
CA VAL J 72 49.91 -4.16 44.41
C VAL J 72 50.94 -4.16 45.54
N LYS J 73 52.01 -4.93 45.40
CA LYS J 73 53.08 -4.94 46.38
C LYS J 73 53.91 -3.67 46.35
N MET J 74 53.78 -2.88 45.28
CA MET J 74 54.64 -1.71 45.08
C MET J 74 54.09 -0.50 45.82
N LEU J 75 52.92 -0.64 46.43
CA LEU J 75 52.36 0.42 47.25
C LEU J 75 53.10 0.52 48.57
N PRO J 76 53.11 1.69 49.23
CA PRO J 76 53.65 1.78 50.58
C PRO J 76 52.78 1.06 51.59
N ASP J 77 53.31 -0.01 52.20
CA ASP J 77 52.51 -0.88 53.05
C ASP J 77 52.08 -0.22 54.35
N LYS J 78 52.65 0.94 54.71
CA LYS J 78 52.29 1.63 55.95
C LYS J 78 51.89 3.07 55.70
N ASP J 79 51.45 3.40 54.49
CA ASP J 79 51.06 4.77 54.18
C ASP J 79 49.98 4.75 53.10
N CYS J 80 49.17 5.81 53.10
CA CYS J 80 48.14 5.97 52.08
C CYS J 80 48.75 6.52 50.79
N ARG J 81 48.16 6.12 49.66
CA ARG J 81 48.69 6.53 48.37
C ARG J 81 47.61 6.42 47.31
N TYR J 82 47.65 7.36 46.36
CA TYR J 82 46.81 7.32 45.18
C TYR J 82 47.46 6.48 44.09
N ALA J 83 46.69 6.15 43.07
CA ALA J 83 47.20 5.32 41.98
C ALA J 83 46.30 5.42 40.77
N LEU J 84 46.93 5.39 39.60
CA LEU J 84 46.25 5.24 38.32
C LEU J 84 46.70 3.94 37.68
N TYR J 85 45.75 3.12 37.26
CA TYR J 85 46.05 1.82 36.68
C TYR J 85 45.19 1.64 35.43
N ASP J 86 45.84 1.60 34.27
CA ASP J 86 45.15 1.38 33.00
C ASP J 86 44.96 -0.12 32.82
N ALA J 87 43.86 -0.62 33.38
CA ALA J 87 43.59 -2.06 33.35
C ALA J 87 43.27 -2.51 31.94
N THR J 88 43.92 -3.59 31.51
CA THR J 88 43.63 -4.24 30.24
C THR J 88 43.05 -5.61 30.53
N TYR J 89 41.84 -5.86 30.04
CA TYR J 89 41.12 -7.07 30.40
C TYR J 89 40.10 -7.37 29.31
N GLU J 90 39.43 -8.51 29.45
CA GLU J 90 38.44 -8.96 28.47
C GLU J 90 37.18 -9.39 29.20
N THR J 91 36.06 -9.28 28.49
CA THR J 91 34.76 -9.67 29.02
C THR J 91 34.13 -10.70 28.08
N LYS J 92 32.86 -11.00 28.33
CA LYS J 92 32.18 -12.03 27.55
C LYS J 92 32.10 -11.67 26.08
N GLU J 93 32.00 -10.38 25.75
CA GLU J 93 31.80 -10.00 24.35
C GLU J 93 32.63 -8.79 23.94
N SER J 94 33.65 -8.40 24.71
CA SER J 94 34.42 -7.21 24.37
C SER J 94 35.80 -7.19 25.01
N LYS J 95 36.82 -6.88 24.22
CA LYS J 95 38.13 -6.56 24.77
C LYS J 95 38.08 -5.17 25.39
N LYS J 96 38.74 -5.02 26.53
CA LYS J 96 38.60 -3.80 27.32
C LYS J 96 39.96 -3.26 27.73
N GLU J 97 40.09 -1.93 27.74
CA GLU J 97 41.26 -1.23 28.25
C GLU J 97 40.76 0.02 28.96
N ASP J 98 40.73 -0.02 30.29
CA ASP J 98 40.10 1.04 31.08
C ASP J 98 41.04 1.51 32.17
N LEU J 99 40.91 2.79 32.52
CA LEU J 99 41.67 3.35 33.63
C LEU J 99 40.92 3.13 34.94
N VAL J 100 41.64 2.65 35.95
CA VAL J 100 41.06 2.33 37.26
C VAL J 100 41.80 3.13 38.32
N PHE J 101 41.04 3.86 39.15
CA PHE J 101 41.64 4.61 40.24
C PHE J 101 41.68 3.76 41.50
N ILE J 102 42.85 3.70 42.13
CA ILE J 102 43.07 2.88 43.31
C ILE J 102 43.30 3.80 44.50
N PHE J 103 42.58 3.54 45.58
CA PHE J 103 42.79 4.24 46.85
C PHE J 103 43.31 3.22 47.86
N TRP J 104 44.54 3.41 48.31
CA TRP J 104 45.17 2.52 49.28
C TRP J 104 45.26 3.23 50.62
N ALA J 105 44.72 2.61 51.66
CA ALA J 105 44.67 3.20 52.99
C ALA J 105 44.87 2.12 54.03
N PRO J 106 46.12 1.69 54.24
CA PRO J 106 46.39 0.60 55.18
C PRO J 106 46.02 0.97 56.60
N GLU J 107 45.68 -0.05 57.40
CA GLU J 107 45.30 0.18 58.78
C GLU J 107 46.43 0.81 59.58
N SER J 108 47.68 0.55 59.18
CA SER J 108 48.83 1.10 59.89
C SER J 108 49.24 2.48 59.38
N ALA J 109 48.53 3.02 58.39
CA ALA J 109 48.88 4.33 57.86
C ALA J 109 48.65 5.41 58.91
N PRO J 110 49.47 6.46 58.92
CA PRO J 110 49.26 7.55 59.88
C PRO J 110 47.94 8.28 59.63
N LEU J 111 47.30 8.70 60.71
CA LEU J 111 46.00 9.34 60.60
C LEU J 111 46.08 10.65 59.84
N LYS J 112 47.20 11.36 59.92
CA LYS J 112 47.38 12.58 59.14
C LYS J 112 47.30 12.29 57.65
N SER J 113 47.97 11.23 57.20
CA SER J 113 47.92 10.88 55.79
C SER J 113 46.60 10.24 55.42
N LYS J 114 45.98 9.50 56.35
CA LYS J 114 44.75 8.79 56.05
C LYS J 114 43.64 9.74 55.63
N MET J 115 43.41 10.79 56.42
CA MET J 115 42.29 11.67 56.11
C MET J 115 42.61 12.61 54.95
N ILE J 116 43.86 13.08 54.87
CA ILE J 116 44.24 14.00 53.81
C ILE J 116 44.05 13.36 52.44
N TYR J 117 44.47 12.09 52.30
CA TYR J 117 44.16 11.36 51.08
C TYR J 117 42.66 11.18 50.91
N ALA J 118 41.94 10.91 52.00
CA ALA J 118 40.48 10.83 51.91
C ALA J 118 39.88 12.18 51.60
N SER J 119 40.41 13.25 52.21
CA SER J 119 39.84 14.58 52.01
C SER J 119 40.00 15.05 50.56
N SER J 120 41.15 14.79 49.96
CA SER J 120 41.41 15.22 48.59
C SER J 120 40.88 14.25 47.54
N LYS J 121 40.25 13.15 47.96
CA LYS J 121 39.78 12.15 47.01
C LYS J 121 38.77 12.76 46.03
N ASP J 122 37.84 13.56 46.54
CA ASP J 122 36.88 14.23 45.66
C ASP J 122 37.59 15.23 44.75
N ALA J 123 38.57 15.96 45.30
CA ALA J 123 39.20 17.05 44.56
C ALA J 123 39.89 16.55 43.29
N ILE J 124 40.65 15.46 43.39
CA ILE J 124 41.38 14.97 42.22
C ILE J 124 40.41 14.35 41.21
N LYS J 125 39.42 13.60 41.70
CA LYS J 125 38.59 12.80 40.80
C LYS J 125 37.75 13.66 39.87
N LYS J 126 37.44 14.89 40.29
CA LYS J 126 36.79 15.82 39.36
C LYS J 126 37.72 16.16 38.20
N LYS J 127 39.01 16.36 38.49
CA LYS J 127 40.00 16.51 37.42
C LYS J 127 40.17 15.20 36.66
N LEU J 128 40.12 14.06 37.37
CA LEU J 128 40.24 12.75 36.76
C LEU J 128 38.94 12.37 36.06
N THR J 129 38.69 12.97 34.89
CA THR J 129 37.48 12.68 34.15
C THR J 129 37.63 11.39 33.34
N GLY J 130 36.55 10.60 33.31
CA GLY J 130 36.51 9.41 32.49
C GLY J 130 37.10 8.16 33.10
N ILE J 131 37.55 8.21 34.35
CA ILE J 131 38.10 7.03 34.99
C ILE J 131 36.94 6.27 35.67
N LYS J 132 36.31 5.38 34.90
CA LYS J 132 35.02 4.81 35.28
C LYS J 132 35.09 3.78 36.39
N HIS J 133 36.28 3.31 36.76
CA HIS J 133 36.42 2.28 37.78
C HIS J 133 37.10 2.84 39.01
N GLU J 134 36.66 2.38 40.18
CA GLU J 134 37.17 2.83 41.46
C GLU J 134 37.24 1.65 42.42
N LEU J 135 38.40 1.49 43.06
CA LEU J 135 38.60 0.47 44.09
C LEU J 135 39.26 1.11 45.30
N GLN J 136 38.67 0.89 46.47
CA GLN J 136 39.20 1.38 47.73
C GLN J 136 39.67 0.19 48.56
N ALA J 137 40.94 0.23 48.98
CA ALA J 137 41.52 -0.85 49.76
C ALA J 137 42.04 -0.30 51.08
N ASN J 138 41.62 -0.91 52.18
CA ASN J 138 42.11 -0.55 53.51
C ASN J 138 43.01 -1.61 54.12
N CYS J 139 43.15 -2.76 53.47
CA CYS J 139 44.04 -3.82 53.94
C CYS J 139 44.45 -4.66 52.74
N TYR J 140 45.50 -5.46 52.94
CA TYR J 140 45.99 -6.30 51.85
C TYR J 140 44.95 -7.29 51.37
N GLU J 141 44.05 -7.72 52.26
CA GLU J 141 43.04 -8.70 51.87
C GLU J 141 42.11 -8.16 50.79
N GLU J 142 41.94 -6.84 50.71
CA GLU J 142 40.99 -6.23 49.80
C GLU J 142 41.54 -6.00 48.40
N VAL J 143 42.85 -6.16 48.19
CA VAL J 143 43.45 -5.78 46.91
C VAL J 143 44.37 -6.88 46.40
N LYS J 144 44.69 -7.86 47.25
CA LYS J 144 45.73 -8.83 46.92
C LYS J 144 45.37 -9.68 45.70
N ASP J 145 44.12 -10.12 45.62
CA ASP J 145 43.73 -11.09 44.61
C ASP J 145 43.43 -10.44 43.27
N ARG J 146 43.73 -11.15 42.18
CA ARG J 146 43.32 -10.71 40.86
C ARG J 146 41.81 -10.76 40.71
N CYS J 147 41.14 -11.59 41.53
CA CYS J 147 39.69 -11.65 41.51
C CYS J 147 39.07 -10.32 41.95
N THR J 148 39.72 -9.63 42.89
CA THR J 148 39.20 -8.36 43.37
C THR J 148 39.12 -7.34 42.23
N LEU J 149 40.16 -7.26 41.41
CA LEU J 149 40.12 -6.37 40.25
C LEU J 149 39.15 -6.89 39.20
N ALA J 150 39.14 -8.20 38.96
CA ALA J 150 38.27 -8.78 37.94
C ALA J 150 36.80 -8.58 38.30
N GLU J 151 36.46 -8.84 39.57
CA GLU J 151 35.07 -8.62 40.00
C GLU J 151 34.71 -7.14 39.97
N LYS J 152 35.66 -6.28 40.32
CA LYS J 152 35.40 -4.84 40.27
C LYS J 152 35.15 -4.39 38.83
N LEU J 153 35.95 -4.89 37.89
CA LEU J 153 35.85 -4.42 36.51
C LEU J 153 34.54 -4.84 35.84
N GLY J 154 34.18 -6.12 35.93
CA GLY J 154 32.98 -6.59 35.28
C GLY J 154 32.23 -7.67 36.02
N GLY J 155 32.62 -7.93 37.27
CA GLY J 155 31.99 -8.99 38.03
C GLY J 155 32.28 -10.34 37.42
N SER J 156 31.22 -11.08 37.08
CA SER J 156 31.36 -12.39 36.46
C SER J 156 31.60 -12.31 34.96
N ALA J 157 31.50 -11.11 34.37
CA ALA J 157 31.65 -10.99 32.92
C ALA J 157 33.09 -11.09 32.48
N VAL J 158 34.05 -10.74 33.34
CA VAL J 158 35.45 -10.73 32.95
C VAL J 158 35.94 -12.15 32.74
N ILE J 159 36.58 -12.40 31.60
CA ILE J 159 37.17 -13.70 31.31
C ILE J 159 38.69 -13.68 31.29
N SER J 160 39.33 -12.52 31.13
CA SER J 160 40.79 -12.43 31.13
C SER J 160 41.19 -11.07 31.66
N LEU J 161 42.35 -11.04 32.33
CA LEU J 161 42.89 -9.80 32.88
C LEU J 161 44.37 -9.72 32.54
N GLU J 162 44.80 -8.58 32.01
CA GLU J 162 46.19 -8.35 31.62
C GLU J 162 46.68 -9.42 30.66
N GLY J 163 45.78 -9.82 29.75
CA GLY J 163 46.12 -10.80 28.74
C GLY J 163 46.23 -12.22 29.24
N LYS J 164 45.84 -12.50 30.48
CA LYS J 164 45.93 -13.82 31.06
C LYS J 164 44.65 -14.14 31.81
N PRO J 165 44.30 -15.43 31.94
CA PRO J 165 43.16 -15.79 32.78
C PRO J 165 43.43 -15.47 34.24
N LEU J 166 42.35 -15.24 34.98
CA LEU J 166 42.42 -14.84 36.38
C LEU J 166 43.24 -15.82 37.22
N LYS K 10 -30.51 -18.02 49.34
CA LYS K 10 -31.74 -17.27 49.13
C LYS K 10 -31.45 -15.90 48.50
N VAL K 11 -30.25 -15.37 48.76
CA VAL K 11 -29.88 -14.10 48.18
C VAL K 11 -29.65 -14.24 46.68
N VAL K 12 -29.02 -15.34 46.26
CA VAL K 12 -28.70 -15.59 44.86
C VAL K 12 -29.57 -16.73 44.37
N ARG K 13 -30.17 -16.55 43.19
CA ARG K 13 -31.00 -17.59 42.60
C ARG K 13 -30.19 -18.86 42.37
N GLN K 14 -30.77 -19.99 42.75
CA GLN K 14 -30.08 -21.27 42.61
C GLN K 14 -29.94 -21.64 41.14
N SER K 15 -28.72 -21.82 40.68
CA SER K 15 -28.46 -22.22 39.30
C SER K 15 -27.09 -22.87 39.22
N LYS K 16 -26.89 -23.65 38.16
CA LYS K 16 -25.62 -24.30 37.91
C LYS K 16 -24.83 -23.66 36.77
N PHE K 17 -25.37 -22.63 36.12
CA PHE K 17 -24.75 -22.06 34.93
C PHE K 17 -24.62 -20.54 35.02
N ARG K 18 -24.59 -19.99 36.23
CA ARG K 18 -24.47 -18.54 36.37
C ARG K 18 -23.07 -18.04 36.05
N HIS K 19 -22.05 -18.90 36.17
CA HIS K 19 -20.66 -18.51 35.94
C HIS K 19 -20.08 -19.21 34.72
N VAL K 20 -20.94 -19.79 33.88
CA VAL K 20 -20.47 -20.51 32.71
C VAL K 20 -19.95 -19.52 31.68
N PHE K 21 -18.66 -19.64 31.34
CA PHE K 21 -17.97 -18.67 30.51
C PHE K 21 -17.51 -19.33 29.22
N GLY K 22 -17.42 -18.51 28.17
CA GLY K 22 -16.99 -18.97 26.86
C GLY K 22 -15.55 -18.58 26.57
N GLN K 23 -14.86 -19.42 25.81
CA GLN K 23 -13.49 -19.16 25.43
C GLN K 23 -13.25 -19.57 23.98
N PRO K 24 -12.60 -18.71 23.19
CA PRO K 24 -12.34 -19.07 21.78
C PRO K 24 -11.20 -20.07 21.67
N VAL K 25 -11.32 -20.97 20.72
CA VAL K 25 -10.30 -21.99 20.46
C VAL K 25 -9.09 -21.33 19.82
N LYS K 26 -7.99 -22.08 19.73
CA LYS K 26 -6.77 -21.54 19.16
C LYS K 26 -6.96 -21.23 17.67
N ASN K 27 -6.09 -20.35 17.17
CA ASN K 27 -6.12 -20.01 15.74
C ASN K 27 -5.85 -21.24 14.88
N ASP K 28 -5.04 -22.18 15.39
CA ASP K 28 -4.80 -23.43 14.69
C ASP K 28 -6.02 -24.34 14.67
N GLN K 29 -6.95 -24.18 15.61
CA GLN K 29 -8.16 -24.98 15.68
C GLN K 29 -9.29 -24.41 14.84
N CYS K 30 -9.15 -23.19 14.34
CA CYS K 30 -10.18 -22.55 13.53
C CYS K 30 -10.05 -23.00 12.08
N TYR K 31 -10.97 -22.52 11.25
CA TYR K 31 -11.01 -22.84 9.82
C TYR K 31 -10.99 -21.53 9.05
N GLU K 32 -9.88 -21.25 8.37
CA GLU K 32 -9.70 -19.99 7.68
C GLU K 32 -9.73 -20.17 6.17
N ASP K 33 -9.83 -19.05 5.46
CA ASP K 33 -10.03 -19.00 4.02
C ASP K 33 -11.23 -19.88 3.67
N ILE K 34 -12.40 -19.42 4.09
CA ILE K 34 -13.68 -20.03 3.72
C ILE K 34 -14.56 -18.92 3.18
N ARG K 35 -14.91 -19.02 1.90
CA ARG K 35 -15.70 -17.97 1.25
C ARG K 35 -17.15 -18.17 1.65
N VAL K 36 -17.53 -17.50 2.75
CA VAL K 36 -18.86 -17.66 3.29
C VAL K 36 -19.88 -17.05 2.34
N SER K 37 -21.09 -17.61 2.34
CA SER K 37 -22.14 -17.15 1.45
C SER K 37 -22.56 -15.73 1.79
N ARG K 38 -23.01 -15.00 0.76
CA ARG K 38 -23.42 -13.61 0.88
C ARG K 38 -24.92 -13.47 0.62
N VAL K 39 -25.70 -14.43 1.10
CA VAL K 39 -27.15 -14.44 0.92
C VAL K 39 -27.78 -13.71 2.10
N THR K 40 -28.69 -12.79 1.80
CA THR K 40 -29.34 -12.00 2.84
C THR K 40 -30.36 -12.80 3.66
N TRP K 41 -30.66 -14.03 3.26
CA TRP K 41 -31.60 -14.85 4.02
C TRP K 41 -31.10 -15.06 5.45
N ASP K 42 -32.03 -15.01 6.40
CA ASP K 42 -31.69 -15.16 7.82
C ASP K 42 -31.77 -16.64 8.17
N SER K 43 -30.60 -17.28 8.19
CA SER K 43 -30.47 -18.68 8.58
C SER K 43 -29.15 -18.86 9.32
N THR K 44 -28.98 -20.05 9.91
CA THR K 44 -27.79 -20.34 10.69
C THR K 44 -26.51 -20.33 9.86
N PHE K 45 -26.61 -20.62 8.56
CA PHE K 45 -25.48 -20.61 7.65
C PHE K 45 -24.44 -21.66 8.00
N CYS K 46 -24.72 -22.47 9.01
CA CYS K 46 -23.75 -23.44 9.50
C CYS K 46 -24.47 -24.59 10.18
N ALA K 47 -24.12 -25.81 9.79
CA ALA K 47 -24.63 -27.03 10.43
C ALA K 47 -23.45 -27.93 10.72
N VAL K 48 -23.37 -28.43 11.96
CA VAL K 48 -22.24 -29.23 12.41
C VAL K 48 -22.75 -30.46 13.14
N ASN K 49 -22.10 -31.59 12.91
CA ASN K 49 -22.36 -32.85 13.58
C ASN K 49 -21.05 -33.38 14.13
N PRO K 50 -21.10 -34.35 15.07
CA PRO K 50 -19.86 -34.84 15.68
C PRO K 50 -18.85 -35.44 14.71
N LYS K 51 -19.19 -35.47 13.42
CA LYS K 51 -18.29 -36.00 12.40
C LYS K 51 -17.73 -34.93 11.47
N PHE K 52 -18.57 -34.07 10.92
CA PHE K 52 -18.14 -33.08 9.93
C PHE K 52 -18.65 -31.69 10.31
N LEU K 53 -18.29 -30.73 9.47
CA LEU K 53 -18.75 -29.35 9.60
C LEU K 53 -19.22 -28.87 8.24
N ALA K 54 -20.45 -28.35 8.18
CA ALA K 54 -21.04 -27.87 6.94
C ALA K 54 -21.26 -26.37 7.02
N VAL K 55 -20.73 -25.65 6.04
CA VAL K 55 -20.85 -24.19 5.96
C VAL K 55 -21.30 -23.82 4.56
N ILE K 56 -22.34 -22.99 4.47
CA ILE K 56 -22.80 -22.51 3.17
C ILE K 56 -21.78 -21.52 2.61
N VAL K 57 -21.39 -21.73 1.36
CA VAL K 57 -20.34 -20.93 0.74
C VAL K 57 -20.89 -20.25 -0.51
N GLU K 58 -20.16 -19.22 -0.95
CA GLU K 58 -20.49 -18.48 -2.15
C GLU K 58 -19.93 -19.18 -3.38
N ALA K 59 -20.75 -19.29 -4.42
CA ALA K 59 -20.35 -19.91 -5.67
C ALA K 59 -20.64 -18.97 -6.84
N SER K 60 -19.77 -19.01 -7.84
CA SER K 60 -19.96 -18.17 -9.01
C SER K 60 -21.25 -18.53 -9.75
N GLY K 61 -21.52 -19.81 -9.89
CA GLY K 61 -22.76 -20.27 -10.52
C GLY K 61 -23.41 -21.34 -9.69
N GLY K 62 -24.73 -21.31 -9.63
CA GLY K 62 -25.45 -22.26 -8.80
C GLY K 62 -25.22 -21.98 -7.32
N GLY K 63 -25.22 -23.04 -6.53
CA GLY K 63 -25.00 -22.93 -5.10
C GLY K 63 -24.29 -24.15 -4.58
N ALA K 64 -23.56 -23.95 -3.48
CA ALA K 64 -22.82 -25.04 -2.85
C ALA K 64 -22.58 -24.69 -1.39
N PHE K 65 -22.28 -25.73 -0.60
CA PHE K 65 -21.89 -25.57 0.78
C PHE K 65 -20.67 -26.43 1.05
N LEU K 66 -19.79 -25.93 1.91
CA LEU K 66 -18.51 -26.59 2.18
C LEU K 66 -18.68 -27.57 3.33
N VAL K 67 -18.32 -28.83 3.09
CA VAL K 67 -18.33 -29.87 4.11
C VAL K 67 -16.91 -30.38 4.27
N LEU K 68 -16.38 -30.27 5.49
CA LEU K 68 -15.02 -30.67 5.79
C LEU K 68 -14.99 -31.40 7.13
N PRO K 69 -14.04 -32.31 7.32
CA PRO K 69 -13.94 -33.01 8.60
C PRO K 69 -13.57 -32.05 9.72
N LEU K 70 -14.01 -32.40 10.94
CA LEU K 70 -13.69 -31.58 12.10
C LEU K 70 -12.19 -31.52 12.35
N SER K 71 -11.49 -32.63 12.14
CA SER K 71 -10.04 -32.64 12.30
C SER K 71 -9.34 -31.79 11.26
N LYS K 72 -9.95 -31.56 10.10
CA LYS K 72 -9.37 -30.75 9.04
C LYS K 72 -9.49 -29.28 9.45
N THR K 73 -8.57 -28.86 10.31
CA THR K 73 -8.53 -27.50 10.82
C THR K 73 -7.50 -26.68 10.03
N GLY K 74 -7.28 -25.45 10.46
CA GLY K 74 -6.32 -24.59 9.79
C GLY K 74 -6.85 -24.05 8.48
N ARG K 75 -5.92 -23.53 7.68
CA ARG K 75 -6.27 -22.99 6.38
C ARG K 75 -6.77 -24.08 5.45
N ILE K 76 -7.92 -23.85 4.83
CA ILE K 76 -8.49 -24.75 3.84
C ILE K 76 -8.22 -24.17 2.46
N ASP K 77 -7.68 -24.99 1.56
CA ASP K 77 -7.30 -24.49 0.24
C ASP K 77 -8.53 -24.04 -0.53
N LYS K 78 -8.31 -23.09 -1.45
CA LYS K 78 -9.43 -22.50 -2.19
C LYS K 78 -10.05 -23.49 -3.16
N ALA K 79 -9.29 -24.51 -3.58
CA ALA K 79 -9.77 -25.50 -4.54
C ALA K 79 -10.35 -26.73 -3.86
N TYR K 80 -10.78 -26.60 -2.60
CA TYR K 80 -11.39 -27.73 -1.92
C TYR K 80 -12.72 -28.08 -2.59
N PRO K 81 -12.96 -29.35 -2.91
CA PRO K 81 -14.24 -29.72 -3.53
C PRO K 81 -15.39 -29.43 -2.58
N THR K 82 -16.49 -28.96 -3.14
CA THR K 82 -17.69 -28.62 -2.38
C THR K 82 -18.88 -29.41 -2.90
N VAL K 83 -19.97 -29.33 -2.17
CA VAL K 83 -21.22 -30.02 -2.53
C VAL K 83 -21.97 -29.05 -3.44
N CYS K 84 -21.65 -29.09 -4.73
CA CYS K 84 -22.21 -28.18 -5.72
C CYS K 84 -23.15 -28.97 -6.62
N GLY K 85 -24.40 -29.08 -6.21
CA GLY K 85 -25.42 -29.73 -7.02
C GLY K 85 -26.60 -28.84 -7.31
N HIS K 86 -26.84 -27.85 -6.45
CA HIS K 86 -27.95 -26.94 -6.63
C HIS K 86 -27.65 -25.94 -7.74
N THR K 87 -28.68 -25.62 -8.53
CA THR K 87 -28.57 -24.59 -9.56
C THR K 87 -28.76 -23.19 -9.00
N GLY K 88 -29.11 -23.07 -7.72
CA GLY K 88 -29.20 -21.78 -7.07
C GLY K 88 -28.47 -21.80 -5.74
N PRO K 89 -28.17 -20.61 -5.20
CA PRO K 89 -27.45 -20.55 -3.92
C PRO K 89 -28.22 -21.24 -2.81
N VAL K 90 -27.48 -21.94 -1.95
CA VAL K 90 -28.07 -22.71 -0.87
C VAL K 90 -28.53 -21.77 0.23
N LEU K 91 -29.71 -22.02 0.78
CA LEU K 91 -30.29 -21.19 1.82
C LEU K 91 -30.17 -21.80 3.22
N ASP K 92 -30.36 -23.11 3.34
CA ASP K 92 -30.32 -23.75 4.66
C ASP K 92 -29.70 -25.14 4.53
N ILE K 93 -29.12 -25.61 5.62
CA ILE K 93 -28.51 -26.93 5.70
C ILE K 93 -28.83 -27.53 7.06
N ASP K 94 -29.00 -28.85 7.08
CA ASP K 94 -29.34 -29.54 8.32
C ASP K 94 -28.83 -30.97 8.25
N TRP K 95 -28.05 -31.37 9.25
CA TRP K 95 -27.58 -32.75 9.33
C TRP K 95 -28.70 -33.67 9.81
N CYS K 96 -28.66 -34.92 9.36
CA CYS K 96 -29.61 -35.92 9.84
C CYS K 96 -29.25 -36.32 11.27
N PRO K 97 -30.15 -36.16 12.23
CA PRO K 97 -29.82 -36.58 13.61
C PRO K 97 -29.54 -38.05 13.73
N HIS K 98 -30.18 -38.89 12.92
CA HIS K 98 -29.98 -40.33 12.96
C HIS K 98 -28.91 -40.81 11.99
N ASN K 99 -28.24 -39.90 11.28
CA ASN K 99 -27.20 -40.28 10.33
C ASN K 99 -26.23 -39.11 10.20
N ASP K 100 -25.02 -39.27 10.76
CA ASP K 100 -24.01 -38.22 10.71
C ASP K 100 -23.46 -37.98 9.31
N GLU K 101 -23.75 -38.88 8.35
CA GLU K 101 -23.25 -38.74 6.99
C GLU K 101 -24.33 -38.31 6.01
N VAL K 102 -25.49 -37.88 6.50
CA VAL K 102 -26.60 -37.47 5.66
C VAL K 102 -26.96 -36.03 6.02
N ILE K 103 -27.00 -35.17 5.01
CA ILE K 103 -27.34 -33.76 5.19
C ILE K 103 -28.29 -33.34 4.07
N ALA K 104 -29.30 -32.56 4.41
CA ALA K 104 -30.26 -32.03 3.45
C ALA K 104 -30.06 -30.52 3.32
N SER K 105 -30.16 -30.02 2.09
CA SER K 105 -29.92 -28.62 1.79
C SER K 105 -31.06 -28.05 0.97
N GLY K 106 -31.40 -26.80 1.24
CA GLY K 106 -32.43 -26.08 0.50
C GLY K 106 -31.82 -24.86 -0.16
N SER K 107 -32.18 -24.62 -1.42
CA SER K 107 -31.62 -23.53 -2.21
C SER K 107 -32.75 -22.73 -2.85
N GLU K 108 -32.36 -21.79 -3.72
CA GLU K 108 -33.34 -20.97 -4.42
C GLU K 108 -33.89 -21.62 -5.66
N ASP K 109 -33.43 -22.82 -6.02
CA ASP K 109 -33.96 -23.54 -7.17
C ASP K 109 -35.28 -24.23 -6.88
N CYS K 110 -35.89 -23.97 -5.72
CA CYS K 110 -37.15 -24.58 -5.32
C CYS K 110 -37.04 -26.10 -5.19
N THR K 111 -35.84 -26.59 -4.88
CA THR K 111 -35.61 -28.01 -4.71
C THR K 111 -34.93 -28.26 -3.37
N VAL K 112 -35.26 -29.40 -2.76
CA VAL K 112 -34.60 -29.89 -1.56
C VAL K 112 -33.85 -31.16 -1.95
N MET K 113 -32.55 -31.18 -1.68
CA MET K 113 -31.66 -32.20 -2.24
C MET K 113 -30.83 -32.80 -1.11
N VAL K 114 -30.91 -34.12 -0.97
CA VAL K 114 -30.34 -34.85 0.17
C VAL K 114 -29.06 -35.53 -0.28
N TRP K 115 -28.00 -35.38 0.52
CA TRP K 115 -26.67 -35.83 0.15
C TRP K 115 -26.19 -36.95 1.07
N GLN K 116 -25.19 -37.69 0.58
CA GLN K 116 -24.46 -38.67 1.37
C GLN K 116 -22.99 -38.29 1.35
N ILE K 117 -22.39 -38.18 2.53
CA ILE K 117 -21.01 -37.73 2.68
C ILE K 117 -20.14 -38.93 3.00
N PRO K 118 -19.02 -39.13 2.32
CA PRO K 118 -18.14 -40.26 2.65
C PRO K 118 -17.50 -40.08 4.02
N GLU K 119 -17.04 -41.21 4.56
CA GLU K 119 -16.48 -41.22 5.91
C GLU K 119 -15.24 -40.33 6.01
N ASN K 120 -14.36 -40.40 5.03
CA ASN K 120 -13.09 -39.68 5.06
C ASN K 120 -13.21 -38.24 4.61
N GLY K 121 -14.40 -37.80 4.20
CA GLY K 121 -14.58 -36.46 3.68
C GLY K 121 -14.95 -36.47 2.21
N LEU K 122 -14.64 -35.39 1.50
CA LEU K 122 -14.97 -35.28 0.09
C LEU K 122 -13.70 -35.01 -0.71
N THR K 123 -13.46 -35.86 -1.71
CA THR K 123 -12.25 -35.76 -2.53
C THR K 123 -12.49 -35.05 -3.86
N SER K 124 -13.65 -35.24 -4.46
CA SER K 124 -14.03 -34.59 -5.71
C SER K 124 -15.37 -33.91 -5.51
N PRO K 125 -15.64 -32.84 -6.27
CA PRO K 125 -16.89 -32.09 -6.06
C PRO K 125 -18.11 -32.99 -6.21
N LEU K 126 -19.07 -32.79 -5.31
CA LEU K 126 -20.28 -33.61 -5.27
C LEU K 126 -21.41 -32.87 -5.96
N THR K 127 -22.00 -33.51 -6.96
CA THR K 127 -23.10 -32.95 -7.72
C THR K 127 -24.35 -33.82 -7.72
N GLU K 128 -24.22 -35.13 -7.56
CA GLU K 128 -25.34 -36.03 -7.62
C GLU K 128 -25.81 -36.37 -6.21
N PRO K 129 -26.99 -35.95 -5.79
CA PRO K 129 -27.47 -36.26 -4.45
C PRO K 129 -28.16 -37.63 -4.43
N VAL K 130 -28.44 -38.09 -3.21
CA VAL K 130 -29.14 -39.35 -3.05
C VAL K 130 -30.60 -39.21 -3.46
N VAL K 131 -31.27 -38.15 -2.98
CA VAL K 131 -32.68 -37.93 -3.24
C VAL K 131 -32.90 -36.45 -3.56
N VAL K 132 -33.74 -36.18 -4.56
CA VAL K 132 -34.12 -34.82 -4.94
C VAL K 132 -35.60 -34.65 -4.63
N LEU K 133 -35.92 -33.61 -3.86
CA LEU K 133 -37.31 -33.29 -3.51
C LEU K 133 -37.72 -32.04 -4.26
N GLU K 134 -38.79 -32.15 -5.05
CA GLU K 134 -39.32 -31.05 -5.85
C GLU K 134 -40.80 -30.93 -5.55
N GLY K 135 -41.14 -30.10 -4.56
CA GLY K 135 -42.53 -29.90 -4.19
C GLY K 135 -42.86 -28.46 -3.85
N HIS K 136 -41.89 -27.57 -3.98
CA HIS K 136 -42.05 -26.17 -3.64
C HIS K 136 -42.01 -25.33 -4.91
N THR K 137 -42.93 -24.36 -4.99
CA THR K 137 -42.97 -23.44 -6.11
C THR K 137 -42.00 -22.28 -5.97
N LYS K 138 -41.46 -22.05 -4.78
CA LYS K 138 -40.55 -20.95 -4.50
C LYS K 138 -39.31 -21.49 -3.79
N ARG K 139 -38.39 -20.58 -3.47
CA ARG K 139 -37.15 -20.98 -2.81
C ARG K 139 -37.43 -21.56 -1.44
N VAL K 140 -36.66 -22.59 -1.08
CA VAL K 140 -36.79 -23.27 0.20
C VAL K 140 -35.65 -22.83 1.09
N GLY K 141 -35.98 -22.25 2.24
CA GLY K 141 -34.98 -21.77 3.17
C GLY K 141 -35.13 -22.32 4.56
N ILE K 142 -36.13 -23.17 4.78
CA ILE K 142 -36.41 -23.77 6.07
C ILE K 142 -36.38 -25.28 5.92
N ILE K 143 -35.50 -25.93 6.66
CA ILE K 143 -35.36 -27.38 6.64
C ILE K 143 -35.22 -27.88 8.07
N ALA K 144 -36.00 -28.89 8.44
CA ALA K 144 -35.97 -29.43 9.79
C ALA K 144 -36.22 -30.93 9.73
N TRP K 145 -35.28 -31.71 10.24
CA TRP K 145 -35.47 -33.14 10.35
C TRP K 145 -36.43 -33.47 11.49
N HIS K 146 -37.04 -34.65 11.41
CA HIS K 146 -37.90 -35.10 12.49
C HIS K 146 -37.04 -35.60 13.65
N PRO K 147 -37.26 -35.12 14.87
CA PRO K 147 -36.42 -35.54 15.99
C PRO K 147 -36.45 -37.04 16.27
N THR K 148 -37.59 -37.69 16.08
CA THR K 148 -37.75 -39.10 16.42
C THR K 148 -37.93 -39.99 15.20
N ALA K 149 -38.88 -39.67 14.32
CA ALA K 149 -39.16 -40.52 13.18
C ALA K 149 -37.98 -40.53 12.21
N ARG K 150 -37.66 -41.72 11.70
CA ARG K 150 -36.55 -41.87 10.78
C ARG K 150 -36.94 -41.44 9.37
N ASN K 151 -36.01 -40.76 8.70
CA ASN K 151 -36.17 -40.36 7.30
C ASN K 151 -37.41 -39.50 7.08
N VAL K 152 -37.75 -38.68 8.08
CA VAL K 152 -38.86 -37.74 7.98
C VAL K 152 -38.29 -36.34 8.09
N LEU K 153 -38.56 -35.51 7.08
CA LEU K 153 -37.99 -34.17 7.00
C LEU K 153 -39.08 -33.15 6.75
N LEU K 154 -38.92 -31.98 7.35
CA LEU K 154 -39.83 -30.86 7.13
C LEU K 154 -39.14 -29.83 6.24
N SER K 155 -39.87 -29.35 5.24
CA SER K 155 -39.35 -28.33 4.33
C SER K 155 -40.40 -27.25 4.15
N ALA K 156 -39.99 -26.00 4.36
CA ALA K 156 -40.87 -24.85 4.20
C ALA K 156 -40.21 -23.84 3.26
N GLY K 157 -40.93 -23.45 2.22
CA GLY K 157 -40.43 -22.50 1.24
C GLY K 157 -41.10 -21.14 1.36
N CYS K 158 -40.70 -20.25 0.44
CA CYS K 158 -41.29 -18.92 0.40
C CYS K 158 -42.72 -18.92 -0.10
N ASP K 159 -43.22 -20.04 -0.60
CA ASP K 159 -44.60 -20.16 -1.05
C ASP K 159 -45.58 -20.36 0.10
N ASN K 160 -45.12 -20.19 1.34
CA ASN K 160 -45.97 -20.35 2.53
C ASN K 160 -46.60 -21.74 2.58
N VAL K 161 -45.83 -22.75 2.16
CA VAL K 161 -46.29 -24.12 2.11
C VAL K 161 -45.30 -24.98 2.88
N VAL K 162 -45.80 -25.76 3.83
CA VAL K 162 -44.98 -26.64 4.66
C VAL K 162 -45.18 -28.06 4.18
N LEU K 163 -44.08 -28.76 3.91
CA LEU K 163 -44.12 -30.10 3.35
C LEU K 163 -43.36 -31.07 4.24
N ILE K 164 -43.92 -32.26 4.43
CA ILE K 164 -43.28 -33.33 5.17
C ILE K 164 -42.87 -34.40 4.16
N TRP K 165 -41.59 -34.76 4.17
CA TRP K 165 -41.03 -35.65 3.18
C TRP K 165 -40.56 -36.96 3.81
N ASN K 166 -40.46 -37.99 2.98
CA ASN K 166 -39.91 -39.28 3.36
C ASN K 166 -38.61 -39.46 2.58
N VAL K 167 -37.47 -39.31 3.27
CA VAL K 167 -36.18 -39.30 2.58
C VAL K 167 -35.92 -40.64 1.90
N GLY K 168 -36.18 -41.75 2.60
CA GLY K 168 -35.90 -43.05 2.02
C GLY K 168 -36.74 -43.36 0.80
N THR K 169 -38.02 -42.97 0.83
CA THR K 169 -38.95 -43.29 -0.24
C THR K 169 -39.22 -42.13 -1.18
N ALA K 170 -38.64 -40.96 -0.93
CA ALA K 170 -38.83 -39.77 -1.78
C ALA K 170 -40.31 -39.45 -1.95
N GLU K 171 -41.05 -39.49 -0.85
CA GLU K 171 -42.48 -39.27 -0.87
C GLU K 171 -42.86 -38.06 -0.02
N GLU K 172 -43.94 -37.39 -0.43
CA GLU K 172 -44.47 -36.24 0.28
C GLU K 172 -45.57 -36.74 1.20
N LEU K 173 -45.24 -36.89 2.49
CA LEU K 173 -46.18 -37.47 3.44
C LEU K 173 -47.38 -36.56 3.68
N TYR K 174 -47.13 -35.26 3.85
CA TYR K 174 -48.19 -34.30 4.13
C TYR K 174 -47.89 -33.01 3.38
N ARG K 175 -48.96 -32.24 3.14
CA ARG K 175 -48.86 -30.99 2.39
C ARG K 175 -49.81 -29.97 3.02
N LEU K 176 -49.25 -28.98 3.70
CA LEU K 176 -50.02 -27.94 4.37
C LEU K 176 -49.74 -26.61 3.68
N ASP K 177 -50.79 -25.97 3.17
CA ASP K 177 -50.65 -24.73 2.40
C ASP K 177 -51.40 -23.56 3.01
N SER K 178 -52.61 -23.77 3.51
CA SER K 178 -53.53 -22.70 3.89
C SER K 178 -53.43 -22.34 5.37
N LEU K 179 -52.25 -22.47 5.96
CA LEU K 179 -52.08 -22.15 7.38
C LEU K 179 -51.21 -20.92 7.62
N HIS K 180 -50.30 -20.59 6.72
CA HIS K 180 -49.48 -19.40 6.85
C HIS K 180 -49.84 -18.41 5.75
N PRO K 181 -50.51 -17.30 6.08
CA PRO K 181 -50.89 -16.32 5.05
C PRO K 181 -49.75 -15.43 4.60
N ASP K 182 -48.57 -15.54 5.19
CA ASP K 182 -47.45 -14.68 4.83
C ASP K 182 -46.17 -15.49 4.91
N LEU K 183 -45.03 -14.81 4.82
CA LEU K 183 -43.74 -15.47 4.81
C LEU K 183 -43.48 -16.20 6.12
N ILE K 184 -42.98 -17.43 6.01
CA ILE K 184 -42.64 -18.24 7.18
C ILE K 184 -41.18 -18.00 7.53
N TYR K 185 -40.92 -17.67 8.79
CA TYR K 185 -39.57 -17.34 9.22
C TYR K 185 -38.78 -18.59 9.60
N ASN K 186 -39.31 -19.38 10.53
CA ASN K 186 -38.62 -20.60 10.96
C ASN K 186 -39.65 -21.58 11.50
N VAL K 187 -39.26 -22.85 11.55
CA VAL K 187 -40.11 -23.93 12.03
C VAL K 187 -39.29 -24.80 12.98
N SER K 188 -39.86 -25.10 14.15
CA SER K 188 -39.19 -25.92 15.14
C SER K 188 -40.12 -27.02 15.62
N TRP K 189 -39.63 -28.26 15.59
CA TRP K 189 -40.40 -29.38 16.11
C TRP K 189 -40.47 -29.32 17.64
N ASN K 190 -41.49 -29.99 18.19
CA ASN K 190 -41.61 -30.13 19.63
C ASN K 190 -40.69 -31.26 20.10
N HIS K 191 -40.85 -31.67 21.36
CA HIS K 191 -39.93 -32.65 21.94
C HIS K 191 -40.05 -34.00 21.24
N ASN K 192 -41.27 -34.51 21.08
CA ASN K 192 -41.50 -35.83 20.53
C ASN K 192 -41.75 -35.84 19.03
N GLY K 193 -41.70 -34.69 18.38
CA GLY K 193 -41.98 -34.61 16.96
C GLY K 193 -43.45 -34.61 16.59
N SER K 194 -44.35 -34.58 17.59
CA SER K 194 -45.78 -34.61 17.30
C SER K 194 -46.27 -33.27 16.78
N LEU K 195 -45.64 -32.17 17.21
CA LEU K 195 -46.07 -30.83 16.84
C LEU K 195 -44.88 -30.01 16.39
N PHE K 196 -45.16 -28.89 15.73
CA PHE K 196 -44.13 -27.97 15.30
C PHE K 196 -44.68 -26.55 15.35
N CYS K 197 -43.82 -25.61 15.73
CA CYS K 197 -44.19 -24.20 15.83
C CYS K 197 -43.51 -23.42 14.72
N SER K 198 -44.18 -22.37 14.25
CA SER K 198 -43.67 -21.56 13.16
C SER K 198 -43.89 -20.09 13.46
N ALA K 199 -42.96 -19.26 12.98
CA ALA K 199 -43.06 -17.81 13.07
C ALA K 199 -43.29 -17.25 11.68
N CYS K 200 -44.32 -16.40 11.55
CA CYS K 200 -44.73 -15.89 10.25
C CYS K 200 -44.56 -14.38 10.20
N LYS K 201 -44.58 -13.85 8.98
CA LYS K 201 -44.37 -12.42 8.77
C LYS K 201 -45.50 -11.57 9.34
N ASP K 202 -46.67 -12.16 9.58
CA ASP K 202 -47.79 -11.43 10.15
C ASP K 202 -47.73 -11.34 11.67
N LYS K 203 -46.55 -11.55 12.26
CA LYS K 203 -46.34 -11.47 13.70
C LYS K 203 -47.22 -12.48 14.45
N SER K 204 -47.56 -13.58 13.80
CA SER K 204 -48.42 -14.60 14.39
C SER K 204 -47.61 -15.88 14.61
N VAL K 205 -47.67 -16.40 15.83
CA VAL K 205 -47.01 -17.65 16.20
C VAL K 205 -48.07 -18.74 16.22
N ARG K 206 -47.82 -19.83 15.51
CA ARG K 206 -48.80 -20.89 15.32
C ARG K 206 -48.24 -22.23 15.75
N ILE K 207 -49.10 -23.06 16.31
CA ILE K 207 -48.79 -24.44 16.66
C ILE K 207 -49.64 -25.34 15.79
N ILE K 208 -49.00 -26.23 15.03
CA ILE K 208 -49.67 -27.01 14.01
C ILE K 208 -49.33 -28.48 14.20
N ASP K 209 -50.35 -29.34 14.07
CA ASP K 209 -50.14 -30.78 14.03
C ASP K 209 -49.92 -31.19 12.58
N PRO K 210 -48.74 -31.70 12.21
CA PRO K 210 -48.52 -32.05 10.79
C PRO K 210 -49.35 -33.24 10.34
N ARG K 211 -49.51 -34.26 11.18
CA ARG K 211 -50.28 -35.43 10.79
C ARG K 211 -51.78 -35.17 10.73
N ARG K 212 -52.26 -34.08 11.33
CA ARG K 212 -53.68 -33.75 11.31
C ARG K 212 -54.01 -32.55 10.43
N GLY K 213 -53.03 -31.69 10.13
CA GLY K 213 -53.30 -30.52 9.33
C GLY K 213 -54.20 -29.51 9.99
N THR K 214 -54.18 -29.43 11.32
CA THR K 214 -55.04 -28.53 12.07
C THR K 214 -54.20 -27.59 12.91
N LEU K 215 -54.72 -26.38 13.12
CA LEU K 215 -54.04 -25.35 13.90
C LEU K 215 -54.32 -25.61 15.38
N VAL K 216 -53.35 -26.18 16.07
CA VAL K 216 -53.52 -26.50 17.49
C VAL K 216 -53.70 -25.21 18.30
N ALA K 217 -52.88 -24.21 18.04
CA ALA K 217 -52.97 -22.94 18.75
C ALA K 217 -52.36 -21.84 17.90
N GLU K 218 -52.72 -20.60 18.21
CA GLU K 218 -52.18 -19.45 17.50
C GLU K 218 -52.25 -18.23 18.40
N ARG K 219 -51.21 -17.40 18.33
CA ARG K 219 -51.13 -16.15 19.09
C ARG K 219 -50.85 -15.04 18.09
N GLU K 220 -51.88 -14.25 17.77
CA GLU K 220 -51.72 -13.14 16.85
C GLU K 220 -50.99 -11.98 17.53
N LYS K 221 -50.11 -11.34 16.78
CA LYS K 221 -49.32 -10.21 17.28
C LYS K 221 -48.58 -10.57 18.57
N ALA K 222 -47.92 -11.73 18.54
CA ALA K 222 -47.12 -12.16 19.68
C ALA K 222 -46.00 -11.16 19.96
N HIS K 223 -45.32 -10.70 18.90
CA HIS K 223 -44.36 -9.60 19.00
C HIS K 223 -44.79 -8.52 18.03
N GLU K 224 -44.86 -7.28 18.52
CA GLU K 224 -45.39 -6.19 17.72
C GLU K 224 -44.41 -5.69 16.67
N GLY K 225 -43.15 -6.11 16.74
CA GLY K 225 -42.16 -5.64 15.79
C GLY K 225 -42.41 -6.16 14.39
N ALA K 226 -41.98 -5.37 13.41
CA ALA K 226 -42.06 -5.75 12.01
C ALA K 226 -40.81 -6.46 11.52
N ARG K 227 -39.79 -6.59 12.37
CA ARG K 227 -38.56 -7.27 12.02
C ARG K 227 -38.77 -8.79 12.06
N PRO K 228 -37.86 -9.56 11.48
CA PRO K 228 -38.09 -11.02 11.38
C PRO K 228 -38.27 -11.68 12.74
N MET K 229 -39.07 -12.75 12.73
CA MET K 229 -39.52 -13.42 13.94
C MET K 229 -38.83 -14.77 14.07
N ARG K 230 -38.74 -15.25 15.32
CA ARG K 230 -38.26 -16.59 15.62
C ARG K 230 -39.15 -17.21 16.70
N ALA K 231 -39.25 -18.54 16.67
CA ALA K 231 -40.07 -19.28 17.62
C ALA K 231 -39.57 -20.71 17.68
N ILE K 232 -39.33 -21.22 18.89
CA ILE K 232 -38.83 -22.56 19.08
C ILE K 232 -39.65 -23.27 20.14
N PHE K 233 -39.61 -24.61 20.09
CA PHE K 233 -40.30 -25.46 21.05
C PHE K 233 -39.31 -25.91 22.13
N LEU K 234 -39.71 -25.77 23.39
CA LEU K 234 -38.89 -26.22 24.50
C LEU K 234 -39.20 -27.67 24.84
N ALA K 235 -38.34 -28.27 25.66
CA ALA K 235 -38.56 -29.66 26.07
C ALA K 235 -39.83 -29.80 26.90
N ASP K 236 -40.11 -28.84 27.78
CA ASP K 236 -41.31 -28.88 28.60
C ASP K 236 -42.58 -28.59 27.80
N GLY K 237 -42.45 -28.12 26.56
CA GLY K 237 -43.59 -27.84 25.72
C GLY K 237 -43.85 -26.36 25.48
N LYS K 238 -43.23 -25.47 26.23
CA LYS K 238 -43.45 -24.05 26.04
C LYS K 238 -42.73 -23.55 24.80
N VAL K 239 -43.12 -22.36 24.35
CA VAL K 239 -42.60 -21.76 23.13
C VAL K 239 -41.80 -20.52 23.50
N PHE K 240 -40.55 -20.47 23.05
CA PHE K 240 -39.67 -19.33 23.28
C PHE K 240 -39.56 -18.53 21.98
N THR K 241 -39.83 -17.23 22.06
CA THR K 241 -39.81 -16.35 20.89
C THR K 241 -38.95 -15.14 21.17
N THR K 242 -38.14 -14.76 20.18
CA THR K 242 -37.32 -13.56 20.24
C THR K 242 -37.88 -12.53 19.28
N GLY K 243 -38.24 -11.37 19.80
CA GLY K 243 -38.96 -10.40 18.98
C GLY K 243 -38.49 -8.97 19.05
N PHE K 244 -39.29 -8.06 18.49
CA PHE K 244 -38.97 -6.64 18.43
C PHE K 244 -40.16 -5.84 18.95
N SER K 245 -39.88 -4.61 19.36
CA SER K 245 -40.90 -3.72 19.90
C SER K 245 -41.30 -2.66 18.87
N ARG K 246 -42.27 -1.82 19.24
CA ARG K 246 -42.65 -0.71 18.38
C ARG K 246 -41.50 0.28 18.24
N MET K 247 -40.71 0.48 19.30
CA MET K 247 -39.52 1.32 19.25
C MET K 247 -38.31 0.56 18.73
N SER K 248 -38.52 -0.52 18.00
CA SER K 248 -37.44 -1.36 17.46
C SER K 248 -36.50 -1.84 18.57
N GLU K 249 -37.08 -2.40 19.61
CA GLU K 249 -36.33 -2.95 20.74
C GLU K 249 -36.47 -4.46 20.74
N ARG K 250 -35.32 -5.15 20.72
CA ARG K 250 -35.33 -6.61 20.64
C ARG K 250 -35.89 -7.21 21.93
N GLN K 251 -36.79 -8.19 21.79
CA GLN K 251 -37.47 -8.80 22.91
C GLN K 251 -37.20 -10.29 22.96
N LEU K 252 -37.43 -10.87 24.14
CA LEU K 252 -37.46 -12.31 24.34
C LEU K 252 -38.73 -12.64 25.11
N ALA K 253 -39.44 -13.67 24.67
CA ALA K 253 -40.74 -14.00 25.23
C ALA K 253 -40.87 -15.51 25.44
N LEU K 254 -41.61 -15.87 26.50
CA LEU K 254 -41.97 -17.25 26.79
C LEU K 254 -43.49 -17.37 26.70
N TRP K 255 -43.95 -18.41 26.01
CA TRP K 255 -45.38 -18.60 25.77
C TRP K 255 -45.82 -19.98 26.24
N ASP K 256 -46.96 -20.01 26.92
CA ASP K 256 -47.59 -21.26 27.33
C ASP K 256 -48.59 -21.68 26.28
N PRO K 257 -48.46 -22.86 25.68
CA PRO K 257 -49.45 -23.28 24.67
C PRO K 257 -50.87 -23.34 25.21
N GLU K 258 -51.04 -23.69 26.48
CA GLU K 258 -52.39 -23.80 27.05
C GLU K 258 -53.07 -22.43 27.12
N ASN K 259 -52.36 -21.41 27.59
CA ASN K 259 -52.91 -20.06 27.68
C ASN K 259 -51.96 -19.12 26.93
N LEU K 260 -52.47 -18.51 25.86
CA LEU K 260 -51.69 -17.62 25.01
C LEU K 260 -52.19 -16.18 25.08
N GLU K 261 -53.08 -15.86 26.01
CA GLU K 261 -53.60 -14.51 26.12
C GLU K 261 -52.50 -13.52 26.46
N GLU K 262 -51.61 -13.88 27.38
CA GLU K 262 -50.48 -13.04 27.76
C GLU K 262 -49.23 -13.90 27.85
N PRO K 263 -48.10 -13.40 27.37
CA PRO K 263 -46.85 -14.16 27.47
C PRO K 263 -46.42 -14.33 28.93
N MET K 264 -45.75 -15.46 29.19
CA MET K 264 -45.27 -15.73 30.54
C MET K 264 -44.18 -14.75 30.95
N ALA K 265 -43.31 -14.39 30.03
CA ALA K 265 -42.20 -13.50 30.32
C ALA K 265 -41.94 -12.56 29.14
N LEU K 266 -41.59 -11.32 29.47
CA LEU K 266 -41.23 -10.31 28.46
C LEU K 266 -40.00 -9.58 28.99
N GLN K 267 -38.93 -9.56 28.18
CA GLN K 267 -37.71 -8.89 28.54
C GLN K 267 -37.16 -8.14 27.32
N GLU K 268 -36.52 -7.01 27.57
CA GLU K 268 -35.95 -6.18 26.50
C GLU K 268 -34.43 -6.31 26.55
N LEU K 269 -33.82 -6.56 25.38
CA LEU K 269 -32.38 -6.70 25.29
C LEU K 269 -31.71 -5.37 24.91
N ASP K 270 -32.01 -4.86 23.72
CA ASP K 270 -31.39 -3.65 23.22
C ASP K 270 -32.21 -3.15 22.02
N SER K 271 -31.69 -2.15 21.33
CA SER K 271 -32.33 -1.56 20.16
C SER K 271 -31.51 -1.79 18.89
N SER K 272 -30.71 -2.84 18.88
CA SER K 272 -29.89 -3.17 17.73
C SER K 272 -30.71 -3.86 16.65
N ASN K 273 -30.22 -3.80 15.41
CA ASN K 273 -30.89 -4.43 14.29
C ASN K 273 -30.44 -5.88 14.15
N GLY K 274 -31.04 -6.59 13.20
CA GLY K 274 -30.73 -7.99 13.00
C GLY K 274 -31.53 -8.89 13.91
N ALA K 275 -32.11 -9.95 13.34
CA ALA K 275 -32.93 -10.86 14.12
C ALA K 275 -32.05 -11.73 15.02
N LEU K 276 -32.64 -12.21 16.11
CA LEU K 276 -31.93 -13.00 17.11
C LEU K 276 -32.21 -14.48 16.86
N LEU K 277 -31.15 -15.26 16.66
CA LEU K 277 -31.29 -16.69 16.44
C LEU K 277 -31.17 -17.41 17.77
N PRO K 278 -32.22 -18.05 18.26
CA PRO K 278 -32.13 -18.77 19.54
C PRO K 278 -31.61 -20.19 19.37
N PHE K 279 -30.75 -20.58 20.32
CA PHE K 279 -30.21 -21.94 20.38
C PHE K 279 -30.56 -22.53 21.73
N TYR K 280 -31.39 -23.58 21.72
CA TYR K 280 -31.93 -24.16 22.92
C TYR K 280 -31.21 -25.46 23.25
N ASP K 281 -30.84 -25.62 24.52
CA ASP K 281 -30.22 -26.85 25.01
C ASP K 281 -31.19 -27.56 25.94
N PRO K 282 -31.89 -28.60 25.49
CA PRO K 282 -32.86 -29.28 26.37
C PRO K 282 -32.22 -29.87 27.61
N ASP K 283 -30.97 -30.33 27.54
CA ASP K 283 -30.33 -30.93 28.69
C ASP K 283 -30.18 -29.93 29.84
N THR K 284 -29.75 -28.71 29.51
CA THR K 284 -29.48 -27.70 30.53
C THR K 284 -30.57 -26.64 30.62
N SER K 285 -31.57 -26.68 29.75
CA SER K 285 -32.64 -25.68 29.72
C SER K 285 -32.07 -24.27 29.59
N VAL K 286 -31.02 -24.13 28.77
CA VAL K 286 -30.35 -22.86 28.54
C VAL K 286 -30.54 -22.48 27.08
N VAL K 287 -31.01 -21.26 26.84
CA VAL K 287 -31.26 -20.75 25.50
C VAL K 287 -30.18 -19.73 25.17
N TYR K 288 -29.46 -19.97 24.08
CA TYR K 288 -28.41 -19.06 23.62
C TYR K 288 -28.97 -18.14 22.55
N VAL K 289 -28.73 -16.84 22.70
CA VAL K 289 -29.22 -15.83 21.78
C VAL K 289 -28.05 -15.29 21.00
N CYS K 290 -28.10 -15.45 19.68
CA CYS K 290 -27.06 -14.94 18.77
C CYS K 290 -27.74 -14.18 17.64
N GLY K 291 -27.57 -12.86 17.62
CA GLY K 291 -28.12 -12.06 16.56
C GLY K 291 -27.18 -11.92 15.38
N LYS K 292 -27.75 -11.88 14.18
CA LYS K 292 -26.95 -11.72 12.98
C LYS K 292 -26.31 -10.34 12.96
N GLY K 293 -25.02 -10.30 12.65
CA GLY K 293 -24.27 -9.05 12.66
C GLY K 293 -23.81 -8.59 14.02
N ASP K 294 -24.14 -9.35 15.07
CA ASP K 294 -23.72 -8.99 16.43
C ASP K 294 -22.37 -9.63 16.75
N SER K 295 -21.69 -9.04 17.73
CA SER K 295 -20.41 -9.55 18.19
C SER K 295 -20.50 -10.18 19.57
N SER K 296 -21.71 -10.36 20.10
CA SER K 296 -21.92 -10.89 21.44
C SER K 296 -22.88 -12.06 21.40
N ILE K 297 -22.69 -12.98 22.36
CA ILE K 297 -23.54 -14.14 22.52
C ILE K 297 -24.09 -14.12 23.94
N ARG K 298 -25.41 -14.08 24.07
CA ARG K 298 -26.08 -14.06 25.36
C ARG K 298 -26.87 -15.34 25.56
N TYR K 299 -26.78 -15.91 26.75
CA TYR K 299 -27.47 -17.15 27.09
C TYR K 299 -28.35 -16.95 28.30
N PHE K 300 -29.55 -17.53 28.26
CA PHE K 300 -30.54 -17.40 29.31
C PHE K 300 -31.00 -18.77 29.77
N GLU K 301 -31.39 -18.85 31.04
CA GLU K 301 -31.90 -20.08 31.63
C GLU K 301 -33.40 -19.96 31.83
N ILE K 302 -34.13 -20.97 31.39
CA ILE K 302 -35.58 -20.99 31.47
C ILE K 302 -35.98 -21.97 32.58
N THR K 303 -36.62 -21.46 33.62
CA THR K 303 -37.01 -22.26 34.77
C THR K 303 -38.47 -21.97 35.12
N GLU K 304 -39.02 -22.82 35.99
CA GLU K 304 -40.38 -22.62 36.47
C GLU K 304 -40.49 -21.50 37.47
N GLU K 305 -39.36 -20.98 37.96
CA GLU K 305 -39.39 -19.86 38.89
C GLU K 305 -39.47 -18.54 38.11
N PRO K 306 -40.34 -17.62 38.55
CA PRO K 306 -40.46 -16.35 37.82
C PRO K 306 -39.18 -15.54 37.95
N PRO K 307 -38.87 -14.69 36.95
CA PRO K 307 -39.65 -14.38 35.75
C PRO K 307 -39.47 -15.40 34.62
N TYR K 308 -39.03 -16.62 34.94
CA TYR K 308 -38.93 -17.77 34.04
C TYR K 308 -37.88 -17.58 32.95
N ILE K 309 -37.24 -16.41 32.87
CA ILE K 309 -36.15 -16.16 31.92
C ILE K 309 -35.08 -15.40 32.69
N HIS K 310 -34.00 -16.08 33.03
CA HIS K 310 -32.94 -15.51 33.87
C HIS K 310 -31.69 -15.33 33.03
N PHE K 311 -31.20 -14.10 32.96
CA PHE K 311 -29.98 -13.81 32.23
C PHE K 311 -28.78 -14.31 33.02
N LEU K 312 -28.02 -15.23 32.43
CA LEU K 312 -26.86 -15.80 33.11
C LEU K 312 -25.61 -14.95 32.90
N ASN K 313 -25.20 -14.78 31.65
CA ASN K 313 -24.05 -13.95 31.30
C ASN K 313 -24.02 -13.85 29.78
N THR K 314 -23.05 -13.08 29.27
CA THR K 314 -22.90 -12.88 27.84
C THR K 314 -21.43 -12.98 27.47
N PHE K 315 -21.16 -13.54 26.29
CA PHE K 315 -19.81 -13.60 25.73
C PHE K 315 -19.64 -12.43 24.78
N THR K 316 -18.52 -11.71 24.92
CA THR K 316 -18.25 -10.52 24.13
C THR K 316 -17.04 -10.74 23.23
N SER K 317 -17.16 -10.29 21.99
CA SER K 317 -16.07 -10.34 21.02
C SER K 317 -16.06 -9.03 20.24
N LYS K 318 -15.01 -8.82 19.45
CA LYS K 318 -14.86 -7.62 18.66
C LYS K 318 -15.23 -7.81 17.19
N GLU K 319 -15.80 -8.96 16.83
CA GLU K 319 -16.07 -9.28 15.44
C GLU K 319 -17.53 -9.71 15.29
N PRO K 320 -18.26 -9.15 14.32
CA PRO K 320 -19.63 -9.61 14.08
C PRO K 320 -19.65 -11.03 13.52
N GLN K 321 -20.75 -11.72 13.76
CA GLN K 321 -20.91 -13.11 13.31
C GLN K 321 -21.85 -13.14 12.11
N ARG K 322 -21.46 -13.89 11.08
CA ARG K 322 -22.30 -14.07 9.91
C ARG K 322 -23.15 -15.33 9.99
N GLY K 323 -22.78 -16.27 10.86
CA GLY K 323 -23.54 -17.50 10.99
C GLY K 323 -23.28 -18.12 12.35
N MET K 324 -24.05 -19.18 12.64
CA MET K 324 -23.97 -19.84 13.92
C MET K 324 -24.18 -21.33 13.73
N GLY K 325 -23.37 -22.13 14.41
CA GLY K 325 -23.49 -23.57 14.36
C GLY K 325 -23.28 -24.18 15.72
N SER K 326 -24.25 -24.99 16.14
CA SER K 326 -24.28 -25.55 17.48
C SER K 326 -23.87 -27.01 17.45
N MET K 327 -22.88 -27.36 18.26
CA MET K 327 -22.42 -28.74 18.37
C MET K 327 -23.34 -29.51 19.32
N PRO K 328 -23.97 -30.60 18.86
CA PRO K 328 -24.80 -31.41 19.74
C PRO K 328 -23.99 -32.02 20.88
N LYS K 329 -24.73 -32.61 21.83
CA LYS K 329 -24.11 -33.10 23.06
C LYS K 329 -23.13 -34.25 22.80
N ARG K 330 -23.38 -35.05 21.76
CA ARG K 330 -22.56 -36.22 21.51
C ARG K 330 -21.12 -35.88 21.16
N GLY K 331 -20.88 -34.73 20.53
CA GLY K 331 -19.56 -34.32 20.13
C GLY K 331 -18.86 -33.36 21.07
N LEU K 332 -19.36 -33.19 22.30
CA LEU K 332 -18.76 -32.27 23.25
C LEU K 332 -17.75 -33.00 24.13
N GLU K 333 -16.69 -32.28 24.50
CA GLU K 333 -15.67 -32.81 25.41
C GLU K 333 -16.26 -32.86 26.80
N VAL K 334 -16.80 -34.03 27.16
CA VAL K 334 -17.46 -34.17 28.46
C VAL K 334 -16.44 -34.13 29.59
N SER K 335 -15.17 -34.46 29.30
CA SER K 335 -14.15 -34.50 30.34
C SER K 335 -13.70 -33.11 30.77
N LYS K 336 -13.92 -32.09 29.93
CA LYS K 336 -13.49 -30.73 30.23
C LYS K 336 -14.65 -29.86 30.72
N CYS K 337 -15.76 -30.46 31.12
CA CYS K 337 -16.91 -29.75 31.67
C CYS K 337 -17.45 -28.71 30.69
N GLU K 338 -17.45 -29.05 29.40
CA GLU K 338 -18.00 -28.19 28.36
C GLU K 338 -19.43 -28.60 28.09
N ILE K 339 -20.34 -27.62 28.11
CA ILE K 339 -21.76 -27.88 27.90
C ILE K 339 -22.24 -27.49 26.51
N ALA K 340 -21.47 -26.71 25.77
CA ALA K 340 -21.87 -26.31 24.42
C ALA K 340 -20.65 -25.88 23.63
N ARG K 341 -20.77 -25.97 22.31
CA ARG K 341 -19.73 -25.51 21.39
C ARG K 341 -20.40 -24.87 20.20
N PHE K 342 -20.12 -23.59 19.97
CA PHE K 342 -20.70 -22.84 18.87
C PHE K 342 -19.60 -22.47 17.89
N TYR K 343 -19.87 -22.67 16.60
CA TYR K 343 -18.90 -22.39 15.54
C TYR K 343 -19.25 -21.04 14.92
N LYS K 344 -18.56 -20.01 15.36
CA LYS K 344 -18.86 -18.66 14.89
C LYS K 344 -18.37 -18.47 13.45
N LEU K 345 -19.25 -17.95 12.61
CA LEU K 345 -18.94 -17.71 11.21
C LEU K 345 -18.65 -16.24 10.99
N HIS K 346 -17.40 -15.92 10.64
CA HIS K 346 -17.03 -14.58 10.25
C HIS K 346 -17.23 -14.44 8.74
N GLU K 347 -16.74 -13.35 8.16
CA GLU K 347 -16.88 -13.17 6.72
C GLU K 347 -15.96 -14.11 5.95
N ARG K 348 -14.83 -14.51 6.55
CA ARG K 348 -13.91 -15.43 5.88
C ARG K 348 -13.38 -16.52 6.80
N LYS K 349 -13.93 -16.68 8.00
CA LYS K 349 -13.38 -17.65 8.95
C LYS K 349 -14.50 -18.27 9.77
N CYS K 350 -14.27 -19.51 10.20
CA CYS K 350 -15.18 -20.24 11.08
C CYS K 350 -14.46 -20.51 12.38
N GLU K 351 -14.79 -19.77 13.42
CA GLU K 351 -14.10 -19.89 14.70
C GLU K 351 -15.01 -20.58 15.72
N PRO K 352 -14.65 -21.76 16.21
CA PRO K 352 -15.44 -22.39 17.26
C PRO K 352 -15.31 -21.65 18.59
N ILE K 353 -16.40 -21.61 19.34
CA ILE K 353 -16.41 -21.11 20.71
C ILE K 353 -16.67 -22.30 21.63
N VAL K 354 -16.08 -22.27 22.82
CA VAL K 354 -16.24 -23.34 23.80
C VAL K 354 -16.99 -22.78 25.00
N MET K 355 -18.11 -23.43 25.35
CA MET K 355 -18.97 -22.98 26.43
C MET K 355 -18.83 -23.97 27.57
N THR K 356 -18.14 -23.58 28.64
CA THR K 356 -17.73 -24.52 29.67
C THR K 356 -18.19 -24.06 31.06
N VAL K 357 -18.41 -25.04 31.92
CA VAL K 357 -18.84 -24.78 33.30
C VAL K 357 -17.59 -24.78 34.18
N PRO K 358 -17.30 -23.70 34.89
CA PRO K 358 -16.14 -23.69 35.81
C PRO K 358 -16.38 -24.61 36.99
N ARG K 359 -15.60 -25.68 37.08
CA ARG K 359 -15.73 -26.66 38.15
C ARG K 359 -14.35 -27.06 38.64
N LYS K 360 -14.22 -27.18 39.97
CA LYS K 360 -12.94 -27.58 40.55
C LYS K 360 -12.63 -29.05 40.28
N SER K 361 -13.64 -29.91 40.41
CA SER K 361 -13.42 -31.34 40.27
C SER K 361 -13.10 -31.70 38.81
N ASP K 362 -12.18 -32.65 38.64
CA ASP K 362 -11.80 -33.13 37.33
C ASP K 362 -12.61 -34.34 36.89
N LEU K 363 -13.46 -34.87 37.77
CA LEU K 363 -14.21 -36.09 37.48
C LEU K 363 -15.46 -35.77 36.68
N PHE K 364 -16.17 -36.82 36.27
CA PHE K 364 -17.40 -36.66 35.50
C PHE K 364 -18.47 -35.99 36.35
N GLN K 365 -19.17 -35.02 35.76
CA GLN K 365 -20.22 -34.28 36.44
C GLN K 365 -21.56 -34.85 35.99
N ASP K 366 -22.17 -35.70 36.85
CA ASP K 366 -23.44 -36.31 36.51
C ASP K 366 -24.55 -35.27 36.41
N ASP K 367 -24.54 -34.28 37.31
CA ASP K 367 -25.56 -33.24 37.27
C ASP K 367 -25.48 -32.40 36.01
N LEU K 368 -24.28 -32.14 35.50
CA LEU K 368 -24.11 -31.32 34.31
C LEU K 368 -24.41 -32.06 33.02
N TYR K 369 -24.40 -33.39 33.03
CA TYR K 369 -24.56 -34.21 31.83
C TYR K 369 -25.64 -35.27 32.07
N PRO K 370 -26.91 -34.91 31.92
CA PRO K 370 -27.96 -35.93 31.97
C PRO K 370 -28.00 -36.76 30.69
N ASP K 371 -28.97 -37.66 30.58
CA ASP K 371 -29.07 -38.51 29.40
C ASP K 371 -29.59 -37.69 28.23
N THR K 372 -28.79 -37.63 27.16
CA THR K 372 -29.13 -36.89 25.96
C THR K 372 -29.61 -37.82 24.85
N ALA K 373 -30.35 -37.24 23.90
CA ALA K 373 -30.87 -38.03 22.79
C ALA K 373 -29.74 -38.60 21.96
N GLY K 374 -29.85 -39.88 21.61
CA GLY K 374 -28.83 -40.54 20.85
C GLY K 374 -29.06 -40.44 19.36
N PRO K 375 -28.12 -40.95 18.56
CA PRO K 375 -28.26 -40.92 17.10
C PRO K 375 -29.11 -42.04 16.52
N GLU K 376 -29.89 -42.73 17.33
CA GLU K 376 -30.79 -43.78 16.85
C GLU K 376 -32.19 -43.20 16.70
N ALA K 377 -32.92 -43.69 15.71
CA ALA K 377 -34.30 -43.25 15.51
C ALA K 377 -35.26 -44.09 16.35
N ALA K 378 -36.23 -43.41 16.97
CA ALA K 378 -37.21 -44.10 17.80
C ALA K 378 -38.30 -44.75 16.94
N LEU K 379 -39.01 -43.93 16.17
CA LEU K 379 -40.06 -44.41 15.29
C LEU K 379 -39.53 -44.51 13.87
N GLU K 380 -40.42 -44.83 12.92
CA GLU K 380 -40.10 -44.87 11.51
C GLU K 380 -41.13 -44.04 10.75
N ALA K 381 -40.83 -43.78 9.48
CA ALA K 381 -41.72 -42.97 8.66
C ALA K 381 -43.09 -43.63 8.53
N GLU K 382 -43.12 -44.95 8.29
CA GLU K 382 -44.39 -45.67 8.22
C GLU K 382 -45.08 -45.69 9.57
N GLU K 383 -44.31 -45.84 10.65
CA GLU K 383 -44.91 -45.88 11.99
C GLU K 383 -45.41 -44.51 12.44
N TRP K 384 -44.65 -43.45 12.14
CA TRP K 384 -45.04 -42.12 12.61
C TRP K 384 -46.35 -41.65 11.99
N VAL K 385 -46.53 -41.87 10.68
CA VAL K 385 -47.74 -41.41 10.01
C VAL K 385 -48.97 -42.16 10.49
N SER K 386 -48.79 -43.36 11.06
CA SER K 386 -49.93 -44.09 11.60
C SER K 386 -50.53 -43.39 12.81
N GLY K 387 -49.77 -42.49 13.45
CA GLY K 387 -50.27 -41.78 14.60
C GLY K 387 -49.48 -42.07 15.85
N ARG K 388 -48.44 -42.90 15.72
CA ARG K 388 -47.61 -43.26 16.87
C ARG K 388 -46.72 -42.09 17.28
N ASP K 389 -46.46 -42.01 18.58
CA ASP K 389 -45.55 -41.02 19.15
C ASP K 389 -44.57 -41.73 20.08
N ALA K 390 -43.30 -41.35 19.99
CA ALA K 390 -42.27 -41.95 20.83
C ALA K 390 -41.22 -40.91 21.17
N ASP K 391 -40.69 -41.00 22.39
CA ASP K 391 -39.63 -40.11 22.83
C ASP K 391 -38.29 -40.54 22.23
N PRO K 392 -37.38 -39.60 22.01
CA PRO K 392 -36.04 -39.96 21.52
C PRO K 392 -35.32 -40.85 22.53
N ILE K 393 -34.55 -41.80 22.00
CA ILE K 393 -33.78 -42.69 22.85
C ILE K 393 -32.61 -41.93 23.45
N LEU K 394 -32.41 -42.06 24.76
CA LEU K 394 -31.37 -41.34 25.47
C LEU K 394 -30.14 -42.22 25.65
N ILE K 395 -28.96 -41.60 25.61
CA ILE K 395 -27.71 -42.29 25.81
C ILE K 395 -26.97 -41.63 26.97
N SER K 396 -25.91 -42.29 27.42
CA SER K 396 -25.11 -41.82 28.54
C SER K 396 -23.80 -41.23 28.03
N LEU K 397 -23.49 -40.02 28.48
CA LEU K 397 -22.24 -39.36 28.14
C LEU K 397 -21.08 -39.76 29.05
N ARG K 398 -21.34 -40.63 30.04
CA ARG K 398 -20.29 -41.07 30.94
C ARG K 398 -19.22 -41.84 30.18
N GLU K 399 -19.61 -42.62 29.18
CA GLU K 399 -18.65 -43.40 28.41
C GLU K 399 -17.68 -42.52 27.63
N ALA K 400 -18.06 -41.26 27.36
CA ALA K 400 -17.17 -40.34 26.67
C ALA K 400 -16.12 -39.72 27.58
N TYR K 401 -16.23 -39.93 28.90
CA TYR K 401 -15.25 -39.37 29.82
C TYR K 401 -13.89 -40.03 29.63
N VAL K 402 -12.85 -39.21 29.67
CA VAL K 402 -11.48 -39.71 29.49
C VAL K 402 -10.63 -39.36 30.70
N LYS L 10 43.73 13.76 3.68
CA LYS L 10 44.43 12.54 3.34
C LYS L 10 43.46 11.38 3.14
N VAL L 11 42.37 11.37 3.91
CA VAL L 11 41.37 10.33 3.76
C VAL L 11 40.60 10.50 2.46
N VAL L 12 40.27 11.74 2.11
CA VAL L 12 39.50 12.04 0.91
C VAL L 12 40.43 12.68 -0.11
N ARG L 13 40.39 12.17 -1.34
CA ARG L 13 41.16 12.79 -2.41
C ARG L 13 40.72 14.23 -2.60
N GLN L 14 41.68 15.14 -2.65
CA GLN L 14 41.38 16.57 -2.70
C GLN L 14 40.74 16.92 -4.04
N SER L 15 39.50 17.41 -4.00
CA SER L 15 38.80 17.79 -5.21
C SER L 15 37.71 18.80 -4.85
N LYS L 16 37.26 19.53 -5.86
CA LYS L 16 36.19 20.50 -5.70
C LYS L 16 34.86 20.03 -6.28
N PHE L 17 34.85 18.89 -6.96
CA PHE L 17 33.67 18.45 -7.71
C PHE L 17 33.20 17.06 -7.28
N ARG L 18 33.57 16.62 -6.08
CA ARG L 18 33.18 15.30 -5.62
C ARG L 18 31.71 15.20 -5.28
N HIS L 19 31.00 16.33 -5.19
CA HIS L 19 29.60 16.34 -4.79
C HIS L 19 28.73 17.04 -5.82
N VAL L 20 29.18 17.09 -7.07
CA VAL L 20 28.41 17.77 -8.10
C VAL L 20 27.21 16.91 -8.48
N PHE L 21 26.02 17.49 -8.41
CA PHE L 21 24.77 16.79 -8.61
C PHE L 21 24.05 17.35 -9.83
N GLY L 22 23.35 16.48 -10.55
CA GLY L 22 22.59 16.87 -11.72
C GLY L 22 21.14 17.12 -11.38
N GLN L 23 20.55 18.09 -12.07
CA GLN L 23 19.14 18.43 -11.85
C GLN L 23 18.49 18.86 -13.16
N PRO L 24 17.51 18.12 -13.65
CA PRO L 24 16.80 18.55 -14.85
C PRO L 24 15.98 19.81 -14.58
N VAL L 25 15.84 20.61 -15.63
CA VAL L 25 15.05 21.84 -15.56
C VAL L 25 13.57 21.49 -15.50
N LYS L 26 12.73 22.47 -15.21
CA LYS L 26 11.30 22.25 -15.11
C LYS L 26 10.73 21.86 -16.48
N ASN L 27 9.49 21.37 -16.45
CA ASN L 27 8.84 20.91 -17.68
C ASN L 27 8.68 22.05 -18.67
N ASP L 28 8.28 23.23 -18.20
CA ASP L 28 8.08 24.38 -19.07
C ASP L 28 9.37 24.88 -19.69
N GLN L 29 10.53 24.52 -19.14
CA GLN L 29 11.82 24.99 -19.64
C GLN L 29 12.43 24.05 -20.66
N CYS L 30 11.73 22.97 -21.02
CA CYS L 30 12.24 22.02 -21.99
C CYS L 30 11.70 22.34 -23.38
N TYR L 31 11.96 21.45 -24.33
CA TYR L 31 11.52 21.59 -25.71
C TYR L 31 10.92 20.26 -26.15
N GLU L 32 9.63 20.28 -26.48
CA GLU L 32 8.90 19.08 -26.85
C GLU L 32 8.47 19.15 -28.31
N ASP L 33 7.77 18.10 -28.75
CA ASP L 33 7.21 18.01 -30.10
C ASP L 33 8.28 18.18 -31.17
N ILE L 34 9.46 17.60 -30.92
CA ILE L 34 10.58 17.66 -31.85
C ILE L 34 10.82 16.25 -32.38
N ARG L 35 10.70 16.08 -33.69
CA ARG L 35 10.95 14.80 -34.33
C ARG L 35 12.46 14.68 -34.53
N VAL L 36 13.12 14.05 -33.55
CA VAL L 36 14.56 13.87 -33.62
C VAL L 36 14.89 12.89 -34.73
N SER L 37 16.08 13.07 -35.31
CA SER L 37 16.49 12.22 -36.42
C SER L 37 16.67 10.78 -35.96
N ARG L 38 16.41 9.85 -36.87
CA ARG L 38 16.48 8.41 -36.60
C ARG L 38 17.59 7.77 -37.43
N VAL L 39 18.74 8.42 -37.50
CA VAL L 39 19.89 7.90 -38.25
C VAL L 39 20.76 7.12 -37.28
N THR L 40 21.17 5.92 -37.71
CA THR L 40 21.97 5.06 -36.85
C THR L 40 23.38 5.59 -36.62
N TRP L 41 23.79 6.62 -37.34
CA TRP L 41 25.11 7.23 -37.11
C TRP L 41 25.19 7.75 -35.69
N ASP L 42 26.29 7.40 -35.00
CA ASP L 42 26.47 7.72 -33.59
C ASP L 42 27.20 9.04 -33.47
N SER L 43 26.44 10.13 -33.52
CA SER L 43 26.97 11.47 -33.32
C SER L 43 26.20 12.16 -32.21
N THR L 44 26.62 13.38 -31.87
CA THR L 44 25.99 14.11 -30.78
C THR L 44 24.53 14.45 -31.06
N PHE L 45 24.15 14.58 -32.33
CA PHE L 45 22.79 14.91 -32.76
C PHE L 45 22.32 16.27 -32.25
N CYS L 46 23.21 17.05 -31.64
CA CYS L 46 22.82 18.33 -31.07
C CYS L 46 24.03 19.25 -31.02
N ALA L 47 23.82 20.51 -31.34
CA ALA L 47 24.84 21.55 -31.20
C ALA L 47 24.17 22.79 -30.63
N VAL L 48 24.71 23.30 -29.53
CA VAL L 48 24.11 24.42 -28.82
C VAL L 48 25.17 25.47 -28.55
N ASN L 49 24.83 26.72 -28.80
CA ASN L 49 25.70 27.86 -28.49
C ASN L 49 24.92 28.78 -27.56
N PRO L 50 25.59 29.71 -26.86
CA PRO L 50 24.88 30.53 -25.85
C PRO L 50 23.72 31.36 -26.39
N LYS L 51 23.44 31.28 -27.70
CA LYS L 51 22.34 32.00 -28.30
C LYS L 51 21.25 31.08 -28.85
N PHE L 52 21.62 29.96 -29.46
CA PHE L 52 20.68 29.12 -30.18
C PHE L 52 20.86 27.67 -29.80
N LEU L 53 19.86 26.86 -30.13
CA LEU L 53 19.91 25.41 -29.95
C LEU L 53 19.64 24.76 -31.31
N ALA L 54 20.55 23.90 -31.75
CA ALA L 54 20.44 23.21 -33.02
C ALA L 54 20.34 21.72 -32.77
N VAL L 55 19.33 21.08 -33.37
CA VAL L 55 19.11 19.65 -33.22
C VAL L 55 18.78 19.06 -34.58
N ILE L 56 19.39 17.92 -34.89
CA ILE L 56 19.11 17.24 -36.15
C ILE L 56 17.74 16.59 -36.07
N VAL L 57 16.90 16.85 -37.07
CA VAL L 57 15.53 16.36 -37.09
C VAL L 57 15.36 15.45 -38.29
N GLU L 58 14.24 14.71 -38.29
CA GLU L 58 13.92 13.81 -39.38
C GLU L 58 13.03 14.54 -40.38
N ALA L 59 13.45 14.55 -41.65
CA ALA L 59 12.69 15.12 -42.75
C ALA L 59 12.35 14.02 -43.74
N SER L 60 11.14 14.09 -44.30
CA SER L 60 10.72 13.08 -45.28
C SER L 60 11.61 13.11 -46.51
N GLY L 61 11.95 14.30 -46.98
CA GLY L 61 12.83 14.44 -48.14
C GLY L 61 14.10 15.17 -47.76
N GLY L 62 15.23 14.64 -48.20
CA GLY L 62 16.51 15.24 -47.86
C GLY L 62 16.80 15.14 -46.38
N GLY L 63 17.51 16.13 -45.87
CA GLY L 63 17.81 16.20 -44.45
C GLY L 63 17.73 17.62 -43.95
N ALA L 64 17.40 17.76 -42.68
CA ALA L 64 17.25 19.08 -42.08
C ALA L 64 17.55 18.99 -40.60
N PHE L 65 17.90 20.13 -40.02
CA PHE L 65 18.08 20.25 -38.58
C PHE L 65 17.37 21.50 -38.11
N LEU L 66 16.77 21.40 -36.92
CA LEU L 66 15.95 22.47 -36.38
C LEU L 66 16.83 23.37 -35.53
N VAL L 67 16.79 24.68 -35.81
CA VAL L 67 17.52 25.67 -35.04
C VAL L 67 16.51 26.63 -34.45
N LEU L 68 16.51 26.76 -33.12
CA LEU L 68 15.55 27.59 -32.43
C LEU L 68 16.26 28.40 -31.36
N PRO L 69 15.74 29.58 -31.02
CA PRO L 69 16.34 30.35 -29.93
C PRO L 69 16.16 29.64 -28.60
N LEU L 70 17.11 29.89 -27.69
CA LEU L 70 17.06 29.24 -26.38
C LEU L 70 15.82 29.65 -25.60
N SER L 71 15.35 30.89 -25.78
CA SER L 71 14.17 31.35 -25.06
C SER L 71 12.90 30.66 -25.53
N LYS L 72 12.89 30.12 -26.75
CA LYS L 72 11.70 29.47 -27.30
C LYS L 72 11.57 28.08 -26.69
N THR L 73 11.09 28.04 -25.46
CA THR L 73 10.88 26.79 -24.75
C THR L 73 9.45 26.30 -24.99
N GLY L 74 9.04 25.27 -24.26
CA GLY L 74 7.69 24.77 -24.42
C GLY L 74 7.54 23.95 -25.69
N ARG L 75 6.28 23.69 -26.04
CA ARG L 75 5.98 22.92 -27.23
C ARG L 75 6.38 23.68 -28.49
N ILE L 76 6.86 22.94 -29.48
CA ILE L 76 7.32 23.51 -30.74
C ILE L 76 6.34 23.12 -31.84
N ASP L 77 5.96 24.09 -32.66
CA ASP L 77 5.06 23.83 -33.77
C ASP L 77 5.67 22.84 -34.74
N LYS L 78 4.86 21.88 -35.20
CA LYS L 78 5.32 20.91 -36.18
C LYS L 78 5.67 21.56 -37.51
N ALA L 79 5.07 22.72 -37.81
CA ALA L 79 5.36 23.45 -39.03
C ALA L 79 6.42 24.53 -38.83
N TYR L 80 7.20 24.41 -37.76
CA TYR L 80 8.25 25.39 -37.52
C TYR L 80 9.29 25.32 -38.64
N PRO L 81 9.73 26.45 -39.17
CA PRO L 81 10.73 26.42 -40.25
C PRO L 81 12.02 25.78 -39.79
N THR L 82 12.65 25.03 -40.70
CA THR L 82 13.88 24.32 -40.40
C THR L 82 14.91 24.62 -41.48
N VAL L 83 16.15 24.21 -41.20
CA VAL L 83 17.26 24.41 -42.14
C VAL L 83 17.32 23.15 -43.01
N CYS L 84 16.56 23.15 -44.09
CA CYS L 84 16.46 22.02 -45.01
C CYS L 84 17.17 22.39 -46.31
N GLY L 85 18.48 22.12 -46.37
CA GLY L 85 19.24 22.38 -47.56
C GLY L 85 19.89 21.14 -48.14
N HIS L 86 20.20 20.17 -47.28
CA HIS L 86 20.81 18.93 -47.73
C HIS L 86 19.80 18.07 -48.48
N THR L 87 20.28 17.39 -49.52
CA THR L 87 19.48 16.42 -50.25
C THR L 87 19.46 15.06 -49.59
N GLY L 88 20.27 14.86 -48.54
CA GLY L 88 20.27 13.63 -47.79
C GLY L 88 20.21 13.93 -46.30
N PRO L 89 19.98 12.89 -45.50
CA PRO L 89 19.86 13.09 -44.04
C PRO L 89 21.13 13.70 -43.46
N VAL L 90 20.95 14.63 -42.53
CA VAL L 90 22.07 15.33 -41.91
C VAL L 90 22.68 14.43 -40.84
N LEU L 91 24.01 14.32 -40.86
CA LEU L 91 24.73 13.43 -39.95
C LEU L 91 25.18 14.13 -38.67
N ASP L 92 25.74 15.33 -38.78
CA ASP L 92 26.25 16.03 -37.61
C ASP L 92 26.26 17.54 -37.86
N ILE L 93 26.31 18.30 -36.76
CA ILE L 93 26.26 19.76 -36.81
C ILE L 93 27.26 20.30 -35.79
N ASP L 94 27.73 21.51 -36.03
CA ASP L 94 28.70 22.14 -35.14
C ASP L 94 28.60 23.66 -35.28
N TRP L 95 28.45 24.34 -34.16
CA TRP L 95 28.45 25.81 -34.16
C TRP L 95 29.87 26.34 -34.30
N CYS L 96 29.99 27.49 -34.94
CA CYS L 96 31.28 28.15 -35.04
C CYS L 96 31.64 28.78 -33.70
N PRO L 97 32.79 28.45 -33.11
CA PRO L 97 33.15 29.05 -31.81
C PRO L 97 33.33 30.55 -31.89
N HIS L 98 33.80 31.08 -33.01
CA HIS L 98 34.04 32.49 -33.17
C HIS L 98 32.86 33.24 -33.78
N ASN L 99 31.76 32.53 -34.07
CA ASN L 99 30.56 33.18 -34.59
C ASN L 99 29.36 32.33 -34.17
N ASP L 100 28.60 32.82 -33.20
CA ASP L 100 27.43 32.09 -32.71
C ASP L 100 26.32 32.00 -33.75
N GLU L 101 26.38 32.80 -34.81
CA GLU L 101 25.37 32.78 -35.86
C GLU L 101 25.77 31.91 -37.03
N VAL L 102 26.87 31.16 -36.92
CA VAL L 102 27.38 30.34 -38.00
C VAL L 102 27.45 28.89 -37.52
N ILE L 103 26.86 27.99 -38.29
CA ILE L 103 26.88 26.56 -37.99
C ILE L 103 27.16 25.79 -39.26
N ALA L 104 28.02 24.77 -39.16
CA ALA L 104 28.35 23.91 -40.28
C ALA L 104 27.65 22.56 -40.10
N SER L 105 27.25 21.96 -41.22
CA SER L 105 26.53 20.69 -41.20
C SER L 105 27.07 19.76 -42.28
N GLY L 106 27.18 18.49 -41.94
CA GLY L 106 27.54 17.44 -42.89
C GLY L 106 26.42 16.41 -42.96
N SER L 107 26.17 15.91 -44.16
CA SER L 107 25.05 15.01 -44.39
C SER L 107 25.50 13.84 -45.28
N GLU L 108 24.53 12.99 -45.63
CA GLU L 108 24.79 11.82 -46.46
C GLU L 108 24.98 12.18 -47.93
N ASP L 109 24.72 13.43 -48.32
CA ASP L 109 24.90 13.85 -49.70
C ASP L 109 26.34 14.19 -50.04
N CYS L 110 27.29 13.77 -49.20
CA CYS L 110 28.73 13.94 -49.45
C CYS L 110 29.08 15.42 -49.65
N THR L 111 28.47 16.29 -48.84
CA THR L 111 28.75 17.71 -48.93
C THR L 111 28.63 18.34 -47.55
N VAL L 112 29.26 19.50 -47.40
CA VAL L 112 29.20 20.29 -46.18
C VAL L 112 28.73 21.69 -46.54
N MET L 113 27.67 22.15 -45.89
CA MET L 113 27.10 23.47 -46.14
C MET L 113 27.07 24.27 -44.84
N VAL L 114 27.49 25.52 -44.92
CA VAL L 114 27.61 26.41 -43.77
C VAL L 114 26.49 27.44 -43.85
N TRP L 115 25.83 27.68 -42.72
CA TRP L 115 24.63 28.50 -42.68
C TRP L 115 24.83 29.73 -41.80
N GLN L 116 24.09 30.79 -42.12
CA GLN L 116 24.02 31.99 -41.30
C GLN L 116 22.60 32.17 -40.81
N ILE L 117 22.41 31.97 -39.50
CA ILE L 117 21.07 32.08 -38.90
C ILE L 117 20.77 33.55 -38.62
N PRO L 118 19.53 33.99 -38.83
CA PRO L 118 19.17 35.35 -38.43
C PRO L 118 19.18 35.53 -36.92
N GLU L 119 19.30 36.79 -36.50
CA GLU L 119 19.41 37.10 -35.08
C GLU L 119 18.17 36.64 -34.31
N ASN L 120 16.99 36.88 -34.86
CA ASN L 120 15.74 36.54 -34.19
C ASN L 120 15.33 35.08 -34.38
N GLY L 121 16.07 34.31 -35.18
CA GLY L 121 15.69 32.94 -35.45
C GLY L 121 15.26 32.74 -36.88
N LEU L 122 14.43 31.72 -37.12
CA LEU L 122 13.96 31.39 -38.47
C LEU L 122 12.48 31.75 -38.60
N THR L 123 12.16 32.58 -39.58
CA THR L 123 10.78 32.86 -39.93
C THR L 123 10.31 32.05 -41.13
N SER L 124 11.22 31.70 -42.02
CA SER L 124 10.95 30.87 -43.18
C SER L 124 11.98 29.75 -43.22
N PRO L 125 11.64 28.61 -43.81
CA PRO L 125 12.61 27.52 -43.92
C PRO L 125 13.84 27.97 -44.71
N LEU L 126 15.00 27.53 -44.23
CA LEU L 126 16.27 27.92 -44.83
C LEU L 126 16.76 26.80 -45.73
N THR L 127 17.03 27.14 -47.00
CA THR L 127 17.49 26.18 -47.98
C THR L 127 18.86 26.52 -48.55
N GLU L 128 19.14 27.79 -48.83
CA GLU L 128 20.42 28.19 -49.40
C GLU L 128 21.42 28.42 -48.27
N PRO L 129 22.61 27.84 -48.34
CA PRO L 129 23.64 28.08 -47.32
C PRO L 129 24.59 29.19 -47.76
N VAL L 130 25.41 29.64 -46.83
CA VAL L 130 26.42 30.64 -47.14
C VAL L 130 27.48 30.06 -48.07
N VAL L 131 28.00 28.87 -47.73
CA VAL L 131 29.08 28.25 -48.49
C VAL L 131 28.85 26.74 -48.51
N VAL L 132 29.06 26.13 -49.66
CA VAL L 132 28.93 24.68 -49.83
C VAL L 132 30.32 24.11 -50.05
N LEU L 133 30.65 23.04 -49.33
CA LEU L 133 31.94 22.37 -49.46
C LEU L 133 31.72 20.98 -50.05
N GLU L 134 32.28 20.75 -51.24
CA GLU L 134 32.17 19.47 -51.93
C GLU L 134 33.58 18.93 -52.13
N GLY L 135 34.04 18.10 -51.19
CA GLY L 135 35.35 17.50 -51.30
C GLY L 135 35.37 16.03 -50.92
N HIS L 136 34.24 15.51 -50.47
CA HIS L 136 34.15 14.14 -50.00
C HIS L 136 33.33 13.30 -50.99
N THR L 137 33.82 12.10 -51.28
CA THR L 137 33.12 11.16 -52.14
C THR L 137 32.04 10.38 -51.42
N LYS L 138 32.03 10.40 -50.10
CA LYS L 138 31.06 9.66 -49.30
C LYS L 138 30.42 10.59 -48.27
N ARG L 139 29.51 10.03 -47.49
CA ARG L 139 28.82 10.82 -46.47
C ARG L 139 29.80 11.33 -45.43
N VAL L 140 29.57 12.56 -44.97
CA VAL L 140 30.44 13.21 -44.01
C VAL L 140 29.74 13.24 -42.66
N GLY L 141 30.32 12.55 -41.68
CA GLY L 141 29.72 12.48 -40.36
C GLY L 141 30.56 13.10 -39.27
N ILE L 142 31.68 13.71 -39.64
CA ILE L 142 32.59 14.34 -38.70
C ILE L 142 32.91 15.74 -39.17
N ILE L 143 32.59 16.74 -38.35
CA ILE L 143 32.97 18.13 -38.59
C ILE L 143 33.51 18.71 -37.30
N ALA L 144 34.58 19.49 -37.40
CA ALA L 144 35.21 20.06 -36.20
C ALA L 144 35.81 21.41 -36.56
N TRP L 145 35.28 22.47 -35.96
CA TRP L 145 35.84 23.80 -36.14
C TRP L 145 37.20 23.90 -35.47
N HIS L 146 38.08 24.70 -36.07
CA HIS L 146 39.39 24.93 -35.46
C HIS L 146 39.24 25.79 -34.22
N PRO L 147 39.78 25.36 -33.07
CA PRO L 147 39.58 26.14 -31.84
C PRO L 147 40.13 27.55 -31.90
N THR L 148 41.24 27.77 -32.61
CA THR L 148 41.91 29.07 -32.62
C THR L 148 41.84 29.77 -33.97
N ALA L 149 42.26 29.10 -35.04
CA ALA L 149 42.27 29.72 -36.35
C ALA L 149 40.86 30.04 -36.82
N ARG L 150 40.69 31.24 -37.37
CA ARG L 150 39.38 31.68 -37.84
C ARG L 150 39.04 31.05 -39.19
N ASN L 151 37.77 30.74 -39.38
CA ASN L 151 37.24 30.25 -40.65
C ASN L 151 37.96 28.98 -41.11
N VAL L 152 38.30 28.11 -40.18
CA VAL L 152 38.96 26.85 -40.49
C VAL L 152 38.08 25.71 -39.97
N LEU L 153 37.77 24.76 -40.85
CA LEU L 153 36.86 23.68 -40.53
C LEU L 153 37.48 22.37 -40.99
N LEU L 154 37.36 21.34 -40.15
CA LEU L 154 37.84 20.01 -40.46
C LEU L 154 36.65 19.10 -40.76
N SER L 155 36.74 18.37 -41.86
CA SER L 155 35.68 17.45 -42.27
C SER L 155 36.28 16.10 -42.56
N ALA L 156 35.63 15.04 -42.07
CA ALA L 156 36.08 13.66 -42.28
C ALA L 156 34.87 12.82 -42.67
N GLY L 157 34.82 12.41 -43.94
CA GLY L 157 33.74 11.60 -44.44
C GLY L 157 34.02 10.12 -44.29
N CYS L 158 33.07 9.32 -44.77
CA CYS L 158 33.20 7.86 -44.73
C CYS L 158 34.25 7.34 -45.70
N ASP L 159 34.76 8.18 -46.59
CA ASP L 159 35.80 7.78 -47.53
C ASP L 159 37.18 7.76 -46.90
N ASN L 160 37.27 7.83 -45.57
CA ASN L 160 38.55 7.81 -44.85
C ASN L 160 39.47 8.93 -45.32
N VAL L 161 38.89 10.09 -45.60
CA VAL L 161 39.62 11.26 -46.05
C VAL L 161 39.31 12.41 -45.12
N VAL L 162 40.35 13.10 -44.67
CA VAL L 162 40.21 14.26 -43.78
C VAL L 162 40.59 15.50 -44.58
N LEU L 163 39.74 16.53 -44.52
CA LEU L 163 39.92 17.74 -45.29
C LEU L 163 39.85 18.96 -44.39
N ILE L 164 40.62 19.99 -44.73
CA ILE L 164 40.63 21.25 -44.02
C ILE L 164 40.10 22.32 -44.96
N TRP L 165 39.10 23.07 -44.50
CA TRP L 165 38.40 24.03 -45.34
C TRP L 165 38.53 25.44 -44.78
N ASN L 166 38.62 26.41 -45.69
CA ASN L 166 38.58 27.83 -45.36
C ASN L 166 37.21 28.34 -45.80
N VAL L 167 36.26 28.34 -44.87
CA VAL L 167 34.89 28.70 -45.21
C VAL L 167 34.81 30.13 -45.72
N GLY L 168 35.68 31.01 -45.20
CA GLY L 168 35.70 32.37 -45.69
C GLY L 168 36.01 32.46 -47.17
N THR L 169 36.90 31.61 -47.66
CA THR L 169 37.26 31.59 -49.07
C THR L 169 36.77 30.35 -49.80
N ALA L 170 36.07 29.44 -49.11
CA ALA L 170 35.57 28.19 -49.70
C ALA L 170 36.71 27.40 -50.34
N GLU L 171 37.87 27.38 -49.67
CA GLU L 171 39.05 26.72 -50.18
C GLU L 171 39.42 25.53 -49.29
N GLU L 172 39.79 24.43 -49.93
CA GLU L 172 40.23 23.23 -49.22
C GLU L 172 41.71 23.42 -48.89
N LEU L 173 41.99 23.72 -47.62
CA LEU L 173 43.36 24.05 -47.22
C LEU L 173 44.28 22.84 -47.27
N TYR L 174 43.84 21.72 -46.72
CA TYR L 174 44.67 20.53 -46.66
C TYR L 174 43.84 19.30 -46.96
N ARG L 175 44.50 18.27 -47.50
CA ARG L 175 43.86 17.00 -47.82
C ARG L 175 44.68 15.88 -47.19
N LEU L 176 44.05 15.09 -46.33
CA LEU L 176 44.69 13.97 -45.65
C LEU L 176 43.92 12.70 -46.03
N ASP L 177 44.52 11.88 -46.89
CA ASP L 177 43.87 10.70 -47.43
C ASP L 177 44.54 9.41 -46.99
N SER L 178 45.85 9.28 -47.22
CA SER L 178 46.57 8.05 -46.91
C SER L 178 46.99 8.03 -45.44
N LEU L 179 45.99 8.13 -44.57
CA LEU L 179 46.23 8.13 -43.13
C LEU L 179 45.27 7.28 -42.33
N HIS L 180 44.15 6.84 -42.89
CA HIS L 180 43.15 6.05 -42.16
C HIS L 180 42.74 4.85 -42.99
N PRO L 181 43.19 3.64 -42.65
CA PRO L 181 42.83 2.46 -43.46
C PRO L 181 41.38 2.04 -43.35
N ASP L 182 40.66 2.46 -42.31
CA ASP L 182 39.27 2.06 -42.11
C ASP L 182 38.46 3.30 -41.79
N LEU L 183 37.19 3.09 -41.44
CA LEU L 183 36.30 4.19 -41.12
C LEU L 183 36.77 4.93 -39.87
N ILE L 184 36.59 6.24 -39.87
CA ILE L 184 37.03 7.10 -38.78
C ILE L 184 35.85 7.36 -37.86
N TYR L 185 36.07 7.22 -36.55
CA TYR L 185 34.99 7.38 -35.59
C TYR L 185 34.78 8.84 -35.22
N ASN L 186 35.82 9.50 -34.71
CA ASN L 186 35.70 10.90 -34.33
C ASN L 186 37.08 11.56 -34.43
N VAL L 187 37.07 12.88 -34.51
CA VAL L 187 38.29 13.68 -34.60
C VAL L 187 38.16 14.85 -33.64
N SER L 188 39.22 15.12 -32.88
CA SER L 188 39.24 16.21 -31.92
C SER L 188 40.55 16.98 -32.03
N TRP L 189 40.46 18.31 -32.10
CA TRP L 189 41.63 19.16 -32.10
C TRP L 189 42.32 19.13 -30.74
N ASN L 190 43.58 19.53 -30.72
CA ASN L 190 44.29 19.70 -29.46
C ASN L 190 43.98 21.09 -28.90
N HIS L 191 44.74 21.50 -27.87
CA HIS L 191 44.43 22.75 -27.19
C HIS L 191 44.65 23.95 -28.11
N ASN L 192 45.82 24.02 -28.75
CA ASN L 192 46.16 25.19 -29.56
C ASN L 192 45.70 25.05 -31.00
N GLY L 193 45.12 23.92 -31.38
CA GLY L 193 44.70 23.70 -32.74
C GLY L 193 45.77 23.20 -33.67
N SER L 194 46.98 22.95 -33.16
CA SER L 194 48.08 22.48 -33.99
C SER L 194 47.95 21.02 -34.38
N LEU L 195 47.35 20.19 -33.52
CA LEU L 195 47.24 18.76 -33.75
C LEU L 195 45.81 18.30 -33.51
N PHE L 196 45.46 17.20 -34.16
CA PHE L 196 44.14 16.60 -33.99
C PHE L 196 44.30 15.10 -33.85
N CYS L 197 43.47 14.50 -32.99
CA CYS L 197 43.46 13.06 -32.77
C CYS L 197 42.24 12.44 -33.45
N SER L 198 42.42 11.21 -33.94
CA SER L 198 41.37 10.53 -34.67
C SER L 198 41.22 9.11 -34.16
N ALA L 199 39.98 8.63 -34.16
CA ALA L 199 39.67 7.25 -33.80
C ALA L 199 39.17 6.52 -35.04
N CYS L 200 39.78 5.39 -35.34
CA CYS L 200 39.49 4.63 -36.55
C CYS L 200 38.97 3.24 -36.19
N LYS L 201 38.31 2.61 -37.16
CA LYS L 201 37.71 1.31 -36.94
C LYS L 201 38.75 0.22 -36.68
N ASP L 202 40.02 0.46 -37.02
CA ASP L 202 41.08 -0.51 -36.81
C ASP L 202 41.60 -0.50 -35.37
N LYS L 203 40.86 0.09 -34.44
CA LYS L 203 41.24 0.19 -33.03
C LYS L 203 42.58 0.92 -32.87
N SER L 204 42.89 1.84 -33.77
CA SER L 204 44.14 2.58 -33.74
C SER L 204 43.84 4.06 -33.50
N VAL L 205 44.54 4.64 -32.55
CA VAL L 205 44.41 6.07 -32.25
C VAL L 205 45.59 6.79 -32.88
N ARG L 206 45.29 7.81 -33.68
CA ARG L 206 46.31 8.50 -34.47
C ARG L 206 46.31 9.98 -34.13
N ILE L 207 47.51 10.52 -33.92
CA ILE L 207 47.72 11.96 -33.77
C ILE L 207 48.43 12.45 -35.01
N ILE L 208 47.82 13.40 -35.71
CA ILE L 208 48.27 13.81 -37.03
C ILE L 208 48.45 15.32 -37.03
N ASP L 209 49.56 15.79 -37.61
CA ASP L 209 49.77 17.21 -37.84
C ASP L 209 49.14 17.57 -39.18
N PRO L 210 48.09 18.39 -39.22
CA PRO L 210 47.43 18.66 -40.50
C PRO L 210 48.27 19.52 -41.43
N ARG L 211 48.91 20.58 -40.90
CA ARG L 211 49.71 21.46 -41.74
C ARG L 211 50.89 20.74 -42.35
N ARG L 212 51.35 19.65 -41.75
CA ARG L 212 52.45 18.86 -42.30
C ARG L 212 52.01 17.52 -42.85
N GLY L 213 50.80 17.06 -42.52
CA GLY L 213 50.32 15.78 -43.03
C GLY L 213 51.14 14.59 -42.56
N THR L 214 51.70 14.65 -41.37
CA THR L 214 52.53 13.58 -40.83
C THR L 214 51.85 12.97 -39.61
N LEU L 215 52.02 11.66 -39.44
CA LEU L 215 51.50 10.93 -38.30
C LEU L 215 52.45 11.14 -37.13
N VAL L 216 52.01 11.92 -36.13
CA VAL L 216 52.86 12.20 -34.99
C VAL L 216 53.02 10.96 -34.12
N ALA L 217 51.90 10.42 -33.64
CA ALA L 217 51.92 9.22 -32.82
C ALA L 217 50.74 8.33 -33.18
N GLU L 218 50.91 7.03 -33.00
CA GLU L 218 49.86 6.06 -33.27
C GLU L 218 49.93 4.93 -32.25
N ARG L 219 48.77 4.55 -31.73
CA ARG L 219 48.66 3.41 -30.80
C ARG L 219 47.70 2.41 -31.42
N GLU L 220 48.22 1.24 -31.77
CA GLU L 220 47.40 0.19 -32.37
C GLU L 220 46.72 -0.63 -31.28
N LYS L 221 45.49 -1.07 -31.57
CA LYS L 221 44.71 -1.90 -30.65
C LYS L 221 44.59 -1.25 -29.28
N ALA L 222 44.22 0.04 -29.27
CA ALA L 222 44.01 0.74 -28.02
C ALA L 222 42.89 0.08 -27.20
N HIS L 223 41.82 -0.31 -27.85
CA HIS L 223 40.76 -1.09 -27.24
C HIS L 223 40.51 -2.34 -28.07
N GLU L 224 40.49 -3.49 -27.41
CA GLU L 224 40.44 -4.76 -28.13
C GLU L 224 39.05 -5.07 -28.67
N GLY L 225 38.00 -4.42 -28.16
CA GLY L 225 36.68 -4.67 -28.65
C GLY L 225 36.48 -4.15 -30.07
N ALA L 226 35.54 -4.76 -30.78
CA ALA L 226 35.20 -4.34 -32.14
C ALA L 226 34.15 -3.25 -32.19
N ARG L 227 33.57 -2.87 -31.05
CA ARG L 227 32.55 -1.85 -31.03
C ARG L 227 33.19 -0.47 -31.28
N PRO L 228 32.39 0.50 -31.71
CA PRO L 228 32.94 1.84 -31.96
C PRO L 228 33.55 2.44 -30.70
N MET L 229 34.62 3.21 -30.89
CA MET L 229 35.36 3.82 -29.80
C MET L 229 35.71 5.25 -30.16
N ARG L 230 35.89 6.08 -29.13
CA ARG L 230 36.13 7.50 -29.30
C ARG L 230 37.52 7.86 -28.77
N ALA L 231 37.96 9.07 -29.14
CA ALA L 231 39.24 9.59 -28.70
C ALA L 231 39.20 11.10 -28.75
N ILE L 232 39.60 11.76 -27.65
CA ILE L 232 39.59 13.21 -27.57
C ILE L 232 40.92 13.69 -27.00
N PHE L 233 41.25 14.94 -27.29
CA PHE L 233 42.42 15.60 -26.75
C PHE L 233 42.08 16.27 -25.43
N LEU L 234 43.06 16.34 -24.54
CA LEU L 234 42.92 17.06 -23.29
C LEU L 234 43.64 18.40 -23.36
N ALA L 235 43.24 19.32 -22.48
CA ALA L 235 43.84 20.65 -22.47
C ALA L 235 45.33 20.59 -22.17
N ASP L 236 45.73 19.75 -21.21
CA ASP L 236 47.14 19.61 -20.89
C ASP L 236 47.93 18.90 -21.98
N GLY L 237 47.25 18.24 -22.91
CA GLY L 237 47.91 17.58 -24.01
C GLY L 237 47.89 16.07 -23.99
N LYS L 238 46.95 15.45 -23.28
CA LYS L 238 46.80 14.00 -23.27
C LYS L 238 45.56 13.59 -24.06
N VAL L 239 45.41 12.28 -24.23
CA VAL L 239 44.33 11.70 -25.03
C VAL L 239 43.47 10.83 -24.13
N PHE L 240 42.17 11.07 -24.15
CA PHE L 240 41.19 10.25 -23.43
C PHE L 240 40.45 9.44 -24.48
N THR L 241 40.52 8.11 -24.37
CA THR L 241 39.85 7.21 -25.30
C THR L 241 38.87 6.33 -24.54
N THR L 242 37.65 6.23 -25.07
CA THR L 242 36.63 5.36 -24.52
C THR L 242 36.36 4.26 -25.54
N GLY L 243 36.51 3.01 -25.11
CA GLY L 243 36.37 1.90 -26.02
C GLY L 243 35.87 0.65 -25.33
N PHE L 244 35.96 -0.46 -26.05
CA PHE L 244 35.42 -1.73 -25.60
C PHE L 244 36.54 -2.76 -25.49
N SER L 245 36.32 -3.76 -24.64
CA SER L 245 37.27 -4.83 -24.42
C SER L 245 36.88 -6.05 -25.26
N ARG L 246 37.75 -7.07 -25.22
CA ARG L 246 37.43 -8.33 -25.89
C ARG L 246 36.16 -8.95 -25.34
N MET L 247 35.89 -8.76 -24.05
CA MET L 247 34.66 -9.22 -23.43
C MET L 247 33.53 -8.21 -23.54
N SER L 248 33.61 -7.31 -24.51
CA SER L 248 32.55 -6.33 -24.80
C SER L 248 32.22 -5.49 -23.56
N GLU L 249 33.25 -5.08 -22.82
CA GLU L 249 33.09 -4.23 -21.66
C GLU L 249 33.59 -2.83 -22.01
N ARG L 250 32.77 -1.83 -21.70
CA ARG L 250 33.16 -0.45 -21.97
C ARG L 250 34.26 0.00 -21.03
N GLN L 251 35.32 0.59 -21.60
CA GLN L 251 36.49 0.98 -20.83
C GLN L 251 36.83 2.43 -21.10
N LEU L 252 37.52 3.04 -20.13
CA LEU L 252 38.06 4.38 -20.25
C LEU L 252 39.57 4.30 -20.11
N ALA L 253 40.30 4.96 -21.01
CA ALA L 253 41.75 4.89 -21.04
C ALA L 253 42.35 6.28 -21.17
N LEU L 254 43.50 6.46 -20.52
CA LEU L 254 44.29 7.68 -20.61
C LEU L 254 45.62 7.37 -21.26
N TRP L 255 46.03 8.21 -22.20
CA TRP L 255 47.22 7.97 -22.99
C TRP L 255 48.15 9.17 -22.98
N ASP L 256 49.45 8.89 -22.91
CA ASP L 256 50.48 9.93 -23.02
C ASP L 256 51.01 9.95 -24.44
N PRO L 257 50.92 11.08 -25.15
CA PRO L 257 51.46 11.12 -26.51
C PRO L 257 52.96 10.85 -26.59
N GLU L 258 53.69 11.07 -25.50
CA GLU L 258 55.12 10.76 -25.46
C GLU L 258 55.41 9.31 -25.12
N ASN L 259 54.40 8.55 -24.67
CA ASN L 259 54.60 7.15 -24.31
C ASN L 259 53.25 6.45 -24.44
N LEU L 260 53.06 5.71 -25.53
CA LEU L 260 51.81 5.03 -25.81
C LEU L 260 51.91 3.52 -25.69
N GLU L 261 53.01 3.01 -25.12
CA GLU L 261 53.17 1.56 -24.99
C GLU L 261 52.12 0.96 -24.07
N GLU L 262 51.76 1.67 -23.00
CA GLU L 262 50.68 1.27 -22.10
C GLU L 262 49.89 2.50 -21.70
N PRO L 263 48.59 2.38 -21.52
CA PRO L 263 47.80 3.54 -21.08
C PRO L 263 48.13 3.92 -19.65
N MET L 264 47.98 5.22 -19.36
CA MET L 264 48.18 5.69 -18.00
C MET L 264 47.15 5.11 -17.04
N ALA L 265 45.91 4.99 -17.50
CA ALA L 265 44.85 4.40 -16.70
C ALA L 265 43.95 3.56 -17.61
N LEU L 266 43.26 2.60 -17.01
CA LEU L 266 42.34 1.75 -17.74
C LEU L 266 41.28 1.25 -16.75
N GLN L 267 40.10 1.86 -16.80
CA GLN L 267 38.99 1.49 -15.93
C GLN L 267 37.84 0.97 -16.76
N GLU L 268 37.15 -0.04 -16.24
CA GLU L 268 36.00 -0.63 -16.92
C GLU L 268 34.73 -0.16 -16.23
N LEU L 269 33.77 0.29 -17.03
CA LEU L 269 32.52 0.83 -16.48
C LEU L 269 31.44 -0.24 -16.37
N ASP L 270 31.08 -0.86 -17.48
CA ASP L 270 30.03 -1.88 -17.50
C ASP L 270 30.16 -2.68 -18.78
N SER L 271 29.22 -3.61 -18.99
CA SER L 271 29.17 -4.42 -20.19
C SER L 271 28.03 -4.01 -21.11
N SER L 272 27.46 -2.82 -20.88
CA SER L 272 26.36 -2.34 -21.70
C SER L 272 26.85 -1.96 -23.10
N ASN L 273 25.92 -1.93 -24.04
CA ASN L 273 26.21 -1.55 -25.41
C ASN L 273 26.14 -0.03 -25.56
N GLY L 274 26.25 0.44 -26.79
CA GLY L 274 26.19 1.85 -27.07
C GLY L 274 27.52 2.55 -26.92
N ALA L 275 27.90 3.34 -27.92
CA ALA L 275 29.17 4.05 -27.88
C ALA L 275 29.16 5.10 -26.78
N LEU L 276 30.32 5.31 -26.16
CA LEU L 276 30.45 6.27 -25.07
C LEU L 276 30.96 7.59 -25.62
N LEU L 277 30.11 8.61 -25.60
CA LEU L 277 30.50 9.92 -26.08
C LEU L 277 31.06 10.73 -24.92
N PRO L 278 32.35 11.09 -24.94
CA PRO L 278 32.91 11.90 -23.85
C PRO L 278 32.75 13.39 -24.11
N PHE L 279 32.54 14.13 -23.02
CA PHE L 279 32.41 15.58 -23.07
C PHE L 279 33.42 16.17 -22.09
N TYR L 280 34.43 16.86 -22.62
CA TYR L 280 35.53 17.37 -21.83
C TYR L 280 35.30 18.84 -21.46
N ASP L 281 35.61 19.17 -20.21
CA ASP L 281 35.59 20.55 -19.74
C ASP L 281 37.00 20.95 -19.34
N PRO L 282 37.73 21.66 -20.20
CA PRO L 282 39.11 22.02 -19.87
C PRO L 282 39.23 22.88 -18.63
N ASP L 283 38.26 23.74 -18.36
CA ASP L 283 38.34 24.61 -17.18
C ASP L 283 38.35 23.80 -15.89
N THR L 284 37.50 22.78 -15.81
CA THR L 284 37.40 21.96 -14.61
C THR L 284 38.15 20.65 -14.73
N SER L 285 38.70 20.33 -15.90
CA SER L 285 39.39 19.07 -16.13
C SER L 285 38.50 17.88 -15.80
N VAL L 286 37.21 18.00 -16.15
CA VAL L 286 36.21 16.99 -15.89
C VAL L 286 35.64 16.51 -17.21
N VAL L 287 35.63 15.21 -17.41
CA VAL L 287 35.09 14.59 -18.62
C VAL L 287 33.77 13.93 -18.26
N TYR L 288 32.71 14.27 -19.00
CA TYR L 288 31.40 13.66 -18.82
C TYR L 288 31.21 12.59 -19.88
N VAL L 289 30.96 11.36 -19.44
CA VAL L 289 30.85 10.22 -20.33
C VAL L 289 29.40 9.82 -20.44
N CYS L 290 28.83 9.99 -21.63
CA CYS L 290 27.45 9.59 -21.91
C CYS L 290 27.49 8.52 -22.99
N GLY L 291 26.59 7.53 -22.89
CA GLY L 291 26.49 6.49 -23.89
C GLY L 291 25.16 6.56 -24.63
N LYS L 292 25.20 6.29 -25.93
CA LYS L 292 23.99 6.29 -26.73
C LYS L 292 23.00 5.27 -26.18
N GLY L 293 21.75 5.70 -25.99
CA GLY L 293 20.74 4.86 -25.42
C GLY L 293 20.83 4.67 -23.92
N ASP L 294 21.74 5.35 -23.26
CA ASP L 294 21.88 5.22 -21.81
C ASP L 294 21.04 6.28 -21.11
N SER L 295 20.61 5.93 -19.89
CA SER L 295 19.79 6.82 -19.07
C SER L 295 20.60 7.49 -17.97
N SER L 296 21.92 7.35 -17.98
CA SER L 296 22.77 7.91 -16.94
C SER L 296 23.96 8.61 -17.58
N ILE L 297 24.48 9.62 -16.90
CA ILE L 297 25.65 10.36 -17.32
C ILE L 297 26.70 10.24 -16.23
N ARG L 298 27.90 9.81 -16.62
CA ARG L 298 29.00 9.60 -15.68
C ARG L 298 30.09 10.63 -15.95
N TYR L 299 30.53 11.31 -14.90
CA TYR L 299 31.55 12.33 -15.01
C TYR L 299 32.74 11.99 -14.13
N PHE L 300 33.94 12.18 -14.67
CA PHE L 300 35.19 11.81 -14.02
C PHE L 300 36.12 13.01 -14.01
N GLU L 301 37.01 13.04 -13.02
CA GLU L 301 38.01 14.09 -12.90
C GLU L 301 39.36 13.54 -13.29
N ILE L 302 40.07 14.27 -14.15
CA ILE L 302 41.39 13.86 -14.64
C ILE L 302 42.42 14.74 -13.95
N THR L 303 43.28 14.12 -13.15
CA THR L 303 44.32 14.83 -12.41
C THR L 303 45.64 14.06 -12.54
N GLU L 304 46.72 14.72 -12.14
CA GLU L 304 48.04 14.10 -12.19
C GLU L 304 48.21 13.01 -11.13
N GLU L 305 47.44 13.06 -10.05
CA GLU L 305 47.54 12.02 -9.03
C GLU L 305 47.00 10.70 -9.58
N PRO L 306 47.68 9.58 -9.31
CA PRO L 306 47.18 8.30 -9.77
C PRO L 306 45.86 7.96 -9.08
N PRO L 307 45.00 7.16 -9.72
CA PRO L 307 45.16 6.51 -11.03
C PRO L 307 44.82 7.43 -12.20
N TYR L 308 44.91 8.75 -12.01
CA TYR L 308 44.70 9.78 -13.02
C TYR L 308 43.27 9.85 -13.52
N ILE L 309 42.39 8.96 -13.09
CA ILE L 309 40.99 8.95 -13.48
C ILE L 309 40.19 8.61 -12.24
N HIS L 310 39.50 9.60 -11.68
CA HIS L 310 38.77 9.44 -10.44
C HIS L 310 37.29 9.64 -10.73
N PHE L 311 36.49 8.63 -10.39
CA PHE L 311 35.05 8.71 -10.62
C PHE L 311 34.41 9.61 -9.59
N LEU L 312 33.72 10.65 -10.04
CA LEU L 312 33.14 11.64 -9.14
C LEU L 312 31.76 11.22 -8.64
N ASN L 313 30.81 11.09 -9.56
CA ASN L 313 29.44 10.69 -9.25
C ASN L 313 28.72 10.47 -10.58
N THR L 314 27.42 10.19 -10.49
CA THR L 314 26.64 9.90 -11.70
C THR L 314 25.22 10.39 -11.51
N PHE L 315 24.72 11.15 -12.48
CA PHE L 315 23.31 11.53 -12.52
C PHE L 315 22.56 10.44 -13.28
N THR L 316 21.51 9.91 -12.67
CA THR L 316 20.75 8.80 -13.23
C THR L 316 19.33 9.24 -13.56
N SER L 317 18.87 8.87 -14.75
CA SER L 317 17.51 9.14 -15.19
C SER L 317 16.83 7.83 -15.54
N LYS L 318 15.53 7.90 -15.77
CA LYS L 318 14.73 6.74 -16.15
C LYS L 318 14.50 6.64 -17.65
N GLU L 319 15.08 7.53 -18.44
CA GLU L 319 14.82 7.57 -19.87
C GLU L 319 16.13 7.54 -20.65
N PRO L 320 16.26 6.68 -21.65
CA PRO L 320 17.44 6.75 -22.53
C PRO L 320 17.41 8.02 -23.36
N GLN L 321 18.60 8.50 -23.71
CA GLN L 321 18.73 9.67 -24.57
C GLN L 321 19.16 9.25 -25.97
N ARG L 322 18.78 10.06 -26.95
CA ARG L 322 19.15 9.79 -28.34
C ARG L 322 20.43 10.51 -28.76
N GLY L 323 20.73 11.65 -28.13
CA GLY L 323 21.94 12.39 -28.42
C GLY L 323 22.27 13.28 -27.24
N MET L 324 23.31 14.08 -27.41
CA MET L 324 23.75 14.93 -26.30
C MET L 324 24.37 16.23 -26.81
N GLY L 325 24.00 17.35 -26.18
CA GLY L 325 24.60 18.63 -26.47
C GLY L 325 25.07 19.30 -25.19
N SER L 326 26.25 19.90 -25.25
CA SER L 326 26.88 20.52 -24.08
C SER L 326 26.97 22.02 -24.27
N MET L 327 26.49 22.76 -23.28
CA MET L 327 26.55 24.21 -23.30
C MET L 327 27.95 24.67 -22.89
N PRO L 328 28.65 25.43 -23.73
CA PRO L 328 29.94 25.97 -23.34
C PRO L 328 29.82 26.92 -22.15
N LYS L 329 30.99 27.30 -21.62
CA LYS L 329 31.04 28.08 -20.38
C LYS L 329 30.35 29.44 -20.53
N ARG L 330 30.42 30.04 -21.72
CA ARG L 330 29.93 31.40 -21.90
C ARG L 330 28.44 31.53 -21.65
N GLY L 331 27.66 30.48 -21.90
CA GLY L 331 26.22 30.52 -21.71
C GLY L 331 25.70 29.98 -20.40
N LEU L 332 26.58 29.61 -19.47
CA LEU L 332 26.17 29.04 -18.20
C LEU L 332 25.77 30.13 -17.21
N GLU L 333 24.95 29.75 -16.25
CA GLU L 333 24.52 30.65 -15.17
C GLU L 333 25.57 30.58 -14.07
N VAL L 334 26.52 31.51 -14.12
CA VAL L 334 27.63 31.50 -13.17
C VAL L 334 27.14 31.77 -11.75
N SER L 335 26.10 32.60 -11.61
CA SER L 335 25.63 32.99 -10.29
C SER L 335 25.06 31.82 -9.49
N LYS L 336 24.64 30.75 -10.16
CA LYS L 336 24.06 29.58 -9.49
C LYS L 336 25.07 28.47 -9.30
N CYS L 337 26.37 28.77 -9.41
CA CYS L 337 27.43 27.79 -9.27
C CYS L 337 27.24 26.62 -10.23
N GLU L 338 26.83 26.94 -11.46
CA GLU L 338 26.63 25.95 -12.51
C GLU L 338 27.89 25.86 -13.35
N ILE L 339 28.39 24.64 -13.51
CA ILE L 339 29.63 24.41 -14.27
C ILE L 339 29.39 23.73 -15.61
N ALA L 340 28.20 23.19 -15.85
CA ALA L 340 27.91 22.57 -17.13
C ALA L 340 26.40 22.48 -17.29
N ARG L 341 25.94 22.57 -18.53
CA ARG L 341 24.54 22.35 -18.87
C ARG L 341 24.47 21.36 -20.02
N PHE L 342 23.63 20.34 -19.87
CA PHE L 342 23.54 19.25 -20.83
C PHE L 342 22.11 19.16 -21.34
N TYR L 343 21.96 19.19 -22.67
CA TYR L 343 20.65 19.10 -23.31
C TYR L 343 20.41 17.64 -23.69
N LYS L 344 19.76 16.90 -22.79
CA LYS L 344 19.41 15.51 -23.08
C LYS L 344 18.31 15.46 -24.13
N LEU L 345 18.51 14.65 -25.16
CA LEU L 345 17.55 14.52 -26.24
C LEU L 345 16.85 13.17 -26.15
N HIS L 346 15.54 13.20 -25.95
CA HIS L 346 14.73 11.99 -26.02
C HIS L 346 14.28 11.79 -27.46
N GLU L 347 13.35 10.85 -27.68
CA GLU L 347 12.89 10.61 -29.04
C GLU L 347 11.98 11.73 -29.54
N ARG L 348 11.33 12.46 -28.61
CA ARG L 348 10.47 13.56 -29.02
C ARG L 348 10.63 14.79 -28.14
N LYS L 349 11.66 14.83 -27.29
CA LYS L 349 11.82 15.93 -26.35
C LYS L 349 13.30 16.15 -26.06
N CYS L 350 13.65 17.41 -25.83
CA CYS L 350 15.00 17.80 -25.42
C CYS L 350 14.90 18.37 -24.01
N GLU L 351 15.56 17.71 -23.06
CA GLU L 351 15.48 18.11 -21.65
C GLU L 351 16.84 18.64 -21.19
N PRO L 352 16.99 19.95 -21.00
CA PRO L 352 18.24 20.47 -20.45
C PRO L 352 18.50 19.95 -19.05
N ILE L 353 19.77 19.65 -18.76
CA ILE L 353 20.20 19.17 -17.46
C ILE L 353 21.25 20.12 -16.93
N VAL L 354 21.11 20.55 -15.68
CA VAL L 354 22.01 21.51 -15.06
C VAL L 354 22.98 20.76 -14.16
N MET L 355 24.27 20.98 -14.37
CA MET L 355 25.33 20.38 -13.57
C MET L 355 25.80 21.43 -12.56
N THR L 356 25.53 21.19 -11.28
CA THR L 356 25.68 22.23 -10.27
C THR L 356 26.65 21.80 -9.17
N VAL L 357 27.57 22.70 -8.84
CA VAL L 357 28.48 22.53 -7.70
C VAL L 357 27.83 23.11 -6.46
N PRO L 358 27.54 22.31 -5.44
CA PRO L 358 26.93 22.85 -4.22
C PRO L 358 27.90 23.72 -3.45
N ARG L 359 27.49 24.97 -3.20
CA ARG L 359 28.30 25.91 -2.45
C ARG L 359 27.41 26.74 -1.54
N LYS L 360 27.84 26.92 -0.28
CA LYS L 360 27.06 27.71 0.66
C LYS L 360 27.04 29.18 0.26
N SER L 361 28.20 29.74 -0.06
CA SER L 361 28.28 31.16 -0.38
C SER L 361 27.56 31.46 -1.68
N ASP L 362 26.82 32.57 -1.70
CA ASP L 362 26.10 33.01 -2.87
C ASP L 362 26.92 33.96 -3.74
N LEU L 363 28.16 34.24 -3.36
CA LEU L 363 29.01 35.14 -4.12
C LEU L 363 29.66 34.39 -5.28
N PHE L 364 30.43 35.13 -6.08
CA PHE L 364 31.13 34.53 -7.21
C PHE L 364 32.23 33.61 -6.70
N GLN L 365 32.36 32.45 -7.35
CA GLN L 365 33.37 31.46 -6.98
C GLN L 365 34.50 31.52 -8.01
N ASP L 366 35.61 32.14 -7.63
CA ASP L 366 36.74 32.30 -8.56
C ASP L 366 37.35 30.94 -8.92
N ASP L 367 37.47 30.05 -7.94
CA ASP L 367 38.06 28.74 -8.20
C ASP L 367 37.24 27.94 -9.19
N LEU L 368 35.91 27.98 -9.09
CA LEU L 368 35.07 27.20 -9.98
C LEU L 368 35.11 27.72 -11.41
N TYR L 369 35.47 29.00 -11.59
CA TYR L 369 35.38 29.65 -12.89
C TYR L 369 36.70 30.31 -13.25
N PRO L 370 37.67 29.56 -13.73
CA PRO L 370 38.88 30.15 -14.29
C PRO L 370 38.58 30.72 -15.67
N ASP L 371 39.51 31.53 -16.17
CA ASP L 371 39.32 32.19 -17.45
C ASP L 371 39.07 31.17 -18.55
N THR L 372 38.06 31.42 -19.37
CA THR L 372 37.64 30.52 -20.44
C THR L 372 37.88 31.15 -21.80
N ALA L 373 38.03 30.28 -22.80
CA ALA L 373 38.27 30.74 -24.16
C ALA L 373 37.10 31.59 -24.65
N GLY L 374 37.42 32.74 -25.22
CA GLY L 374 36.41 33.67 -25.68
C GLY L 374 35.93 33.37 -27.08
N PRO L 375 34.93 34.12 -27.54
CA PRO L 375 34.40 33.93 -28.90
C PRO L 375 35.19 34.65 -29.99
N GLU L 376 36.41 35.09 -29.72
CA GLU L 376 37.25 35.76 -30.71
C GLU L 376 38.40 34.84 -31.10
N ALA L 377 38.61 34.69 -32.40
CA ALA L 377 39.67 33.81 -32.88
C ALA L 377 41.04 34.41 -32.61
N ALA L 378 41.96 33.56 -32.16
CA ALA L 378 43.32 34.02 -31.90
C ALA L 378 44.07 34.34 -33.19
N LEU L 379 43.98 33.47 -34.18
CA LEU L 379 44.65 33.64 -35.45
C LEU L 379 43.63 33.64 -36.58
N GLU L 380 44.13 33.68 -37.81
CA GLU L 380 43.32 33.59 -39.01
C GLU L 380 43.79 32.40 -39.85
N ALA L 381 43.00 32.07 -40.87
CA ALA L 381 43.31 30.90 -41.69
C ALA L 381 44.65 31.04 -42.37
N GLU L 382 44.91 32.20 -42.99
CA GLU L 382 46.18 32.40 -43.70
C GLU L 382 47.35 32.40 -42.72
N GLU L 383 47.19 33.02 -41.55
CA GLU L 383 48.26 33.02 -40.56
C GLU L 383 48.52 31.62 -40.04
N TRP L 384 47.47 30.85 -39.77
CA TRP L 384 47.65 29.48 -39.29
C TRP L 384 48.28 28.60 -40.35
N VAL L 385 47.97 28.83 -41.63
CA VAL L 385 48.58 28.06 -42.70
C VAL L 385 50.09 28.23 -42.69
N SER L 386 50.56 29.45 -42.42
CA SER L 386 51.99 29.71 -42.36
C SER L 386 52.67 28.86 -41.29
N GLY L 387 51.93 28.47 -40.25
CA GLY L 387 52.50 27.67 -39.19
C GLY L 387 52.41 28.35 -37.84
N ARG L 388 51.73 29.49 -37.79
CA ARG L 388 51.58 30.22 -36.54
C ARG L 388 50.71 29.43 -35.56
N ASP L 389 51.10 29.46 -34.29
CA ASP L 389 50.37 28.78 -33.23
C ASP L 389 50.10 29.77 -32.10
N ALA L 390 48.86 29.84 -31.65
CA ALA L 390 48.48 30.70 -30.55
C ALA L 390 47.36 30.04 -29.75
N ASP L 391 47.40 30.24 -28.44
CA ASP L 391 46.37 29.70 -27.57
C ASP L 391 45.09 30.51 -27.68
N PRO L 392 43.94 29.91 -27.40
CA PRO L 392 42.68 30.65 -27.46
C PRO L 392 42.68 31.82 -26.47
N ILE L 393 42.04 32.92 -26.90
CA ILE L 393 41.97 34.10 -26.05
C ILE L 393 40.99 33.83 -24.91
N LEU L 394 41.43 34.13 -23.69
CA LEU L 394 40.64 33.86 -22.49
C LEU L 394 39.90 35.10 -22.03
N ILE L 395 38.65 34.93 -21.63
CA ILE L 395 37.82 36.01 -21.12
C ILE L 395 37.51 35.72 -19.65
N SER L 396 36.84 36.68 -19.02
CA SER L 396 36.48 36.59 -17.61
C SER L 396 34.98 36.39 -17.47
N LEU L 397 34.59 35.43 -16.65
CA LEU L 397 33.18 35.15 -16.38
C LEU L 397 32.65 35.93 -15.19
N ARG L 398 33.47 36.78 -14.58
CA ARG L 398 33.02 37.59 -13.45
C ARG L 398 31.90 38.53 -13.86
N GLU L 399 31.95 39.04 -15.09
CA GLU L 399 30.94 39.97 -15.57
C GLU L 399 29.56 39.33 -15.67
N ALA L 400 29.50 38.02 -15.91
CA ALA L 400 28.22 37.33 -16.00
C ALA L 400 27.53 37.17 -14.65
N TYR L 401 28.23 37.42 -13.55
CA TYR L 401 27.63 37.31 -12.23
C TYR L 401 26.55 38.37 -12.05
N VAL L 402 25.45 37.98 -11.40
CA VAL L 402 24.34 38.90 -11.17
C VAL L 402 24.00 38.93 -9.69
N LYS M 10 -48.42 2.71 -4.98
CA LYS M 10 -48.78 4.13 -5.13
C LYS M 10 -47.68 4.89 -5.86
N VAL M 11 -46.43 4.64 -5.46
CA VAL M 11 -45.30 5.31 -6.09
C VAL M 11 -45.18 4.88 -7.55
N VAL M 12 -45.35 3.59 -7.83
CA VAL M 12 -45.20 3.04 -9.17
C VAL M 12 -46.56 2.50 -9.61
N ARG M 13 -46.98 2.87 -10.81
CA ARG M 13 -48.22 2.34 -11.37
C ARG M 13 -48.16 0.82 -11.43
N GLN M 14 -49.23 0.18 -10.97
CA GLN M 14 -49.26 -1.27 -10.87
C GLN M 14 -49.34 -1.89 -12.27
N SER M 15 -48.32 -2.66 -12.64
CA SER M 15 -48.30 -3.32 -13.93
C SER M 15 -47.38 -4.53 -13.84
N LYS M 16 -47.59 -5.47 -14.76
CA LYS M 16 -46.80 -6.70 -14.82
C LYS M 16 -45.93 -6.78 -16.07
N PHE M 17 -45.95 -5.75 -16.91
CA PHE M 17 -45.11 -5.66 -18.08
C PHE M 17 -44.22 -4.42 -18.06
N ARG M 18 -43.98 -3.84 -16.89
CA ARG M 18 -43.11 -2.67 -16.83
C ARG M 18 -41.65 -3.03 -17.05
N HIS M 19 -41.29 -4.31 -17.02
CA HIS M 19 -39.90 -4.72 -17.17
C HIS M 19 -39.73 -5.72 -18.32
N VAL M 20 -40.60 -5.65 -19.33
CA VAL M 20 -40.46 -6.53 -20.49
C VAL M 20 -39.29 -6.06 -21.33
N PHE M 21 -38.39 -6.99 -21.66
CA PHE M 21 -37.20 -6.69 -22.44
C PHE M 21 -37.14 -7.59 -23.66
N GLY M 22 -36.55 -7.07 -24.73
CA GLY M 22 -36.45 -7.79 -25.99
C GLY M 22 -35.03 -8.31 -26.23
N GLN M 23 -34.95 -9.48 -26.84
CA GLN M 23 -33.66 -10.09 -27.15
C GLN M 23 -33.74 -10.80 -28.49
N PRO M 24 -32.85 -10.47 -29.43
CA PRO M 24 -32.84 -11.18 -30.71
C PRO M 24 -32.42 -12.63 -30.53
N VAL M 25 -32.97 -13.49 -31.38
CA VAL M 25 -32.60 -14.90 -31.39
C VAL M 25 -31.20 -15.03 -31.97
N LYS M 26 -30.59 -16.20 -31.80
CA LYS M 26 -29.24 -16.41 -32.31
C LYS M 26 -29.24 -16.41 -33.83
N ASN M 27 -28.04 -16.31 -34.40
CA ASN M 27 -27.90 -16.20 -35.85
C ASN M 27 -28.45 -17.43 -36.55
N ASP M 28 -28.21 -18.61 -35.99
CA ASP M 28 -28.68 -19.86 -36.61
C ASP M 28 -30.19 -19.97 -36.62
N GLN M 29 -30.90 -19.21 -35.80
CA GLN M 29 -32.35 -19.28 -35.73
C GLN M 29 -33.03 -18.25 -36.64
N CYS M 30 -32.26 -17.46 -37.36
CA CYS M 30 -32.81 -16.43 -38.23
C CYS M 30 -33.05 -17.01 -39.63
N TYR M 31 -33.45 -16.14 -40.54
CA TYR M 31 -33.68 -16.49 -41.95
C TYR M 31 -32.96 -15.48 -42.82
N GLU M 32 -31.98 -15.93 -43.58
CA GLU M 32 -31.16 -15.06 -44.41
C GLU M 32 -31.39 -15.38 -45.89
N ASP M 33 -30.72 -14.61 -46.75
CA ASP M 33 -30.78 -14.79 -48.20
C ASP M 33 -32.22 -14.76 -48.71
N ILE M 34 -33.00 -13.81 -48.19
CA ILE M 34 -34.37 -13.59 -48.62
C ILE M 34 -34.46 -12.21 -49.24
N ARG M 35 -34.86 -12.16 -50.51
CA ARG M 35 -35.03 -10.89 -51.21
C ARG M 35 -36.40 -10.31 -50.81
N VAL M 36 -36.35 -9.29 -49.95
CA VAL M 36 -37.58 -8.70 -49.46
C VAL M 36 -38.19 -7.84 -50.56
N SER M 37 -39.51 -7.67 -50.50
CA SER M 37 -40.21 -6.87 -51.49
C SER M 37 -39.75 -5.42 -51.43
N ARG M 38 -39.81 -4.74 -52.57
CA ARG M 38 -39.36 -3.37 -52.71
C ARG M 38 -40.54 -2.49 -53.14
N VAL M 39 -41.68 -2.66 -52.48
CA VAL M 39 -42.89 -1.92 -52.79
C VAL M 39 -43.03 -0.80 -51.76
N THR M 40 -43.31 0.42 -52.24
CA THR M 40 -43.47 1.58 -51.36
C THR M 40 -44.70 1.46 -50.46
N TRP M 41 -45.64 0.57 -50.78
CA TRP M 41 -46.83 0.40 -49.97
C TRP M 41 -46.44 0.04 -48.54
N ASP M 42 -47.14 0.65 -47.57
CA ASP M 42 -46.79 0.50 -46.15
C ASP M 42 -47.70 -0.56 -45.54
N SER M 43 -47.19 -1.80 -45.54
CA SER M 43 -47.88 -2.93 -44.93
C SER M 43 -46.91 -3.67 -44.01
N THR M 44 -47.41 -4.75 -43.40
CA THR M 44 -46.60 -5.54 -42.48
C THR M 44 -45.48 -6.27 -43.20
N PHE M 45 -45.66 -6.60 -44.48
CA PHE M 45 -44.69 -7.32 -45.30
C PHE M 45 -44.40 -8.73 -44.78
N CYS M 46 -45.09 -9.16 -43.72
CA CYS M 46 -44.82 -10.46 -43.11
C CYS M 46 -46.08 -10.96 -42.42
N ALA M 47 -46.31 -12.26 -42.50
CA ALA M 47 -47.42 -12.92 -41.83
C ALA M 47 -46.94 -14.27 -41.33
N VAL M 48 -47.07 -14.49 -40.02
CA VAL M 48 -46.56 -15.69 -39.37
C VAL M 48 -47.68 -16.36 -38.59
N ASN M 49 -47.73 -17.68 -38.68
CA ASN M 49 -48.66 -18.52 -37.96
C ASN M 49 -47.87 -19.58 -37.22
N PRO M 50 -48.50 -20.31 -36.28
CA PRO M 50 -47.76 -21.32 -35.51
C PRO M 50 -47.12 -22.42 -36.36
N LYS M 51 -47.33 -22.41 -37.66
CA LYS M 51 -46.82 -23.44 -38.55
C LYS M 51 -45.75 -22.94 -39.51
N PHE M 52 -46.02 -21.87 -40.24
CA PHE M 52 -45.12 -21.40 -41.30
C PHE M 52 -44.77 -19.94 -41.08
N LEU M 53 -44.01 -19.39 -42.03
CA LEU M 53 -43.65 -17.98 -42.05
C LEU M 53 -43.79 -17.47 -43.48
N ALA M 54 -44.55 -16.40 -43.66
CA ALA M 54 -44.79 -15.82 -44.97
C ALA M 54 -44.17 -14.44 -45.06
N VAL M 55 -43.32 -14.24 -46.07
CA VAL M 55 -42.66 -12.97 -46.30
C VAL M 55 -42.83 -12.59 -47.76
N ILE M 56 -43.33 -11.38 -48.01
CA ILE M 56 -43.46 -10.89 -49.38
C ILE M 56 -42.07 -10.67 -49.97
N VAL M 57 -41.85 -11.19 -51.17
CA VAL M 57 -40.53 -11.18 -51.78
C VAL M 57 -40.60 -10.43 -53.10
N GLU M 58 -39.44 -9.96 -53.55
CA GLU M 58 -39.31 -9.24 -54.81
C GLU M 58 -39.24 -10.23 -55.96
N ALA M 59 -40.01 -9.99 -57.01
CA ALA M 59 -40.04 -10.84 -58.18
C ALA M 59 -39.78 -10.00 -59.43
N SER M 60 -38.99 -10.56 -60.35
CA SER M 60 -38.72 -9.87 -61.61
C SER M 60 -40.00 -9.69 -62.42
N GLY M 61 -40.84 -10.72 -62.46
CA GLY M 61 -42.11 -10.64 -63.16
C GLY M 61 -43.25 -11.06 -62.27
N GLY M 62 -44.32 -10.26 -62.30
CA GLY M 62 -45.44 -10.55 -61.42
C GLY M 62 -45.09 -10.27 -59.96
N GLY M 63 -45.72 -11.02 -59.07
CA GLY M 63 -45.47 -10.89 -57.65
C GLY M 63 -45.52 -12.24 -56.98
N ALA M 64 -44.79 -12.35 -55.87
CA ALA M 64 -44.72 -13.59 -55.13
C ALA M 64 -44.38 -13.30 -53.68
N PHE M 65 -44.69 -14.25 -52.81
CA PHE M 65 -44.29 -14.20 -51.42
C PHE M 65 -43.76 -15.57 -51.02
N LEU M 66 -42.78 -15.57 -50.11
CA LEU M 66 -42.09 -16.79 -49.72
C LEU M 66 -42.76 -17.35 -48.47
N VAL M 67 -43.21 -18.60 -48.55
CA VAL M 67 -43.77 -19.32 -47.41
C VAL M 67 -42.84 -20.47 -47.10
N LEU M 68 -42.31 -20.49 -45.88
CA LEU M 68 -41.35 -21.50 -45.46
C LEU M 68 -41.70 -21.98 -44.07
N PRO M 69 -41.34 -23.22 -43.72
CA PRO M 69 -41.59 -23.71 -42.37
C PRO M 69 -40.77 -22.95 -41.34
N LEU M 70 -41.29 -22.91 -40.12
CA LEU M 70 -40.59 -22.25 -39.02
C LEU M 70 -39.26 -22.93 -38.72
N SER M 71 -39.21 -24.27 -38.83
CA SER M 71 -37.98 -25.00 -38.58
C SER M 71 -36.93 -24.74 -39.65
N LYS M 72 -37.33 -24.25 -40.83
CA LYS M 72 -36.39 -23.99 -41.92
C LYS M 72 -35.71 -22.65 -41.66
N THR M 73 -34.75 -22.68 -40.74
CA THR M 73 -33.99 -21.51 -40.36
C THR M 73 -32.72 -21.43 -41.21
N GLY M 74 -31.82 -20.51 -40.84
CA GLY M 74 -30.60 -20.33 -41.59
C GLY M 74 -30.84 -19.66 -42.92
N ARG M 75 -29.84 -19.77 -43.79
CA ARG M 75 -29.96 -19.19 -45.13
C ARG M 75 -30.96 -19.98 -45.97
N ILE M 76 -31.65 -19.27 -46.86
CA ILE M 76 -32.64 -19.88 -47.74
C ILE M 76 -32.08 -19.87 -49.16
N ASP M 77 -32.26 -20.99 -49.87
CA ASP M 77 -31.79 -21.08 -51.25
C ASP M 77 -32.46 -20.02 -52.11
N LYS M 78 -31.67 -19.43 -53.01
CA LYS M 78 -32.22 -18.42 -53.92
C LYS M 78 -33.25 -19.03 -54.86
N ALA M 79 -33.14 -20.33 -55.14
CA ALA M 79 -34.08 -21.03 -56.00
C ALA M 79 -35.18 -21.73 -55.20
N TYR M 80 -35.43 -21.29 -53.97
CA TYR M 80 -36.49 -21.89 -53.17
C TYR M 80 -37.84 -21.63 -53.82
N PRO M 81 -38.72 -22.64 -53.86
CA PRO M 81 -40.03 -22.44 -54.47
C PRO M 81 -40.86 -21.44 -53.68
N THR M 82 -41.35 -20.41 -54.36
CA THR M 82 -42.16 -19.37 -53.76
C THR M 82 -43.59 -19.47 -54.26
N VAL M 83 -44.46 -18.63 -53.70
CA VAL M 83 -45.87 -18.60 -54.07
C VAL M 83 -46.02 -17.50 -55.11
N CYS M 84 -45.85 -17.87 -56.37
CA CYS M 84 -45.86 -16.93 -57.49
C CYS M 84 -47.10 -17.21 -58.34
N GLY M 85 -48.20 -16.55 -58.02
CA GLY M 85 -49.41 -16.68 -58.81
C GLY M 85 -49.93 -15.36 -59.31
N HIS M 86 -49.59 -14.27 -58.61
CA HIS M 86 -50.04 -12.95 -59.02
C HIS M 86 -49.25 -12.46 -60.22
N THR M 87 -49.93 -11.71 -61.09
CA THR M 87 -49.27 -11.06 -62.22
C THR M 87 -48.70 -9.70 -61.86
N GLY M 88 -48.91 -9.24 -60.63
CA GLY M 88 -48.34 -8.00 -60.15
C GLY M 88 -47.77 -8.17 -58.76
N PRO M 89 -47.00 -7.18 -58.29
CA PRO M 89 -46.36 -7.29 -56.98
C PRO M 89 -47.40 -7.46 -55.87
N VAL M 90 -47.06 -8.34 -54.91
CA VAL M 90 -47.96 -8.63 -53.80
C VAL M 90 -47.86 -7.51 -52.77
N LEU M 91 -49.02 -7.05 -52.29
CA LEU M 91 -49.07 -5.94 -51.35
C LEU M 91 -49.27 -6.39 -49.91
N ASP M 92 -50.22 -7.28 -49.64
CA ASP M 92 -50.51 -7.70 -48.28
C ASP M 92 -50.80 -9.19 -48.24
N ILE M 93 -50.46 -9.81 -47.10
CA ILE M 93 -50.73 -11.22 -46.85
C ILE M 93 -51.26 -11.36 -45.44
N ASP M 94 -52.07 -12.40 -45.22
CA ASP M 94 -52.64 -12.65 -43.90
C ASP M 94 -53.05 -14.11 -43.80
N TRP M 95 -52.57 -14.79 -42.76
CA TRP M 95 -52.96 -16.17 -42.53
C TRP M 95 -54.40 -16.25 -42.05
N CYS M 96 -55.06 -17.33 -42.42
CA CYS M 96 -56.41 -17.59 -41.91
C CYS M 96 -56.32 -18.02 -40.45
N PRO M 97 -57.00 -17.32 -39.53
CA PRO M 97 -56.91 -17.72 -38.11
C PRO M 97 -57.43 -19.11 -37.84
N HIS M 98 -58.43 -19.56 -38.60
CA HIS M 98 -59.04 -20.87 -38.39
C HIS M 98 -58.41 -21.95 -39.24
N ASN M 99 -57.36 -21.64 -39.99
CA ASN M 99 -56.71 -22.63 -40.85
C ASN M 99 -55.27 -22.20 -41.04
N ASP M 100 -54.34 -22.94 -40.42
CA ASP M 100 -52.93 -22.59 -40.48
C ASP M 100 -52.32 -22.78 -41.87
N GLU M 101 -52.98 -23.54 -42.75
CA GLU M 101 -52.46 -23.80 -44.08
C GLU M 101 -53.16 -22.94 -45.14
N VAL M 102 -53.94 -21.95 -44.74
CA VAL M 102 -54.66 -21.08 -45.67
C VAL M 102 -54.20 -19.65 -45.46
N ILE M 103 -53.77 -19.00 -46.53
CA ILE M 103 -53.32 -17.61 -46.50
C ILE M 103 -53.85 -16.90 -47.74
N ALA M 104 -54.28 -15.66 -47.57
CA ALA M 104 -54.76 -14.83 -48.67
C ALA M 104 -53.79 -13.71 -48.95
N SER M 105 -53.69 -13.34 -50.23
CA SER M 105 -52.75 -12.32 -50.66
C SER M 105 -53.43 -11.34 -51.60
N GLY M 106 -53.16 -10.06 -51.40
CA GLY M 106 -53.62 -9.01 -52.29
C GLY M 106 -52.42 -8.42 -53.03
N SER M 107 -52.61 -8.08 -54.30
CA SER M 107 -51.52 -7.63 -55.15
C SER M 107 -51.99 -6.51 -56.07
N GLU M 108 -51.07 -6.09 -56.94
CA GLU M 108 -51.33 -5.00 -57.88
C GLU M 108 -52.33 -5.38 -58.97
N ASP M 109 -52.53 -6.67 -59.22
CA ASP M 109 -53.40 -7.14 -60.29
C ASP M 109 -54.89 -6.89 -60.00
N CYS M 110 -55.20 -6.18 -58.93
CA CYS M 110 -56.59 -5.91 -58.51
C CYS M 110 -57.35 -7.18 -58.19
N THR M 111 -56.63 -8.23 -57.82
CA THR M 111 -57.23 -9.51 -57.44
C THR M 111 -56.72 -9.93 -56.07
N VAL M 112 -57.62 -10.53 -55.30
CA VAL M 112 -57.26 -11.22 -54.07
C VAL M 112 -57.30 -12.71 -54.38
N MET M 113 -56.27 -13.43 -53.96
CA MET M 113 -56.15 -14.84 -54.29
C MET M 113 -55.67 -15.63 -53.07
N VAL M 114 -56.38 -16.72 -52.78
CA VAL M 114 -56.20 -17.48 -51.55
C VAL M 114 -55.55 -18.81 -51.90
N TRP M 115 -54.61 -19.24 -51.05
CA TRP M 115 -53.81 -20.42 -51.29
C TRP M 115 -54.10 -21.49 -50.23
N GLN M 116 -53.61 -22.69 -50.50
CA GLN M 116 -53.61 -23.80 -49.55
C GLN M 116 -52.19 -24.35 -49.49
N ILE M 117 -51.52 -24.15 -48.35
CA ILE M 117 -50.13 -24.54 -48.20
C ILE M 117 -50.03 -25.98 -47.75
N PRO M 118 -49.20 -26.81 -48.39
CA PRO M 118 -49.01 -28.18 -47.92
C PRO M 118 -48.39 -28.22 -46.54
N GLU M 119 -48.59 -29.34 -45.85
CA GLU M 119 -48.15 -29.46 -44.46
C GLU M 119 -46.64 -29.35 -44.34
N ASN M 120 -45.90 -29.95 -45.26
CA ASN M 120 -44.44 -29.94 -45.23
C ASN M 120 -43.84 -28.74 -45.95
N GLY M 121 -44.67 -27.85 -46.48
CA GLY M 121 -44.20 -26.67 -47.18
C GLY M 121 -44.33 -26.79 -48.68
N LEU M 122 -43.48 -26.04 -49.38
CA LEU M 122 -43.48 -25.99 -50.83
C LEU M 122 -42.30 -26.78 -51.38
N THR M 123 -42.60 -27.77 -52.23
CA THR M 123 -41.58 -28.48 -52.97
C THR M 123 -41.41 -27.97 -54.38
N SER M 124 -42.47 -27.42 -54.97
CA SER M 124 -42.46 -26.78 -56.28
C SER M 124 -43.15 -25.43 -56.17
N PRO M 125 -42.80 -24.48 -57.04
CA PRO M 125 -43.44 -23.17 -56.99
C PRO M 125 -44.95 -23.29 -57.14
N LEU M 126 -45.68 -22.51 -56.35
CA LEU M 126 -47.13 -22.56 -56.32
C LEU M 126 -47.68 -21.45 -57.20
N THR M 127 -48.37 -21.84 -58.27
CA THR M 127 -48.98 -20.89 -59.21
C THR M 127 -50.49 -20.92 -59.21
N GLU M 128 -51.10 -22.04 -58.84
CA GLU M 128 -52.55 -22.05 -58.88
C GLU M 128 -53.15 -21.84 -57.50
N PRO M 129 -54.25 -21.11 -57.41
CA PRO M 129 -54.90 -20.87 -56.13
C PRO M 129 -56.03 -21.87 -55.86
N VAL M 130 -56.60 -21.74 -54.66
CA VAL M 130 -57.87 -22.41 -54.39
C VAL M 130 -59.02 -21.64 -55.02
N VAL M 131 -59.10 -20.34 -54.76
CA VAL M 131 -60.16 -19.49 -55.28
C VAL M 131 -59.58 -18.13 -55.61
N VAL M 132 -60.01 -17.56 -56.74
CA VAL M 132 -59.61 -16.23 -57.17
C VAL M 132 -60.72 -15.25 -56.81
N LEU M 133 -60.36 -14.14 -56.20
CA LEU M 133 -61.31 -13.10 -55.80
C LEU M 133 -61.08 -11.88 -56.68
N GLU M 134 -62.05 -11.57 -57.54
CA GLU M 134 -61.95 -10.46 -58.48
C GLU M 134 -63.16 -9.54 -58.26
N GLY M 135 -62.98 -8.52 -57.42
CA GLY M 135 -64.05 -7.58 -57.16
C GLY M 135 -63.58 -6.15 -57.05
N HIS M 136 -62.28 -5.93 -57.23
CA HIS M 136 -61.69 -4.60 -57.12
C HIS M 136 -61.17 -4.15 -58.47
N THR M 137 -61.33 -2.85 -58.76
CA THR M 137 -60.82 -2.27 -59.99
C THR M 137 -59.41 -1.73 -59.84
N LYS M 138 -58.92 -1.55 -58.61
CA LYS M 138 -57.59 -1.04 -58.36
C LYS M 138 -56.84 -2.05 -57.49
N ARG M 139 -55.58 -1.71 -57.19
CA ARG M 139 -54.75 -2.61 -56.39
C ARG M 139 -55.33 -2.81 -55.01
N VAL M 140 -55.19 -4.03 -54.49
CA VAL M 140 -55.70 -4.40 -53.17
C VAL M 140 -54.52 -4.62 -52.24
N GLY M 141 -54.48 -3.88 -51.14
CA GLY M 141 -53.39 -3.99 -50.20
C GLY M 141 -53.83 -4.12 -48.75
N ILE M 142 -55.13 -4.34 -48.54
CA ILE M 142 -55.70 -4.50 -47.21
C ILE M 142 -56.52 -5.77 -47.21
N ILE M 143 -56.01 -6.81 -46.56
CA ILE M 143 -56.71 -8.09 -46.43
C ILE M 143 -56.87 -8.37 -44.94
N ALA M 144 -58.09 -8.72 -44.53
CA ALA M 144 -58.38 -8.96 -43.13
C ALA M 144 -59.38 -10.10 -43.02
N TRP M 145 -58.94 -11.20 -42.43
CA TRP M 145 -59.84 -12.32 -42.15
C TRP M 145 -60.80 -11.94 -41.02
N HIS M 146 -61.99 -12.54 -41.06
CA HIS M 146 -62.96 -12.32 -39.99
C HIS M 146 -62.51 -13.08 -38.74
N PRO M 147 -62.43 -12.42 -37.58
CA PRO M 147 -61.93 -13.09 -36.38
C PRO M 147 -62.77 -14.28 -35.95
N THR M 148 -64.09 -14.24 -36.17
CA THR M 148 -64.98 -15.29 -35.69
C THR M 148 -65.60 -16.11 -36.82
N ALA M 149 -66.23 -15.44 -37.79
CA ALA M 149 -66.90 -16.15 -38.87
C ALA M 149 -65.89 -16.88 -39.75
N ARG M 150 -66.23 -18.11 -40.12
CA ARG M 150 -65.34 -18.94 -40.92
C ARG M 150 -65.43 -18.55 -42.39
N ASN M 151 -64.27 -18.52 -43.05
CA ASN M 151 -64.17 -18.27 -44.49
C ASN M 151 -64.78 -16.92 -44.89
N VAL M 152 -64.71 -15.94 -43.99
CA VAL M 152 -65.17 -14.59 -44.26
C VAL M 152 -63.96 -13.67 -44.29
N LEU M 153 -63.79 -12.94 -45.38
CA LEU M 153 -62.59 -12.14 -45.61
C LEU M 153 -62.98 -10.73 -46.01
N LEU M 154 -62.18 -9.77 -45.57
CA LEU M 154 -62.38 -8.36 -45.91
C LEU M 154 -61.28 -7.92 -46.86
N SER M 155 -61.67 -7.30 -47.97
CA SER M 155 -60.72 -6.81 -48.96
C SER M 155 -61.00 -5.34 -49.22
N ALA M 156 -59.97 -4.51 -49.08
CA ALA M 156 -60.05 -3.08 -49.36
C ALA M 156 -58.96 -2.71 -50.34
N GLY M 157 -59.37 -2.09 -51.47
CA GLY M 157 -58.46 -1.69 -52.50
C GLY M 157 -58.30 -0.17 -52.58
N CYS M 158 -57.45 0.24 -53.51
CA CYS M 158 -57.22 1.67 -53.74
C CYS M 158 -58.44 2.35 -54.34
N ASP M 159 -59.44 1.60 -54.81
CA ASP M 159 -60.68 2.16 -55.30
C ASP M 159 -61.60 2.63 -54.19
N ASN M 160 -61.11 2.66 -52.94
CA ASN M 160 -61.89 3.10 -51.79
C ASN M 160 -63.16 2.26 -51.63
N VAL M 161 -63.04 0.95 -51.88
CA VAL M 161 -64.15 0.02 -51.79
C VAL M 161 -63.77 -1.10 -50.84
N VAL M 162 -64.65 -1.38 -49.88
CA VAL M 162 -64.47 -2.47 -48.93
C VAL M 162 -65.41 -3.59 -49.30
N LEU M 163 -64.87 -4.80 -49.44
CA LEU M 163 -65.64 -5.96 -49.88
C LEU M 163 -65.55 -7.07 -48.85
N ILE M 164 -66.67 -7.73 -48.60
CA ILE M 164 -66.75 -8.88 -47.72
C ILE M 164 -66.96 -10.11 -48.59
N TRP M 165 -66.09 -11.11 -48.42
CA TRP M 165 -66.07 -12.27 -49.29
C TRP M 165 -66.38 -13.54 -48.51
N ASN M 166 -66.79 -14.57 -49.24
CA ASN M 166 -66.97 -15.92 -48.71
C ASN M 166 -65.95 -16.80 -49.41
N VAL M 167 -64.92 -17.21 -48.68
CA VAL M 167 -63.83 -17.99 -49.28
C VAL M 167 -64.35 -19.33 -49.79
N GLY M 168 -65.16 -20.01 -48.99
CA GLY M 168 -65.64 -21.32 -49.39
C GLY M 168 -66.50 -21.29 -50.64
N THR M 169 -67.40 -20.30 -50.74
CA THR M 169 -68.33 -20.22 -51.84
C THR M 169 -67.94 -19.20 -52.90
N ALA M 170 -66.82 -18.51 -52.74
CA ALA M 170 -66.34 -17.52 -53.71
C ALA M 170 -67.40 -16.46 -53.99
N GLU M 171 -68.06 -15.99 -52.95
CA GLU M 171 -69.15 -15.03 -53.06
C GLU M 171 -68.78 -13.71 -52.40
N GLU M 172 -69.29 -12.63 -52.98
CA GLU M 172 -69.12 -11.29 -52.42
C GLU M 172 -70.31 -11.02 -51.51
N LEU M 173 -70.10 -11.18 -50.20
CA LEU M 173 -71.21 -11.06 -49.25
C LEU M 173 -71.73 -9.63 -49.18
N TYR M 174 -70.82 -8.65 -49.17
CA TYR M 174 -71.21 -7.25 -49.07
C TYR M 174 -70.31 -6.41 -49.97
N ARG M 175 -70.83 -5.26 -50.37
CA ARG M 175 -70.09 -4.31 -51.19
C ARG M 175 -70.33 -2.91 -50.66
N LEU M 176 -69.28 -2.27 -50.16
CA LEU M 176 -69.35 -0.92 -49.61
C LEU M 176 -68.44 -0.02 -50.44
N ASP M 177 -69.03 1.01 -51.05
CA ASP M 177 -68.31 1.85 -51.99
C ASP M 177 -68.25 3.32 -51.59
N SER M 178 -69.36 3.89 -51.12
CA SER M 178 -69.48 5.32 -50.91
C SER M 178 -69.28 5.72 -49.45
N LEU M 179 -68.38 5.03 -48.74
CA LEU M 179 -68.13 5.33 -47.34
C LEU M 179 -66.74 5.91 -47.08
N HIS M 180 -65.80 5.73 -47.99
CA HIS M 180 -64.47 6.32 -47.87
C HIS M 180 -64.19 7.20 -49.08
N PRO M 181 -64.19 8.53 -48.94
CA PRO M 181 -63.97 9.40 -50.08
C PRO M 181 -62.52 9.51 -50.52
N ASP M 182 -61.59 8.90 -49.81
CA ASP M 182 -60.17 9.01 -50.14
C ASP M 182 -59.52 7.65 -49.88
N LEU M 183 -58.19 7.62 -49.97
CA LEU M 183 -57.45 6.38 -49.83
C LEU M 183 -57.60 5.81 -48.42
N ILE M 184 -57.83 4.51 -48.35
CA ILE M 184 -57.98 3.80 -47.09
C ILE M 184 -56.63 3.24 -46.66
N TYR M 185 -56.25 3.48 -45.41
CA TYR M 185 -54.94 3.07 -44.91
C TYR M 185 -54.95 1.65 -44.38
N ASN M 186 -55.80 1.37 -43.40
CA ASN M 186 -55.86 0.04 -42.81
C ASN M 186 -57.26 -0.20 -42.27
N VAL M 187 -57.61 -1.48 -42.12
CA VAL M 187 -58.91 -1.89 -41.62
C VAL M 187 -58.70 -2.96 -40.55
N SER M 188 -59.36 -2.79 -39.40
CA SER M 188 -59.23 -3.71 -38.28
C SER M 188 -60.61 -4.10 -37.78
N TRP M 189 -60.85 -5.41 -37.64
CA TRP M 189 -62.07 -5.90 -37.06
C TRP M 189 -62.11 -5.61 -35.56
N ASN M 190 -63.32 -5.58 -35.00
CA ASN M 190 -63.48 -5.45 -33.57
C ASN M 190 -63.33 -6.83 -32.92
N HIS M 191 -63.64 -6.93 -31.62
CA HIS M 191 -63.38 -8.17 -30.90
C HIS M 191 -64.24 -9.32 -31.43
N ASN M 192 -65.53 -9.09 -31.63
CA ASN M 192 -66.45 -10.13 -32.05
C ASN M 192 -66.62 -10.20 -33.57
N GLY M 193 -65.97 -9.31 -34.32
CA GLY M 193 -66.15 -9.30 -35.76
C GLY M 193 -67.38 -8.59 -36.25
N SER M 194 -68.18 -8.01 -35.35
CA SER M 194 -69.39 -7.33 -35.76
C SER M 194 -69.10 -6.01 -36.48
N LEU M 195 -68.03 -5.32 -36.08
CA LEU M 195 -67.70 -4.01 -36.64
C LEU M 195 -66.23 -3.99 -37.04
N PHE M 196 -65.87 -2.99 -37.83
CA PHE M 196 -64.50 -2.81 -38.26
C PHE M 196 -64.20 -1.32 -38.38
N CYS M 197 -62.97 -0.93 -38.05
CA CYS M 197 -62.53 0.45 -38.11
C CYS M 197 -61.54 0.62 -39.25
N SER M 198 -61.60 1.79 -39.89
CA SER M 198 -60.76 2.07 -41.04
C SER M 198 -60.14 3.45 -40.88
N ALA M 199 -58.91 3.59 -41.40
CA ALA M 199 -58.21 4.85 -41.44
C ALA M 199 -58.11 5.32 -42.88
N CYS M 200 -58.54 6.55 -43.14
CA CYS M 200 -58.61 7.08 -44.49
C CYS M 200 -57.68 8.27 -44.64
N LYS M 201 -57.39 8.62 -45.91
CA LYS M 201 -56.45 9.69 -46.20
C LYS M 201 -56.98 11.06 -45.78
N ASP M 202 -58.28 11.19 -45.53
CA ASP M 202 -58.86 12.48 -45.14
C ASP M 202 -58.73 12.74 -43.65
N LYS M 203 -57.79 12.06 -42.97
CA LYS M 203 -57.56 12.25 -41.54
C LYS M 203 -58.82 11.97 -40.72
N SER M 204 -59.64 11.04 -41.21
CA SER M 204 -60.90 10.68 -40.56
C SER M 204 -60.91 9.20 -40.24
N VAL M 205 -61.33 8.87 -39.03
CA VAL M 205 -61.51 7.49 -38.61
C VAL M 205 -62.98 7.14 -38.74
N ARG M 206 -63.27 5.88 -39.08
CA ARG M 206 -64.63 5.44 -39.36
C ARG M 206 -64.87 4.06 -38.77
N ILE M 207 -65.99 3.91 -38.08
CA ILE M 207 -66.46 2.61 -37.60
C ILE M 207 -67.71 2.25 -38.40
N ILE M 208 -67.65 1.14 -39.12
CA ILE M 208 -68.67 0.77 -40.09
C ILE M 208 -69.19 -0.62 -39.76
N ASP M 209 -70.51 -0.77 -39.80
CA ASP M 209 -71.14 -2.08 -39.67
C ASP M 209 -71.21 -2.70 -41.06
N PRO M 210 -70.51 -3.81 -41.32
CA PRO M 210 -70.55 -4.38 -42.67
C PRO M 210 -71.88 -5.03 -43.02
N ARG M 211 -72.50 -5.73 -42.07
CA ARG M 211 -73.77 -6.38 -42.34
C ARG M 211 -74.90 -5.38 -42.52
N ARG M 212 -74.73 -4.14 -42.02
CA ARG M 212 -75.73 -3.10 -42.19
C ARG M 212 -75.30 -2.00 -43.16
N GLY M 213 -74.03 -1.94 -43.52
CA GLY M 213 -73.56 -0.90 -44.42
C GLY M 213 -73.71 0.50 -43.87
N THR M 214 -73.73 0.65 -42.55
CA THR M 214 -73.98 1.92 -41.91
C THR M 214 -72.73 2.39 -41.16
N LEU M 215 -72.47 3.69 -41.25
CA LEU M 215 -71.35 4.31 -40.55
C LEU M 215 -71.75 4.50 -39.10
N VAL M 216 -71.22 3.63 -38.22
CA VAL M 216 -71.58 3.68 -36.81
C VAL M 216 -71.13 4.99 -36.19
N ALA M 217 -69.89 5.39 -36.45
CA ALA M 217 -69.36 6.63 -35.91
C ALA M 217 -68.24 7.12 -36.81
N GLU M 218 -67.91 8.40 -36.69
CA GLU M 218 -66.85 9.00 -37.48
C GLU M 218 -66.25 10.17 -36.71
N ARG M 219 -64.92 10.30 -36.80
CA ARG M 219 -64.20 11.40 -36.18
C ARG M 219 -63.33 12.05 -37.25
N GLU M 220 -63.75 13.21 -37.73
CA GLU M 220 -62.99 13.93 -38.74
C GLU M 220 -61.82 14.67 -38.10
N LYS M 221 -60.71 14.73 -38.84
CA LYS M 221 -59.49 15.40 -38.39
C LYS M 221 -59.05 14.87 -37.02
N ALA M 222 -59.03 13.54 -36.90
CA ALA M 222 -58.53 12.93 -35.67
C ALA M 222 -57.07 13.28 -35.44
N HIS M 223 -56.26 13.27 -36.50
CA HIS M 223 -54.89 13.74 -36.46
C HIS M 223 -54.69 14.69 -37.63
N GLU M 224 -54.01 15.81 -37.38
CA GLU M 224 -53.93 16.88 -38.37
C GLU M 224 -52.82 16.67 -39.39
N GLY M 225 -51.98 15.67 -39.21
CA GLY M 225 -50.91 15.44 -40.16
C GLY M 225 -51.42 14.89 -41.48
N ALA M 226 -50.58 15.05 -42.51
CA ALA M 226 -50.87 14.53 -43.83
C ALA M 226 -50.24 13.16 -44.09
N ARG M 227 -49.47 12.64 -43.14
CA ARG M 227 -48.80 11.36 -43.32
C ARG M 227 -49.78 10.21 -43.13
N PRO M 228 -49.45 9.03 -43.67
CA PRO M 228 -50.32 7.86 -43.46
C PRO M 228 -50.48 7.54 -41.98
N MET M 229 -51.68 7.07 -41.63
CA MET M 229 -52.04 6.83 -40.24
C MET M 229 -52.76 5.51 -40.12
N ARG M 230 -52.82 4.98 -38.90
CA ARG M 230 -53.42 3.69 -38.63
C ARG M 230 -54.53 3.83 -37.60
N ALA M 231 -55.40 2.82 -37.56
CA ALA M 231 -56.50 2.77 -36.61
C ALA M 231 -56.87 1.32 -36.37
N ILE M 232 -56.88 0.89 -35.11
CA ILE M 232 -57.15 -0.49 -34.76
C ILE M 232 -58.20 -0.54 -33.67
N PHE M 233 -58.87 -1.69 -33.58
CA PHE M 233 -59.88 -1.94 -32.55
C PHE M 233 -59.24 -2.69 -31.39
N LEU M 234 -59.56 -2.26 -30.18
CA LEU M 234 -59.12 -2.95 -28.98
C LEU M 234 -60.16 -4.00 -28.58
N ALA M 235 -59.75 -4.88 -27.66
CA ALA M 235 -60.64 -5.94 -27.20
C ALA M 235 -61.85 -5.36 -26.48
N ASP M 236 -61.65 -4.32 -25.66
CA ASP M 236 -62.73 -3.74 -24.88
C ASP M 236 -63.63 -2.84 -25.70
N GLY M 237 -63.28 -2.55 -26.95
CA GLY M 237 -64.12 -1.75 -27.83
C GLY M 237 -63.55 -0.39 -28.18
N LYS M 238 -62.49 0.06 -27.51
CA LYS M 238 -61.91 1.36 -27.82
C LYS M 238 -61.06 1.28 -29.09
N VAL M 239 -60.74 2.44 -29.64
CA VAL M 239 -60.01 2.56 -30.89
C VAL M 239 -58.65 3.19 -30.61
N PHE M 240 -57.60 2.54 -31.08
CA PHE M 240 -56.23 3.03 -30.92
C PHE M 240 -55.72 3.50 -32.28
N THR M 241 -55.32 4.77 -32.35
CA THR M 241 -54.89 5.37 -33.60
C THR M 241 -53.50 5.99 -33.43
N THR M 242 -52.65 5.76 -34.43
CA THR M 242 -51.33 6.37 -34.50
C THR M 242 -51.28 7.30 -35.70
N GLY M 243 -50.84 8.52 -35.49
CA GLY M 243 -50.83 9.48 -36.58
C GLY M 243 -49.79 10.56 -36.37
N PHE M 244 -49.77 11.49 -37.31
CA PHE M 244 -48.85 12.62 -37.31
C PHE M 244 -49.62 13.89 -37.00
N SER M 245 -48.93 14.86 -36.42
CA SER M 245 -49.54 16.14 -36.10
C SER M 245 -49.21 17.16 -37.20
N ARG M 246 -49.63 18.41 -36.98
CA ARG M 246 -49.30 19.47 -37.91
C ARG M 246 -47.80 19.72 -37.95
N MET M 247 -47.12 19.52 -36.83
CA MET M 247 -45.67 19.70 -36.76
C MET M 247 -44.90 18.49 -37.24
N SER M 248 -45.54 17.61 -38.02
CA SER M 248 -44.93 16.38 -38.53
C SER M 248 -44.34 15.55 -37.40
N GLU M 249 -45.11 15.39 -36.32
CA GLU M 249 -44.69 14.66 -35.14
C GLU M 249 -45.60 13.45 -34.95
N ARG M 250 -45.00 12.29 -34.73
CA ARG M 250 -45.75 11.05 -34.64
C ARG M 250 -46.42 10.92 -33.27
N GLN M 251 -47.75 10.82 -33.27
CA GLN M 251 -48.51 10.73 -32.03
C GLN M 251 -49.42 9.50 -32.07
N LEU M 252 -49.84 9.09 -30.89
CA LEU M 252 -50.79 7.99 -30.71
C LEU M 252 -51.97 8.49 -29.91
N ALA M 253 -53.17 8.06 -30.27
CA ALA M 253 -54.39 8.51 -29.62
C ALA M 253 -55.31 7.34 -29.31
N LEU M 254 -56.04 7.47 -28.21
CA LEU M 254 -57.04 6.50 -27.80
C LEU M 254 -58.41 7.16 -27.88
N TRP M 255 -59.35 6.49 -28.55
CA TRP M 255 -60.66 7.07 -28.84
C TRP M 255 -61.77 6.22 -28.26
N ASP M 256 -62.76 6.88 -27.66
CA ASP M 256 -63.97 6.23 -27.20
C ASP M 256 -65.02 6.30 -28.30
N PRO M 257 -65.50 5.16 -28.81
CA PRO M 257 -66.52 5.23 -29.87
C PRO M 257 -67.77 5.98 -29.46
N GLU M 258 -68.18 5.88 -28.19
CA GLU M 258 -69.36 6.59 -27.74
C GLU M 258 -69.13 8.08 -27.54
N ASN M 259 -67.87 8.52 -27.51
CA ASN M 259 -67.55 9.94 -27.34
C ASN M 259 -66.27 10.22 -28.12
N LEU M 260 -66.44 10.68 -29.37
CA LEU M 260 -65.32 11.00 -30.23
C LEU M 260 -65.03 12.50 -30.29
N GLU M 261 -65.63 13.29 -29.39
CA GLU M 261 -65.39 14.73 -29.39
C GLU M 261 -63.92 15.04 -29.13
N GLU M 262 -63.32 14.37 -28.14
CA GLU M 262 -61.91 14.54 -27.82
C GLU M 262 -61.30 13.17 -27.56
N PRO M 263 -60.03 12.97 -27.94
CA PRO M 263 -59.37 11.71 -27.64
C PRO M 263 -59.16 11.55 -26.15
N MET M 264 -59.23 10.30 -25.69
CA MET M 264 -58.99 10.02 -24.27
C MET M 264 -57.52 10.20 -23.92
N ALA M 265 -56.62 9.91 -24.87
CA ALA M 265 -55.20 10.09 -24.67
C ALA M 265 -54.57 10.63 -25.95
N LEU M 266 -53.50 11.41 -25.78
CA LEU M 266 -52.78 11.95 -26.93
C LEU M 266 -51.35 12.25 -26.46
N GLN M 267 -50.41 11.39 -26.82
CA GLN M 267 -49.04 11.48 -26.37
C GLN M 267 -48.14 11.60 -27.59
N GLU M 268 -47.09 12.43 -27.47
CA GLU M 268 -46.20 12.74 -28.57
C GLU M 268 -44.92 11.91 -28.47
N LEU M 269 -44.62 11.17 -29.54
CA LEU M 269 -43.46 10.27 -29.56
C LEU M 269 -42.21 10.96 -30.10
N ASP M 270 -42.24 11.41 -31.35
CA ASP M 270 -41.08 12.01 -32.00
C ASP M 270 -41.55 12.66 -33.30
N SER M 271 -40.60 13.25 -34.03
CA SER M 271 -40.88 13.92 -35.29
C SER M 271 -40.29 13.15 -36.48
N SER M 272 -40.06 11.86 -36.30
CA SER M 272 -39.50 11.03 -37.35
C SER M 272 -40.56 10.73 -38.41
N ASN M 273 -40.09 10.32 -39.59
CA ASN M 273 -40.99 9.92 -40.65
C ASN M 273 -41.30 8.43 -40.57
N GLY M 274 -42.06 7.94 -41.53
CA GLY M 274 -42.44 6.54 -41.56
C GLY M 274 -43.67 6.25 -40.72
N ALA M 275 -44.63 5.53 -41.29
CA ALA M 275 -45.86 5.23 -40.58
C ALA M 275 -45.60 4.29 -39.40
N LEU M 276 -46.36 4.48 -38.34
CA LEU M 276 -46.25 3.66 -37.15
C LEU M 276 -47.27 2.52 -37.22
N LEU M 277 -46.78 1.29 -37.23
CA LEU M 277 -47.66 0.13 -37.31
C LEU M 277 -47.98 -0.36 -35.92
N PRO M 278 -49.23 -0.30 -35.47
CA PRO M 278 -49.56 -0.75 -34.12
C PRO M 278 -49.85 -2.25 -34.07
N PHE M 279 -49.31 -2.93 -33.08
CA PHE M 279 -49.54 -4.36 -32.86
C PHE M 279 -50.12 -4.53 -31.46
N TYR M 280 -51.37 -4.97 -31.40
CA TYR M 280 -52.13 -5.02 -30.16
C TYR M 280 -52.31 -6.45 -29.69
N ASP M 281 -52.06 -6.68 -28.41
CA ASP M 281 -52.27 -7.98 -27.78
C ASP M 281 -53.47 -7.90 -26.85
N PRO M 282 -54.63 -8.44 -27.23
CA PRO M 282 -55.80 -8.36 -26.35
C PRO M 282 -55.62 -9.05 -25.01
N ASP M 283 -54.84 -10.14 -24.96
CA ASP M 283 -54.64 -10.87 -23.71
C ASP M 283 -53.93 -10.00 -22.69
N THR M 284 -52.91 -9.27 -23.11
CA THR M 284 -52.11 -8.46 -22.20
C THR M 284 -52.42 -6.97 -22.26
N SER M 285 -53.30 -6.55 -23.19
CA SER M 285 -53.63 -5.15 -23.37
C SER M 285 -52.38 -4.30 -23.60
N VAL M 286 -51.43 -4.86 -24.33
CA VAL M 286 -50.17 -4.20 -24.64
C VAL M 286 -50.12 -3.96 -26.14
N VAL M 287 -49.84 -2.72 -26.53
CA VAL M 287 -49.80 -2.33 -27.94
C VAL M 287 -48.34 -2.08 -28.31
N TYR M 288 -47.89 -2.77 -29.35
CA TYR M 288 -46.53 -2.61 -29.86
C TYR M 288 -46.57 -1.75 -31.10
N VAL M 289 -45.81 -0.65 -31.09
CA VAL M 289 -45.73 0.25 -32.24
C VAL M 289 -44.43 -0.06 -32.96
N CYS M 290 -44.49 -0.11 -34.29
CA CYS M 290 -43.33 -0.41 -35.12
C CYS M 290 -43.33 0.54 -36.31
N GLY M 291 -42.45 1.53 -36.28
CA GLY M 291 -42.35 2.46 -37.39
C GLY M 291 -41.56 1.87 -38.54
N LYS M 292 -42.06 2.12 -39.76
CA LYS M 292 -41.39 1.65 -40.95
C LYS M 292 -40.09 2.42 -41.15
N GLY M 293 -38.99 1.69 -41.31
CA GLY M 293 -37.68 2.30 -41.39
C GLY M 293 -37.06 2.66 -40.06
N ASP M 294 -37.73 2.40 -38.95
CA ASP M 294 -37.19 2.67 -37.63
C ASP M 294 -36.38 1.48 -37.13
N SER M 295 -35.51 1.75 -36.16
CA SER M 295 -34.67 0.72 -35.56
C SER M 295 -35.03 0.44 -34.11
N SER M 296 -36.17 0.93 -33.64
CA SER M 296 -36.58 0.74 -32.27
C SER M 296 -38.03 0.26 -32.21
N ILE M 297 -38.33 -0.53 -31.20
CA ILE M 297 -39.67 -1.06 -30.96
C ILE M 297 -40.12 -0.58 -29.59
N ARG M 298 -41.26 0.12 -29.56
CA ARG M 298 -41.83 0.64 -28.33
C ARG M 298 -43.18 -0.02 -28.08
N TYR M 299 -43.46 -0.35 -26.82
CA TYR M 299 -44.72 -0.96 -26.44
C TYR M 299 -45.36 -0.17 -25.31
N PHE M 300 -46.68 -0.07 -25.35
CA PHE M 300 -47.45 0.67 -24.36
C PHE M 300 -48.57 -0.19 -23.82
N GLU M 301 -48.95 0.06 -22.57
CA GLU M 301 -50.02 -0.67 -21.91
C GLU M 301 -51.26 0.20 -21.85
N ILE M 302 -52.41 -0.37 -22.21
CA ILE M 302 -53.68 0.34 -22.23
C ILE M 302 -54.51 -0.16 -21.05
N THR M 303 -54.78 0.74 -20.11
CA THR M 303 -55.55 0.41 -18.92
C THR M 303 -56.65 1.45 -18.72
N GLU M 304 -57.54 1.18 -17.77
CA GLU M 304 -58.61 2.11 -17.45
C GLU M 304 -58.15 3.25 -16.56
N GLU M 305 -56.93 3.21 -16.06
CA GLU M 305 -56.36 4.30 -15.28
C GLU M 305 -55.74 5.35 -16.21
N PRO M 306 -56.00 6.63 -15.96
CA PRO M 306 -55.42 7.66 -16.81
C PRO M 306 -53.91 7.65 -16.72
N PRO M 307 -53.21 8.07 -17.78
CA PRO M 307 -53.73 8.61 -19.05
C PRO M 307 -54.09 7.51 -20.04
N TYR M 308 -54.37 6.30 -19.56
CA TYR M 308 -54.89 5.19 -20.36
C TYR M 308 -53.86 4.69 -21.38
N ILE M 309 -52.71 5.35 -21.46
CA ILE M 309 -51.60 4.93 -22.31
C ILE M 309 -50.33 5.12 -21.50
N HIS M 310 -49.74 4.02 -21.04
CA HIS M 310 -48.55 4.06 -20.21
C HIS M 310 -47.39 3.46 -20.97
N PHE M 311 -46.30 4.21 -21.08
CA PHE M 311 -45.10 3.72 -21.75
C PHE M 311 -44.38 2.75 -20.83
N LEU M 312 -44.15 1.53 -21.33
CA LEU M 312 -43.50 0.50 -20.53
C LEU M 312 -41.98 0.52 -20.71
N ASN M 313 -41.53 0.31 -21.93
CA ASN M 313 -40.10 0.34 -22.27
C ASN M 313 -40.01 0.31 -23.79
N THR M 314 -38.77 0.24 -24.29
CA THR M 314 -38.54 0.18 -25.73
C THR M 314 -37.38 -0.76 -26.01
N PHE M 315 -37.42 -1.41 -27.16
CA PHE M 315 -36.34 -2.27 -27.64
C PHE M 315 -35.61 -1.54 -28.76
N THR M 316 -34.32 -1.31 -28.58
CA THR M 316 -33.52 -0.51 -29.49
C THR M 316 -32.56 -1.40 -30.27
N SER M 317 -32.46 -1.17 -31.57
CA SER M 317 -31.55 -1.90 -32.45
C SER M 317 -30.81 -0.89 -33.32
N LYS M 318 -29.79 -1.39 -34.03
CA LYS M 318 -28.98 -0.56 -34.91
C LYS M 318 -29.38 -0.68 -36.37
N GLU M 319 -30.42 -1.44 -36.68
CA GLU M 319 -30.81 -1.70 -38.06
C GLU M 319 -32.27 -1.32 -38.24
N PRO M 320 -32.61 -0.57 -39.28
CA PRO M 320 -34.02 -0.27 -39.56
C PRO M 320 -34.77 -1.52 -39.99
N GLN M 321 -36.09 -1.50 -39.76
CA GLN M 321 -36.95 -2.63 -40.09
C GLN M 321 -37.77 -2.31 -41.34
N ARG M 322 -37.80 -3.25 -42.27
CA ARG M 322 -38.60 -3.11 -43.49
C ARG M 322 -40.03 -3.59 -43.30
N GLY M 323 -40.25 -4.56 -42.42
CA GLY M 323 -41.58 -5.10 -42.18
C GLY M 323 -41.62 -5.68 -40.79
N MET M 324 -42.80 -6.19 -40.42
CA MET M 324 -42.99 -6.73 -39.08
C MET M 324 -43.96 -7.89 -39.12
N GLY M 325 -43.65 -8.94 -38.39
CA GLY M 325 -44.56 -10.06 -38.23
C GLY M 325 -44.70 -10.42 -36.76
N SER M 326 -45.94 -10.38 -36.27
CA SER M 326 -46.24 -10.67 -34.88
C SER M 326 -46.74 -12.11 -34.77
N MET M 327 -46.11 -12.87 -33.90
CA MET M 327 -46.44 -14.28 -33.76
C MET M 327 -47.57 -14.42 -32.73
N PRO M 328 -48.73 -14.97 -33.13
CA PRO M 328 -49.85 -15.08 -32.18
C PRO M 328 -49.54 -15.98 -30.99
N LYS M 329 -50.52 -16.02 -30.08
CA LYS M 329 -50.31 -16.64 -28.77
C LYS M 329 -50.01 -18.13 -28.88
N ARG M 330 -50.72 -18.85 -29.75
CA ARG M 330 -50.72 -20.31 -29.70
C ARG M 330 -49.35 -20.93 -29.90
N GLY M 331 -48.45 -20.27 -30.63
CA GLY M 331 -47.12 -20.80 -30.87
C GLY M 331 -46.02 -20.19 -30.04
N LEU M 332 -46.34 -19.42 -29.00
CA LEU M 332 -45.33 -18.81 -28.16
C LEU M 332 -44.81 -19.80 -27.13
N GLU M 333 -43.53 -19.64 -26.77
CA GLU M 333 -42.88 -20.50 -25.79
C GLU M 333 -43.37 -20.10 -24.41
N VAL M 334 -44.46 -20.74 -23.98
CA VAL M 334 -45.08 -20.38 -22.71
C VAL M 334 -44.19 -20.78 -21.54
N SER M 335 -43.38 -21.83 -21.71
CA SER M 335 -42.53 -22.30 -20.62
C SER M 335 -41.37 -21.36 -20.34
N LYS M 336 -41.07 -20.44 -21.25
CA LYS M 336 -39.98 -19.50 -21.09
C LYS M 336 -40.45 -18.08 -20.79
N CYS M 337 -41.70 -17.94 -20.32
CA CYS M 337 -42.29 -16.64 -19.99
C CYS M 337 -42.24 -15.69 -21.18
N GLU M 338 -42.44 -16.23 -22.38
CA GLU M 338 -42.45 -15.45 -23.61
C GLU M 338 -43.86 -14.96 -23.87
N ILE M 339 -44.01 -13.64 -24.04
CA ILE M 339 -45.32 -13.03 -24.23
C ILE M 339 -45.60 -12.65 -25.67
N ALA M 340 -44.57 -12.37 -26.45
CA ALA M 340 -44.76 -12.03 -27.86
C ALA M 340 -43.49 -12.36 -28.62
N ARG M 341 -43.63 -12.68 -29.90
CA ARG M 341 -42.50 -12.91 -30.77
C ARG M 341 -42.70 -12.10 -32.04
N PHE M 342 -41.71 -11.27 -32.37
CA PHE M 342 -41.79 -10.35 -33.50
C PHE M 342 -40.69 -10.69 -34.49
N TYR M 343 -41.06 -10.89 -35.76
CA TYR M 343 -40.11 -11.26 -36.79
C TYR M 343 -39.72 -10.00 -37.54
N LYS M 344 -38.54 -9.46 -37.21
CA LYS M 344 -38.08 -8.23 -37.82
C LYS M 344 -37.59 -8.49 -39.24
N LEU M 345 -38.06 -7.68 -40.19
CA LEU M 345 -37.70 -7.84 -41.60
C LEU M 345 -36.66 -6.80 -41.97
N HIS M 346 -35.47 -7.26 -42.33
CA HIS M 346 -34.41 -6.39 -42.82
C HIS M 346 -34.42 -6.41 -44.35
N GLU M 347 -33.41 -5.79 -44.97
CA GLU M 347 -33.34 -5.80 -46.42
C GLU M 347 -33.06 -7.18 -46.98
N ARG M 348 -32.39 -8.05 -46.24
CA ARG M 348 -32.08 -9.38 -46.75
C ARG M 348 -32.22 -10.48 -45.70
N LYS M 349 -32.75 -10.18 -44.52
CA LYS M 349 -32.87 -11.20 -43.49
C LYS M 349 -34.09 -10.92 -42.62
N CYS M 350 -34.62 -11.99 -42.04
CA CYS M 350 -35.75 -11.91 -41.10
C CYS M 350 -35.21 -12.30 -39.73
N GLU M 351 -35.28 -11.36 -38.78
CA GLU M 351 -34.71 -11.56 -37.45
C GLU M 351 -35.82 -11.63 -36.41
N PRO M 352 -36.15 -12.82 -35.91
CA PRO M 352 -37.16 -12.90 -34.84
C PRO M 352 -36.72 -12.18 -33.58
N ILE M 353 -37.69 -11.54 -32.92
CA ILE M 353 -37.47 -10.85 -31.66
C ILE M 353 -38.43 -11.45 -30.64
N VAL M 354 -37.92 -11.77 -29.45
CA VAL M 354 -38.70 -12.47 -28.44
C VAL M 354 -39.00 -11.51 -27.30
N MET M 355 -40.28 -11.38 -26.95
CA MET M 355 -40.74 -10.58 -25.83
C MET M 355 -40.96 -11.50 -24.64
N THR M 356 -40.31 -11.21 -23.52
CA THR M 356 -40.43 -12.05 -22.33
C THR M 356 -40.59 -11.19 -21.09
N VAL M 357 -41.32 -11.74 -20.12
CA VAL M 357 -41.46 -11.12 -18.81
C VAL M 357 -40.46 -11.79 -17.86
N PRO M 358 -39.55 -11.04 -17.24
CA PRO M 358 -38.61 -11.65 -16.30
C PRO M 358 -39.33 -12.15 -15.05
N ARG M 359 -39.32 -13.47 -14.87
CA ARG M 359 -39.97 -14.11 -13.72
C ARG M 359 -39.00 -15.08 -13.08
N LYS M 360 -38.88 -15.01 -11.75
CA LYS M 360 -37.99 -15.92 -11.04
C LYS M 360 -38.48 -17.36 -11.15
N SER M 361 -39.78 -17.58 -10.98
CA SER M 361 -40.33 -18.92 -11.02
C SER M 361 -40.31 -19.47 -12.44
N ASP M 362 -39.99 -20.75 -12.56
CA ASP M 362 -39.96 -21.44 -13.85
C ASP M 362 -41.27 -22.12 -14.19
N LEU M 363 -42.26 -22.06 -13.31
CA LEU M 363 -43.54 -22.70 -13.53
C LEU M 363 -44.44 -21.82 -14.40
N PHE M 364 -45.57 -22.38 -14.81
CA PHE M 364 -46.51 -21.65 -15.64
C PHE M 364 -47.11 -20.47 -14.86
N GLN M 365 -47.14 -19.30 -15.49
CA GLN M 365 -47.70 -18.10 -14.89
C GLN M 365 -49.14 -17.94 -15.36
N ASP M 366 -50.09 -18.16 -14.43
CA ASP M 366 -51.49 -18.03 -14.78
C ASP M 366 -51.83 -16.60 -15.20
N ASP M 367 -51.29 -15.61 -14.48
CA ASP M 367 -51.59 -14.22 -14.79
C ASP M 367 -51.07 -13.80 -16.16
N LEU M 368 -49.88 -14.26 -16.53
CA LEU M 368 -49.29 -13.86 -17.82
C LEU M 368 -50.01 -14.47 -19.01
N TYR M 369 -50.67 -15.61 -18.84
CA TYR M 369 -51.29 -16.33 -19.94
C TYR M 369 -52.75 -16.64 -19.61
N PRO M 370 -53.65 -15.70 -19.84
CA PRO M 370 -55.08 -16.02 -19.74
C PRO M 370 -55.54 -16.85 -20.93
N ASP M 371 -56.83 -17.15 -21.00
CA ASP M 371 -57.36 -17.91 -22.13
C ASP M 371 -57.24 -17.09 -23.41
N THR M 372 -56.75 -17.72 -24.47
CA THR M 372 -56.53 -17.07 -25.76
C THR M 372 -57.46 -17.66 -26.81
N ALA M 373 -57.71 -16.88 -27.85
CA ALA M 373 -58.56 -17.33 -28.94
C ALA M 373 -57.94 -18.54 -29.64
N GLY M 374 -58.74 -19.58 -29.83
CA GLY M 374 -58.28 -20.80 -30.44
C GLY M 374 -58.35 -20.76 -31.95
N PRO M 375 -57.86 -21.81 -32.61
CA PRO M 375 -57.90 -21.88 -34.07
C PRO M 375 -59.21 -22.41 -34.63
N GLU M 376 -60.27 -22.48 -33.84
CA GLU M 376 -61.57 -22.98 -34.29
C GLU M 376 -62.55 -21.83 -34.39
N ALA M 377 -63.22 -21.73 -35.53
CA ALA M 377 -64.18 -20.65 -35.75
C ALA M 377 -65.40 -20.82 -34.86
N ALA M 378 -66.00 -19.68 -34.49
CA ALA M 378 -67.21 -19.71 -33.68
C ALA M 378 -68.45 -19.77 -34.56
N LEU M 379 -68.51 -18.94 -35.59
CA LEU M 379 -69.65 -18.86 -36.49
C LEU M 379 -69.25 -19.32 -37.88
N GLU M 380 -70.25 -19.44 -38.75
CA GLU M 380 -70.06 -19.74 -40.16
C GLU M 380 -70.48 -18.53 -40.98
N ALA M 381 -70.14 -18.56 -42.27
CA ALA M 381 -70.47 -17.44 -43.15
C ALA M 381 -71.97 -17.25 -43.25
N GLU M 382 -72.72 -18.35 -43.40
CA GLU M 382 -74.18 -18.25 -43.46
C GLU M 382 -74.75 -17.74 -42.15
N GLU M 383 -74.24 -18.24 -41.01
CA GLU M 383 -74.73 -17.79 -39.72
C GLU M 383 -74.41 -16.32 -39.49
N TRP M 384 -73.21 -15.89 -39.85
CA TRP M 384 -72.83 -14.49 -39.63
C TRP M 384 -73.63 -13.55 -40.51
N VAL M 385 -73.93 -13.97 -41.75
CA VAL M 385 -74.73 -13.14 -42.65
C VAL M 385 -76.12 -12.92 -42.06
N SER M 386 -76.67 -13.94 -41.39
CA SER M 386 -77.98 -13.79 -40.76
C SER M 386 -77.97 -12.69 -39.71
N GLY M 387 -76.84 -12.51 -39.02
CA GLY M 387 -76.71 -11.43 -38.05
C GLY M 387 -76.24 -11.89 -36.70
N ARG M 388 -75.87 -13.17 -36.60
CA ARG M 388 -75.40 -13.71 -35.33
C ARG M 388 -74.06 -13.10 -34.94
N ASP M 389 -73.84 -13.00 -33.63
CA ASP M 389 -72.58 -12.48 -33.09
C ASP M 389 -72.20 -13.28 -31.85
N ALA M 390 -70.91 -13.59 -31.73
CA ALA M 390 -70.40 -14.30 -30.57
C ALA M 390 -68.91 -14.03 -30.45
N ASP M 391 -68.39 -14.28 -29.25
CA ASP M 391 -66.97 -14.11 -28.99
C ASP M 391 -66.18 -15.32 -29.52
N PRO M 392 -64.90 -15.13 -29.84
CA PRO M 392 -64.10 -16.26 -30.34
C PRO M 392 -63.94 -17.34 -29.28
N ILE M 393 -63.82 -18.58 -29.76
CA ILE M 393 -63.63 -19.71 -28.86
C ILE M 393 -62.27 -19.59 -28.18
N LEU M 394 -62.26 -19.76 -26.86
CA LEU M 394 -61.05 -19.58 -26.07
C LEU M 394 -60.46 -20.93 -25.69
N ILE M 395 -59.13 -21.00 -25.71
CA ILE M 395 -58.41 -22.21 -25.31
C ILE M 395 -57.46 -21.86 -24.17
N SER M 396 -56.81 -22.86 -23.60
CA SER M 396 -55.89 -22.67 -22.49
C SER M 396 -54.47 -22.97 -22.93
N LEU M 397 -53.53 -22.12 -22.54
CA LEU M 397 -52.12 -22.28 -22.89
C LEU M 397 -51.36 -23.13 -21.88
N ARG M 398 -52.02 -23.62 -20.83
CA ARG M 398 -51.34 -24.46 -19.85
C ARG M 398 -50.86 -25.76 -20.46
N GLU M 399 -51.62 -26.32 -21.41
CA GLU M 399 -51.22 -27.57 -22.04
C GLU M 399 -49.93 -27.43 -22.84
N ALA M 400 -49.58 -26.21 -23.26
CA ALA M 400 -48.34 -25.98 -23.99
C ALA M 400 -47.12 -25.93 -23.08
N TYR M 401 -47.32 -25.92 -21.77
CA TYR M 401 -46.20 -25.88 -20.85
C TYR M 401 -45.39 -27.18 -20.93
N VAL M 402 -44.07 -27.05 -20.88
CA VAL M 402 -43.18 -28.20 -20.94
C VAL M 402 -42.40 -28.33 -19.64
N LYS N 10 32.21 -14.69 -48.42
CA LYS N 10 32.11 -16.15 -48.38
C LYS N 10 30.64 -16.59 -48.42
N VAL N 11 29.81 -15.92 -47.62
CA VAL N 11 28.39 -16.27 -47.57
C VAL N 11 27.74 -15.99 -48.91
N VAL N 12 28.04 -14.84 -49.51
CA VAL N 12 27.49 -14.45 -50.81
C VAL N 12 28.64 -14.38 -51.80
N ARG N 13 28.41 -14.90 -53.00
CA ARG N 13 29.41 -14.84 -54.05
C ARG N 13 29.80 -13.40 -54.34
N GLN N 14 31.10 -13.15 -54.41
CA GLN N 14 31.59 -11.81 -54.67
C GLN N 14 31.16 -11.37 -56.06
N SER N 15 30.30 -10.36 -56.13
CA SER N 15 29.79 -9.86 -57.39
C SER N 15 29.51 -8.38 -57.27
N LYS N 16 29.39 -7.74 -58.42
CA LYS N 16 29.16 -6.31 -58.51
C LYS N 16 27.88 -5.95 -59.22
N PHE N 17 27.30 -6.87 -60.00
CA PHE N 17 26.07 -6.64 -60.73
C PHE N 17 24.92 -7.50 -60.19
N ARG N 18 25.01 -7.93 -58.95
CA ARG N 18 23.97 -8.80 -58.38
C ARG N 18 22.67 -8.07 -58.13
N HIS N 19 22.67 -6.74 -58.15
CA HIS N 19 21.48 -5.95 -57.88
C HIS N 19 21.10 -5.05 -59.04
N VAL N 20 21.50 -5.44 -60.26
CA VAL N 20 21.16 -4.66 -61.45
C VAL N 20 19.67 -4.84 -61.74
N PHE N 21 18.97 -3.72 -61.89
CA PHE N 21 17.54 -3.72 -62.16
C PHE N 21 17.25 -2.92 -63.42
N GLY N 22 16.26 -3.39 -64.17
CA GLY N 22 15.83 -2.70 -65.38
C GLY N 22 14.70 -1.72 -65.09
N GLN N 23 14.62 -0.69 -65.91
CA GLN N 23 13.64 0.36 -65.69
C GLN N 23 13.17 0.92 -67.04
N PRO N 24 11.89 0.82 -67.36
CA PRO N 24 11.39 1.44 -68.59
C PRO N 24 11.57 2.95 -68.58
N VAL N 25 11.87 3.48 -69.76
CA VAL N 25 11.91 4.92 -69.96
C VAL N 25 10.49 5.45 -69.97
N LYS N 26 10.33 6.77 -69.88
CA LYS N 26 9.01 7.36 -69.86
C LYS N 26 8.32 7.18 -71.21
N ASN N 27 6.99 7.36 -71.19
CA ASN N 27 6.20 7.17 -72.41
C ASN N 27 6.63 8.13 -73.51
N ASP N 28 6.91 9.38 -73.15
CA ASP N 28 7.36 10.37 -74.13
C ASP N 28 8.72 10.02 -74.72
N GLN N 29 9.53 9.21 -74.05
CA GLN N 29 10.85 8.82 -74.53
C GLN N 29 10.81 7.56 -75.37
N CYS N 30 9.63 6.98 -75.59
CA CYS N 30 9.49 5.78 -76.39
C CYS N 30 9.24 6.15 -77.85
N TYR N 31 9.24 5.13 -78.71
CA TYR N 31 8.96 5.28 -80.13
C TYR N 31 7.71 4.49 -80.46
N GLU N 32 6.71 5.15 -81.02
CA GLU N 32 5.42 4.53 -81.31
C GLU N 32 5.11 4.61 -82.79
N ASP N 33 4.03 3.91 -83.18
CA ASP N 33 3.52 3.91 -84.55
C ASP N 33 4.58 3.40 -85.54
N ILE N 34 5.17 2.26 -85.21
CA ILE N 34 6.12 1.58 -86.09
C ILE N 34 5.53 0.24 -86.47
N ARG N 35 5.37 0.02 -87.77
CA ARG N 35 4.86 -1.25 -88.28
C ARG N 35 6.03 -2.23 -88.32
N VAL N 36 6.26 -2.90 -87.18
CA VAL N 36 7.38 -3.82 -87.07
C VAL N 36 7.21 -4.96 -88.07
N SER N 37 8.34 -5.48 -88.55
CA SER N 37 8.32 -6.54 -89.54
C SER N 37 7.66 -7.79 -88.98
N ARG N 38 6.99 -8.52 -89.86
CA ARG N 38 6.26 -9.73 -89.51
C ARG N 38 6.89 -10.96 -90.15
N VAL N 39 8.21 -11.03 -90.13
CA VAL N 39 8.95 -12.14 -90.72
C VAL N 39 9.28 -13.13 -89.60
N THR N 40 9.00 -14.41 -89.85
CA THR N 40 9.24 -15.44 -88.85
C THR N 40 10.71 -15.72 -88.61
N TRP N 41 11.61 -15.18 -89.44
CA TRP N 41 13.04 -15.35 -89.20
C TRP N 41 13.42 -14.80 -87.83
N ASP N 42 14.20 -15.59 -87.09
CA ASP N 42 14.55 -15.25 -85.71
C ASP N 42 15.84 -14.44 -85.73
N SER N 43 15.68 -13.12 -85.74
CA SER N 43 16.79 -12.17 -85.69
C SER N 43 16.49 -11.08 -84.68
N THR N 44 17.45 -10.18 -84.50
CA THR N 44 17.30 -9.13 -83.49
C THR N 44 16.22 -8.13 -83.88
N PHE N 45 15.97 -7.94 -85.18
CA PHE N 45 14.98 -7.01 -85.71
C PHE N 45 15.26 -5.56 -85.34
N CYS N 46 16.43 -5.28 -84.75
CA CYS N 46 16.72 -3.92 -84.31
C CYS N 46 18.23 -3.73 -84.26
N ALA N 47 18.69 -2.62 -84.82
CA ALA N 47 20.09 -2.22 -84.75
C ALA N 47 20.15 -0.77 -84.29
N VAL N 48 20.93 -0.51 -83.25
CA VAL N 48 21.04 0.82 -82.67
C VAL N 48 22.51 1.17 -82.48
N ASN N 49 22.89 2.36 -82.92
CA ASN N 49 24.22 2.91 -82.68
C ASN N 49 24.04 4.17 -81.85
N PRO N 50 25.11 4.75 -81.29
CA PRO N 50 24.96 5.97 -80.49
C PRO N 50 24.44 7.17 -81.28
N LYS N 51 24.16 6.99 -82.57
CA LYS N 51 23.67 8.07 -83.42
C LYS N 51 22.22 7.88 -83.84
N PHE N 52 21.87 6.71 -84.36
CA PHE N 52 20.54 6.47 -84.91
C PHE N 52 19.95 5.20 -84.30
N LEU N 53 18.72 4.91 -84.69
CA LEU N 53 18.04 3.67 -84.34
C LEU N 53 17.47 3.05 -85.60
N ALA N 54 17.81 1.79 -85.87
CA ALA N 54 17.37 1.09 -87.06
C ALA N 54 16.48 -0.08 -86.66
N VAL N 55 15.30 -0.16 -87.26
CA VAL N 55 14.34 -1.22 -87.00
C VAL N 55 13.81 -1.73 -88.34
N ILE N 56 13.62 -3.03 -88.45
CA ILE N 56 13.05 -3.62 -89.65
C ILE N 56 11.54 -3.47 -89.62
N VAL N 57 10.97 -2.89 -90.67
CA VAL N 57 9.55 -2.56 -90.71
C VAL N 57 8.87 -3.41 -91.78
N GLU N 58 7.54 -3.47 -91.69
CA GLU N 58 6.72 -4.19 -92.66
C GLU N 58 6.45 -3.26 -93.84
N ALA N 59 7.04 -3.59 -94.99
CA ALA N 59 6.86 -2.79 -96.20
C ALA N 59 5.82 -3.43 -97.11
N SER N 60 5.02 -2.58 -97.75
CA SER N 60 4.00 -3.08 -98.66
C SER N 60 4.61 -3.82 -99.84
N GLY N 61 5.68 -3.28 -100.39
CA GLY N 61 6.36 -3.92 -101.51
C GLY N 61 7.84 -4.04 -101.26
N GLY N 62 8.39 -5.22 -101.55
CA GLY N 62 9.79 -5.45 -101.27
C GLY N 62 10.05 -5.51 -99.78
N GLY N 63 11.20 -4.98 -99.39
CA GLY N 63 11.56 -4.92 -97.98
C GLY N 63 12.22 -3.61 -97.65
N ALA N 64 12.08 -3.19 -96.39
CA ALA N 64 12.63 -1.92 -95.94
C ALA N 64 12.81 -1.96 -94.44
N PHE N 65 13.66 -1.05 -93.95
CA PHE N 65 13.84 -0.85 -92.53
C PHE N 65 13.88 0.64 -92.26
N LEU N 66 13.40 1.04 -91.09
CA LEU N 66 13.26 2.45 -90.74
C LEU N 66 14.43 2.85 -89.84
N VAL N 67 15.13 3.91 -90.23
CA VAL N 67 16.26 4.43 -89.46
C VAL N 67 15.90 5.85 -89.03
N LEU N 68 15.99 6.11 -87.73
CA LEU N 68 15.65 7.41 -87.18
C LEU N 68 16.73 7.85 -86.21
N PRO N 69 16.91 9.15 -86.04
CA PRO N 69 17.78 9.64 -84.96
C PRO N 69 17.20 9.30 -83.60
N LEU N 70 18.10 9.12 -82.62
CA LEU N 70 17.67 8.77 -81.28
C LEU N 70 16.81 9.85 -80.65
N SER N 71 16.98 11.11 -81.08
CA SER N 71 16.22 12.22 -80.50
C SER N 71 14.79 12.25 -81.01
N LYS N 72 14.47 11.56 -82.10
CA LYS N 72 13.14 11.59 -82.69
C LYS N 72 12.26 10.60 -81.93
N THR N 73 11.83 11.03 -80.74
CA THR N 73 11.00 10.19 -79.88
C THR N 73 9.53 10.43 -80.18
N GLY N 74 8.66 9.85 -79.37
CA GLY N 74 7.23 10.02 -79.56
C GLY N 74 6.70 9.21 -80.73
N ARG N 75 5.48 9.56 -81.15
CA ARG N 75 4.86 8.88 -82.27
C ARG N 75 5.62 9.18 -83.55
N ILE N 76 5.70 8.19 -84.44
CA ILE N 76 6.40 8.30 -85.71
C ILE N 76 5.39 8.40 -86.83
N ASP N 77 5.62 9.34 -87.74
CA ASP N 77 4.70 9.53 -88.86
C ASP N 77 4.66 8.30 -89.74
N LYS N 78 3.45 7.93 -90.17
CA LYS N 78 3.27 6.78 -91.05
C LYS N 78 3.92 7.00 -92.41
N ALA N 79 4.13 8.25 -92.81
CA ALA N 79 4.77 8.57 -94.08
C ALA N 79 6.25 8.90 -93.91
N TYR N 80 6.84 8.54 -92.78
CA TYR N 80 8.26 8.77 -92.56
C TYR N 80 9.08 7.98 -93.56
N PRO N 81 10.02 8.60 -94.26
CA PRO N 81 10.81 7.85 -95.26
C PRO N 81 11.59 6.72 -94.62
N THR N 82 11.68 5.61 -95.36
CA THR N 82 12.40 4.42 -94.93
C THR N 82 13.43 4.02 -95.98
N VAL N 83 14.33 3.13 -95.58
CA VAL N 83 15.38 2.63 -96.48
C VAL N 83 14.77 1.45 -97.24
N CYS N 84 14.13 1.76 -98.36
CA CYS N 84 13.44 0.77 -99.18
C CYS N 84 14.21 0.59 -100.48
N GLY N 85 15.18 -0.32 -100.47
CA GLY N 85 15.95 -0.61 -101.67
C GLY N 85 15.91 -2.08 -102.05
N HIS N 86 15.69 -2.95 -101.07
CA HIS N 86 15.60 -4.38 -101.32
C HIS N 86 14.27 -4.74 -101.96
N THR N 87 14.30 -5.73 -102.84
CA THR N 87 13.09 -6.24 -103.47
C THR N 87 12.42 -7.33 -102.63
N GLY N 88 13.06 -7.78 -101.56
CA GLY N 88 12.47 -8.73 -100.64
C GLY N 88 12.56 -8.23 -99.22
N PRO N 89 11.80 -8.83 -98.31
CA PRO N 89 11.80 -8.38 -96.91
C PRO N 89 13.19 -8.47 -96.29
N VAL N 90 13.52 -7.47 -95.49
CA VAL N 90 14.83 -7.37 -94.86
C VAL N 90 14.89 -8.36 -93.69
N LEU N 91 15.97 -9.15 -93.64
CA LEU N 91 16.14 -10.15 -92.61
C LEU N 91 16.96 -9.66 -91.42
N ASP N 92 18.14 -9.09 -91.68
CA ASP N 92 19.01 -8.63 -90.60
C ASP N 92 19.60 -7.27 -90.97
N ILE N 93 19.92 -6.49 -89.94
CA ILE N 93 20.56 -5.19 -90.10
C ILE N 93 21.64 -5.06 -89.03
N ASP N 94 22.74 -4.39 -89.39
CA ASP N 94 23.83 -4.19 -88.45
C ASP N 94 24.58 -2.91 -88.80
N TRP N 95 24.83 -2.09 -87.79
CA TRP N 95 25.60 -0.87 -87.98
C TRP N 95 27.08 -1.17 -88.09
N CYS N 96 27.80 -0.31 -88.81
CA CYS N 96 29.25 -0.43 -88.89
C CYS N 96 29.87 0.01 -87.58
N PRO N 97 30.68 -0.82 -86.93
CA PRO N 97 31.33 -0.40 -85.67
C PRO N 97 32.25 0.79 -85.84
N HIS N 98 32.87 0.94 -87.00
CA HIS N 98 33.79 2.04 -87.25
C HIS N 98 33.15 3.21 -87.97
N ASN N 99 31.84 3.15 -88.23
CA ASN N 99 31.14 4.25 -88.89
C ASN N 99 29.69 4.24 -88.43
N ASP N 100 29.29 5.25 -87.68
CA ASP N 100 27.93 5.32 -87.16
C ASP N 100 26.89 5.60 -88.24
N GLU N 101 27.31 6.07 -89.41
CA GLU N 101 26.38 6.38 -90.50
C GLU N 101 26.35 5.29 -91.56
N VAL N 102 26.99 4.15 -91.31
CA VAL N 102 27.06 3.06 -92.27
C VAL N 102 26.35 1.84 -91.67
N ILE N 103 25.37 1.30 -92.38
CA ILE N 103 24.60 0.15 -91.93
C ILE N 103 24.44 -0.81 -93.10
N ALA N 104 24.58 -2.10 -92.82
CA ALA N 104 24.42 -3.15 -93.83
C ALA N 104 23.18 -3.97 -93.52
N SER N 105 22.44 -4.31 -94.56
CA SER N 105 21.17 -5.04 -94.41
C SER N 105 21.16 -6.26 -95.31
N GLY N 106 20.66 -7.37 -94.77
CA GLY N 106 20.44 -8.59 -95.53
C GLY N 106 18.95 -8.82 -95.69
N SER N 107 18.54 -9.23 -96.89
CA SER N 107 17.13 -9.34 -97.22
C SER N 107 16.85 -10.67 -97.89
N GLU N 108 15.61 -10.82 -98.37
CA GLU N 108 15.15 -12.05 -99.01
C GLU N 108 15.67 -12.19 -100.44
N ASP N 109 16.14 -11.11 -101.05
CA ASP N 109 16.53 -11.11 -102.46
C ASP N 109 17.94 -11.65 -102.68
N CYS N 110 18.47 -12.42 -101.73
CA CYS N 110 19.77 -13.09 -101.87
C CYS N 110 20.89 -12.08 -102.16
N THR N 111 20.82 -10.94 -101.47
CA THR N 111 21.83 -9.90 -101.65
C THR N 111 21.98 -9.14 -100.34
N VAL N 112 23.12 -8.46 -100.22
CA VAL N 112 23.42 -7.63 -99.06
C VAL N 112 23.75 -6.23 -99.55
N MET N 113 23.11 -5.23 -98.96
CA MET N 113 23.25 -3.84 -99.38
C MET N 113 23.78 -3.01 -98.23
N VAL N 114 24.76 -2.15 -98.54
CA VAL N 114 25.38 -1.27 -97.56
C VAL N 114 24.91 0.15 -97.85
N TRP N 115 24.46 0.85 -96.81
CA TRP N 115 23.83 2.15 -96.96
C TRP N 115 24.61 3.20 -96.16
N GLN N 116 24.53 4.44 -96.65
CA GLN N 116 25.14 5.59 -95.98
C GLN N 116 24.02 6.48 -95.48
N ILE N 117 24.00 6.74 -94.17
CA ILE N 117 22.94 7.54 -93.56
C ILE N 117 23.42 8.97 -93.40
N PRO N 118 22.62 9.96 -93.81
CA PRO N 118 22.99 11.36 -93.54
C PRO N 118 22.99 11.64 -92.05
N GLU N 119 23.77 12.65 -91.67
CA GLU N 119 23.93 12.98 -90.25
C GLU N 119 22.60 13.37 -89.61
N ASN N 120 21.78 14.14 -90.32
CA ASN N 120 20.52 14.63 -89.78
C ASN N 120 19.37 13.64 -89.97
N GLY N 121 19.63 12.47 -90.53
CA GLY N 121 18.59 11.48 -90.74
C GLY N 121 18.16 11.37 -92.18
N LEU N 122 16.92 10.97 -92.41
CA LEU N 122 16.39 10.79 -93.75
C LEU N 122 15.22 11.75 -93.98
N THR N 123 15.35 12.59 -95.01
CA THR N 123 14.27 13.47 -95.44
C THR N 123 13.48 12.90 -96.62
N SER N 124 14.11 12.06 -97.42
CA SER N 124 13.50 11.39 -98.56
C SER N 124 13.79 9.89 -98.47
N PRO N 125 12.91 9.06 -99.03
CA PRO N 125 13.14 7.62 -98.98
C PRO N 125 14.47 7.25 -99.64
N LEU N 126 15.16 6.28 -99.04
CA LEU N 126 16.45 5.82 -99.53
C LEU N 126 16.26 4.54 -100.33
N THR N 127 16.73 4.55 -101.57
CA THR N 127 16.59 3.41 -102.47
C THR N 127 17.92 2.93 -103.05
N GLU N 128 18.88 3.83 -103.27
CA GLU N 128 20.14 3.46 -103.88
C GLU N 128 21.18 3.24 -102.79
N PRO N 129 21.68 2.02 -102.60
CA PRO N 129 22.72 1.79 -101.61
C PRO N 129 24.10 2.13 -102.15
N VAL N 130 25.05 2.23 -101.23
CA VAL N 130 26.43 2.52 -101.61
C VAL N 130 27.00 1.39 -102.45
N VAL N 131 26.77 0.15 -102.04
CA VAL N 131 27.30 -1.02 -102.75
C VAL N 131 26.35 -2.18 -102.52
N VAL N 132 26.15 -2.97 -103.58
CA VAL N 132 25.32 -4.16 -103.53
C VAL N 132 26.22 -5.38 -103.63
N LEU N 133 26.12 -6.29 -102.67
CA LEU N 133 26.91 -7.51 -102.63
C LEU N 133 26.01 -8.67 -103.05
N GLU N 134 26.35 -9.31 -104.17
CA GLU N 134 25.59 -10.42 -104.72
C GLU N 134 26.52 -11.63 -104.77
N GLY N 135 26.45 -12.46 -103.73
CA GLY N 135 27.27 -13.65 -103.67
C GLY N 135 26.52 -14.85 -103.13
N HIS N 136 25.26 -14.64 -102.74
CA HIS N 136 24.44 -15.69 -102.15
C HIS N 136 23.32 -16.08 -103.10
N THR N 137 23.12 -17.38 -103.26
CA THR N 137 22.02 -17.89 -104.07
C THR N 137 20.70 -17.95 -103.31
N LYS N 138 20.72 -17.81 -102.00
CA LYS N 138 19.52 -17.86 -101.17
C LYS N 138 19.50 -16.65 -100.24
N ARG N 139 18.45 -16.56 -99.44
CA ARG N 139 18.26 -15.40 -98.58
C ARG N 139 19.39 -15.30 -97.55
N VAL N 140 19.85 -14.08 -97.30
CA VAL N 140 20.90 -13.81 -96.33
C VAL N 140 20.25 -13.26 -95.06
N GLY N 141 20.36 -14.00 -93.96
CA GLY N 141 19.75 -13.59 -92.72
C GLY N 141 20.75 -13.31 -91.61
N ILE N 142 22.03 -13.47 -91.90
CA ILE N 142 23.09 -13.28 -90.92
C ILE N 142 24.08 -12.27 -91.49
N ILE N 143 24.19 -11.11 -90.85
CA ILE N 143 25.14 -10.07 -91.23
C ILE N 143 26.00 -9.77 -90.01
N ALA N 144 27.32 -9.77 -90.20
CA ALA N 144 28.25 -9.55 -89.09
C ALA N 144 29.42 -8.72 -89.57
N TRP N 145 29.62 -7.57 -88.94
CA TRP N 145 30.79 -6.74 -89.22
C TRP N 145 32.01 -7.31 -88.51
N HIS N 146 33.18 -7.02 -89.08
CA HIS N 146 34.43 -7.42 -88.44
C HIS N 146 34.71 -6.50 -87.26
N PRO N 147 34.99 -7.04 -86.06
CA PRO N 147 35.22 -6.17 -84.90
C PRO N 147 36.40 -5.23 -85.05
N THR N 148 37.46 -5.64 -85.74
CA THR N 148 38.67 -4.86 -85.83
C THR N 148 38.96 -4.38 -87.25
N ALA N 149 38.95 -5.28 -88.23
CA ALA N 149 39.28 -4.92 -89.60
C ALA N 149 38.24 -3.96 -90.16
N ARG N 150 38.71 -2.98 -90.94
CA ARG N 150 37.84 -1.96 -91.49
C ARG N 150 37.21 -2.44 -92.79
N ASN N 151 35.90 -2.16 -92.94
CA ASN N 151 35.16 -2.45 -94.17
C ASN N 151 35.21 -3.94 -94.52
N VAL N 152 35.19 -4.79 -93.50
CA VAL N 152 35.15 -6.24 -93.68
C VAL N 152 33.79 -6.72 -93.19
N LEU N 153 33.05 -7.42 -94.05
CA LEU N 153 31.70 -7.84 -93.76
C LEU N 153 31.57 -9.34 -93.94
N LEU N 154 30.83 -9.96 -93.02
CA LEU N 154 30.52 -11.38 -93.08
C LEU N 154 29.04 -11.56 -93.38
N SER N 155 28.73 -12.37 -94.38
CA SER N 155 27.36 -12.67 -94.77
C SER N 155 27.17 -14.17 -94.82
N ALA N 156 26.07 -14.65 -94.22
CA ALA N 156 25.75 -16.07 -94.20
C ALA N 156 24.32 -16.25 -94.67
N GLY N 157 24.15 -16.76 -95.88
CA GLY N 157 22.84 -17.00 -96.44
C GLY N 157 22.28 -18.36 -96.05
N CYS N 158 21.04 -18.61 -96.48
CA CYS N 158 20.40 -19.89 -96.24
C CYS N 158 20.96 -21.00 -97.10
N ASP N 159 21.81 -20.69 -98.07
CA ASP N 159 22.49 -21.70 -98.88
C ASP N 159 23.71 -22.28 -98.20
N ASN N 160 23.83 -22.10 -96.88
CA ASN N 160 24.89 -22.71 -96.07
C ASN N 160 26.27 -22.32 -96.57
N VAL N 161 26.45 -21.03 -96.88
CA VAL N 161 27.73 -20.50 -97.32
C VAL N 161 28.03 -19.24 -96.53
N VAL N 162 29.31 -19.06 -96.17
CA VAL N 162 29.78 -17.89 -95.44
C VAL N 162 30.72 -17.12 -96.35
N LEU N 163 30.47 -15.82 -96.51
CA LEU N 163 31.22 -14.98 -97.41
C LEU N 163 31.83 -13.81 -96.65
N ILE N 164 33.07 -13.48 -96.98
CA ILE N 164 33.76 -12.34 -96.42
C ILE N 164 33.85 -11.26 -97.49
N TRP N 165 33.35 -10.07 -97.19
CA TRP N 165 33.24 -9.00 -98.16
C TRP N 165 34.09 -7.81 -97.76
N ASN N 166 34.64 -7.13 -98.77
CA ASN N 166 35.35 -5.88 -98.59
C ASN N 166 34.41 -4.76 -98.99
N VAL N 167 33.91 -4.02 -97.99
CA VAL N 167 32.90 -2.99 -98.26
C VAL N 167 33.46 -1.90 -99.16
N GLY N 168 34.68 -1.44 -98.88
CA GLY N 168 35.24 -0.37 -99.68
C GLY N 168 35.47 -0.74 -101.13
N THR N 169 35.99 -1.95 -101.36
CA THR N 169 36.36 -2.39 -102.71
C THR N 169 35.33 -3.29 -103.36
N ALA N 170 34.21 -3.58 -102.67
CA ALA N 170 33.15 -4.43 -103.21
C ALA N 170 33.68 -5.78 -103.67
N GLU N 171 34.58 -6.36 -102.88
CA GLU N 171 35.24 -7.61 -103.23
C GLU N 171 34.90 -8.70 -102.22
N GLU N 172 34.78 -9.93 -102.72
CA GLU N 172 34.54 -11.09 -101.88
C GLU N 172 35.91 -11.62 -101.42
N LEU N 173 36.25 -11.33 -100.17
CA LEU N 173 37.57 -11.70 -99.66
C LEU N 173 37.71 -13.22 -99.55
N TYR N 174 36.72 -13.89 -98.95
CA TYR N 174 36.77 -15.33 -98.78
C TYR N 174 35.39 -15.92 -99.04
N ARG N 175 35.38 -17.17 -99.49
CA ARG N 175 34.17 -17.94 -99.70
C ARG N 175 34.32 -19.28 -99.00
N LEU N 176 33.34 -19.64 -98.18
CA LEU N 176 33.37 -20.87 -97.39
C LEU N 176 32.06 -21.62 -97.62
N ASP N 177 32.12 -22.69 -98.42
CA ASP N 177 30.94 -23.44 -98.82
C ASP N 177 30.80 -24.77 -98.10
N SER N 178 31.82 -25.62 -98.16
CA SER N 178 31.73 -26.97 -97.61
C SER N 178 32.12 -26.99 -96.13
N LEU N 179 31.34 -26.24 -95.34
CA LEU N 179 31.56 -26.19 -93.89
C LEU N 179 30.29 -26.29 -93.07
N HIS N 180 29.11 -26.13 -93.66
CA HIS N 180 27.85 -26.23 -92.92
C HIS N 180 26.90 -27.14 -93.69
N PRO N 181 26.66 -28.37 -93.21
CA PRO N 181 25.74 -29.27 -93.91
C PRO N 181 24.28 -28.88 -93.81
N ASP N 182 23.91 -28.01 -92.88
CA ASP N 182 22.52 -27.62 -92.68
C ASP N 182 22.45 -26.10 -92.57
N LEU N 183 21.27 -25.59 -92.25
CA LEU N 183 21.07 -24.15 -92.15
C LEU N 183 21.87 -23.56 -90.99
N ILE N 184 22.44 -22.39 -91.21
CA ILE N 184 23.23 -21.70 -90.20
C ILE N 184 22.31 -20.77 -89.42
N TYR N 185 22.43 -20.82 -88.09
CA TYR N 185 21.61 -20.03 -87.19
C TYR N 185 22.19 -18.64 -86.93
N ASN N 186 23.41 -18.58 -86.39
CA ASN N 186 24.05 -17.30 -86.15
C ASN N 186 25.56 -17.46 -86.24
N VAL N 187 26.23 -16.35 -86.52
CA VAL N 187 27.69 -16.30 -86.61
C VAL N 187 28.17 -15.12 -85.77
N SER N 188 29.13 -15.37 -84.88
CA SER N 188 29.66 -14.34 -84.01
C SER N 188 31.18 -14.36 -84.06
N TRP N 189 31.77 -13.20 -84.29
CA TRP N 189 33.22 -13.07 -84.31
C TRP N 189 33.79 -13.22 -82.91
N ASN N 190 35.08 -13.56 -82.84
CA ASN N 190 35.79 -13.61 -81.57
C ASN N 190 36.27 -12.21 -81.21
N HIS N 191 37.11 -12.10 -80.19
CA HIS N 191 37.53 -10.80 -79.69
C HIS N 191 38.35 -10.05 -80.73
N ASN N 192 39.36 -10.70 -81.30
CA ASN N 192 40.28 -10.04 -82.22
C ASN N 192 39.85 -10.13 -83.68
N GLY N 193 38.74 -10.79 -83.97
CA GLY N 193 38.31 -10.97 -85.34
C GLY N 193 39.01 -12.07 -86.10
N SER N 194 39.89 -12.83 -85.44
CA SER N 194 40.60 -13.92 -86.11
C SER N 194 39.68 -15.08 -86.44
N LEU N 195 38.76 -15.42 -85.54
CA LEU N 195 37.88 -16.57 -85.71
C LEU N 195 36.44 -16.15 -85.47
N PHE N 196 35.53 -17.06 -85.79
CA PHE N 196 34.11 -16.87 -85.52
C PHE N 196 33.47 -18.21 -85.20
N CYS N 197 32.38 -18.16 -84.44
CA CYS N 197 31.63 -19.34 -84.06
C CYS N 197 30.28 -19.33 -84.78
N SER N 198 29.86 -20.51 -85.22
CA SER N 198 28.63 -20.64 -85.99
C SER N 198 27.74 -21.71 -85.37
N ALA N 199 26.43 -21.44 -85.34
CA ALA N 199 25.44 -22.40 -84.90
C ALA N 199 24.67 -22.91 -86.12
N CYS N 200 24.53 -24.22 -86.22
CA CYS N 200 23.92 -24.85 -87.37
C CYS N 200 22.79 -25.78 -86.93
N LYS N 201 21.88 -26.05 -87.87
CA LYS N 201 20.69 -26.82 -87.57
C LYS N 201 21.00 -28.26 -87.17
N ASP N 202 22.20 -28.75 -87.46
CA ASP N 202 22.60 -30.09 -87.08
C ASP N 202 23.08 -30.19 -85.64
N LYS N 203 22.74 -29.21 -84.80
CA LYS N 203 23.15 -29.16 -83.40
C LYS N 203 24.66 -29.22 -83.26
N SER N 204 25.39 -28.63 -84.20
CA SER N 204 26.84 -28.65 -84.21
C SER N 204 27.37 -27.22 -84.15
N VAL N 205 28.26 -26.97 -83.19
CA VAL N 205 28.89 -25.67 -83.02
C VAL N 205 30.30 -25.76 -83.61
N ARG N 206 30.61 -24.87 -84.55
CA ARG N 206 31.86 -24.92 -85.29
C ARG N 206 32.61 -23.62 -85.13
N ILE N 207 33.91 -23.72 -84.85
CA ILE N 207 34.81 -22.57 -84.84
C ILE N 207 35.66 -22.64 -86.09
N ILE N 208 35.59 -21.61 -86.92
CA ILE N 208 36.18 -21.64 -88.26
C ILE N 208 37.10 -20.43 -88.41
N ASP N 209 38.30 -20.67 -88.97
CA ASP N 209 39.21 -19.60 -89.32
C ASP N 209 38.88 -19.15 -90.73
N PRO N 210 38.40 -17.92 -90.95
CA PRO N 210 38.04 -17.50 -92.31
C PRO N 210 39.24 -17.30 -93.22
N ARG N 211 40.34 -16.75 -92.69
CA ARG N 211 41.53 -16.53 -93.53
C ARG N 211 42.18 -17.83 -93.97
N ARG N 212 41.91 -18.94 -93.27
CA ARG N 212 42.45 -20.23 -93.64
C ARG N 212 41.38 -21.21 -94.11
N GLY N 213 40.11 -20.93 -93.88
CA GLY N 213 39.05 -21.84 -94.30
C GLY N 213 39.12 -23.20 -93.65
N THR N 214 39.46 -23.26 -92.36
CA THR N 214 39.63 -24.50 -91.65
C THR N 214 38.75 -24.53 -90.41
N LEU N 215 38.27 -25.72 -90.07
CA LEU N 215 37.46 -25.93 -88.88
C LEU N 215 38.39 -26.09 -87.69
N VAL N 216 38.45 -25.07 -86.84
CA VAL N 216 39.33 -25.12 -85.68
C VAL N 216 38.83 -26.15 -84.68
N ALA N 217 37.53 -26.13 -84.38
CA ALA N 217 36.96 -27.06 -83.42
C ALA N 217 35.48 -27.26 -83.76
N GLU N 218 34.92 -28.35 -83.26
CA GLU N 218 33.53 -28.68 -83.53
C GLU N 218 33.01 -29.56 -82.40
N ARG N 219 31.76 -29.34 -82.01
CA ARG N 219 31.09 -30.14 -80.98
C ARG N 219 29.74 -30.60 -81.53
N GLU N 220 29.61 -31.91 -81.75
CA GLU N 220 28.36 -32.46 -82.25
C GLU N 220 27.34 -32.59 -81.14
N LYS N 221 26.08 -32.28 -81.47
CA LYS N 221 24.95 -32.42 -80.56
C LYS N 221 25.20 -31.68 -79.26
N ALA N 222 25.53 -30.39 -79.38
CA ALA N 222 25.75 -29.56 -78.19
C ALA N 222 24.48 -29.49 -77.35
N HIS N 223 23.34 -29.29 -77.99
CA HIS N 223 22.03 -29.36 -77.36
C HIS N 223 21.17 -30.30 -78.16
N GLU N 224 20.51 -31.23 -77.48
CA GLU N 224 19.76 -32.28 -78.16
C GLU N 224 18.43 -31.78 -78.71
N GLY N 225 17.99 -30.58 -78.33
CA GLY N 225 16.74 -30.07 -78.86
C GLY N 225 16.85 -29.68 -80.32
N ALA N 226 15.73 -29.81 -81.03
CA ALA N 226 15.65 -29.43 -82.44
C ALA N 226 15.32 -27.96 -82.65
N ARG N 227 15.06 -27.21 -81.59
CA ARG N 227 14.73 -25.81 -81.72
C ARG N 227 15.97 -25.00 -82.11
N PRO N 228 15.78 -23.80 -82.67
CA PRO N 228 16.92 -22.99 -83.11
C PRO N 228 17.98 -22.82 -82.02
N MET N 229 19.23 -22.61 -82.46
CA MET N 229 20.41 -22.51 -81.63
C MET N 229 21.03 -21.13 -81.78
N ARG N 230 21.74 -20.70 -80.74
CA ARG N 230 22.59 -19.52 -80.82
C ARG N 230 23.95 -19.81 -80.22
N ALA N 231 24.97 -19.14 -80.76
CA ALA N 231 26.34 -19.34 -80.28
C ALA N 231 27.13 -18.05 -80.47
N ILE N 232 27.75 -17.57 -79.38
CA ILE N 232 28.52 -16.34 -79.40
C ILE N 232 29.88 -16.57 -78.77
N PHE N 233 30.81 -15.68 -79.12
CA PHE N 233 32.18 -15.74 -78.61
C PHE N 233 32.33 -14.78 -77.44
N LEU N 234 33.12 -15.20 -76.45
CA LEU N 234 33.40 -14.37 -75.28
C LEU N 234 34.73 -13.65 -75.46
N ALA N 235 34.91 -12.59 -74.68
CA ALA N 235 36.17 -11.85 -74.72
C ALA N 235 37.34 -12.72 -74.30
N ASP N 236 37.14 -13.55 -73.28
CA ASP N 236 38.18 -14.47 -72.83
C ASP N 236 38.46 -15.58 -73.84
N GLY N 237 37.60 -15.75 -74.85
CA GLY N 237 37.80 -16.75 -75.87
C GLY N 237 36.91 -17.98 -75.79
N LYS N 238 35.99 -18.04 -74.83
CA LYS N 238 35.09 -19.16 -74.72
C LYS N 238 33.86 -18.95 -75.60
N VAL N 239 33.08 -20.01 -75.76
CA VAL N 239 31.89 -20.01 -76.59
C VAL N 239 30.67 -20.13 -75.69
N PHE N 240 29.72 -19.24 -75.88
CA PHE N 240 28.49 -19.20 -75.08
C PHE N 240 27.32 -19.58 -75.99
N THR N 241 26.58 -20.61 -75.59
CA THR N 241 25.49 -21.13 -76.41
C THR N 241 24.22 -21.23 -75.58
N THR N 242 23.09 -20.98 -76.25
CA THR N 242 21.76 -21.20 -75.69
C THR N 242 21.08 -22.27 -76.54
N GLY N 243 20.52 -23.28 -75.90
CA GLY N 243 19.89 -24.35 -76.64
C GLY N 243 18.81 -25.05 -75.84
N PHE N 244 18.23 -26.08 -76.46
CA PHE N 244 17.09 -26.80 -75.94
C PHE N 244 17.48 -28.23 -75.58
N SER N 245 16.52 -28.99 -75.08
CA SER N 245 16.70 -30.37 -74.67
C SER N 245 15.83 -31.31 -75.50
N ARG N 246 16.05 -32.62 -75.31
CA ARG N 246 15.11 -33.61 -75.84
C ARG N 246 13.72 -33.41 -75.28
N MET N 247 13.63 -32.95 -74.03
CA MET N 247 12.36 -32.58 -73.41
C MET N 247 11.96 -31.15 -73.72
N SER N 248 12.66 -30.50 -74.65
CA SER N 248 12.36 -29.13 -75.08
C SER N 248 12.46 -28.15 -73.90
N GLU N 249 13.59 -28.22 -73.19
CA GLU N 249 13.88 -27.32 -72.09
C GLU N 249 15.04 -26.41 -72.50
N ARG N 250 14.81 -25.11 -72.43
CA ARG N 250 15.85 -24.15 -72.79
C ARG N 250 16.98 -24.19 -71.76
N GLN N 251 18.20 -24.36 -72.24
CA GLN N 251 19.36 -24.46 -71.38
C GLN N 251 20.34 -23.33 -71.68
N LEU N 252 21.39 -23.26 -70.86
CA LEU N 252 22.46 -22.30 -71.02
C LEU N 252 23.79 -23.04 -70.88
N ALA N 253 24.58 -23.04 -71.95
CA ALA N 253 25.80 -23.85 -72.00
C ALA N 253 27.02 -23.00 -72.29
N LEU N 254 28.12 -23.31 -71.60
CA LEU N 254 29.42 -22.68 -71.80
C LEU N 254 30.38 -23.71 -72.40
N TRP N 255 31.19 -23.27 -73.35
CA TRP N 255 32.08 -24.16 -74.09
C TRP N 255 33.50 -23.62 -74.09
N ASP N 256 34.47 -24.53 -73.92
CA ASP N 256 35.88 -24.21 -74.06
C ASP N 256 36.36 -24.69 -75.42
N PRO N 257 36.93 -23.82 -76.26
CA PRO N 257 37.50 -24.30 -77.53
C PRO N 257 38.60 -25.32 -77.35
N GLU N 258 39.27 -25.33 -76.21
CA GLU N 258 40.32 -26.31 -75.93
C GLU N 258 39.79 -27.62 -75.37
N ASN N 259 38.53 -27.66 -74.92
CA ASN N 259 37.95 -28.88 -74.35
C ASN N 259 36.45 -28.82 -74.58
N LEU N 260 35.99 -29.53 -75.61
CA LEU N 260 34.59 -29.58 -75.96
C LEU N 260 33.93 -30.91 -75.64
N GLU N 261 34.63 -31.80 -74.92
CA GLU N 261 34.04 -33.08 -74.57
C GLU N 261 32.83 -32.91 -73.65
N GLU N 262 32.94 -32.03 -72.67
CA GLU N 262 31.83 -31.72 -71.77
C GLU N 262 31.81 -30.24 -71.47
N PRO N 263 30.63 -29.65 -71.32
CA PRO N 263 30.56 -28.23 -70.93
C PRO N 263 30.87 -28.05 -69.45
N MET N 264 31.47 -26.90 -69.14
CA MET N 264 31.72 -26.57 -67.74
C MET N 264 30.49 -25.97 -67.06
N ALA N 265 29.50 -25.57 -67.86
CA ALA N 265 28.26 -25.03 -67.33
C ALA N 265 27.10 -25.49 -68.19
N LEU N 266 26.06 -26.00 -67.53
CA LEU N 266 24.85 -26.43 -68.23
C LEU N 266 23.69 -26.41 -67.24
N GLN N 267 22.82 -25.41 -67.38
CA GLN N 267 21.64 -25.28 -66.55
C GLN N 267 20.44 -24.97 -67.43
N GLU N 268 19.27 -25.45 -67.00
CA GLU N 268 18.04 -25.27 -67.74
C GLU N 268 17.28 -24.07 -67.20
N LEU N 269 16.76 -23.24 -68.11
CA LEU N 269 16.02 -22.05 -67.71
C LEU N 269 14.54 -22.35 -67.51
N ASP N 270 13.88 -22.85 -68.55
CA ASP N 270 12.45 -23.14 -68.50
C ASP N 270 12.12 -24.08 -69.64
N SER N 271 10.82 -24.30 -69.86
CA SER N 271 10.33 -25.14 -70.95
C SER N 271 9.60 -24.32 -72.01
N SER N 272 9.76 -23.00 -72.00
CA SER N 272 9.07 -22.14 -72.95
C SER N 272 9.72 -22.26 -74.33
N ASN N 273 8.93 -21.91 -75.35
CA ASN N 273 9.40 -21.93 -76.72
C ASN N 273 10.05 -20.59 -77.06
N GLY N 274 10.45 -20.40 -78.31
CA GLY N 274 11.10 -19.18 -78.72
C GLY N 274 12.61 -19.23 -78.49
N ALA N 275 13.37 -18.88 -79.52
CA ALA N 275 14.82 -18.93 -79.42
C ALA N 275 15.33 -17.86 -78.46
N LEU N 276 16.37 -18.20 -77.71
CA LEU N 276 16.98 -17.28 -76.75
C LEU N 276 18.12 -16.53 -77.42
N LEU N 277 18.05 -15.21 -77.41
CA LEU N 277 19.06 -14.38 -78.06
C LEU N 277 20.03 -13.86 -77.00
N PRO N 278 21.28 -14.32 -76.97
CA PRO N 278 22.22 -13.83 -75.96
C PRO N 278 22.87 -12.51 -76.37
N PHE N 279 22.91 -11.56 -75.43
CA PHE N 279 23.59 -10.29 -75.63
C PHE N 279 24.76 -10.23 -74.66
N TYR N 280 25.97 -10.23 -75.19
CA TYR N 280 27.19 -10.33 -74.38
C TYR N 280 27.81 -8.96 -74.21
N ASP N 281 28.19 -8.64 -72.97
CA ASP N 281 28.89 -7.40 -72.67
C ASP N 281 30.31 -7.74 -72.21
N PRO N 282 31.32 -7.59 -73.06
CA PRO N 282 32.69 -7.93 -72.64
C PRO N 282 33.19 -7.11 -71.48
N ASP N 283 32.76 -5.84 -71.37
CA ASP N 283 33.25 -4.98 -70.30
C ASP N 283 32.82 -5.50 -68.93
N THR N 284 31.55 -5.89 -68.79
CA THR N 284 31.03 -6.38 -67.53
C THR N 284 30.99 -7.89 -67.44
N SER N 285 31.33 -8.60 -68.52
CA SER N 285 31.24 -10.06 -68.56
C SER N 285 29.85 -10.54 -68.20
N VAL N 286 28.84 -9.81 -68.67
CA VAL N 286 27.44 -10.10 -68.38
C VAL N 286 26.74 -10.42 -69.70
N VAL N 287 26.01 -11.53 -69.72
CA VAL N 287 25.28 -11.97 -70.90
C VAL N 287 23.79 -11.79 -70.64
N TYR N 288 23.12 -11.06 -71.54
CA TYR N 288 21.69 -10.81 -71.45
C TYR N 288 20.96 -11.79 -72.36
N VAL N 289 19.94 -12.45 -71.83
CA VAL N 289 19.17 -13.45 -72.55
C VAL N 289 17.79 -12.87 -72.83
N CYS N 290 17.39 -12.84 -74.10
CA CYS N 290 16.10 -12.33 -74.52
C CYS N 290 15.47 -13.32 -75.48
N GLY N 291 14.43 -14.01 -75.03
CA GLY N 291 13.73 -14.96 -75.88
C GLY N 291 12.67 -14.25 -76.72
N LYS N 292 12.49 -14.74 -77.94
CA LYS N 292 11.47 -14.20 -78.82
C LYS N 292 10.08 -14.52 -78.28
N GLY N 293 9.23 -13.50 -78.20
CA GLY N 293 7.92 -13.66 -77.62
C GLY N 293 7.89 -13.72 -76.11
N ASP N 294 9.02 -13.49 -75.44
CA ASP N 294 9.08 -13.53 -73.99
C ASP N 294 8.85 -12.13 -73.42
N SER N 295 8.40 -12.10 -72.17
CA SER N 295 8.14 -10.86 -71.46
C SER N 295 9.19 -10.56 -70.39
N SER N 296 10.26 -11.34 -70.34
CA SER N 296 11.29 -11.17 -69.32
C SER N 296 12.67 -11.27 -69.96
N ILE N 297 13.64 -10.60 -69.35
CA ILE N 297 15.03 -10.64 -69.77
C ILE N 297 15.87 -11.10 -68.59
N ARG N 298 16.66 -12.15 -68.80
CA ARG N 298 17.54 -12.70 -67.78
C ARG N 298 18.98 -12.40 -68.15
N TYR N 299 19.73 -11.82 -67.22
CA TYR N 299 21.14 -11.51 -67.42
C TYR N 299 21.99 -12.33 -66.46
N PHE N 300 23.07 -12.88 -66.98
CA PHE N 300 23.95 -13.76 -66.23
C PHE N 300 25.39 -13.23 -66.30
N GLU N 301 26.15 -13.51 -65.25
CA GLU N 301 27.55 -13.12 -65.17
C GLU N 301 28.43 -14.34 -65.40
N ILE N 302 29.39 -14.20 -66.31
CA ILE N 302 30.30 -15.28 -66.67
C ILE N 302 31.65 -14.98 -66.03
N THR N 303 32.05 -15.80 -65.06
CA THR N 303 33.29 -15.62 -64.34
C THR N 303 34.04 -16.95 -64.29
N GLU N 304 35.20 -16.93 -63.62
CA GLU N 304 36.06 -18.11 -63.58
C GLU N 304 35.71 -19.05 -62.43
N GLU N 305 35.03 -18.58 -61.40
CA GLU N 305 34.61 -19.49 -60.35
C GLU N 305 33.41 -20.31 -60.80
N PRO N 306 33.31 -21.57 -60.37
CA PRO N 306 32.16 -22.39 -60.78
C PRO N 306 30.87 -21.84 -60.18
N PRO N 307 29.73 -22.06 -60.84
CA PRO N 307 29.53 -22.82 -62.08
C PRO N 307 29.81 -22.01 -63.34
N TYR N 308 30.63 -20.96 -63.22
CA TYR N 308 31.14 -20.18 -64.34
C TYR N 308 30.04 -19.37 -65.02
N ILE N 309 28.79 -19.57 -64.59
CA ILE N 309 27.64 -18.82 -65.08
C ILE N 309 26.73 -18.59 -63.88
N HIS N 310 26.64 -17.36 -63.41
CA HIS N 310 25.88 -17.03 -62.21
C HIS N 310 24.68 -16.17 -62.60
N PHE N 311 23.50 -16.59 -62.16
CA PHE N 311 22.28 -15.85 -62.42
C PHE N 311 22.23 -14.62 -61.52
N LEU N 312 22.09 -13.44 -62.12
CA LEU N 312 22.07 -12.20 -61.36
C LEU N 312 20.66 -11.79 -60.95
N ASN N 313 19.78 -11.58 -61.93
CA ASN N 313 18.40 -11.19 -61.67
C ASN N 313 17.64 -11.24 -62.99
N THR N 314 16.36 -10.91 -62.92
CA THR N 314 15.49 -10.87 -64.09
C THR N 314 14.63 -9.61 -64.04
N PHE N 315 14.49 -8.96 -65.19
CA PHE N 315 13.52 -7.88 -65.35
C PHE N 315 12.29 -8.48 -66.01
N THR N 316 11.12 -8.22 -65.43
CA THR N 316 9.87 -8.82 -65.89
C THR N 316 8.93 -7.73 -66.38
N SER N 317 8.27 -8.00 -67.51
CA SER N 317 7.28 -7.10 -68.09
C SER N 317 6.00 -7.89 -68.34
N LYS N 318 5.01 -7.22 -68.95
CA LYS N 318 3.76 -7.85 -69.29
C LYS N 318 3.53 -7.94 -70.80
N GLU N 319 4.51 -7.55 -71.61
CA GLU N 319 4.38 -7.55 -73.04
C GLU N 319 5.47 -8.41 -73.66
N PRO N 320 5.14 -9.34 -74.55
CA PRO N 320 6.17 -10.09 -75.25
C PRO N 320 6.95 -9.19 -76.20
N GLN N 321 8.21 -9.54 -76.42
CA GLN N 321 9.09 -8.76 -77.27
C GLN N 321 9.21 -9.40 -78.65
N ARG N 322 9.07 -8.59 -79.69
CA ARG N 322 9.24 -9.06 -81.05
C ARG N 322 10.68 -8.94 -81.53
N GLY N 323 11.43 -7.96 -81.02
CA GLY N 323 12.81 -7.78 -81.40
C GLY N 323 13.59 -7.16 -80.26
N MET N 324 14.92 -7.17 -80.42
CA MET N 324 15.82 -6.70 -79.36
C MET N 324 16.98 -5.96 -80.00
N GLY N 325 17.30 -4.79 -79.46
CA GLY N 325 18.46 -4.02 -79.89
C GLY N 325 19.25 -3.55 -78.69
N SER N 326 20.57 -3.70 -78.77
CA SER N 326 21.47 -3.39 -77.66
C SER N 326 22.29 -2.16 -78.01
N MET N 327 22.23 -1.15 -77.16
CA MET N 327 23.02 0.06 -77.36
C MET N 327 24.44 -0.18 -76.85
N PRO N 328 25.46 0.05 -77.66
CA PRO N 328 26.84 -0.16 -77.21
C PRO N 328 27.23 0.82 -76.11
N LYS N 329 28.44 0.62 -75.59
CA LYS N 329 28.88 1.35 -74.41
C LYS N 329 29.04 2.84 -74.69
N ARG N 330 29.42 3.22 -75.91
CA ARG N 330 29.67 4.63 -76.21
C ARG N 330 28.41 5.48 -76.11
N GLY N 331 27.23 4.88 -76.30
CA GLY N 331 25.98 5.60 -76.23
C GLY N 331 25.26 5.56 -74.90
N LEU N 332 25.89 5.01 -73.86
CA LEU N 332 25.24 4.90 -72.56
C LEU N 332 25.52 6.14 -71.71
N GLU N 333 24.60 6.41 -70.79
CA GLU N 333 24.76 7.53 -69.85
C GLU N 333 25.67 7.06 -68.72
N VAL N 334 26.95 7.41 -68.83
CA VAL N 334 27.94 6.92 -67.86
C VAL N 334 27.73 7.57 -66.50
N SER N 335 27.17 8.78 -66.47
CA SER N 335 27.03 9.51 -65.21
C SER N 335 25.88 8.97 -64.36
N LYS N 336 24.99 8.17 -64.93
CA LYS N 336 23.84 7.65 -64.22
C LYS N 336 24.01 6.18 -63.82
N CYS N 337 25.25 5.69 -63.81
CA CYS N 337 25.54 4.30 -63.45
C CYS N 337 24.78 3.31 -64.33
N GLU N 338 24.66 3.66 -65.62
CA GLU N 338 23.99 2.81 -66.59
C GLU N 338 25.01 1.96 -67.31
N ILE N 339 24.82 0.64 -67.27
CA ILE N 339 25.77 -0.31 -67.84
C ILE N 339 25.27 -0.95 -69.13
N ALA N 340 23.97 -0.86 -69.43
CA ALA N 340 23.44 -1.43 -70.65
C ALA N 340 22.07 -0.82 -70.94
N ARG N 341 21.76 -0.67 -72.23
CA ARG N 341 20.46 -0.21 -72.66
C ARG N 341 19.97 -1.11 -73.79
N PHE N 342 18.75 -1.62 -73.66
CA PHE N 342 18.14 -2.49 -74.66
C PHE N 342 16.85 -1.86 -75.15
N TYR N 343 16.67 -1.85 -76.46
CA TYR N 343 15.48 -1.24 -77.07
C TYR N 343 14.50 -2.36 -77.38
N LYS N 344 13.58 -2.60 -76.45
CA LYS N 344 12.58 -3.65 -76.61
C LYS N 344 11.63 -3.31 -77.75
N LEU N 345 11.29 -4.31 -78.55
CA LEU N 345 10.43 -4.13 -79.71
C LEU N 345 9.10 -4.82 -79.45
N HIS N 346 8.02 -4.03 -79.43
CA HIS N 346 6.67 -4.58 -79.37
C HIS N 346 6.16 -4.76 -80.80
N GLU N 347 4.87 -5.06 -80.95
CA GLU N 347 4.32 -5.21 -82.29
C GLU N 347 4.15 -3.87 -82.98
N ARG N 348 3.94 -2.78 -82.21
CA ARG N 348 3.79 -1.46 -82.80
C ARG N 348 4.51 -0.38 -82.00
N LYS N 349 5.47 -0.73 -81.14
CA LYS N 349 6.12 0.25 -80.29
C LYS N 349 7.55 -0.20 -80.00
N CYS N 350 8.45 0.78 -79.96
CA CYS N 350 9.87 0.54 -79.65
C CYS N 350 10.15 1.14 -78.29
N GLU N 351 10.39 0.29 -77.30
CA GLU N 351 10.53 0.73 -75.91
C GLU N 351 11.96 0.50 -75.47
N PRO N 352 12.73 1.56 -75.19
CA PRO N 352 14.05 1.36 -74.58
C PRO N 352 13.93 0.90 -73.14
N ILE N 353 14.83 0.01 -72.73
CA ILE N 353 14.93 -0.44 -71.34
C ILE N 353 16.31 -0.06 -70.83
N VAL N 354 16.40 0.27 -69.55
CA VAL N 354 17.62 0.79 -68.96
C VAL N 354 18.03 -0.10 -67.80
N MET N 355 19.23 -0.69 -67.90
CA MET N 355 19.84 -1.41 -66.79
C MET N 355 20.86 -0.51 -66.12
N THR N 356 20.71 -0.30 -64.81
CA THR N 356 21.62 0.52 -64.05
C THR N 356 22.04 -0.19 -62.77
N VAL N 357 23.25 0.08 -62.33
CA VAL N 357 23.80 -0.49 -61.10
C VAL N 357 23.50 0.49 -59.97
N PRO N 358 22.81 0.08 -58.90
CA PRO N 358 22.50 1.00 -57.81
C PRO N 358 23.78 1.37 -57.05
N ARG N 359 24.15 2.65 -57.13
CA ARG N 359 25.33 3.15 -56.44
C ARG N 359 24.98 4.44 -55.70
N LYS N 360 25.37 4.50 -54.42
CA LYS N 360 25.12 5.69 -53.63
C LYS N 360 25.89 6.89 -54.18
N SER N 361 27.15 6.68 -54.56
CA SER N 361 27.97 7.78 -55.04
C SER N 361 27.48 8.28 -56.40
N ASP N 362 27.52 9.60 -56.57
CA ASP N 362 27.12 10.23 -57.83
C ASP N 362 28.31 10.54 -58.73
N LEU N 363 29.52 10.17 -58.32
CA LEU N 363 30.71 10.45 -59.12
C LEU N 363 30.92 9.34 -60.15
N PHE N 364 31.92 9.54 -61.00
CA PHE N 364 32.25 8.54 -62.02
C PHE N 364 32.76 7.26 -61.36
N GLN N 365 32.32 6.13 -61.87
CA GLN N 365 32.70 4.82 -61.32
C GLN N 365 33.73 4.19 -62.25
N ASP N 366 34.99 4.20 -61.82
CA ASP N 366 36.06 3.65 -62.63
C ASP N 366 35.88 2.15 -62.87
N ASP N 367 35.53 1.41 -61.81
CA ASP N 367 35.38 -0.03 -61.93
C ASP N 367 34.22 -0.41 -62.84
N LEU N 368 33.10 0.32 -62.76
CA LEU N 368 31.95 0.01 -63.59
C LEU N 368 32.26 0.19 -65.07
N TYR N 369 33.20 1.06 -65.40
CA TYR N 369 33.44 1.47 -66.79
C TYR N 369 34.93 1.35 -67.12
N PRO N 370 35.40 0.15 -67.43
CA PRO N 370 36.78 0.00 -67.90
C PRO N 370 36.93 0.50 -69.34
N ASP N 371 38.11 0.31 -69.92
CA ASP N 371 38.33 0.73 -71.30
C ASP N 371 37.44 -0.06 -72.25
N THR N 372 36.81 0.64 -73.18
CA THR N 372 35.89 0.05 -74.13
C THR N 372 36.41 0.22 -75.55
N ALA N 373 36.05 -0.71 -76.42
CA ALA N 373 36.43 -0.63 -77.82
C ALA N 373 35.81 0.60 -78.46
N GLY N 374 36.63 1.38 -79.17
CA GLY N 374 36.18 2.60 -79.79
C GLY N 374 35.74 2.40 -81.22
N PRO N 375 35.28 3.48 -81.86
CA PRO N 375 34.87 3.42 -83.27
C PRO N 375 36.01 3.54 -84.27
N GLU N 376 37.26 3.37 -83.84
CA GLU N 376 38.41 3.44 -84.73
C GLU N 376 38.90 2.03 -85.02
N ALA N 377 39.02 1.71 -86.31
CA ALA N 377 39.49 0.40 -86.71
C ALA N 377 40.98 0.23 -86.40
N ALA N 378 41.34 -0.93 -85.86
CA ALA N 378 42.73 -1.18 -85.53
C ALA N 378 43.56 -1.46 -86.79
N LEU N 379 43.00 -2.22 -87.73
CA LEU N 379 43.71 -2.60 -88.95
C LEU N 379 42.75 -2.54 -90.12
N GLU N 380 43.33 -2.49 -91.32
CA GLU N 380 42.57 -2.38 -92.56
C GLU N 380 42.31 -3.76 -93.17
N ALA N 381 41.41 -3.77 -94.16
CA ALA N 381 41.01 -5.04 -94.76
C ALA N 381 42.18 -5.74 -95.43
N GLU N 382 43.00 -4.99 -96.17
CA GLU N 382 44.12 -5.59 -96.88
C GLU N 382 45.11 -6.21 -95.90
N GLU N 383 45.37 -5.54 -94.78
CA GLU N 383 46.25 -6.09 -93.76
C GLU N 383 45.68 -7.38 -93.17
N TRP N 384 44.35 -7.48 -93.08
CA TRP N 384 43.75 -8.69 -92.53
C TRP N 384 43.98 -9.89 -93.43
N VAL N 385 43.94 -9.70 -94.74
CA VAL N 385 44.18 -10.81 -95.66
C VAL N 385 45.58 -11.39 -95.46
N SER N 386 46.55 -10.52 -95.16
CA SER N 386 47.90 -10.99 -94.90
C SER N 386 47.94 -11.91 -93.68
N GLY N 387 47.20 -11.57 -92.64
CA GLY N 387 47.16 -12.38 -91.44
C GLY N 387 47.38 -11.61 -90.17
N ARG N 388 47.35 -10.28 -90.27
CA ARG N 388 47.57 -9.43 -89.10
C ARG N 388 46.41 -9.57 -88.13
N ASP N 389 46.75 -9.67 -86.84
CA ASP N 389 45.76 -9.76 -85.77
C ASP N 389 46.04 -8.68 -84.74
N ALA N 390 45.01 -7.89 -84.43
CA ALA N 390 45.14 -6.81 -83.47
C ALA N 390 43.87 -6.71 -82.64
N ASP N 391 44.03 -6.28 -81.40
CA ASP N 391 42.89 -6.08 -80.52
C ASP N 391 42.19 -4.76 -80.84
N PRO N 392 40.89 -4.66 -80.54
CA PRO N 392 40.18 -3.39 -80.78
C PRO N 392 40.78 -2.25 -79.98
N ILE N 393 40.74 -1.06 -80.59
CA ILE N 393 41.29 0.13 -79.94
C ILE N 393 40.40 0.51 -78.77
N LEU N 394 41.01 0.70 -77.60
CA LEU N 394 40.27 0.97 -76.38
C LEU N 394 40.24 2.46 -76.09
N ILE N 395 39.06 2.95 -75.69
CA ILE N 395 38.85 4.34 -75.34
C ILE N 395 38.39 4.41 -73.88
N SER N 396 38.27 5.64 -73.38
CA SER N 396 37.87 5.89 -72.01
C SER N 396 36.51 6.59 -71.98
N LEU N 397 35.64 6.11 -71.09
CA LEU N 397 34.31 6.67 -70.92
C LEU N 397 34.26 7.78 -69.87
N ARG N 398 35.41 8.15 -69.29
CA ARG N 398 35.41 9.17 -68.25
C ARG N 398 34.98 10.53 -68.81
N GLU N 399 35.40 10.84 -70.04
CA GLU N 399 35.04 12.12 -70.64
C GLU N 399 33.54 12.26 -70.84
N ALA N 400 32.81 11.14 -70.92
CA ALA N 400 31.36 11.20 -71.06
C ALA N 400 30.66 11.61 -69.76
N TYR N 401 31.37 11.61 -68.64
CA TYR N 401 30.77 12.01 -67.38
C TYR N 401 30.45 13.50 -67.40
N VAL N 402 29.29 13.85 -66.86
CA VAL N 402 28.83 15.23 -66.85
C VAL N 402 28.80 15.77 -65.42
PB ADP O . 30.00 12.94 73.54
O1B ADP O . 30.65 13.52 74.78
O2B ADP O . 30.78 13.20 72.26
O3B ADP O . 28.52 13.18 73.44
PA ADP O . 31.55 10.62 73.94
O1A ADP O . 32.59 11.66 74.29
O2A ADP O . 31.79 9.71 72.76
O3A ADP O . 30.14 11.35 73.73
O5' ADP O . 31.30 9.70 75.23
C5' ADP O . 30.13 8.89 75.29
C4' ADP O . 30.11 8.00 76.53
O4' ADP O . 31.08 6.96 76.46
C3' ADP O . 30.40 8.77 77.82
O3' ADP O . 29.19 9.02 78.52
C2' ADP O . 31.28 7.84 78.64
O2' ADP O . 30.64 7.52 79.87
C1' ADP O . 31.44 6.59 77.79
N9 ADP O . 32.82 6.07 77.88
C8 ADP O . 33.94 6.81 77.96
N7 ADP O . 35.04 6.02 78.05
C5 ADP O . 34.62 4.74 78.02
C6 ADP O . 35.26 3.41 78.07
N6 ADP O . 36.62 3.28 78.16
N1 ADP O . 34.47 2.32 78.01
C2 ADP O . 33.13 2.43 77.91
N3 ADP O . 32.48 3.61 77.86
C4 ADP O . 33.16 4.78 77.91
MG MG P . 29.06 13.37 71.35
PB ADP Q . -7.34 4.21 54.11
O1B ADP Q . -8.45 3.60 54.92
O2B ADP Q . -6.99 3.45 52.86
O3B ADP Q . -6.14 4.65 54.93
PA ADP Q . -8.57 6.72 54.51
O1A ADP Q . -9.62 6.11 55.41
O2A ADP Q . -8.92 7.90 53.65
O3A ADP Q . -7.98 5.58 53.55
O5' ADP Q . -7.34 7.17 55.46
C5' ADP Q . -6.20 7.81 54.87
C4' ADP Q . -5.38 8.57 55.91
O4' ADP Q . -5.75 9.94 55.94
C3' ADP Q . -5.55 8.05 57.34
O3' ADP Q . -4.41 7.27 57.71
C2' ADP Q . -5.62 9.29 58.21
O2' ADP Q . -4.51 9.31 59.11
C1' ADP Q . -5.54 10.46 57.25
N9 ADP Q . -6.55 11.48 57.61
C8 ADP Q . -7.82 11.23 57.98
N7 ADP Q . -8.48 12.39 58.25
C5 ADP Q . -7.62 13.40 58.06
C6 ADP Q . -7.67 14.88 58.17
N6 ADP Q . -8.81 15.50 58.55
N1 ADP Q . -6.54 15.56 57.87
C2 ADP Q . -5.42 14.95 57.50
N3 ADP Q . -5.30 13.61 57.39
C4 ADP Q . -6.35 12.79 57.65
MG MG R . -8.59 4.22 51.90
PB ADP S . 19.73 0.02 20.57
O1B ADP S . 20.17 -0.76 19.35
O2B ADP S . 18.41 0.74 20.39
O3B ADP S . 20.81 0.84 21.22
PA ADP S . 19.83 -2.64 21.45
O1A ADP S . 21.32 -2.77 21.57
O2A ADP S . 19.13 -3.14 20.20
O3A ADP S . 19.41 -1.10 21.67
O5' ADP S . 19.13 -3.33 22.73
C5' ADP S . 17.81 -2.94 23.06
C4' ADP S . 17.29 -3.63 24.31
O4' ADP S . 17.48 -5.05 24.24
C3' ADP S . 18.00 -3.18 25.59
O3' ADP S . 17.18 -2.23 26.27
C2' ADP S . 18.13 -4.43 26.43
O2' ADP S . 17.36 -4.29 27.62
C1' ADP S . 17.57 -5.56 25.57
N9 ADP S . 18.44 -6.74 25.68
C8 ADP S . 19.78 -6.75 25.51
N7 ADP S . 20.27 -8.01 25.69
C5 ADP S . 19.24 -8.82 25.96
C6 ADP S . 19.06 -10.26 26.26
N6 ADP S . 20.11 -11.10 26.28
N1 ADP S . 17.80 -10.70 26.50
C2 ADP S . 16.75 -9.86 26.48
N3 ADP S . 16.84 -8.55 26.22
C4 ADP S . 18.03 -7.98 25.96
MG MG T . 18.85 0.36 18.38
PB ADP U . -16.65 9.63 0.06
O1B ADP U . -17.70 9.69 -1.02
O2B ADP U . -15.26 9.41 -0.46
O3B ADP U . -17.02 8.75 1.24
PA ADP U . -16.29 12.39 -0.22
O1A ADP U . -17.29 13.48 0.13
O2A ADP U . -16.16 11.93 -1.65
O3A ADP U . -16.62 11.10 0.69
O5' ADP U . -14.85 12.84 0.34
C5' ADP U . -14.13 11.98 1.21
C4' ADP U . -12.73 12.54 1.47
O4' ADP U . -12.66 13.93 1.16
C3' ADP U . -12.32 12.39 2.92
O3' ADP U . -11.33 11.36 3.05
C2' ADP U . -11.70 13.73 3.29
O2' ADP U . -10.37 13.54 3.76
C1' ADP U . -11.71 14.54 2.01
N9 ADP U . -12.04 15.95 2.30
C8 ADP U . -13.26 16.42 2.67
N7 ADP U . -13.22 17.76 2.85
C5 ADP U . -11.97 18.18 2.59
C6 ADP U . -11.25 19.47 2.58
N6 ADP U . -11.88 20.62 2.90
N1 ADP U . -9.94 19.46 2.24
C2 ADP U . -9.30 18.32 1.92
N3 ADP U . -9.89 17.11 1.90
C4 ADP U . -11.20 16.98 2.22
MG MG V . -17.96 9.56 -3.01
PB ADP W . 4.62 -11.73 -30.98
O1B ADP W . 5.40 -10.93 -29.96
O2B ADP W . 5.28 -11.85 -32.33
O3B ADP W . 3.16 -11.35 -31.03
PA ADP W . 3.49 -14.29 -30.74
O1A ADP W . 4.10 -15.66 -30.67
O2A ADP W . 2.83 -13.85 -32.03
O3A ADP W . 4.65 -13.23 -30.41
O5' ADP W . 2.43 -14.17 -29.54
C5' ADP W . 2.49 -13.14 -28.55
C4' ADP W . 1.20 -13.13 -27.76
O4' ADP W . 0.60 -14.43 -27.73
C3' ADP W . 1.42 -12.75 -26.30
O3' ADP W . 0.94 -11.42 -26.08
C2' ADP W . 0.61 -13.72 -25.48
O2' ADP W . -0.37 -13.02 -24.71
C1' ADP W . -0.08 -14.63 -26.49
N9 ADP W . 0.00 -16.04 -26.06
C8 ADP W . 1.12 -16.79 -25.98
N7 ADP W . 0.83 -18.04 -25.54
C5 ADP W . -0.49 -18.11 -25.33
C6 ADP W . -1.45 -19.13 -24.86
N6 ADP W . -1.03 -20.38 -24.53
N1 ADP W . -2.75 -18.80 -24.79
C2 ADP W . -3.18 -17.57 -25.12
N3 ADP W . -2.37 -16.58 -25.54
C4 ADP W . -1.04 -16.78 -25.66
MG MG X . 4.40 -12.23 -34.07
PB ADP Y . -21.49 12.83 -55.15
O1B ADP Y . -22.39 13.29 -56.27
O2B ADP Y . -20.45 11.83 -55.57
O3B ADP Y . -22.20 12.48 -53.87
PA ADP Y . -19.76 14.93 -55.85
O1A ADP Y . -20.00 16.40 -55.67
O2A ADP Y . -19.98 14.28 -57.18
O3A ADP Y . -20.65 14.14 -54.76
O5' ADP Y . -18.27 14.60 -55.32
C5' ADP Y . -18.08 13.71 -54.23
C4' ADP Y . -16.59 13.52 -53.95
O4' ADP Y . -15.84 14.68 -54.32
C3' ADP Y . -16.31 13.28 -52.48
O3' ADP Y . -15.99 11.91 -52.27
C2' ADP Y . -15.13 14.16 -52.14
O2' ADP Y . -14.07 13.35 -51.61
C1' ADP Y . -14.70 14.76 -53.46
N9 ADP Y . -14.26 16.17 -53.28
C8 ADP Y . -15.04 17.21 -52.96
N7 ADP Y . -14.31 18.36 -52.86
C5 ADP Y . -13.02 18.04 -53.11
C6 ADP Y . -11.73 18.75 -53.17
N6 ADP Y . -11.66 20.08 -52.94
N1 ADP Y . -10.63 18.05 -53.48
C2 ADP Y . -10.68 16.72 -53.72
N3 ADP Y . -11.82 16.00 -53.67
C4 ADP Y . -13.00 16.59 -53.38
MG MG Z . -22.19 13.14 -58.23
PB ADP AA . -14.39 -20.17 -82.44
O1B ADP AA . -13.31 -19.84 -81.45
O2B ADP AA . -13.92 -20.76 -83.74
O3B ADP AA . -15.41 -19.07 -82.59
PA ADP AA . -16.75 -21.67 -82.04
O1A ADP AA . -16.99 -23.15 -81.81
O2A ADP AA . -17.07 -21.08 -83.39
O3A ADP AA . -15.19 -21.39 -81.75
O5' ADP AA . -17.56 -20.86 -80.90
C5' ADP AA . -16.93 -19.97 -79.98
C4' ADP AA . -18.01 -19.16 -79.28
O4' ADP AA . -19.22 -19.91 -79.19
C3' ADP AA . -17.61 -18.79 -77.86
O3' ADP AA . -17.34 -17.40 -77.77
C2' ADP AA . -18.83 -19.13 -77.01
O2' ADP AA . -19.27 -17.95 -76.32
C1' ADP AA . -19.89 -19.60 -77.97
N9 ADP AA . -20.59 -20.80 -77.44
C8 ADP AA . -20.06 -22.04 -77.33
N7 ADP AA . -20.95 -22.90 -76.80
C5 ADP AA . -22.10 -22.22 -76.58
C6 ADP AA . -23.44 -22.53 -76.03
N6 ADP AA . -23.76 -23.77 -75.62
N1 ADP AA . -24.34 -21.52 -75.97
C2 ADP AA . -24.03 -20.28 -76.37
N3 ADP AA . -22.84 -19.92 -76.87
C4 ADP AA . -21.84 -20.84 -77.00
MG MG BA . -14.85 -20.99 -85.50
#